data_3V9F
#
_entry.id   3V9F
#
_cell.length_a   79.927
_cell.length_b   114.117
_cell.length_c   487.470
_cell.angle_alpha   90.000
_cell.angle_beta   90.000
_cell.angle_gamma   90.000
#
_symmetry.space_group_name_H-M   'P 21 21 21'
#
_entity_poly.entity_id   1
_entity_poly.type   'polypeptide(L)'
_entity_poly.pdbx_seq_one_letter_code
;SAHPYLIQRLGIEQGLSNNYVLSITQDKQGFLWFATEEGLNKFDGTRFITYYKEEQSSSVQSITGNELNEVYTDPVQPVI
WIATQRAGLNAYNYETQSFSVYQYNPEDPQSLITNDVTHITSSVQAGKGLWVCTYYRGIEYLDIATGKFTHYNKSTVPAL
PSEQTWTATEAEDGKLYIGHVEGGLSILSLNDKSVKHFVHDPQNPNSLPGNDVRCIYKDTNGNIWIGTSKGLALFNANTE
TFTNFHNNPGNIHGALSSYIFSIKQLKDNKLWIATELNGI(MSE)ILDLQQNQFLLPEQIRFEFIREGDNNYSLSNASAR
YIFQDSFNNIWIGTWGGGINFISNAPPTFHTWSYSPTQ(MSE)NESSLSNKVVSSVCDDGQGKLWIGTDGGGINVFENGK
RVAIYNKENRELLSNSVLCSLKDSEGNLWFGTYLGNISYYNTRLKKFQIIELEKNELLDVRVFYEDKNKKIWIGTHAGVF
VIDLASKKVIHHYDTSNSQLLENFVRSIAQDSEGRFWIGTFGGGVGIYTPD(MSE)QLVRKFNQYEGFCSNTINQIYRSS
KGQ(MSE)WLATGEGLVCFPSARNFDYQVFQRKEGLPNTHIRAISEDKNGNIWASTNTGISCYITSKKCFYTYDHSNNIP
QGSFISGCVTKDHNGLIYFGSINGLCFFNPDIAINSPQIPPVVITKVRIPGRLTSREKNETAIPISEGEIELTHEQNSFN
LTFNVQDYSLANQVEYAY(MSE)LKGLENSWYTINEQNSVTFRNIPPGKYEFLVKARLHNQDWSEDTTSLRIHINPPLWL
T
;
_entity_poly.pdbx_strand_id   A,B,C,D
#
# COMPACT_ATOMS: atom_id res chain seq x y z
N PRO A 4 -13.81 -31.30 -10.45
CA PRO A 4 -14.03 -32.53 -9.67
C PRO A 4 -15.51 -32.84 -9.30
N TYR A 5 -16.26 -31.90 -8.72
CA TYR A 5 -17.69 -32.15 -8.38
C TYR A 5 -18.69 -31.32 -9.19
N LEU A 6 -19.89 -31.84 -9.46
CA LEU A 6 -20.87 -31.05 -10.20
C LEU A 6 -22.01 -30.63 -9.30
N ILE A 7 -22.07 -29.32 -9.05
CA ILE A 7 -22.90 -28.70 -8.01
C ILE A 7 -24.11 -27.94 -8.56
N GLN A 8 -25.27 -28.53 -8.42
CA GLN A 8 -26.52 -27.92 -8.83
C GLN A 8 -26.99 -26.96 -7.75
N ARG A 9 -27.78 -25.94 -8.11
CA ARG A 9 -28.18 -24.90 -7.17
C ARG A 9 -29.69 -24.84 -7.00
N LEU A 10 -30.17 -24.36 -5.86
CA LEU A 10 -31.60 -24.34 -5.54
C LEU A 10 -31.86 -23.25 -4.53
N GLY A 11 -32.87 -22.42 -4.79
CA GLY A 11 -33.23 -21.32 -3.92
C GLY A 11 -34.63 -20.84 -4.25
N ILE A 12 -34.77 -19.52 -4.37
CA ILE A 12 -36.07 -18.88 -4.64
C ILE A 12 -36.71 -19.41 -5.90
N GLU A 13 -35.94 -19.60 -6.97
CA GLU A 13 -36.56 -20.05 -8.24
C GLU A 13 -37.37 -21.31 -7.98
N GLN A 14 -36.94 -22.12 -7.02
CA GLN A 14 -37.62 -23.36 -6.68
C GLN A 14 -38.61 -23.20 -5.52
N GLY A 15 -38.61 -22.01 -4.92
CA GLY A 15 -39.66 -21.61 -3.99
C GLY A 15 -39.24 -21.46 -2.54
N LEU A 16 -37.99 -21.87 -2.25
CA LEU A 16 -37.37 -21.78 -0.93
C LEU A 16 -37.53 -20.42 -0.24
N SER A 17 -37.96 -20.45 1.02
CA SER A 17 -38.45 -19.27 1.74
C SER A 17 -37.39 -18.23 2.04
N ASN A 18 -36.15 -18.69 1.99
CA ASN A 18 -35.07 -17.95 2.55
C ASN A 18 -33.76 -18.56 2.09
N ASN A 19 -32.75 -17.74 1.88
CA ASN A 19 -31.49 -18.29 1.43
C ASN A 19 -30.47 -18.59 2.52
N TYR A 20 -30.86 -18.44 3.79
CA TYR A 20 -29.90 -18.65 4.86
C TYR A 20 -30.25 -19.94 5.50
N VAL A 21 -29.73 -21.02 4.92
CA VAL A 21 -30.13 -22.35 5.27
C VAL A 21 -29.16 -22.94 6.28
N LEU A 22 -29.66 -23.58 7.33
CA LEU A 22 -28.86 -23.90 8.51
C LEU A 22 -28.88 -25.37 8.88
N SER A 23 -29.91 -26.08 8.46
CA SER A 23 -30.06 -27.48 8.87
C SER A 23 -30.92 -28.24 7.86
N ILE A 24 -30.64 -29.51 7.69
CA ILE A 24 -31.31 -30.36 6.71
C ILE A 24 -31.50 -31.78 7.26
N THR A 25 -32.67 -32.38 7.04
CA THR A 25 -32.86 -33.85 7.24
C THR A 25 -33.88 -34.41 6.26
N GLN A 26 -34.15 -35.71 6.39
CA GLN A 26 -35.09 -36.43 5.53
C GLN A 26 -36.07 -37.16 6.44
N ASP A 27 -37.37 -36.98 6.23
CA ASP A 27 -38.35 -37.72 6.99
C ASP A 27 -38.45 -39.21 6.55
N LYS A 28 -39.08 -40.04 7.37
CA LYS A 28 -39.16 -41.47 7.09
C LYS A 28 -39.92 -41.80 5.83
N GLN A 29 -40.51 -40.79 5.18
CA GLN A 29 -41.15 -41.03 3.88
C GLN A 29 -40.42 -40.34 2.71
N GLY A 30 -39.16 -39.95 2.95
CA GLY A 30 -38.26 -39.59 1.88
C GLY A 30 -38.09 -38.11 1.64
N PHE A 31 -39.00 -37.29 2.17
CA PHE A 31 -38.96 -35.86 1.88
C PHE A 31 -37.92 -35.12 2.71
N LEU A 32 -37.23 -34.17 2.06
CA LEU A 32 -36.20 -33.39 2.70
C LEU A 32 -36.76 -32.11 3.27
N TRP A 33 -36.32 -31.82 4.49
CA TRP A 33 -36.73 -30.65 5.29
C TRP A 33 -35.56 -29.71 5.51
N PHE A 34 -35.80 -28.42 5.34
CA PHE A 34 -34.75 -27.42 5.43
C PHE A 34 -35.09 -26.34 6.43
N ALA A 35 -34.21 -26.08 7.39
CA ALA A 35 -34.45 -25.05 8.39
C ALA A 35 -33.73 -23.79 7.98
N THR A 36 -34.43 -22.67 7.86
CA THR A 36 -33.85 -21.41 7.37
C THR A 36 -34.03 -20.26 8.37
N GLU A 37 -33.47 -19.08 8.05
CA GLU A 37 -33.59 -17.93 8.93
C GLU A 37 -34.95 -17.30 8.77
N GLU A 38 -35.77 -17.78 7.85
CA GLU A 38 -37.19 -17.40 7.82
C GLU A 38 -38.08 -18.43 7.11
N GLY A 39 -38.56 -19.39 7.88
CA GLY A 39 -39.46 -20.41 7.38
C GLY A 39 -38.92 -21.83 7.42
N LEU A 40 -39.84 -22.77 7.57
CA LEU A 40 -39.54 -24.17 7.45
C LEU A 40 -39.88 -24.60 6.02
N ASN A 41 -38.99 -25.31 5.34
CA ASN A 41 -39.29 -25.71 3.98
C ASN A 41 -39.20 -27.23 3.81
N LYS A 42 -40.26 -27.81 3.25
CA LYS A 42 -40.29 -29.23 2.84
C LYS A 42 -40.23 -29.27 1.33
N PHE A 43 -39.20 -29.91 0.76
CA PHE A 43 -39.03 -30.01 -0.71
C PHE A 43 -39.74 -31.23 -1.29
N ASP A 44 -40.73 -31.03 -2.17
CA ASP A 44 -41.57 -32.15 -2.65
C ASP A 44 -40.96 -32.98 -3.74
N GLY A 45 -39.94 -32.42 -4.40
CA GLY A 45 -39.23 -33.07 -5.50
C GLY A 45 -38.84 -32.07 -6.57
N THR A 46 -39.69 -31.08 -6.77
CA THR A 46 -39.39 -30.03 -7.71
C THR A 46 -39.45 -28.69 -7.01
N ARG A 47 -40.32 -28.59 -6.03
CA ARG A 47 -40.68 -27.32 -5.48
C ARG A 47 -40.74 -27.44 -3.95
N PHE A 48 -40.43 -26.34 -3.27
CA PHE A 48 -40.48 -26.23 -1.81
C PHE A 48 -41.84 -25.77 -1.34
N ILE A 49 -42.23 -26.26 -0.17
CA ILE A 49 -43.47 -25.92 0.50
C ILE A 49 -43.00 -25.24 1.76
N THR A 50 -43.41 -24.00 2.00
CA THR A 50 -42.88 -23.26 3.12
C THR A 50 -43.87 -23.25 4.26
N TYR A 51 -43.36 -23.38 5.47
CA TYR A 51 -44.17 -23.31 6.69
C TYR A 51 -43.81 -22.06 7.50
N TYR A 52 -44.80 -21.21 7.77
CA TYR A 52 -44.56 -19.98 8.48
C TYR A 52 -45.41 -19.89 9.75
N LYS A 53 -45.03 -19.01 10.66
CA LYS A 53 -45.83 -18.78 11.85
C LYS A 53 -47.11 -18.08 11.47
N GLU A 54 -48.22 -18.58 12.03
CA GLU A 54 -49.57 -18.03 11.84
C GLU A 54 -49.85 -16.80 12.70
N GLU A 55 -50.90 -16.04 12.40
CA GLU A 55 -51.05 -14.75 13.05
C GLU A 55 -52.28 -14.64 13.90
N GLN A 56 -53.31 -14.10 13.26
CA GLN A 56 -54.66 -13.97 13.79
C GLN A 56 -55.29 -15.33 13.98
N SER A 57 -54.85 -16.28 13.15
CA SER A 57 -55.15 -17.71 13.24
C SER A 57 -54.58 -18.41 14.49
N SER A 58 -55.17 -18.03 15.63
CA SER A 58 -55.35 -18.95 16.74
C SER A 58 -56.44 -19.95 16.26
N SER A 59 -56.36 -20.26 14.95
CA SER A 59 -57.02 -21.41 14.33
C SER A 59 -55.94 -22.47 14.02
N VAL A 60 -55.32 -22.43 12.85
CA VAL A 60 -54.31 -23.44 12.57
C VAL A 60 -53.16 -23.17 13.53
N GLN A 61 -52.34 -24.18 13.74
CA GLN A 61 -51.09 -24.01 14.47
C GLN A 61 -49.95 -24.40 13.57
N SER A 62 -48.90 -23.58 13.59
CA SER A 62 -47.73 -23.85 12.77
C SER A 62 -46.44 -23.87 13.61
N ILE A 63 -45.30 -23.58 12.98
CA ILE A 63 -44.09 -23.33 13.73
C ILE A 63 -44.35 -22.07 14.56
N THR A 64 -43.64 -21.90 15.67
CA THR A 64 -43.89 -20.79 16.59
C THR A 64 -43.02 -19.56 16.35
N GLY A 65 -42.09 -19.67 15.44
CA GLY A 65 -41.26 -18.55 15.11
C GLY A 65 -40.58 -18.89 13.82
N ASN A 66 -40.40 -17.87 12.99
CA ASN A 66 -39.81 -18.05 11.68
C ASN A 66 -38.28 -18.34 11.65
N GLU A 67 -37.54 -17.72 12.55
CA GLU A 67 -36.13 -17.99 12.63
C GLU A 67 -35.85 -19.32 13.33
N LEU A 68 -35.41 -20.28 12.54
CA LEU A 68 -35.17 -21.63 13.05
C LEU A 68 -33.68 -21.91 13.16
N ASN A 69 -33.32 -22.91 13.94
CA ASN A 69 -31.93 -23.30 14.08
C ASN A 69 -31.66 -24.67 13.49
N GLU A 70 -32.58 -25.61 13.71
CA GLU A 70 -32.32 -27.00 13.37
C GLU A 70 -33.58 -27.80 13.05
N VAL A 71 -33.48 -28.78 12.14
CA VAL A 71 -34.56 -29.78 11.98
C VAL A 71 -33.96 -31.13 12.25
N TYR A 72 -34.78 -32.08 12.70
CA TYR A 72 -34.26 -33.38 13.17
C TYR A 72 -35.33 -34.45 13.15
N THR A 73 -35.03 -35.55 12.44
CA THR A 73 -35.97 -36.66 12.27
C THR A 73 -35.93 -37.53 13.48
N ASP A 74 -37.09 -37.72 14.10
CA ASP A 74 -37.21 -38.64 15.23
C ASP A 74 -36.90 -40.01 14.70
N PRO A 75 -36.06 -40.76 15.43
CA PRO A 75 -35.71 -42.11 15.07
C PRO A 75 -36.94 -42.96 14.91
N VAL A 76 -37.85 -42.89 15.89
CA VAL A 76 -38.97 -43.79 15.95
C VAL A 76 -40.23 -43.19 15.37
N GLN A 77 -40.60 -42.01 15.82
CA GLN A 77 -41.89 -41.46 15.41
C GLN A 77 -41.83 -40.73 14.07
N PRO A 78 -42.98 -40.60 13.39
CA PRO A 78 -43.10 -39.80 12.18
C PRO A 78 -43.11 -38.31 12.47
N VAL A 79 -42.03 -37.82 13.06
CA VAL A 79 -41.95 -36.45 13.57
C VAL A 79 -40.67 -35.76 13.09
N ILE A 80 -40.81 -34.52 12.64
CA ILE A 80 -39.68 -33.63 12.47
C ILE A 80 -39.65 -32.66 13.65
N TRP A 81 -38.56 -32.70 14.39
CA TRP A 81 -38.38 -31.77 15.50
C TRP A 81 -37.74 -30.56 14.96
N ILE A 82 -38.21 -29.40 15.43
CA ILE A 82 -37.80 -28.11 14.94
C ILE A 82 -37.33 -27.22 16.07
N ALA A 83 -36.05 -26.84 16.06
CA ALA A 83 -35.55 -25.94 17.08
C ALA A 83 -35.73 -24.51 16.61
N THR A 84 -36.66 -23.77 17.18
CA THR A 84 -36.76 -22.35 16.81
C THR A 84 -35.73 -21.58 17.62
N GLN A 85 -35.26 -20.43 17.14
CA GLN A 85 -34.23 -19.75 17.92
C GLN A 85 -34.78 -18.75 18.97
N ARG A 86 -36.07 -18.45 18.89
CA ARG A 86 -36.68 -17.48 19.80
C ARG A 86 -38.07 -17.84 20.30
N ALA A 87 -38.55 -19.02 19.95
CA ALA A 87 -39.93 -19.35 20.21
C ALA A 87 -40.15 -20.75 20.75
N GLY A 88 -39.11 -21.53 20.93
CA GLY A 88 -39.26 -22.79 21.62
C GLY A 88 -38.95 -24.00 20.81
N LEU A 89 -39.57 -25.12 21.12
CA LEU A 89 -39.29 -26.33 20.38
C LEU A 89 -40.55 -26.63 19.63
N ASN A 90 -40.45 -26.96 18.35
CA ASN A 90 -41.66 -27.37 17.61
C ASN A 90 -41.54 -28.81 17.16
N ALA A 91 -42.67 -29.46 16.92
CA ALA A 91 -42.65 -30.85 16.47
C ALA A 91 -43.69 -31.17 15.42
N TYR A 92 -43.28 -31.33 14.16
CA TYR A 92 -44.21 -31.67 13.08
C TYR A 92 -44.37 -33.17 12.85
N ASN A 93 -45.60 -33.65 12.98
CA ASN A 93 -45.94 -35.01 12.68
C ASN A 93 -46.44 -34.98 11.24
N TYR A 94 -45.59 -35.40 10.31
CA TYR A 94 -45.92 -35.42 8.86
C TYR A 94 -46.97 -36.44 8.48
N GLU A 95 -47.20 -37.42 9.36
CA GLU A 95 -48.21 -38.46 9.17
C GLU A 95 -49.59 -37.91 9.39
N THR A 96 -49.77 -37.24 10.53
CA THR A 96 -51.07 -36.69 10.89
C THR A 96 -51.22 -35.27 10.33
N GLN A 97 -50.07 -34.62 10.13
CA GLN A 97 -49.96 -33.24 9.64
C GLN A 97 -50.49 -32.24 10.63
N SER A 98 -49.72 -32.02 11.68
CA SER A 98 -50.04 -31.06 12.72
C SER A 98 -48.77 -30.70 13.48
N PHE A 99 -48.78 -29.52 14.09
CA PHE A 99 -47.64 -29.02 14.83
C PHE A 99 -47.94 -29.04 16.32
N SER A 100 -47.02 -29.57 17.11
CA SER A 100 -47.07 -29.39 18.55
C SER A 100 -45.90 -28.53 18.98
N VAL A 101 -46.09 -27.87 20.11
CA VAL A 101 -45.25 -26.78 20.57
C VAL A 101 -44.75 -27.09 21.96
N TYR A 102 -43.54 -26.64 22.27
CA TYR A 102 -42.99 -26.74 23.60
C TYR A 102 -42.39 -25.39 23.94
N GLN A 103 -43.01 -24.64 24.84
CA GLN A 103 -42.46 -23.36 25.23
C GLN A 103 -42.19 -23.24 26.72
N TYR A 104 -41.56 -22.13 27.10
CA TYR A 104 -41.28 -21.83 28.50
C TYR A 104 -42.61 -21.47 29.07
N ASN A 105 -42.86 -21.92 30.29
CA ASN A 105 -44.04 -21.53 31.02
C ASN A 105 -43.70 -21.34 32.49
N PRO A 106 -43.86 -20.13 33.00
CA PRO A 106 -43.47 -19.90 34.38
C PRO A 106 -44.36 -20.68 35.34
N GLU A 107 -45.42 -21.30 34.83
CA GLU A 107 -46.36 -22.07 35.66
C GLU A 107 -46.00 -23.57 35.77
N ASP A 108 -44.79 -23.99 35.34
CA ASP A 108 -44.30 -25.35 35.63
C ASP A 108 -43.34 -25.52 36.83
N PRO A 109 -42.03 -25.49 36.61
CA PRO A 109 -41.37 -25.26 35.36
C PRO A 109 -40.64 -26.51 34.98
N GLN A 110 -41.34 -27.63 35.03
CA GLN A 110 -40.86 -28.82 34.34
C GLN A 110 -41.18 -28.76 32.84
N SER A 111 -41.29 -27.53 32.32
CA SER A 111 -41.41 -27.22 30.89
C SER A 111 -40.07 -26.72 30.42
N LEU A 112 -39.95 -26.42 29.14
CA LEU A 112 -38.70 -25.88 28.57
C LEU A 112 -38.20 -24.62 29.32
N ILE A 113 -36.90 -24.55 29.66
CA ILE A 113 -36.44 -23.48 30.57
C ILE A 113 -36.33 -22.15 29.93
N THR A 114 -36.20 -22.19 28.62
CA THR A 114 -35.97 -20.98 27.86
C THR A 114 -36.10 -21.36 26.43
N ASN A 115 -36.66 -20.47 25.62
CA ASN A 115 -37.10 -20.92 24.32
C ASN A 115 -36.33 -20.43 23.08
N ASP A 116 -35.01 -20.59 23.22
CA ASP A 116 -33.99 -20.43 22.16
C ASP A 116 -33.24 -21.77 22.11
N VAL A 117 -33.67 -22.65 21.25
CA VAL A 117 -33.07 -23.97 21.19
C VAL A 117 -31.99 -23.99 20.08
N THR A 118 -30.82 -24.53 20.38
CA THR A 118 -29.76 -24.51 19.42
C THR A 118 -29.45 -25.88 18.82
N HIS A 119 -29.88 -26.96 19.48
CA HIS A 119 -29.59 -28.30 18.95
C HIS A 119 -30.55 -29.34 19.42
N ILE A 120 -30.73 -30.41 18.64
CA ILE A 120 -31.56 -31.55 19.06
C ILE A 120 -30.90 -32.89 18.70
N THR A 121 -30.82 -33.84 19.64
CA THR A 121 -30.45 -35.22 19.31
C THR A 121 -31.14 -36.21 20.19
N SER A 122 -31.36 -37.41 19.66
CA SER A 122 -32.00 -38.49 20.42
C SER A 122 -31.09 -39.06 21.50
N SER A 123 -31.71 -39.66 22.51
CA SER A 123 -31.03 -40.39 23.58
C SER A 123 -30.45 -41.72 23.05
N VAL A 124 -29.63 -42.41 23.86
CA VAL A 124 -28.96 -43.68 23.52
C VAL A 124 -29.91 -44.78 22.99
N GLN A 125 -30.89 -45.24 23.77
CA GLN A 125 -31.93 -46.11 23.18
C GLN A 125 -32.93 -45.11 22.66
N ALA A 126 -33.00 -45.06 21.33
CA ALA A 126 -33.64 -43.96 20.60
C ALA A 126 -35.12 -43.76 21.02
N GLY A 127 -35.59 -42.52 20.87
CA GLY A 127 -36.99 -42.20 21.10
C GLY A 127 -37.47 -42.48 22.50
N LYS A 128 -36.58 -42.96 23.38
CA LYS A 128 -36.88 -42.97 24.81
C LYS A 128 -36.92 -41.48 25.29
N GLY A 129 -36.01 -40.66 24.77
CA GLY A 129 -36.06 -39.21 24.99
C GLY A 129 -35.29 -38.47 23.91
N LEU A 130 -35.25 -37.14 24.00
CA LEU A 130 -34.32 -36.33 23.20
C LEU A 130 -33.69 -35.16 23.94
N TRP A 131 -32.41 -34.91 23.64
CA TRP A 131 -31.61 -33.81 24.20
C TRP A 131 -31.82 -32.52 23.44
N VAL A 132 -31.97 -31.43 24.18
CA VAL A 132 -32.30 -30.12 23.62
C VAL A 132 -31.34 -29.10 24.21
N CYS A 133 -30.51 -28.47 23.39
CA CYS A 133 -29.53 -27.52 23.95
C CYS A 133 -30.06 -26.12 23.86
N THR A 134 -29.76 -25.28 24.83
CA THR A 134 -30.24 -23.92 24.72
C THR A 134 -29.07 -22.96 24.72
N TYR A 135 -29.33 -21.74 24.25
CA TYR A 135 -28.29 -20.77 24.08
C TYR A 135 -28.02 -20.15 25.42
N TYR A 136 -29.04 -20.06 26.24
CA TYR A 136 -28.93 -19.26 27.44
C TYR A 136 -28.91 -20.02 28.74
N ARG A 137 -29.76 -21.04 28.85
CA ARG A 137 -29.97 -21.70 30.12
C ARG A 137 -29.78 -23.21 30.11
N GLY A 138 -28.69 -23.67 29.50
CA GLY A 138 -28.24 -25.06 29.71
C GLY A 138 -28.89 -26.10 28.82
N ILE A 139 -28.90 -27.35 29.27
CA ILE A 139 -29.40 -28.45 28.44
C ILE A 139 -30.67 -29.08 29.00
N GLU A 140 -31.66 -29.19 28.12
CA GLU A 140 -32.91 -29.86 28.44
C GLU A 140 -32.98 -31.33 27.99
N TYR A 141 -33.54 -32.19 28.85
CA TYR A 141 -33.82 -33.57 28.45
C TYR A 141 -35.31 -33.81 28.47
N LEU A 142 -35.91 -34.00 27.29
CA LEU A 142 -37.34 -34.28 27.19
C LEU A 142 -37.64 -35.76 27.31
N ASP A 143 -38.43 -36.15 28.29
CA ASP A 143 -38.92 -37.51 28.30
C ASP A 143 -40.19 -37.62 27.43
N ILE A 144 -40.06 -38.17 26.22
CA ILE A 144 -41.22 -38.17 25.30
C ILE A 144 -42.37 -38.99 25.87
N ALA A 145 -42.04 -39.91 26.78
CA ALA A 145 -43.06 -40.63 27.53
C ALA A 145 -43.91 -39.62 28.28
N THR A 146 -43.33 -38.94 29.27
CA THR A 146 -44.07 -37.96 30.10
C THR A 146 -44.38 -36.61 29.42
N GLY A 147 -43.56 -36.20 28.45
CA GLY A 147 -43.68 -34.90 27.79
C GLY A 147 -43.10 -33.81 28.68
N LYS A 148 -42.12 -34.21 29.51
CA LYS A 148 -41.57 -33.35 30.55
C LYS A 148 -40.05 -33.27 30.58
N PHE A 149 -39.56 -32.06 30.77
CA PHE A 149 -38.16 -31.77 30.69
C PHE A 149 -37.47 -31.88 32.03
N THR A 150 -36.29 -32.48 32.06
CA THR A 150 -35.39 -32.45 33.22
C THR A 150 -34.31 -31.43 32.89
N HIS A 151 -33.88 -30.61 33.84
CA HIS A 151 -33.00 -29.49 33.51
C HIS A 151 -31.59 -29.74 33.87
N TYR A 152 -30.69 -29.68 32.89
CA TYR A 152 -29.26 -29.69 33.22
C TYR A 152 -28.70 -28.30 32.97
N ASN A 153 -28.46 -27.61 34.08
CA ASN A 153 -27.80 -26.33 34.08
C ASN A 153 -27.08 -26.16 35.42
N LYS A 154 -26.38 -25.05 35.59
CA LYS A 154 -25.58 -24.87 36.80
C LYS A 154 -26.38 -24.51 38.04
N SER A 155 -27.71 -24.46 37.89
CA SER A 155 -28.63 -24.37 39.04
C SER A 155 -28.83 -25.77 39.59
N THR A 156 -28.64 -26.78 38.75
CA THR A 156 -28.85 -28.17 39.14
C THR A 156 -27.57 -29.02 38.98
N VAL A 157 -26.62 -28.55 38.20
CA VAL A 157 -25.33 -29.22 38.12
C VAL A 157 -24.25 -28.17 38.37
N PRO A 158 -23.96 -27.86 39.63
CA PRO A 158 -23.04 -26.75 39.86
C PRO A 158 -21.63 -27.03 39.31
N ALA A 159 -21.37 -28.29 38.98
CA ALA A 159 -20.09 -28.74 38.40
C ALA A 159 -19.82 -28.19 37.01
N LEU A 160 -20.84 -27.59 36.38
CA LEU A 160 -20.77 -27.06 35.01
C LEU A 160 -20.03 -25.72 34.94
N PRO A 161 -19.28 -25.50 33.84
CA PRO A 161 -18.52 -24.27 33.75
C PRO A 161 -19.28 -23.19 33.00
N SER A 162 -20.38 -23.58 32.37
CA SER A 162 -21.15 -22.70 31.49
C SER A 162 -22.49 -23.32 31.15
N GLU A 163 -23.50 -22.48 30.99
CA GLU A 163 -24.78 -22.98 30.55
C GLU A 163 -25.23 -22.49 29.17
N GLN A 164 -24.27 -22.00 28.38
CA GLN A 164 -24.54 -21.66 26.99
C GLN A 164 -24.02 -22.80 26.12
N THR A 165 -24.88 -23.34 25.26
CA THR A 165 -24.59 -24.60 24.56
C THR A 165 -24.97 -24.54 23.09
N TRP A 166 -24.10 -25.03 22.22
CA TRP A 166 -24.38 -25.15 20.77
C TRP A 166 -24.94 -26.50 20.42
N THR A 167 -24.22 -27.55 20.81
CA THR A 167 -24.61 -28.94 20.60
C THR A 167 -24.31 -29.78 21.84
N ALA A 168 -24.85 -30.99 21.84
CA ALA A 168 -24.58 -31.95 22.89
C ALA A 168 -25.02 -33.29 22.40
N THR A 169 -24.17 -34.29 22.59
CA THR A 169 -24.55 -35.67 22.30
C THR A 169 -23.88 -36.67 23.22
N GLU A 170 -24.61 -37.75 23.50
CA GLU A 170 -24.11 -38.84 24.34
C GLU A 170 -23.08 -39.63 23.54
N ALA A 171 -21.87 -39.06 23.37
CA ALA A 171 -20.80 -39.71 22.60
C ALA A 171 -20.32 -41.01 23.25
N GLU A 172 -20.60 -41.17 24.54
CA GLU A 172 -20.36 -42.40 25.27
C GLU A 172 -21.65 -42.75 25.95
N ASP A 173 -21.91 -44.05 26.09
CA ASP A 173 -22.99 -44.54 26.95
C ASP A 173 -22.97 -43.78 28.28
N GLY A 174 -23.87 -42.80 28.42
CA GLY A 174 -24.02 -42.07 29.69
C GLY A 174 -22.94 -41.04 30.01
N LYS A 175 -22.17 -40.68 29.00
CA LYS A 175 -21.27 -39.53 29.02
C LYS A 175 -21.81 -38.58 27.97
N LEU A 176 -22.13 -37.37 28.41
CA LEU A 176 -22.73 -36.39 27.52
C LEU A 176 -21.70 -35.32 27.20
N TYR A 177 -21.35 -35.21 25.92
CA TYR A 177 -20.36 -34.27 25.44
C TYR A 177 -21.09 -32.98 25.11
N ILE A 178 -20.62 -31.84 25.63
CA ILE A 178 -21.26 -30.54 25.38
C ILE A 178 -20.32 -29.52 24.75
N GLY A 179 -20.76 -28.90 23.64
CA GLY A 179 -20.01 -27.78 23.04
C GLY A 179 -20.55 -26.45 23.55
N HIS A 180 -19.73 -25.66 24.25
CA HIS A 180 -20.22 -24.40 24.84
C HIS A 180 -20.01 -23.21 23.96
N VAL A 181 -20.86 -22.21 24.11
CA VAL A 181 -20.72 -20.99 23.33
C VAL A 181 -19.57 -20.19 23.92
N GLU A 182 -18.45 -20.26 23.21
CA GLU A 182 -17.18 -19.71 23.67
C GLU A 182 -16.87 -20.07 25.11
N GLY A 183 -17.10 -21.32 25.46
CA GLY A 183 -16.80 -21.84 26.79
C GLY A 183 -15.85 -23.02 26.71
N GLY A 184 -15.71 -23.61 25.53
CA GLY A 184 -14.93 -24.84 25.39
C GLY A 184 -15.87 -26.00 25.62
N LEU A 185 -15.41 -27.23 25.45
CA LEU A 185 -16.32 -28.39 25.61
C LEU A 185 -16.25 -29.09 26.98
N SER A 186 -17.44 -29.50 27.44
CA SER A 186 -17.56 -30.24 28.68
C SER A 186 -18.04 -31.65 28.44
N ILE A 187 -17.59 -32.55 29.31
CA ILE A 187 -18.03 -33.92 29.32
C ILE A 187 -18.75 -34.14 30.65
N LEU A 188 -20.02 -34.53 30.57
CA LEU A 188 -20.83 -34.77 31.77
C LEU A 188 -21.17 -36.24 31.92
N SER A 189 -20.66 -36.88 32.97
CA SER A 189 -21.17 -38.21 33.32
C SER A 189 -22.47 -38.01 34.09
N LEU A 190 -23.55 -38.58 33.55
CA LEU A 190 -24.88 -38.32 34.08
C LEU A 190 -25.03 -39.05 35.40
N ASN A 191 -24.52 -40.27 35.42
CA ASN A 191 -24.48 -41.10 36.62
C ASN A 191 -23.65 -40.52 37.77
N ASP A 192 -23.07 -39.35 37.56
CA ASP A 192 -22.10 -38.77 38.49
C ASP A 192 -22.40 -37.29 38.73
N LYS A 193 -22.78 -36.62 37.64
CA LYS A 193 -22.97 -35.16 37.61
C LYS A 193 -21.68 -34.38 37.88
N SER A 194 -20.57 -34.98 37.45
CA SER A 194 -19.26 -34.35 37.49
C SER A 194 -18.87 -33.97 36.07
N VAL A 195 -17.96 -33.01 35.97
CA VAL A 195 -17.62 -32.40 34.67
C VAL A 195 -16.11 -32.29 34.39
N LYS A 196 -15.64 -32.93 33.31
CA LYS A 196 -14.31 -32.67 32.78
C LYS A 196 -14.45 -31.61 31.65
N HIS A 197 -13.88 -30.43 31.88
CA HIS A 197 -14.06 -29.28 30.98
C HIS A 197 -12.77 -28.89 30.34
N PHE A 198 -12.73 -28.81 29.02
CA PHE A 198 -11.51 -28.42 28.31
C PHE A 198 -11.56 -27.02 27.71
N VAL A 199 -10.47 -26.28 27.89
CA VAL A 199 -10.28 -24.98 27.28
C VAL A 199 -9.01 -25.06 26.44
N HIS A 200 -8.46 -23.94 26.00
CA HIS A 200 -7.38 -24.01 25.02
C HIS A 200 -6.11 -23.31 25.44
N PRO A 209 -7.42 -26.26 20.87
CA PRO A 209 -8.35 -26.21 19.72
C PRO A 209 -8.74 -24.77 19.40
N GLY A 210 -10.03 -24.51 19.30
CA GLY A 210 -10.59 -23.18 19.54
C GLY A 210 -11.65 -23.29 20.64
N ASN A 211 -12.01 -22.17 21.27
CA ASN A 211 -12.89 -22.21 22.45
C ASN A 211 -14.40 -22.25 22.23
N ASP A 212 -14.86 -21.64 21.15
CA ASP A 212 -16.26 -21.72 20.76
C ASP A 212 -16.49 -23.06 20.06
N VAL A 213 -16.95 -24.06 20.81
CA VAL A 213 -17.18 -25.38 20.23
C VAL A 213 -18.55 -25.48 19.58
N ARG A 214 -18.60 -25.64 18.27
CA ARG A 214 -19.86 -25.53 17.52
C ARG A 214 -20.42 -26.88 17.06
N CYS A 215 -19.61 -27.93 17.08
CA CYS A 215 -20.10 -29.22 16.62
C CYS A 215 -19.33 -30.40 17.19
N ILE A 216 -20.05 -31.41 17.66
CA ILE A 216 -19.47 -32.67 18.13
C ILE A 216 -20.01 -33.85 17.29
N TYR A 217 -19.13 -34.64 16.68
CA TYR A 217 -19.57 -35.70 15.75
C TYR A 217 -18.89 -37.03 16.01
N LYS A 218 -19.69 -38.06 16.25
CA LYS A 218 -19.18 -39.42 16.37
C LYS A 218 -19.20 -40.07 15.00
N ASP A 219 -18.01 -40.33 14.48
CA ASP A 219 -17.76 -41.17 13.33
C ASP A 219 -18.41 -42.54 13.48
N THR A 220 -18.87 -43.12 12.37
CA THR A 220 -19.32 -44.54 12.40
C THR A 220 -18.21 -45.51 12.84
N ASN A 221 -17.02 -44.98 13.10
CA ASN A 221 -15.92 -45.80 13.58
C ASN A 221 -15.61 -45.49 15.02
N GLY A 222 -16.30 -44.46 15.53
CA GLY A 222 -16.23 -44.11 16.95
C GLY A 222 -15.23 -43.02 17.26
N ASN A 223 -14.74 -42.36 16.22
CA ASN A 223 -13.82 -41.25 16.40
C ASN A 223 -14.59 -40.00 16.77
N ILE A 224 -14.07 -39.26 17.73
CA ILE A 224 -14.76 -38.06 18.13
C ILE A 224 -14.15 -36.82 17.49
N TRP A 225 -14.86 -36.36 16.46
CA TRP A 225 -14.54 -35.16 15.73
C TRP A 225 -15.20 -33.98 16.37
N ILE A 226 -14.52 -32.85 16.32
CA ILE A 226 -14.97 -31.62 17.00
C ILE A 226 -14.80 -30.39 16.09
N GLY A 227 -15.88 -29.66 15.88
CA GLY A 227 -15.82 -28.43 15.11
C GLY A 227 -15.79 -27.23 16.02
N THR A 228 -14.69 -26.49 15.99
CA THR A 228 -14.57 -25.28 16.80
C THR A 228 -14.43 -24.02 15.91
N SER A 229 -14.25 -22.87 16.55
CA SER A 229 -14.04 -21.60 15.86
C SER A 229 -12.64 -21.50 15.28
N LYS A 230 -11.74 -22.31 15.81
CA LYS A 230 -10.34 -22.29 15.39
C LYS A 230 -9.94 -23.57 14.71
N GLY A 231 -10.93 -24.33 14.24
CA GLY A 231 -10.65 -25.43 13.33
C GLY A 231 -11.22 -26.72 13.80
N LEU A 232 -10.95 -27.78 13.06
CA LEU A 232 -11.37 -29.10 13.50
C LEU A 232 -10.30 -29.72 14.33
N ALA A 233 -10.72 -30.51 15.30
CA ALA A 233 -9.77 -31.27 16.10
C ALA A 233 -10.31 -32.68 16.32
N LEU A 234 -9.42 -33.67 16.28
CA LEU A 234 -9.81 -35.03 16.69
C LEU A 234 -9.59 -35.21 18.18
N PHE A 235 -10.55 -35.89 18.83
CA PHE A 235 -10.51 -36.13 20.28
C PHE A 235 -10.57 -37.61 20.66
N ASN A 236 -9.76 -38.01 21.64
CA ASN A 236 -10.05 -39.25 22.35
C ASN A 236 -10.12 -39.09 23.87
N ALA A 237 -11.26 -39.47 24.44
CA ALA A 237 -11.45 -39.43 25.88
C ALA A 237 -10.63 -40.54 26.48
N ASN A 238 -9.99 -41.28 25.60
CA ASN A 238 -9.06 -42.31 25.96
C ASN A 238 -7.84 -41.74 26.65
N THR A 239 -7.32 -40.62 26.12
CA THR A 239 -6.15 -39.94 26.68
C THR A 239 -6.38 -38.46 26.95
N GLU A 240 -7.55 -37.96 26.60
CA GLU A 240 -7.95 -36.56 26.84
C GLU A 240 -7.03 -35.52 26.21
N THR A 241 -6.77 -35.71 24.91
CA THR A 241 -5.92 -34.82 24.11
C THR A 241 -6.54 -34.54 22.75
N PHE A 242 -6.28 -33.34 22.22
CA PHE A 242 -6.73 -32.95 20.90
C PHE A 242 -5.64 -33.20 19.86
N THR A 243 -5.96 -33.04 18.59
CA THR A 243 -4.96 -33.04 17.51
C THR A 243 -5.48 -32.22 16.34
N ASN A 244 -4.56 -31.54 15.65
CA ASN A 244 -4.89 -30.43 14.73
C ASN A 244 -4.15 -30.48 13.36
N LEU A 256 -6.78 -22.49 7.08
CA LEU A 256 -6.84 -23.88 7.56
C LEU A 256 -7.54 -24.07 8.93
N SER A 257 -7.48 -23.03 9.77
CA SER A 257 -8.05 -23.07 11.13
C SER A 257 -9.26 -22.15 11.27
N SER A 258 -10.12 -22.08 10.25
CA SER A 258 -11.29 -21.18 10.32
C SER A 258 -12.50 -21.83 11.02
N TYR A 259 -13.63 -21.12 11.05
CA TYR A 259 -14.84 -21.61 11.73
C TYR A 259 -15.41 -22.86 11.06
N ILE A 260 -15.85 -23.80 11.89
CA ILE A 260 -16.42 -25.06 11.44
C ILE A 260 -17.85 -25.10 11.96
N PHE A 261 -18.80 -25.41 11.08
CA PHE A 261 -20.21 -25.47 11.48
C PHE A 261 -20.75 -26.88 11.68
N SER A 262 -20.57 -27.76 10.68
CA SER A 262 -20.88 -29.17 10.88
C SER A 262 -19.95 -30.13 10.12
N ILE A 263 -19.79 -31.31 10.70
CA ILE A 263 -18.96 -32.37 10.17
C ILE A 263 -19.86 -33.58 10.03
N LYS A 264 -19.82 -34.24 8.86
CA LYS A 264 -20.52 -35.52 8.65
C LYS A 264 -19.63 -36.42 7.85
N GLN A 265 -19.57 -37.69 8.19
CA GLN A 265 -18.82 -38.60 7.34
C GLN A 265 -19.81 -39.24 6.40
N LEU A 266 -19.48 -39.22 5.11
CA LEU A 266 -20.42 -39.67 4.11
C LEU A 266 -20.21 -41.12 3.76
N LYS A 267 -21.01 -41.62 2.83
CA LYS A 267 -20.88 -43.00 2.40
C LYS A 267 -19.50 -43.29 1.81
N ASP A 268 -18.91 -42.25 1.19
CA ASP A 268 -17.57 -42.28 0.61
C ASP A 268 -16.51 -42.82 1.59
N ASN A 269 -16.88 -42.75 2.87
CA ASN A 269 -15.98 -42.83 4.02
C ASN A 269 -15.05 -41.62 4.09
N LYS A 270 -15.59 -40.47 3.75
CA LYS A 270 -14.86 -39.23 3.70
C LYS A 270 -15.46 -38.25 4.66
N LEU A 271 -14.62 -37.44 5.28
CA LEU A 271 -15.10 -36.46 6.24
C LEU A 271 -15.44 -35.15 5.54
N TRP A 272 -16.72 -34.78 5.51
CA TRP A 272 -17.14 -33.56 4.86
C TRP A 272 -17.41 -32.52 5.89
N ILE A 273 -16.68 -31.41 5.82
CA ILE A 273 -16.79 -30.41 6.86
C ILE A 273 -17.20 -29.05 6.31
N ALA A 274 -18.23 -28.47 6.93
CA ALA A 274 -18.79 -27.19 6.52
C ALA A 274 -18.10 -25.98 7.21
N THR A 275 -17.31 -25.23 6.45
CA THR A 275 -16.53 -24.12 7.00
C THR A 275 -17.19 -22.78 6.72
N GLU A 276 -16.76 -21.76 7.48
CA GLU A 276 -17.25 -20.40 7.36
C GLU A 276 -16.73 -19.61 6.12
N LEU A 277 -15.48 -19.82 5.71
CA LEU A 277 -14.93 -18.94 4.66
C LEU A 277 -14.44 -19.67 3.42
N ASN A 278 -14.34 -20.98 3.53
CA ASN A 278 -13.67 -21.77 2.53
C ASN A 278 -14.61 -22.86 2.04
N GLY A 279 -15.90 -22.60 2.19
CA GLY A 279 -16.93 -23.57 1.84
C GLY A 279 -16.72 -24.91 2.54
N ILE A 280 -16.50 -25.93 1.72
CA ILE A 280 -16.43 -27.28 2.21
C ILE A 280 -15.01 -27.80 2.14
N ILE A 282 -12.85 -31.49 2.55
CA ILE A 282 -12.97 -32.92 2.66
C ILE A 282 -11.64 -33.53 3.11
N LEU A 283 -11.69 -34.23 4.24
CA LEU A 283 -10.60 -35.09 4.68
C LEU A 283 -10.93 -36.53 4.31
N ASP A 284 -10.24 -37.03 3.29
CA ASP A 284 -10.44 -38.37 2.77
C ASP A 284 -9.71 -39.40 3.67
N LEU A 285 -10.47 -40.22 4.39
CA LEU A 285 -9.92 -41.16 5.38
C LEU A 285 -8.96 -42.22 4.80
N GLN A 286 -8.75 -42.23 3.48
CA GLN A 286 -7.63 -42.97 2.89
C GLN A 286 -6.45 -42.05 2.49
N GLN A 287 -6.19 -41.09 3.40
CA GLN A 287 -4.93 -40.39 3.56
C GLN A 287 -4.45 -40.85 4.94
N ASN A 288 -3.84 -42.08 5.00
CA ASN A 288 -3.23 -42.65 6.24
C ASN A 288 -1.59 -42.42 6.47
N PHE A 298 -6.05 -32.68 2.68
CA PHE A 298 -7.39 -32.12 2.56
C PHE A 298 -7.77 -31.87 1.11
N GLU A 299 -9.00 -31.46 0.87
CA GLU A 299 -9.46 -31.02 -0.46
C GLU A 299 -10.67 -30.12 -0.30
N PHE A 300 -10.75 -29.07 -1.10
CA PHE A 300 -11.79 -28.05 -0.89
C PHE A 300 -12.82 -27.90 -2.00
N ILE A 301 -13.99 -27.38 -1.61
CA ILE A 301 -15.01 -26.92 -2.56
C ILE A 301 -15.35 -25.50 -2.13
N ARG A 302 -14.80 -24.51 -2.83
CA ARG A 302 -15.06 -23.12 -2.45
C ARG A 302 -16.26 -22.44 -3.14
N GLU A 303 -16.47 -21.17 -2.79
CA GLU A 303 -17.48 -20.34 -3.42
C GLU A 303 -16.94 -19.92 -4.76
N GLY A 304 -17.84 -19.84 -5.73
CA GLY A 304 -17.54 -19.34 -7.08
C GLY A 304 -18.85 -19.22 -7.83
N ASP A 305 -18.78 -19.09 -9.15
CA ASP A 305 -19.97 -19.06 -10.02
C ASP A 305 -19.83 -19.96 -11.24
N ASN A 306 -19.97 -21.27 -11.01
CA ASN A 306 -19.90 -22.30 -12.04
C ASN A 306 -20.39 -23.66 -11.53
N ASN A 307 -20.59 -24.57 -12.49
CA ASN A 307 -20.96 -25.95 -12.21
C ASN A 307 -20.26 -26.64 -11.05
N TYR A 308 -19.04 -26.21 -10.72
CA TYR A 308 -18.19 -27.00 -9.84
C TYR A 308 -17.76 -26.24 -8.58
N SER A 309 -18.61 -25.36 -8.12
CA SER A 309 -18.29 -24.44 -7.04
C SER A 309 -19.55 -24.17 -6.20
N LEU A 310 -19.37 -23.71 -4.96
CA LEU A 310 -20.52 -23.36 -4.11
C LEU A 310 -21.11 -22.00 -4.45
N SER A 311 -22.35 -21.80 -4.03
CA SER A 311 -23.01 -20.54 -4.26
C SER A 311 -22.74 -19.50 -3.17
N ASN A 312 -21.90 -19.83 -2.18
CA ASN A 312 -21.51 -18.90 -1.11
C ASN A 312 -20.34 -19.47 -0.31
N ALA A 313 -19.54 -18.58 0.26
CA ALA A 313 -18.32 -18.95 0.99
C ALA A 313 -18.57 -19.57 2.35
N SER A 314 -19.71 -19.28 2.96
CA SER A 314 -20.01 -19.91 4.24
C SER A 314 -21.02 -21.04 4.09
N ALA A 315 -20.56 -22.28 4.21
CA ALA A 315 -21.44 -23.43 4.19
C ALA A 315 -21.83 -23.71 5.63
N ARG A 316 -23.07 -24.12 5.84
CA ARG A 316 -23.59 -24.29 7.18
C ARG A 316 -23.86 -25.71 7.57
N TYR A 317 -24.51 -26.45 6.68
CA TYR A 317 -24.91 -27.79 7.02
C TYR A 317 -24.63 -28.74 5.86
N ILE A 318 -24.28 -29.97 6.17
CA ILE A 318 -24.12 -30.98 5.16
C ILE A 318 -25.07 -32.13 5.49
N PHE A 319 -25.69 -32.73 4.47
CA PHE A 319 -26.59 -33.85 4.71
C PHE A 319 -26.58 -34.79 3.53
N GLN A 320 -26.50 -36.09 3.79
CA GLN A 320 -26.58 -37.07 2.71
C GLN A 320 -27.96 -37.75 2.64
N ASP A 321 -28.46 -37.96 1.44
CA ASP A 321 -29.77 -38.56 1.17
C ASP A 321 -29.87 -40.01 1.52
N SER A 322 -31.09 -40.53 1.45
CA SER A 322 -31.29 -41.96 1.38
C SER A 322 -30.80 -42.48 0.02
N PHE A 323 -30.56 -41.55 -0.92
CA PHE A 323 -30.21 -41.82 -2.31
C PHE A 323 -28.73 -41.54 -2.49
N ASN A 324 -28.17 -40.93 -1.46
CA ASN A 324 -26.75 -40.58 -1.37
C ASN A 324 -26.40 -39.27 -1.99
N ASN A 325 -27.40 -38.51 -2.39
CA ASN A 325 -27.17 -37.17 -2.85
C ASN A 325 -26.68 -36.30 -1.72
N ILE A 326 -25.72 -35.42 -1.99
CA ILE A 326 -25.20 -34.53 -0.94
C ILE A 326 -25.83 -33.15 -1.06
N TRP A 327 -26.47 -32.67 0.02
CA TRP A 327 -27.17 -31.39 0.08
C TRP A 327 -26.48 -30.48 1.04
N ILE A 328 -26.34 -29.22 0.64
CA ILE A 328 -25.52 -28.24 1.37
C ILE A 328 -26.29 -26.98 1.74
N GLY A 329 -26.19 -26.60 3.00
CA GLY A 329 -26.86 -25.43 3.50
C GLY A 329 -25.86 -24.31 3.53
N THR A 330 -26.20 -23.18 2.92
CA THR A 330 -25.25 -22.11 2.72
C THR A 330 -25.74 -20.88 3.41
N TRP A 331 -24.87 -20.26 4.20
CA TRP A 331 -25.29 -19.03 4.86
C TRP A 331 -25.41 -17.82 3.95
N GLY A 332 -26.37 -17.89 3.01
CA GLY A 332 -26.68 -16.75 2.18
C GLY A 332 -27.11 -17.15 0.80
N GLY A 333 -26.47 -18.18 0.28
CA GLY A 333 -26.66 -18.55 -1.10
C GLY A 333 -27.49 -19.80 -1.29
N GLY A 334 -28.49 -19.96 -0.46
CA GLY A 334 -29.47 -21.01 -0.64
C GLY A 334 -28.87 -22.40 -0.49
N ILE A 335 -29.44 -23.36 -1.21
CA ILE A 335 -29.02 -24.75 -1.11
C ILE A 335 -28.10 -25.08 -2.29
N ASN A 336 -27.10 -25.91 -2.04
CA ASN A 336 -26.31 -26.55 -3.11
C ASN A 336 -26.55 -28.03 -3.04
N PHE A 337 -26.42 -28.69 -4.19
CA PHE A 337 -26.75 -30.10 -4.29
C PHE A 337 -25.82 -30.83 -5.22
N ILE A 338 -25.29 -31.95 -4.76
CA ILE A 338 -24.36 -32.79 -5.52
C ILE A 338 -24.98 -34.16 -5.74
N SER A 339 -25.12 -34.57 -6.99
CA SER A 339 -25.83 -35.80 -7.28
C SER A 339 -25.02 -37.04 -6.94
N ASN A 340 -25.70 -38.06 -6.46
CA ASN A 340 -25.06 -39.29 -5.96
C ASN A 340 -24.22 -40.03 -6.98
N ALA A 341 -24.53 -39.80 -8.25
CA ALA A 341 -23.83 -40.44 -9.34
C ALA A 341 -23.12 -39.40 -10.18
N PRO A 342 -21.92 -39.74 -10.69
CA PRO A 342 -21.14 -38.76 -11.44
C PRO A 342 -21.78 -38.44 -12.79
N PRO A 343 -21.43 -37.31 -13.42
CA PRO A 343 -21.96 -37.01 -14.75
C PRO A 343 -21.40 -38.00 -15.72
N THR A 344 -22.17 -38.43 -16.71
CA THR A 344 -21.63 -39.34 -17.74
C THR A 344 -20.79 -38.58 -18.79
N PHE A 345 -21.02 -37.27 -18.88
CA PHE A 345 -20.38 -36.43 -19.88
C PHE A 345 -19.56 -35.33 -19.23
N HIS A 346 -18.41 -35.01 -19.83
CA HIS A 346 -17.51 -34.01 -19.27
C HIS A 346 -17.08 -33.03 -20.31
N THR A 347 -16.60 -31.87 -19.88
CA THR A 347 -16.15 -30.84 -20.81
C THR A 347 -14.92 -30.08 -20.32
N TRP A 348 -13.89 -30.00 -21.17
CA TRP A 348 -12.75 -29.15 -20.91
C TRP A 348 -12.94 -27.82 -21.57
N SER A 349 -12.60 -26.72 -20.89
CA SER A 349 -12.65 -25.35 -21.47
C SER A 349 -12.03 -24.25 -20.59
N GLN A 354 -6.75 -16.86 -14.18
CA GLN A 354 -7.90 -17.36 -14.90
C GLN A 354 -7.68 -18.75 -15.50
N ASN A 356 -7.04 -22.57 -15.62
CA ASN A 356 -7.33 -23.80 -14.85
C ASN A 356 -6.18 -24.80 -15.02
N GLU A 357 -6.24 -25.90 -14.26
CA GLU A 357 -5.37 -27.06 -14.48
C GLU A 357 -5.69 -27.63 -15.86
N SER A 358 -6.98 -27.62 -16.18
CA SER A 358 -7.48 -28.19 -17.44
C SER A 358 -8.19 -27.13 -18.31
N SER A 359 -7.77 -25.87 -18.17
CA SER A 359 -8.37 -24.77 -18.93
C SER A 359 -7.85 -24.78 -20.34
N LEU A 360 -8.79 -24.80 -21.28
CA LEU A 360 -8.51 -24.61 -22.69
C LEU A 360 -8.20 -23.15 -22.97
N SER A 361 -7.24 -22.90 -23.85
CA SER A 361 -6.76 -21.55 -24.11
C SER A 361 -7.61 -20.88 -25.19
N ASN A 362 -8.60 -21.61 -25.69
CA ASN A 362 -9.68 -21.02 -26.48
C ASN A 362 -10.98 -21.74 -26.19
N LYS A 363 -12.09 -21.04 -26.40
CA LYS A 363 -13.38 -21.60 -26.07
C LYS A 363 -13.88 -22.63 -27.09
N VAL A 364 -13.48 -22.52 -28.37
CA VAL A 364 -13.90 -23.53 -29.38
C VAL A 364 -12.80 -24.52 -29.80
N VAL A 365 -13.15 -25.81 -29.71
CA VAL A 365 -12.26 -26.88 -30.14
C VAL A 365 -12.60 -27.30 -31.58
N SER A 366 -11.61 -27.19 -32.47
CA SER A 366 -11.83 -27.38 -33.91
C SER A 366 -11.21 -28.66 -34.43
N SER A 367 -10.30 -29.26 -33.66
CA SER A 367 -9.73 -30.58 -33.99
C SER A 367 -9.12 -31.25 -32.76
N VAL A 368 -9.23 -32.57 -32.70
CA VAL A 368 -8.59 -33.34 -31.66
C VAL A 368 -7.87 -34.53 -32.25
N CYS A 369 -6.77 -34.91 -31.61
CA CYS A 369 -5.94 -35.94 -32.14
C CYS A 369 -5.21 -36.71 -31.07
N ASP A 370 -5.33 -38.03 -31.13
CA ASP A 370 -4.68 -38.90 -30.15
C ASP A 370 -3.43 -39.50 -30.77
N ASP A 371 -2.26 -39.11 -30.24
CA ASP A 371 -1.03 -39.84 -30.52
C ASP A 371 -1.10 -41.10 -29.68
N GLY A 372 -0.56 -42.18 -30.20
CA GLY A 372 -0.76 -43.50 -29.59
C GLY A 372 0.08 -43.74 -28.36
N GLN A 373 0.37 -42.66 -27.64
CA GLN A 373 1.29 -42.75 -26.52
C GLN A 373 0.63 -42.25 -25.24
N GLY A 374 -0.57 -41.67 -25.36
CA GLY A 374 -1.34 -41.26 -24.20
C GLY A 374 -1.69 -39.78 -24.05
N LYS A 375 -1.21 -38.94 -24.97
CA LYS A 375 -1.60 -37.53 -24.96
C LYS A 375 -2.66 -37.22 -26.03
N LEU A 376 -3.30 -36.06 -25.90
CA LEU A 376 -4.22 -35.59 -26.91
C LEU A 376 -3.81 -34.19 -27.30
N TRP A 377 -3.74 -33.95 -28.60
CA TRP A 377 -3.40 -32.64 -29.07
C TRP A 377 -4.70 -32.00 -29.49
N ILE A 378 -5.17 -31.04 -28.69
CA ILE A 378 -6.42 -30.34 -28.95
C ILE A 378 -6.15 -29.06 -29.71
N GLY A 379 -6.73 -28.96 -30.89
CA GLY A 379 -6.56 -27.79 -31.73
C GLY A 379 -7.70 -26.83 -31.48
N THR A 380 -7.38 -25.55 -31.43
CA THR A 380 -8.36 -24.54 -31.08
C THR A 380 -8.53 -23.52 -32.19
N ASP A 381 -9.66 -22.82 -32.17
CA ASP A 381 -9.88 -21.73 -33.11
C ASP A 381 -9.64 -20.38 -32.46
N GLY A 382 -8.42 -20.18 -31.96
CA GLY A 382 -8.10 -18.96 -31.24
C GLY A 382 -6.79 -19.09 -30.50
N GLY A 383 -6.65 -20.17 -29.72
CA GLY A 383 -5.36 -20.54 -29.14
C GLY A 383 -4.58 -21.34 -30.15
N GLY A 384 -3.49 -21.98 -29.73
CA GLY A 384 -2.74 -22.86 -30.63
C GLY A 384 -3.24 -24.29 -30.54
N ILE A 385 -2.35 -25.17 -30.12
CA ILE A 385 -2.73 -26.54 -29.80
C ILE A 385 -2.52 -26.71 -28.30
N ASN A 386 -3.55 -27.19 -27.58
CA ASN A 386 -3.42 -27.54 -26.17
C ASN A 386 -3.20 -29.02 -26.04
N VAL A 387 -2.01 -29.44 -25.58
CA VAL A 387 -1.75 -30.87 -25.41
C VAL A 387 -2.19 -31.29 -24.02
N PHE A 388 -2.98 -32.37 -23.97
CA PHE A 388 -3.55 -32.88 -22.73
C PHE A 388 -3.06 -34.27 -22.39
N GLU A 389 -2.89 -34.52 -21.10
CA GLU A 389 -2.61 -35.85 -20.65
C GLU A 389 -3.19 -35.95 -19.27
N ASN A 390 -3.98 -37.01 -19.06
CA ASN A 390 -4.65 -37.27 -17.78
C ASN A 390 -5.41 -36.06 -17.25
N GLY A 391 -6.15 -35.40 -18.14
CA GLY A 391 -6.99 -34.26 -17.78
C GLY A 391 -6.23 -33.01 -17.37
N LYS A 392 -5.01 -32.86 -17.86
CA LYS A 392 -4.16 -31.73 -17.51
C LYS A 392 -3.39 -31.23 -18.73
N ARG A 393 -3.56 -29.95 -19.04
CA ARG A 393 -2.78 -29.26 -20.08
C ARG A 393 -1.29 -29.45 -19.81
N VAL A 394 -0.56 -30.07 -20.74
CA VAL A 394 0.89 -30.24 -20.56
C VAL A 394 1.76 -29.34 -21.46
N ALA A 395 1.14 -28.74 -22.49
CA ALA A 395 1.80 -27.77 -23.40
C ALA A 395 0.83 -27.01 -24.33
N ILE A 396 1.13 -25.73 -24.58
CA ILE A 396 0.42 -24.84 -25.53
C ILE A 396 1.37 -24.49 -26.71
N TYR A 397 0.83 -24.22 -27.91
CA TYR A 397 1.68 -23.92 -29.10
C TYR A 397 1.45 -22.60 -29.90
N ASN A 398 2.44 -21.71 -29.77
CA ASN A 398 2.52 -20.35 -30.36
C ASN A 398 1.79 -20.22 -31.71
N LEU A 404 4.28 -22.31 -35.31
CA LEU A 404 3.04 -22.89 -35.82
C LEU A 404 2.31 -22.01 -36.83
N LEU A 405 2.78 -20.77 -37.01
CA LEU A 405 2.24 -19.77 -37.97
C LEU A 405 0.86 -19.16 -37.62
N SER A 406 -0.22 -19.93 -37.74
CA SER A 406 -1.57 -19.41 -37.49
C SER A 406 -2.34 -20.29 -36.52
N ASN A 407 -2.79 -19.69 -35.41
CA ASN A 407 -3.40 -20.46 -34.31
C ASN A 407 -4.91 -20.75 -34.45
N SER A 408 -5.30 -21.16 -35.67
CA SER A 408 -6.61 -21.73 -35.94
C SER A 408 -6.45 -23.16 -36.41
N VAL A 409 -6.27 -24.08 -35.46
CA VAL A 409 -6.01 -25.45 -35.82
C VAL A 409 -7.32 -26.12 -36.21
N LEU A 410 -7.44 -26.43 -37.50
CA LEU A 410 -8.69 -26.93 -38.08
C LEU A 410 -8.73 -28.43 -38.33
N CYS A 411 -7.56 -29.08 -38.42
CA CYS A 411 -7.53 -30.54 -38.57
C CYS A 411 -6.20 -31.17 -38.10
N SER A 412 -6.22 -32.47 -37.85
CA SER A 412 -5.05 -33.12 -37.31
C SER A 412 -5.04 -34.59 -37.63
N LEU A 413 -3.86 -35.17 -37.76
CA LEU A 413 -3.77 -36.59 -38.04
C LEU A 413 -2.55 -37.21 -37.40
N LYS A 414 -2.74 -38.37 -36.78
CA LYS A 414 -1.64 -39.24 -36.37
C LYS A 414 -1.27 -40.12 -37.56
N ASP A 415 -0.02 -40.09 -38.04
CA ASP A 415 0.33 -40.99 -39.14
C ASP A 415 0.71 -42.36 -38.63
N SER A 416 0.88 -43.33 -39.53
CA SER A 416 1.21 -44.70 -39.13
C SER A 416 2.59 -44.78 -38.51
N GLU A 417 3.46 -43.84 -38.87
CA GLU A 417 4.79 -43.76 -38.29
C GLU A 417 4.78 -43.10 -36.93
N GLY A 418 3.64 -42.50 -36.58
CA GLY A 418 3.40 -41.97 -35.23
C GLY A 418 3.67 -40.48 -35.01
N ASN A 419 3.82 -39.75 -36.11
CA ASN A 419 4.01 -38.30 -36.07
C ASN A 419 2.71 -37.62 -36.33
N LEU A 420 2.71 -36.29 -36.31
CA LEU A 420 1.45 -35.57 -36.26
C LEU A 420 1.36 -34.41 -37.24
N TRP A 421 0.19 -34.29 -37.84
CA TRP A 421 -0.04 -33.32 -38.91
C TRP A 421 -1.17 -32.43 -38.56
N PHE A 422 -0.88 -31.14 -38.41
CA PHE A 422 -1.93 -30.18 -38.13
C PHE A 422 -2.03 -29.16 -39.25
N GLY A 423 -3.21 -29.06 -39.86
CA GLY A 423 -3.49 -28.01 -40.83
C GLY A 423 -4.11 -26.80 -40.17
N THR A 424 -3.65 -25.60 -40.54
CA THR A 424 -4.27 -24.39 -40.01
C THR A 424 -4.96 -23.51 -41.06
N TYR A 425 -5.58 -22.43 -40.56
CA TYR A 425 -6.24 -21.45 -41.40
C TYR A 425 -5.19 -20.51 -41.92
N LEU A 426 -5.03 -20.50 -43.26
CA LEU A 426 -4.08 -19.64 -43.95
C LEU A 426 -2.64 -19.83 -43.43
N GLY A 427 -2.37 -21.06 -42.99
CA GLY A 427 -1.05 -21.50 -42.59
C GLY A 427 -1.02 -22.89 -43.16
N ASN A 428 0.16 -23.34 -43.61
CA ASN A 428 0.25 -24.64 -44.29
C ASN A 428 0.03 -25.83 -43.34
N ILE A 429 0.83 -26.89 -43.49
CA ILE A 429 0.80 -27.95 -42.51
C ILE A 429 1.84 -27.60 -41.47
N SER A 430 1.48 -27.74 -40.20
CA SER A 430 2.47 -27.66 -39.14
C SER A 430 2.69 -29.11 -38.70
N TYR A 431 3.80 -29.69 -39.15
CA TYR A 431 4.12 -31.10 -38.90
C TYR A 431 4.91 -31.25 -37.58
N TYR A 432 4.39 -32.04 -36.65
CA TYR A 432 5.14 -32.37 -35.44
C TYR A 432 5.71 -33.77 -35.55
N ASN A 433 7.02 -33.81 -35.66
CA ASN A 433 7.76 -35.06 -35.64
C ASN A 433 8.04 -35.46 -34.19
N THR A 434 7.78 -36.73 -33.84
CA THR A 434 7.95 -37.20 -32.46
C THR A 434 9.43 -37.45 -32.08
N ARG A 435 10.33 -36.90 -32.90
CA ARG A 435 11.74 -36.67 -32.56
C ARG A 435 11.86 -35.24 -31.95
N LEU A 436 10.81 -34.84 -31.22
CA LEU A 436 10.70 -33.58 -30.43
C LEU A 436 10.50 -32.24 -31.20
N LYS A 437 11.04 -32.13 -32.42
CA LYS A 437 10.84 -30.95 -33.27
C LYS A 437 9.42 -30.81 -33.87
N LYS A 438 9.17 -29.67 -34.52
CA LYS A 438 8.01 -29.48 -35.40
C LYS A 438 8.42 -28.64 -36.60
N PHE A 439 8.42 -29.21 -37.81
CA PHE A 439 8.64 -28.38 -38.99
C PHE A 439 7.39 -28.05 -39.80
N GLN A 440 7.39 -26.88 -40.44
CA GLN A 440 6.33 -26.47 -41.35
C GLN A 440 6.51 -27.11 -42.71
N ILE A 441 5.42 -27.55 -43.31
CA ILE A 441 5.49 -28.34 -44.54
C ILE A 441 4.52 -27.73 -45.57
N ILE A 442 5.13 -27.07 -46.57
CA ILE A 442 4.43 -26.32 -47.64
C ILE A 442 3.76 -27.22 -48.70
N GLU A 443 2.94 -26.62 -49.56
CA GLU A 443 2.28 -27.38 -50.64
C GLU A 443 2.50 -26.70 -51.98
N LEU A 444 1.71 -25.65 -52.24
CA LEU A 444 1.77 -24.92 -53.50
C LEU A 444 3.06 -24.10 -53.56
N GLU A 445 3.44 -23.78 -54.80
CA GLU A 445 4.64 -23.01 -55.15
C GLU A 445 4.76 -21.68 -54.39
N LYS A 446 5.83 -20.92 -54.68
CA LYS A 446 6.17 -19.74 -53.90
C LYS A 446 5.54 -19.97 -52.54
N ASN A 447 5.92 -21.11 -51.97
CA ASN A 447 5.41 -21.64 -50.70
C ASN A 447 4.03 -21.13 -50.29
N GLU A 448 3.08 -21.20 -51.23
CA GLU A 448 1.77 -20.55 -51.06
C GLU A 448 0.93 -21.08 -49.89
N LEU A 449 0.16 -20.18 -49.29
CA LEU A 449 -0.57 -20.44 -48.06
C LEU A 449 -1.89 -21.18 -48.32
N LEU A 450 -2.00 -22.42 -47.85
CA LEU A 450 -3.17 -23.24 -48.17
C LEU A 450 -4.16 -23.49 -47.01
N ASP A 451 -5.43 -23.58 -47.38
CA ASP A 451 -6.48 -23.85 -46.42
C ASP A 451 -6.70 -25.35 -46.35
N VAL A 452 -5.89 -25.99 -45.52
CA VAL A 452 -5.96 -27.42 -45.30
C VAL A 452 -7.07 -27.75 -44.30
N ARG A 453 -7.84 -28.82 -44.57
CA ARG A 453 -8.91 -29.23 -43.65
C ARG A 453 -9.18 -30.72 -43.46
N VAL A 454 -8.44 -31.58 -44.16
CA VAL A 454 -8.57 -33.03 -43.92
C VAL A 454 -7.36 -33.80 -44.30
N PHE A 455 -7.04 -34.77 -43.46
CA PHE A 455 -5.92 -35.63 -43.73
C PHE A 455 -6.45 -37.03 -43.70
N TYR A 456 -6.07 -37.84 -44.66
CA TYR A 456 -6.46 -39.23 -44.67
C TYR A 456 -5.29 -40.14 -45.04
N GLU A 457 -4.92 -41.08 -44.18
CA GLU A 457 -3.91 -42.08 -44.54
C GLU A 457 -4.55 -43.37 -45.03
N ASP A 458 -4.16 -43.79 -46.25
CA ASP A 458 -4.67 -45.03 -46.87
C ASP A 458 -3.84 -46.25 -46.46
N LYS A 459 -4.28 -47.44 -46.90
CA LYS A 459 -3.64 -48.73 -46.59
C LYS A 459 -2.18 -48.79 -47.01
N ASN A 460 -1.79 -47.81 -47.83
CA ASN A 460 -0.53 -47.82 -48.58
C ASN A 460 0.42 -46.65 -48.25
N LYS A 461 0.30 -46.07 -47.05
CA LYS A 461 1.27 -45.08 -46.56
C LYS A 461 1.31 -43.82 -47.44
N LYS A 462 0.18 -43.50 -48.08
CA LYS A 462 0.03 -42.21 -48.76
C LYS A 462 -0.90 -41.39 -47.88
N ILE A 463 -0.64 -40.09 -47.76
CA ILE A 463 -1.55 -39.20 -47.07
C ILE A 463 -2.23 -38.30 -48.08
N TRP A 464 -3.55 -38.38 -48.08
CA TRP A 464 -4.42 -37.58 -48.91
C TRP A 464 -4.80 -36.34 -48.17
N ILE A 465 -4.78 -35.21 -48.84
CA ILE A 465 -4.92 -33.93 -48.16
C ILE A 465 -5.95 -33.03 -48.83
N GLY A 466 -7.03 -32.76 -48.11
CA GLY A 466 -8.12 -31.97 -48.67
C GLY A 466 -7.85 -30.51 -48.47
N THR A 467 -7.92 -29.75 -49.55
CA THR A 467 -7.64 -28.33 -49.49
C THR A 467 -8.82 -27.58 -50.10
N HIS A 468 -8.80 -26.25 -50.01
CA HIS A 468 -9.72 -25.39 -50.72
C HIS A 468 -9.31 -25.40 -52.16
N ALA A 469 -8.16 -26.02 -52.41
CA ALA A 469 -7.52 -25.91 -53.70
C ALA A 469 -7.41 -27.26 -54.39
N GLY A 470 -8.15 -28.24 -53.89
CA GLY A 470 -8.23 -29.57 -54.48
C GLY A 470 -7.52 -30.54 -53.59
N VAL A 471 -7.23 -31.75 -54.08
CA VAL A 471 -6.51 -32.74 -53.28
C VAL A 471 -5.03 -32.82 -53.63
N PHE A 472 -4.19 -33.04 -52.62
CA PHE A 472 -2.79 -33.36 -52.78
C PHE A 472 -2.59 -34.74 -52.16
N VAL A 473 -1.87 -35.62 -52.85
CA VAL A 473 -1.55 -36.94 -52.28
C VAL A 473 -0.06 -36.96 -52.04
N ILE A 474 0.36 -37.02 -50.79
CA ILE A 474 1.80 -36.95 -50.51
C ILE A 474 2.35 -38.30 -50.07
N ASP A 475 3.43 -38.74 -50.71
CA ASP A 475 3.98 -40.04 -50.39
C ASP A 475 4.67 -39.97 -49.07
N LEU A 476 4.25 -40.84 -48.16
CA LEU A 476 4.87 -40.92 -46.86
C LEU A 476 6.32 -41.37 -47.05
N ALA A 477 6.55 -42.64 -47.38
CA ALA A 477 7.91 -43.13 -47.57
C ALA A 477 8.69 -42.22 -48.54
N SER A 478 9.57 -41.38 -48.01
CA SER A 478 10.35 -40.45 -48.84
C SER A 478 9.56 -39.26 -49.45
N LYS A 479 9.77 -39.00 -50.74
CA LYS A 479 9.38 -37.74 -51.41
C LYS A 479 8.03 -37.14 -50.96
N LYS A 480 8.07 -35.88 -50.51
CA LYS A 480 6.88 -35.23 -49.92
C LYS A 480 5.59 -34.96 -50.81
N VAL A 481 5.57 -35.21 -52.12
CA VAL A 481 4.30 -35.00 -52.88
C VAL A 481 4.14 -35.87 -54.11
N ILE A 482 2.99 -36.51 -54.25
CA ILE A 482 2.74 -37.26 -55.47
C ILE A 482 1.81 -36.55 -56.47
N HIS A 483 0.55 -36.33 -56.08
CA HIS A 483 -0.51 -35.84 -56.98
C HIS A 483 -1.13 -34.57 -56.50
N HIS A 484 -1.72 -33.79 -57.41
CA HIS A 484 -2.56 -32.65 -57.06
C HIS A 484 -3.77 -32.59 -57.97
N TYR A 485 -4.90 -33.08 -57.49
CA TYR A 485 -6.09 -33.18 -58.32
C TYR A 485 -6.96 -31.94 -58.15
N ASP A 486 -7.55 -31.47 -59.25
CA ASP A 486 -8.52 -30.36 -59.20
C ASP A 486 -9.56 -30.35 -60.35
N THR A 487 -10.37 -29.29 -60.42
CA THR A 487 -11.33 -29.10 -61.51
C THR A 487 -10.67 -29.07 -62.90
N SER A 488 -9.40 -28.67 -62.95
CA SER A 488 -8.69 -28.49 -64.23
C SER A 488 -7.89 -29.70 -64.71
N ASN A 489 -7.37 -30.50 -63.76
CA ASN A 489 -6.52 -31.61 -64.13
C ASN A 489 -7.01 -33.00 -63.71
N SER A 490 -8.28 -33.11 -63.34
CA SER A 490 -8.82 -34.35 -62.85
C SER A 490 -10.34 -34.39 -62.89
N GLN A 491 -10.90 -35.57 -62.63
CA GLN A 491 -12.33 -35.74 -62.52
C GLN A 491 -12.89 -35.31 -61.18
N LEU A 492 -12.07 -34.67 -60.35
CA LEU A 492 -12.50 -34.17 -59.04
C LEU A 492 -13.68 -33.22 -59.27
N LEU A 493 -14.71 -33.33 -58.44
CA LEU A 493 -15.99 -32.66 -58.72
C LEU A 493 -15.93 -31.16 -58.36
N GLU A 494 -15.42 -30.85 -57.17
CA GLU A 494 -15.22 -29.46 -56.75
C GLU A 494 -13.87 -29.38 -56.05
N ASN A 495 -13.28 -28.19 -56.02
CA ASN A 495 -12.04 -27.99 -55.30
C ASN A 495 -12.14 -27.92 -53.79
N PHE A 496 -13.26 -27.43 -53.26
CA PHE A 496 -13.42 -27.23 -51.82
C PHE A 496 -13.59 -28.55 -51.06
N VAL A 497 -12.50 -29.31 -50.96
CA VAL A 497 -12.53 -30.61 -50.31
C VAL A 497 -12.64 -30.45 -48.81
N ARG A 498 -13.54 -31.24 -48.20
CA ARG A 498 -13.86 -31.09 -46.79
C ARG A 498 -13.64 -32.36 -46.04
N SER A 499 -13.90 -33.46 -46.71
CA SER A 499 -14.06 -34.69 -46.01
C SER A 499 -13.66 -35.82 -46.91
N ILE A 500 -12.62 -36.60 -46.57
CA ILE A 500 -12.18 -37.70 -47.46
C ILE A 500 -11.86 -39.01 -46.74
N ALA A 501 -12.33 -40.13 -47.28
CA ALA A 501 -12.30 -41.40 -46.56
C ALA A 501 -12.39 -42.57 -47.51
N GLN A 502 -12.19 -43.79 -46.99
CA GLN A 502 -12.01 -44.92 -47.88
C GLN A 502 -12.99 -46.11 -47.72
N ASP A 503 -13.45 -46.56 -48.88
CA ASP A 503 -14.24 -47.75 -49.11
C ASP A 503 -13.62 -49.03 -48.58
N SER A 504 -14.49 -49.99 -48.28
CA SER A 504 -14.01 -51.34 -48.05
C SER A 504 -13.46 -51.91 -49.36
N GLU A 505 -13.87 -51.38 -50.52
CA GLU A 505 -13.24 -51.76 -51.81
C GLU A 505 -12.10 -50.84 -52.15
N GLY A 506 -11.86 -49.86 -51.28
CA GLY A 506 -10.72 -48.97 -51.40
C GLY A 506 -10.92 -47.77 -52.31
N ARG A 507 -12.14 -47.53 -52.75
CA ARG A 507 -12.46 -46.32 -53.51
C ARG A 507 -12.38 -45.16 -52.54
N PHE A 508 -12.04 -43.98 -53.04
CA PHE A 508 -12.00 -42.77 -52.21
C PHE A 508 -13.27 -41.97 -52.26
N TRP A 509 -13.87 -41.81 -51.09
CA TRP A 509 -15.08 -41.05 -50.91
C TRP A 509 -14.64 -39.70 -50.48
N ILE A 510 -14.79 -38.73 -51.36
CA ILE A 510 -14.33 -37.37 -51.14
C ILE A 510 -15.56 -36.48 -51.05
N GLY A 511 -15.67 -35.71 -49.99
CA GLY A 511 -16.78 -34.76 -49.84
C GLY A 511 -16.34 -33.30 -49.98
N THR A 512 -17.28 -32.47 -50.38
CA THR A 512 -17.01 -31.07 -50.61
C THR A 512 -17.96 -30.21 -49.78
N PHE A 513 -17.59 -28.92 -49.77
CA PHE A 513 -18.46 -27.86 -49.32
C PHE A 513 -19.49 -27.58 -50.41
N GLY A 514 -20.74 -27.84 -50.02
CA GLY A 514 -21.93 -27.48 -50.77
C GLY A 514 -22.09 -28.25 -52.07
N GLY A 515 -21.46 -29.42 -52.15
CA GLY A 515 -21.43 -30.15 -53.42
C GLY A 515 -21.68 -31.63 -53.29
N GLY A 516 -21.90 -32.07 -52.06
CA GLY A 516 -22.11 -33.47 -51.79
C GLY A 516 -20.81 -34.25 -51.78
N VAL A 517 -20.92 -35.53 -52.11
CA VAL A 517 -19.82 -36.46 -52.08
C VAL A 517 -19.79 -37.23 -53.40
N GLY A 518 -18.59 -37.68 -53.80
CA GLY A 518 -18.38 -38.48 -55.00
C GLY A 518 -17.43 -39.61 -54.64
N ILE A 519 -17.58 -40.73 -55.33
CA ILE A 519 -16.78 -41.90 -55.04
C ILE A 519 -15.85 -42.03 -56.19
N TYR A 520 -14.55 -42.10 -55.91
CA TYR A 520 -13.51 -42.16 -56.94
C TYR A 520 -12.72 -43.45 -56.77
N THR A 521 -12.28 -44.07 -57.86
CA THR A 521 -11.36 -45.20 -57.77
C THR A 521 -10.01 -44.61 -57.48
N PRO A 522 -9.06 -45.41 -56.98
CA PRO A 522 -7.83 -44.74 -56.56
C PRO A 522 -7.10 -43.93 -57.64
N ASP A 523 -7.37 -44.18 -58.91
CA ASP A 523 -6.80 -43.41 -60.02
C ASP A 523 -7.59 -42.15 -60.39
N GLN A 525 -10.89 -42.08 -61.20
CA GLN A 525 -12.03 -42.23 -62.08
C GLN A 525 -13.29 -42.10 -61.23
N LEU A 526 -14.21 -41.22 -61.64
CA LEU A 526 -15.44 -41.01 -60.91
C LEU A 526 -16.31 -42.26 -61.00
N VAL A 527 -16.51 -42.91 -59.87
CA VAL A 527 -17.42 -44.04 -59.83
C VAL A 527 -18.90 -43.62 -59.75
N ARG A 528 -19.26 -42.82 -58.74
CA ARG A 528 -20.62 -42.36 -58.57
C ARG A 528 -20.61 -41.12 -57.67
N LYS A 529 -21.65 -40.30 -57.74
CA LYS A 529 -21.71 -39.07 -56.94
C LYS A 529 -23.07 -38.87 -56.27
N PHE A 530 -23.10 -38.06 -55.21
CA PHE A 530 -24.34 -37.84 -54.42
C PHE A 530 -24.70 -36.37 -54.21
N ASN A 531 -25.74 -35.91 -54.89
CA ASN A 531 -26.14 -34.52 -54.87
C ASN A 531 -27.45 -34.39 -54.18
N GLN A 532 -27.75 -33.15 -53.79
CA GLN A 532 -29.05 -32.77 -53.29
C GLN A 532 -30.05 -32.96 -54.43
N TYR A 533 -29.76 -32.38 -55.59
CA TYR A 533 -30.74 -32.48 -56.68
C TYR A 533 -30.61 -33.76 -57.53
N GLU A 534 -29.67 -34.63 -57.14
CA GLU A 534 -29.61 -35.99 -57.68
C GLU A 534 -30.53 -36.92 -56.88
N GLY A 535 -30.78 -36.59 -55.62
CA GLY A 535 -31.65 -37.41 -54.78
C GLY A 535 -31.29 -37.45 -53.31
N PHE A 536 -30.06 -37.06 -52.99
CA PHE A 536 -29.50 -37.18 -51.63
C PHE A 536 -30.07 -36.16 -50.66
N CYS A 537 -29.97 -36.50 -49.39
CA CYS A 537 -30.60 -35.68 -48.37
C CYS A 537 -29.96 -34.31 -48.23
N SER A 538 -28.64 -34.22 -48.37
CA SER A 538 -27.90 -32.97 -48.08
C SER A 538 -26.63 -32.74 -48.92
N ASN A 539 -26.30 -31.48 -49.21
CA ASN A 539 -25.01 -31.17 -49.86
C ASN A 539 -23.81 -30.95 -48.94
N THR A 540 -24.09 -30.49 -47.72
CA THR A 540 -23.03 -30.31 -46.73
C THR A 540 -22.83 -31.62 -46.02
N ILE A 541 -21.98 -32.44 -46.59
CA ILE A 541 -21.56 -33.65 -45.92
C ILE A 541 -20.30 -33.31 -45.11
N ASN A 542 -20.36 -33.67 -43.81
CA ASN A 542 -19.51 -33.16 -42.71
C ASN A 542 -18.45 -34.12 -42.26
N GLN A 543 -18.71 -35.40 -42.46
CA GLN A 543 -17.71 -36.39 -42.15
C GLN A 543 -18.04 -37.72 -42.79
N ILE A 544 -17.03 -38.43 -43.30
CA ILE A 544 -17.25 -39.79 -43.83
C ILE A 544 -16.52 -40.81 -42.95
N TYR A 545 -17.17 -41.91 -42.61
CA TYR A 545 -16.63 -42.84 -41.62
C TYR A 545 -16.83 -44.27 -42.03
N ARG A 546 -15.73 -45.02 -42.17
CA ARG A 546 -15.82 -46.49 -42.28
C ARG A 546 -15.84 -47.11 -40.88
N SER A 547 -16.98 -47.72 -40.54
CA SER A 547 -17.11 -48.44 -39.27
C SER A 547 -16.34 -49.73 -39.36
N SER A 548 -15.98 -50.29 -38.21
CA SER A 548 -15.15 -51.49 -38.21
C SER A 548 -15.82 -52.68 -38.88
N LYS A 549 -17.15 -52.66 -38.92
CA LYS A 549 -17.96 -53.70 -39.57
C LYS A 549 -17.83 -53.55 -41.08
N GLY A 550 -17.28 -52.43 -41.50
CA GLY A 550 -16.97 -52.23 -42.88
C GLY A 550 -17.91 -51.33 -43.63
N GLN A 551 -19.02 -50.93 -43.02
CA GLN A 551 -19.96 -49.99 -43.65
C GLN A 551 -19.58 -48.49 -43.55
N TRP A 553 -20.44 -44.53 -43.12
CA TRP A 553 -21.35 -43.62 -42.44
C TRP A 553 -21.04 -42.16 -42.74
N LEU A 554 -22.05 -41.39 -43.11
CA LEU A 554 -21.90 -40.00 -43.50
C LEU A 554 -22.69 -39.05 -42.57
N ALA A 555 -22.01 -38.06 -41.96
CA ALA A 555 -22.70 -36.99 -41.24
C ALA A 555 -23.15 -35.91 -42.21
N THR A 556 -24.44 -35.82 -42.50
CA THR A 556 -24.90 -34.82 -43.44
C THR A 556 -25.63 -33.66 -42.79
N GLY A 557 -25.95 -32.66 -43.62
CA GLY A 557 -26.69 -31.49 -43.19
C GLY A 557 -28.08 -31.85 -42.69
N GLU A 558 -28.62 -32.97 -43.19
CA GLU A 558 -29.94 -33.43 -42.73
C GLU A 558 -30.14 -34.94 -42.74
N GLY A 559 -29.36 -35.59 -41.90
CA GLY A 559 -29.47 -37.00 -41.69
C GLY A 559 -28.10 -37.61 -41.43
N LEU A 560 -28.14 -38.73 -40.71
CA LEU A 560 -27.02 -39.64 -40.56
C LEU A 560 -27.26 -40.71 -41.58
N VAL A 561 -26.31 -40.89 -42.48
CA VAL A 561 -26.51 -41.75 -43.64
C VAL A 561 -25.60 -42.95 -43.56
N CYS A 562 -26.15 -44.11 -43.89
CA CYS A 562 -25.39 -45.32 -43.89
C CYS A 562 -25.61 -46.15 -45.15
N PHE A 563 -24.48 -46.56 -45.75
CA PHE A 563 -24.45 -47.50 -46.88
C PHE A 563 -24.11 -48.90 -46.36
N PRO A 564 -25.14 -49.70 -46.00
CA PRO A 564 -25.00 -51.05 -45.40
C PRO A 564 -24.06 -52.02 -46.10
N SER A 565 -23.86 -51.85 -47.40
CA SER A 565 -22.82 -52.63 -48.05
C SER A 565 -22.27 -51.95 -49.29
N ALA A 566 -20.95 -51.76 -49.28
CA ALA A 566 -20.22 -51.29 -50.48
C ALA A 566 -20.12 -52.42 -51.56
N ARG A 567 -21.20 -53.19 -51.69
CA ARG A 567 -21.45 -53.92 -52.95
C ARG A 567 -22.78 -53.51 -53.64
N ASN A 568 -23.20 -52.26 -53.43
CA ASN A 568 -24.57 -51.88 -53.75
C ASN A 568 -24.88 -50.43 -54.03
N PHE A 569 -24.38 -49.51 -53.21
CA PHE A 569 -24.78 -48.10 -53.27
C PHE A 569 -26.21 -47.81 -52.78
N ASP A 570 -26.89 -48.79 -52.22
CA ASP A 570 -28.10 -48.51 -51.45
C ASP A 570 -27.73 -47.77 -50.17
N TYR A 571 -28.65 -46.95 -49.64
CA TYR A 571 -28.39 -46.20 -48.45
C TYR A 571 -29.64 -45.88 -47.66
N GLN A 572 -29.45 -45.68 -46.35
CA GLN A 572 -30.52 -45.37 -45.40
C GLN A 572 -30.25 -44.03 -44.78
N VAL A 573 -31.29 -43.20 -44.72
CA VAL A 573 -31.16 -41.90 -44.09
C VAL A 573 -31.93 -41.89 -42.78
N PHE A 574 -31.24 -41.61 -41.69
CA PHE A 574 -31.86 -41.48 -40.39
C PHE A 574 -32.07 -40.02 -40.12
N GLN A 575 -33.29 -39.64 -39.80
CA GLN A 575 -33.62 -38.25 -39.55
C GLN A 575 -34.61 -38.11 -38.41
N ARG A 576 -35.10 -36.88 -38.19
CA ARG A 576 -36.21 -36.57 -37.27
C ARG A 576 -37.10 -37.81 -37.10
N LYS A 577 -37.75 -38.24 -38.18
CA LYS A 577 -38.80 -39.26 -38.06
C LYS A 577 -38.38 -40.59 -37.46
N GLU A 578 -37.09 -40.95 -37.55
CA GLU A 578 -36.63 -42.21 -36.98
C GLU A 578 -35.89 -42.09 -35.65
N GLY A 579 -36.27 -41.10 -34.87
CA GLY A 579 -35.78 -41.02 -33.49
C GLY A 579 -34.53 -40.19 -33.30
N LEU A 580 -34.30 -39.25 -34.21
CA LEU A 580 -33.10 -38.46 -34.15
C LEU A 580 -33.36 -36.95 -34.32
N PRO A 581 -33.62 -36.22 -33.23
CA PRO A 581 -33.42 -34.78 -33.38
C PRO A 581 -31.96 -34.56 -32.95
N ASN A 582 -31.34 -33.43 -33.32
CA ASN A 582 -31.63 -32.72 -34.53
C ASN A 582 -30.80 -33.43 -35.62
N THR A 583 -31.07 -33.02 -36.85
CA THR A 583 -30.83 -33.80 -38.01
C THR A 583 -29.47 -33.42 -38.64
N HIS A 584 -28.79 -32.45 -38.04
CA HIS A 584 -27.58 -31.88 -38.64
C HIS A 584 -26.38 -32.53 -38.02
N ILE A 585 -25.82 -33.51 -38.69
CA ILE A 585 -24.77 -34.28 -38.05
C ILE A 585 -23.37 -33.70 -38.28
N ARG A 586 -22.63 -33.58 -37.18
CA ARG A 586 -21.28 -33.01 -37.16
C ARG A 586 -20.12 -34.01 -37.16
N ALA A 587 -20.12 -34.96 -36.25
CA ALA A 587 -18.97 -35.87 -36.13
C ALA A 587 -19.38 -37.28 -35.73
N ILE A 588 -18.62 -38.27 -36.13
CA ILE A 588 -18.98 -39.65 -35.88
C ILE A 588 -17.82 -40.42 -35.30
N SER A 589 -18.14 -41.26 -34.33
CA SER A 589 -17.24 -42.29 -33.84
C SER A 589 -18.03 -43.57 -33.57
N GLU A 590 -17.34 -44.57 -33.03
CA GLU A 590 -17.89 -45.90 -32.82
C GLU A 590 -17.40 -46.43 -31.47
N ASP A 591 -18.19 -47.22 -30.76
CA ASP A 591 -17.76 -47.74 -29.46
C ASP A 591 -17.17 -49.18 -29.48
N LYS A 592 -16.79 -49.67 -28.30
CA LYS A 592 -16.46 -51.07 -28.04
C LYS A 592 -17.35 -52.04 -28.84
N ASN A 593 -18.67 -51.85 -28.77
CA ASN A 593 -19.63 -52.70 -29.47
C ASN A 593 -19.89 -52.13 -30.86
N GLY A 594 -21.05 -52.41 -31.41
CA GLY A 594 -21.35 -51.92 -32.75
C GLY A 594 -21.64 -50.43 -32.89
N ASN A 595 -22.33 -49.90 -31.90
CA ASN A 595 -23.01 -48.62 -31.96
C ASN A 595 -22.12 -47.48 -32.40
N ILE A 596 -22.68 -46.68 -33.28
CA ILE A 596 -22.00 -45.47 -33.77
C ILE A 596 -22.62 -44.23 -33.09
N TRP A 597 -21.72 -43.36 -32.58
CA TRP A 597 -22.06 -42.13 -31.84
C TRP A 597 -21.89 -40.93 -32.73
N ALA A 598 -22.75 -39.95 -32.57
CA ALA A 598 -22.66 -38.77 -33.39
C ALA A 598 -22.84 -37.50 -32.59
N SER A 599 -22.04 -36.48 -32.90
CA SER A 599 -22.26 -35.14 -32.38
C SER A 599 -23.14 -34.40 -33.34
N THR A 600 -24.05 -33.60 -32.82
CA THR A 600 -24.97 -32.84 -33.64
C THR A 600 -24.94 -31.33 -33.29
N ASN A 601 -25.96 -30.59 -33.73
CA ASN A 601 -26.07 -29.18 -33.43
C ASN A 601 -26.61 -28.91 -32.03
N THR A 602 -27.26 -29.93 -31.48
CA THR A 602 -27.90 -29.78 -30.19
C THR A 602 -27.24 -30.74 -29.23
N GLY A 603 -26.96 -31.96 -29.66
CA GLY A 603 -26.50 -32.88 -28.65
C GLY A 603 -25.52 -33.92 -29.10
N ILE A 604 -25.57 -35.05 -28.43
CA ILE A 604 -24.84 -36.19 -28.86
C ILE A 604 -25.91 -37.24 -28.98
N SER A 605 -25.83 -38.04 -30.04
CA SER A 605 -26.81 -39.10 -30.27
C SER A 605 -26.06 -40.39 -30.56
N CYS A 606 -26.73 -41.51 -30.31
CA CYS A 606 -26.10 -42.82 -30.44
C CYS A 606 -27.04 -43.77 -31.15
N TYR A 607 -26.55 -44.41 -32.21
CA TYR A 607 -27.35 -45.39 -32.93
C TYR A 607 -27.04 -46.78 -32.42
N ILE A 608 -27.97 -47.35 -31.67
CA ILE A 608 -27.81 -48.70 -31.18
C ILE A 608 -28.12 -49.73 -32.29
N THR A 609 -27.08 -50.23 -32.95
CA THR A 609 -27.25 -51.16 -34.07
C THR A 609 -27.92 -52.47 -33.65
N SER A 610 -27.79 -52.82 -32.37
CA SER A 610 -28.45 -54.01 -31.80
C SER A 610 -29.98 -53.85 -31.79
N LYS A 611 -30.43 -52.78 -31.12
CA LYS A 611 -31.84 -52.48 -30.94
C LYS A 611 -32.49 -51.80 -32.15
N LYS A 612 -31.66 -51.23 -33.04
CA LYS A 612 -32.13 -50.51 -34.24
C LYS A 612 -32.85 -49.20 -33.85
N CYS A 613 -32.21 -48.38 -33.01
CA CYS A 613 -32.84 -47.16 -32.53
C CYS A 613 -31.85 -46.23 -31.87
N PHE A 614 -32.36 -45.07 -31.47
CA PHE A 614 -31.51 -43.99 -31.04
C PHE A 614 -31.58 -43.66 -29.56
N TYR A 615 -30.42 -43.28 -29.04
CA TYR A 615 -30.32 -42.63 -27.74
C TYR A 615 -29.86 -41.21 -28.01
N THR A 616 -30.63 -40.23 -27.53
CA THR A 616 -30.22 -38.83 -27.64
C THR A 616 -29.72 -38.32 -26.28
N TYR A 617 -28.71 -37.45 -26.30
CA TYR A 617 -28.18 -36.85 -25.07
C TYR A 617 -28.15 -35.33 -25.27
N ASP A 618 -28.36 -34.56 -24.21
CA ASP A 618 -28.52 -33.13 -24.37
C ASP A 618 -27.95 -32.42 -23.16
N HIS A 619 -28.00 -31.09 -23.13
CA HIS A 619 -27.46 -30.34 -22.00
C HIS A 619 -27.88 -30.91 -20.69
N SER A 620 -29.13 -31.37 -20.61
CA SER A 620 -29.65 -32.14 -19.48
C SER A 620 -28.65 -33.14 -18.88
N ASN A 621 -27.74 -33.66 -19.70
CA ASN A 621 -26.75 -34.65 -19.28
C ASN A 621 -25.33 -34.08 -19.17
N ASN A 622 -25.23 -32.76 -19.06
CA ASN A 622 -23.96 -32.03 -18.82
C ASN A 622 -23.11 -31.76 -20.07
N ILE A 623 -23.79 -31.70 -21.21
CA ILE A 623 -23.18 -31.44 -22.53
C ILE A 623 -22.98 -29.93 -22.69
N PRO A 624 -21.85 -29.51 -23.29
CA PRO A 624 -21.66 -28.13 -23.69
C PRO A 624 -22.88 -27.58 -24.39
N GLN A 625 -23.32 -26.42 -23.93
CA GLN A 625 -24.55 -25.80 -24.39
C GLN A 625 -24.32 -25.05 -25.72
N GLY A 626 -23.62 -25.67 -26.68
CA GLY A 626 -23.40 -25.04 -27.98
C GLY A 626 -23.81 -25.98 -29.10
N SER A 627 -23.47 -25.66 -30.34
CA SER A 627 -23.49 -26.69 -31.39
C SER A 627 -22.09 -27.28 -31.57
N PHE A 628 -22.01 -28.52 -32.02
CA PHE A 628 -20.71 -29.15 -32.14
C PHE A 628 -20.02 -28.81 -33.44
N ILE A 629 -18.70 -28.94 -33.49
CA ILE A 629 -17.96 -28.58 -34.71
C ILE A 629 -17.72 -29.80 -35.59
N SER A 630 -17.87 -29.62 -36.90
CA SER A 630 -18.00 -30.74 -37.85
C SER A 630 -16.71 -31.48 -38.16
N GLY A 631 -16.80 -32.81 -38.08
CA GLY A 631 -15.65 -33.69 -38.22
C GLY A 631 -14.75 -33.77 -36.99
N CYS A 632 -14.91 -32.89 -36.02
CA CYS A 632 -13.96 -32.81 -34.92
C CYS A 632 -14.24 -33.85 -33.83
N VAL A 633 -13.58 -35.00 -33.96
CA VAL A 633 -13.76 -36.11 -33.03
C VAL A 633 -12.46 -36.93 -32.93
N THR A 634 -12.29 -37.60 -31.79
CA THR A 634 -11.21 -38.59 -31.65
C THR A 634 -11.53 -39.58 -30.54
N LYS A 635 -10.84 -40.70 -30.55
CA LYS A 635 -11.11 -41.72 -29.56
C LYS A 635 -9.88 -41.91 -28.69
N ASP A 636 -10.13 -42.45 -27.50
CA ASP A 636 -9.10 -42.66 -26.51
C ASP A 636 -8.43 -43.99 -26.74
N HIS A 637 -7.22 -44.16 -26.23
CA HIS A 637 -6.70 -45.52 -26.17
C HIS A 637 -7.52 -46.40 -25.22
N ASN A 638 -8.41 -45.77 -24.44
CA ASN A 638 -9.28 -46.49 -23.48
C ASN A 638 -10.72 -46.60 -23.95
N GLY A 639 -11.02 -46.01 -25.10
CA GLY A 639 -12.34 -46.16 -25.68
C GLY A 639 -13.19 -44.94 -25.47
N LEU A 640 -12.72 -44.03 -24.60
CA LEU A 640 -13.36 -42.74 -24.37
C LEU A 640 -13.48 -41.94 -25.67
N ILE A 641 -14.62 -41.26 -25.89
CA ILE A 641 -14.86 -40.51 -27.16
C ILE A 641 -14.86 -38.99 -26.95
N TYR A 642 -14.22 -38.23 -27.83
CA TYR A 642 -14.17 -36.79 -27.67
C TYR A 642 -14.72 -36.06 -28.90
N PHE A 643 -15.76 -35.25 -28.70
CA PHE A 643 -16.26 -34.33 -29.71
C PHE A 643 -15.95 -32.90 -29.36
N GLY A 644 -15.51 -32.12 -30.33
CA GLY A 644 -15.21 -30.71 -30.10
C GLY A 644 -16.40 -29.85 -30.41
N SER A 645 -16.52 -28.72 -29.72
CA SER A 645 -17.63 -27.78 -29.95
C SER A 645 -17.26 -26.32 -29.66
N ILE A 646 -18.20 -25.42 -29.97
CA ILE A 646 -18.06 -24.00 -29.62
C ILE A 646 -18.03 -23.77 -28.10
N ASN A 647 -17.97 -24.86 -27.34
CA ASN A 647 -18.00 -24.76 -25.88
C ASN A 647 -17.05 -25.65 -25.10
N GLY A 648 -16.10 -26.25 -25.79
CA GLY A 648 -15.14 -27.13 -25.15
C GLY A 648 -15.06 -28.50 -25.79
N LEU A 649 -14.14 -29.30 -25.28
CA LEU A 649 -14.01 -30.66 -25.74
C LEU A 649 -14.80 -31.53 -24.79
N CYS A 650 -15.85 -32.12 -25.31
CA CYS A 650 -16.73 -32.92 -24.52
C CYS A 650 -16.35 -34.39 -24.64
N PHE A 651 -16.34 -35.14 -23.54
CA PHE A 651 -15.96 -36.57 -23.58
C PHE A 651 -16.74 -37.50 -22.60
N PHE A 652 -16.86 -38.78 -22.99
CA PHE A 652 -17.77 -39.75 -22.34
C PHE A 652 -17.39 -41.23 -22.63
N ASN A 653 -18.29 -42.17 -22.28
CA ASN A 653 -17.97 -43.61 -22.24
C ASN A 653 -18.76 -44.67 -23.11
N PRO A 654 -19.07 -45.86 -22.50
CA PRO A 654 -20.23 -46.66 -22.87
C PRO A 654 -21.16 -46.66 -21.63
N ASP A 655 -21.65 -45.45 -21.29
CA ASP A 655 -22.75 -45.28 -20.30
C ASP A 655 -24.06 -44.82 -20.98
N ILE A 656 -24.38 -45.56 -22.02
CA ILE A 656 -25.73 -45.93 -22.39
C ILE A 656 -26.26 -46.84 -21.28
N ALA A 657 -25.33 -47.43 -20.51
CA ALA A 657 -25.65 -48.22 -19.32
C ALA A 657 -26.68 -47.48 -18.47
N ILE A 658 -27.05 -46.29 -18.94
CA ILE A 658 -28.05 -45.40 -18.34
C ILE A 658 -29.45 -46.06 -18.20
N ASN A 659 -29.57 -47.26 -18.82
CA ASN A 659 -30.72 -48.15 -18.61
C ASN A 659 -30.73 -48.75 -17.17
N SER A 660 -29.53 -48.97 -16.63
CA SER A 660 -29.33 -49.38 -15.23
C SER A 660 -29.86 -48.37 -14.19
N PRO A 661 -29.72 -47.04 -14.43
CA PRO A 661 -30.60 -46.21 -13.63
C PRO A 661 -32.00 -46.83 -13.66
N GLN A 662 -32.36 -47.37 -12.49
CA GLN A 662 -33.59 -48.07 -12.25
C GLN A 662 -34.77 -47.14 -12.46
N ILE A 663 -35.86 -47.68 -12.96
CA ILE A 663 -37.10 -46.88 -13.04
C ILE A 663 -37.55 -46.42 -11.63
N PRO A 664 -37.58 -45.11 -11.42
CA PRO A 664 -37.83 -44.58 -10.08
C PRO A 664 -39.35 -44.45 -9.80
N PRO A 665 -39.79 -44.81 -8.58
CA PRO A 665 -41.22 -44.78 -8.31
C PRO A 665 -41.76 -43.36 -8.27
N VAL A 666 -43.01 -43.21 -8.70
CA VAL A 666 -43.69 -41.91 -8.61
C VAL A 666 -44.39 -41.83 -7.27
N VAL A 667 -44.29 -40.66 -6.67
CA VAL A 667 -44.91 -40.34 -5.41
C VAL A 667 -45.97 -39.29 -5.73
N ILE A 668 -47.21 -39.43 -5.25
CA ILE A 668 -48.18 -38.38 -5.53
C ILE A 668 -48.11 -37.45 -4.35
N THR A 669 -47.69 -36.21 -4.55
CA THR A 669 -47.37 -35.38 -3.41
C THR A 669 -48.43 -34.39 -3.01
N LYS A 670 -49.30 -33.96 -3.93
CA LYS A 670 -50.39 -33.03 -3.57
C LYS A 670 -51.61 -33.13 -4.47
N VAL A 671 -52.80 -33.08 -3.85
CA VAL A 671 -54.05 -32.76 -4.54
C VAL A 671 -54.59 -31.48 -3.93
N ARG A 672 -55.12 -30.60 -4.77
CA ARG A 672 -55.70 -29.31 -4.37
C ARG A 672 -56.80 -29.00 -5.39
N ILE A 673 -57.91 -28.40 -4.96
CA ILE A 673 -58.89 -27.90 -5.93
C ILE A 673 -58.49 -26.51 -6.43
N PRO A 674 -58.54 -26.28 -7.75
CA PRO A 674 -58.15 -24.98 -8.29
C PRO A 674 -59.21 -23.96 -7.93
N GLY A 675 -58.79 -22.83 -7.37
CA GLY A 675 -59.74 -21.87 -6.81
C GLY A 675 -60.57 -21.10 -7.81
N ARG A 676 -61.86 -20.95 -7.49
CA ARG A 676 -62.75 -20.12 -8.28
C ARG A 676 -62.34 -18.68 -8.12
N LEU A 677 -62.56 -17.86 -9.15
CA LEU A 677 -61.99 -16.53 -9.22
C LEU A 677 -62.59 -15.59 -8.22
N THR A 678 -63.60 -16.07 -7.50
CA THR A 678 -64.52 -15.24 -6.73
C THR A 678 -63.81 -14.10 -5.98
N SER A 679 -62.51 -14.26 -5.70
CA SER A 679 -61.65 -13.13 -5.24
C SER A 679 -62.00 -12.69 -3.79
N ARG A 680 -61.78 -13.62 -2.86
CA ARG A 680 -61.97 -13.39 -1.42
C ARG A 680 -61.11 -14.35 -0.59
N GLU A 681 -60.46 -15.31 -1.24
CA GLU A 681 -59.70 -16.32 -0.53
C GLU A 681 -58.42 -16.79 -1.23
N LYS A 682 -57.30 -16.60 -0.54
CA LYS A 682 -55.99 -17.06 -1.01
C LYS A 682 -55.83 -18.53 -0.57
N ASN A 683 -54.86 -19.25 -1.16
CA ASN A 683 -54.50 -20.64 -0.77
C ASN A 683 -55.63 -21.69 -0.98
N GLU A 684 -55.70 -22.25 -2.17
CA GLU A 684 -56.88 -23.03 -2.53
C GLU A 684 -56.81 -24.47 -2.00
N THR A 685 -57.79 -24.84 -1.15
CA THR A 685 -57.77 -26.03 -0.26
C THR A 685 -57.16 -27.34 -0.76
N ALA A 686 -56.40 -27.99 0.12
CA ALA A 686 -55.74 -29.25 -0.22
C ALA A 686 -56.42 -30.40 0.52
N ILE A 687 -56.74 -31.41 -0.27
CA ILE A 687 -57.43 -32.60 0.20
C ILE A 687 -56.34 -33.58 0.62
N PRO A 688 -56.44 -34.17 1.83
CA PRO A 688 -55.37 -35.08 2.27
C PRO A 688 -55.61 -36.54 1.85
N ILE A 689 -54.60 -37.17 1.24
CA ILE A 689 -54.67 -38.56 0.80
C ILE A 689 -54.44 -39.43 2.01
N SER A 690 -55.38 -40.31 2.35
CA SER A 690 -55.27 -41.12 3.60
C SER A 690 -54.84 -42.57 3.41
N GLU A 691 -55.73 -43.40 2.87
CA GLU A 691 -55.47 -44.82 2.77
C GLU A 691 -55.12 -45.20 1.33
N GLY A 692 -54.36 -44.34 0.65
CA GLY A 692 -54.11 -44.45 -0.78
C GLY A 692 -55.34 -44.10 -1.60
N GLU A 693 -56.26 -43.35 -0.97
CA GLU A 693 -57.50 -42.89 -1.60
C GLU A 693 -57.94 -41.50 -1.13
N ILE A 694 -58.95 -40.96 -1.82
CA ILE A 694 -59.35 -39.56 -1.72
C ILE A 694 -60.88 -39.39 -1.89
N GLU A 695 -61.54 -38.75 -0.93
CA GLU A 695 -62.98 -38.45 -1.07
C GLU A 695 -63.23 -36.98 -1.39
N LEU A 696 -63.79 -36.72 -2.56
CA LEU A 696 -64.04 -35.35 -2.97
C LEU A 696 -65.53 -35.11 -2.98
N THR A 697 -65.93 -33.87 -2.76
CA THR A 697 -67.34 -33.54 -2.87
C THR A 697 -67.71 -33.11 -4.30
N HIS A 698 -68.99 -33.27 -4.62
CA HIS A 698 -69.64 -32.72 -5.81
C HIS A 698 -69.13 -31.34 -6.15
N GLU A 699 -69.05 -30.47 -5.15
CA GLU A 699 -68.51 -29.12 -5.29
C GLU A 699 -67.06 -29.13 -5.79
N GLN A 700 -66.25 -30.02 -5.24
CA GLN A 700 -64.82 -30.07 -5.55
C GLN A 700 -64.52 -31.13 -6.60
N ASN A 701 -65.28 -31.09 -7.69
CA ASN A 701 -65.11 -32.05 -8.79
C ASN A 701 -64.05 -31.66 -9.83
N SER A 702 -63.46 -30.48 -9.68
CA SER A 702 -62.23 -30.14 -10.39
C SER A 702 -61.09 -30.34 -9.40
N PHE A 703 -60.00 -30.98 -9.81
CA PHE A 703 -58.88 -31.21 -8.90
C PHE A 703 -57.60 -31.43 -9.66
N ASN A 704 -56.50 -30.99 -9.06
CA ASN A 704 -55.20 -31.04 -9.68
C ASN A 704 -54.25 -31.84 -8.82
N LEU A 705 -53.83 -33.01 -9.30
CA LEU A 705 -52.82 -33.83 -8.60
C LEU A 705 -51.39 -33.55 -9.14
N THR A 706 -50.44 -33.23 -8.25
CA THR A 706 -49.01 -33.12 -8.62
C THR A 706 -48.23 -34.35 -8.15
N PHE A 707 -47.20 -34.68 -8.92
CA PHE A 707 -46.44 -35.89 -8.65
C PHE A 707 -44.95 -35.65 -8.83
N ASN A 708 -44.15 -36.32 -8.02
CA ASN A 708 -42.72 -36.16 -8.12
C ASN A 708 -41.96 -37.47 -8.05
N VAL A 709 -40.65 -37.34 -8.17
CA VAL A 709 -39.74 -38.45 -8.04
C VAL A 709 -38.83 -37.94 -6.92
N GLN A 710 -38.57 -38.76 -5.90
CA GLN A 710 -37.84 -38.28 -4.72
C GLN A 710 -36.31 -38.16 -4.86
N ASP A 711 -35.74 -38.86 -5.82
CA ASP A 711 -34.34 -38.67 -6.08
C ASP A 711 -34.22 -37.38 -6.91
N TYR A 712 -33.62 -36.34 -6.35
CA TYR A 712 -33.51 -35.10 -7.12
C TYR A 712 -32.60 -35.23 -8.34
N SER A 713 -31.68 -36.20 -8.35
CA SER A 713 -30.83 -36.45 -9.52
C SER A 713 -31.71 -36.66 -10.71
N LEU A 714 -32.70 -37.52 -10.54
CA LEU A 714 -33.59 -37.93 -11.60
C LEU A 714 -34.70 -36.93 -11.97
N ALA A 715 -34.80 -35.83 -11.24
CA ALA A 715 -35.83 -34.83 -11.51
C ALA A 715 -35.64 -34.26 -12.89
N ASN A 716 -34.39 -33.90 -13.14
CA ASN A 716 -33.87 -33.42 -14.42
C ASN A 716 -34.45 -34.18 -15.63
N GLN A 717 -34.73 -35.47 -15.47
CA GLN A 717 -34.83 -36.38 -16.65
C GLN A 717 -35.82 -37.54 -16.53
N VAL A 718 -37.08 -37.18 -16.36
CA VAL A 718 -38.15 -38.12 -16.14
C VAL A 718 -39.33 -37.57 -16.91
N GLU A 719 -39.97 -38.42 -17.72
CA GLU A 719 -41.25 -38.09 -18.32
C GLU A 719 -42.36 -38.82 -17.54
N TYR A 720 -43.53 -38.20 -17.41
CA TYR A 720 -44.65 -38.88 -16.73
C TYR A 720 -45.77 -39.21 -17.69
N ALA A 721 -46.47 -40.31 -17.38
CA ALA A 721 -47.74 -40.70 -18.03
C ALA A 721 -48.82 -41.16 -17.04
N TYR A 722 -50.06 -40.70 -17.27
CA TYR A 722 -51.17 -40.92 -16.36
C TYR A 722 -52.30 -41.66 -17.08
N LEU A 724 -56.64 -42.18 -16.04
CA LEU A 724 -57.66 -42.05 -15.00
C LEU A 724 -58.76 -43.08 -15.19
N LYS A 725 -58.61 -44.23 -14.54
CA LYS A 725 -59.57 -45.32 -14.74
C LYS A 725 -60.93 -44.87 -14.27
N GLY A 726 -61.95 -45.09 -15.09
CA GLY A 726 -63.31 -44.68 -14.74
C GLY A 726 -63.75 -43.45 -15.49
N LEU A 727 -62.83 -42.81 -16.21
CA LEU A 727 -63.16 -41.70 -17.08
C LEU A 727 -62.71 -42.01 -18.49
N GLU A 728 -61.43 -42.35 -18.62
CA GLU A 728 -60.84 -42.78 -19.88
C GLU A 728 -59.81 -43.83 -19.54
N ASN A 729 -60.04 -45.03 -20.06
CA ASN A 729 -59.18 -46.18 -19.82
C ASN A 729 -58.01 -46.24 -20.81
N SER A 730 -57.33 -45.10 -20.96
CA SER A 730 -56.15 -45.00 -21.81
C SER A 730 -55.10 -44.00 -21.30
N TRP A 731 -53.85 -44.29 -21.63
CA TRP A 731 -52.67 -43.57 -21.15
C TRP A 731 -52.40 -42.34 -21.95
N TYR A 732 -52.10 -41.26 -21.24
CA TYR A 732 -51.67 -40.01 -21.86
C TYR A 732 -50.30 -39.62 -21.30
N THR A 733 -49.50 -38.95 -22.14
CA THR A 733 -48.27 -38.36 -21.68
C THR A 733 -48.55 -36.99 -21.14
N ILE A 734 -47.57 -36.42 -20.49
CA ILE A 734 -47.60 -35.01 -20.20
C ILE A 734 -46.18 -34.55 -20.30
N ASN A 735 -45.97 -33.59 -21.21
CA ASN A 735 -44.67 -32.96 -21.40
C ASN A 735 -44.37 -31.88 -20.33
N GLU A 736 -43.07 -31.63 -20.10
CA GLU A 736 -42.53 -30.72 -19.04
C GLU A 736 -43.44 -30.25 -17.84
N GLN A 737 -44.05 -31.19 -17.11
CA GLN A 737 -44.89 -30.82 -15.94
C GLN A 737 -45.21 -32.03 -15.02
N ASN A 738 -45.58 -31.80 -13.76
CA ASN A 738 -45.79 -32.93 -12.84
C ASN A 738 -47.09 -32.88 -12.08
N SER A 739 -48.07 -32.29 -12.75
CA SER A 739 -49.39 -32.08 -12.20
C SER A 739 -50.33 -32.21 -13.36
N VAL A 740 -51.49 -32.77 -13.06
CA VAL A 740 -52.58 -32.86 -14.01
C VAL A 740 -53.79 -32.34 -13.29
N THR A 741 -54.55 -31.50 -13.97
CA THR A 741 -55.79 -30.99 -13.40
C THR A 741 -57.01 -31.46 -14.20
N PHE A 742 -57.87 -32.22 -13.55
CA PHE A 742 -59.10 -32.70 -14.14
C PHE A 742 -60.19 -31.70 -13.79
N ARG A 743 -61.13 -31.43 -14.70
CA ARG A 743 -62.22 -30.49 -14.38
C ARG A 743 -63.63 -30.94 -14.71
N ASN A 744 -64.53 -30.69 -13.76
CA ASN A 744 -65.94 -31.06 -13.84
C ASN A 744 -66.18 -32.53 -14.09
N ILE A 745 -65.62 -33.36 -13.20
CA ILE A 745 -65.72 -34.80 -13.28
C ILE A 745 -66.97 -35.29 -12.56
N PRO A 746 -67.88 -35.97 -13.31
CA PRO A 746 -69.11 -36.59 -12.83
C PRO A 746 -68.94 -37.51 -11.63
N PRO A 747 -69.96 -37.59 -10.76
CA PRO A 747 -69.85 -38.41 -9.57
C PRO A 747 -69.57 -39.86 -9.91
N GLY A 748 -68.66 -40.47 -9.15
CA GLY A 748 -68.37 -41.88 -9.30
C GLY A 748 -67.08 -42.25 -8.60
N LYS A 749 -66.71 -43.53 -8.76
CA LYS A 749 -65.40 -44.02 -8.38
C LYS A 749 -64.50 -44.02 -9.60
N TYR A 750 -63.27 -43.58 -9.39
CA TYR A 750 -62.25 -43.47 -10.42
C TYR A 750 -60.96 -43.98 -9.81
N GLU A 751 -59.94 -44.23 -10.64
CA GLU A 751 -58.59 -44.50 -10.14
C GLU A 751 -57.49 -43.87 -10.99
N PHE A 752 -56.72 -42.97 -10.38
CA PHE A 752 -55.61 -42.33 -11.05
C PHE A 752 -54.38 -43.20 -10.96
N LEU A 753 -53.81 -43.49 -12.13
CA LEU A 753 -52.56 -44.22 -12.25
C LEU A 753 -51.55 -43.31 -12.92
N VAL A 754 -50.33 -43.32 -12.39
CA VAL A 754 -49.23 -42.52 -12.96
C VAL A 754 -47.89 -43.27 -12.83
N LYS A 755 -47.15 -43.30 -13.93
CA LYS A 755 -45.88 -44.02 -14.07
C LYS A 755 -44.82 -43.09 -14.68
N ALA A 756 -43.56 -43.31 -14.31
CA ALA A 756 -42.45 -42.59 -14.93
C ALA A 756 -41.52 -43.50 -15.74
N ARG A 757 -40.45 -42.89 -16.25
CA ARG A 757 -39.44 -43.53 -17.09
C ARG A 757 -38.36 -42.52 -17.38
N LEU A 758 -37.16 -43.00 -17.69
CA LEU A 758 -36.07 -42.09 -17.93
C LEU A 758 -35.82 -41.85 -19.42
N HIS A 759 -34.86 -40.98 -19.72
CA HIS A 759 -34.64 -40.52 -21.07
C HIS A 759 -34.64 -41.53 -22.18
N ASN A 760 -33.98 -42.66 -21.97
CA ASN A 760 -33.78 -43.60 -23.06
C ASN A 760 -34.47 -44.94 -22.87
N GLN A 761 -35.39 -45.00 -21.91
CA GLN A 761 -36.03 -46.26 -21.57
C GLN A 761 -37.52 -46.31 -21.89
N ASP A 762 -38.07 -47.52 -21.92
CA ASP A 762 -39.48 -47.73 -22.10
C ASP A 762 -40.21 -47.47 -20.81
N TRP A 763 -41.53 -47.31 -20.93
CA TRP A 763 -42.40 -47.11 -19.80
C TRP A 763 -42.42 -48.35 -18.96
N SER A 764 -42.41 -48.15 -17.66
CA SER A 764 -42.37 -49.25 -16.71
C SER A 764 -43.70 -49.99 -16.67
N GLU A 765 -43.67 -51.23 -16.20
CA GLU A 765 -44.91 -51.93 -15.86
C GLU A 765 -45.55 -51.33 -14.61
N ASP A 766 -44.69 -50.96 -13.66
CA ASP A 766 -45.08 -50.43 -12.36
C ASP A 766 -45.82 -49.11 -12.46
N THR A 767 -46.82 -48.93 -11.59
CA THR A 767 -47.60 -47.69 -11.49
C THR A 767 -47.75 -47.31 -10.04
N THR A 768 -48.14 -46.07 -9.79
CA THR A 768 -48.56 -45.69 -8.45
C THR A 768 -49.98 -45.12 -8.56
N SER A 769 -50.81 -45.43 -7.56
CA SER A 769 -52.27 -45.27 -7.71
C SER A 769 -52.97 -44.42 -6.67
N LEU A 770 -54.02 -43.76 -7.09
CA LEU A 770 -54.79 -43.00 -6.16
C LEU A 770 -56.25 -43.21 -6.49
N ARG A 771 -56.98 -43.79 -5.55
CA ARG A 771 -58.41 -43.99 -5.72
C ARG A 771 -59.22 -42.75 -5.36
N ILE A 772 -60.20 -42.42 -6.19
CA ILE A 772 -60.89 -41.16 -6.11
C ILE A 772 -62.41 -41.35 -6.17
N HIS A 773 -63.11 -40.99 -5.10
CA HIS A 773 -64.58 -41.05 -5.11
C HIS A 773 -65.23 -39.68 -5.05
N ILE A 774 -66.02 -39.37 -6.08
CA ILE A 774 -66.77 -38.11 -6.11
C ILE A 774 -68.24 -38.36 -5.73
N ASN A 775 -68.70 -37.67 -4.69
CA ASN A 775 -70.08 -37.78 -4.23
C ASN A 775 -71.03 -36.91 -5.05
N PRO A 776 -72.36 -37.06 -4.86
CA PRO A 776 -73.37 -36.14 -5.37
C PRO A 776 -74.20 -35.47 -4.27
N PRO B 4 34.41 -3.17 14.38
CA PRO B 4 35.38 -3.44 15.45
C PRO B 4 35.12 -2.50 16.64
N TYR B 5 36.06 -1.58 16.92
CA TYR B 5 35.87 -0.61 18.00
C TYR B 5 35.26 0.70 17.52
N LEU B 6 34.26 1.19 18.24
CA LEU B 6 33.68 2.51 17.98
C LEU B 6 34.28 3.54 18.95
N ILE B 7 35.04 4.48 18.40
CA ILE B 7 35.85 5.41 19.19
C ILE B 7 35.33 6.83 19.17
N GLN B 8 34.71 7.23 20.28
CA GLN B 8 34.19 8.58 20.45
C GLN B 8 35.30 9.57 20.84
N ARG B 9 35.09 10.84 20.50
CA ARG B 9 36.10 11.87 20.77
C ARG B 9 35.67 12.89 21.84
N LEU B 10 36.64 13.44 22.56
CA LEU B 10 36.42 14.42 23.60
C LEU B 10 37.59 15.39 23.60
N GLY B 11 37.29 16.68 23.77
CA GLY B 11 38.31 17.72 23.65
C GLY B 11 37.91 19.13 24.00
N ILE B 12 38.35 20.07 23.17
CA ILE B 12 38.06 21.51 23.31
C ILE B 12 36.56 21.74 23.37
N GLU B 13 35.82 21.06 22.49
CA GLU B 13 34.37 21.16 22.42
C GLU B 13 33.80 21.04 23.81
N GLN B 14 34.39 20.16 24.62
CA GLN B 14 33.89 19.78 25.97
C GLN B 14 34.64 20.51 27.06
N GLY B 15 35.56 21.37 26.67
CA GLY B 15 36.24 22.22 27.61
C GLY B 15 37.56 21.71 28.15
N LEU B 16 38.13 20.69 27.52
CA LEU B 16 39.45 20.20 27.92
C LEU B 16 40.48 21.30 27.76
N SER B 17 41.41 21.39 28.70
CA SER B 17 42.40 22.46 28.70
C SER B 17 43.43 22.34 27.58
N ASN B 18 43.60 21.15 27.02
CA ASN B 18 44.77 20.88 26.19
C ASN B 18 44.62 19.55 25.49
N ASN B 19 45.05 19.44 24.23
CA ASN B 19 44.83 18.18 23.55
C ASN B 19 46.02 17.24 23.62
N TYR B 20 46.94 17.53 24.54
CA TYR B 20 48.08 16.63 24.78
C TYR B 20 47.97 15.91 26.14
N VAL B 21 47.23 14.80 26.14
CA VAL B 21 46.83 14.09 27.35
C VAL B 21 47.82 12.97 27.67
N LEU B 22 48.43 13.04 28.86
CA LEU B 22 49.57 12.17 29.26
C LEU B 22 49.30 11.06 30.28
N SER B 23 48.25 11.23 31.09
CA SER B 23 47.97 10.31 32.18
C SER B 23 46.49 10.45 32.60
N ILE B 24 45.89 9.33 33.03
CA ILE B 24 44.46 9.30 33.43
C ILE B 24 44.22 8.37 34.62
N THR B 25 43.48 8.87 35.62
CA THR B 25 42.94 8.04 36.74
C THR B 25 41.50 8.39 37.03
N GLN B 26 40.93 7.69 38.01
CA GLN B 26 39.57 7.90 38.47
C GLN B 26 39.62 7.98 39.98
N ASP B 27 39.00 9.01 40.55
CA ASP B 27 38.95 9.12 42.01
C ASP B 27 37.90 8.19 42.63
N LYS B 28 37.95 8.07 43.95
CA LYS B 28 37.07 7.14 44.66
C LYS B 28 35.60 7.55 44.56
N GLN B 29 35.35 8.76 44.07
CA GLN B 29 33.97 9.21 43.88
C GLN B 29 33.52 9.14 42.44
N GLY B 30 34.34 8.53 41.60
CA GLY B 30 33.93 8.21 40.23
C GLY B 30 34.47 9.05 39.09
N PHE B 31 34.91 10.27 39.39
CA PHE B 31 35.30 11.23 38.34
C PHE B 31 36.68 10.97 37.76
N LEU B 32 36.82 11.20 36.45
CA LEU B 32 38.08 10.92 35.79
C LEU B 32 38.98 12.14 35.85
N TRP B 33 40.28 11.90 36.01
CA TRP B 33 41.25 13.00 36.06
C TRP B 33 42.25 12.88 34.95
N PHE B 34 42.75 14.02 34.48
CA PHE B 34 43.49 14.02 33.25
C PHE B 34 44.63 15.00 33.44
N ALA B 35 45.84 14.53 33.21
CA ALA B 35 46.99 15.42 33.15
C ALA B 35 47.37 15.71 31.70
N THR B 36 47.65 16.98 31.41
CA THR B 36 47.96 17.44 30.03
C THR B 36 49.19 18.35 29.98
N GLU B 37 49.58 18.76 28.78
CA GLU B 37 50.72 19.64 28.63
C GLU B 37 50.40 21.06 28.97
N GLU B 38 49.12 21.35 29.28
CA GLU B 38 48.74 22.57 29.98
C GLU B 38 47.43 22.45 30.78
N GLY B 39 47.53 22.09 32.06
CA GLY B 39 46.37 22.04 32.94
C GLY B 39 46.05 20.66 33.47
N LEU B 40 45.46 20.64 34.67
CA LEU B 40 44.88 19.44 35.28
C LEU B 40 43.37 19.50 35.09
N ASN B 41 42.78 18.45 34.53
CA ASN B 41 41.34 18.45 34.28
C ASN B 41 40.58 17.36 35.04
N LYS B 42 39.39 17.69 35.55
CA LYS B 42 38.50 16.68 36.14
C LYS B 42 37.20 16.73 35.36
N PHE B 43 36.79 15.57 34.87
CA PHE B 43 35.64 15.45 34.02
C PHE B 43 34.43 15.07 34.85
N ASP B 44 33.44 15.95 34.85
CA ASP B 44 32.22 15.74 35.63
C ASP B 44 31.21 14.81 34.93
N GLY B 45 31.41 14.54 33.65
CA GLY B 45 30.65 13.49 32.99
C GLY B 45 30.12 13.95 31.66
N THR B 46 30.19 15.28 31.46
CA THR B 46 29.74 16.00 30.26
C THR B 46 30.76 17.06 29.86
N ARG B 47 31.39 17.64 30.86
CA ARG B 47 32.12 18.88 30.72
C ARG B 47 33.37 18.90 31.63
N PHE B 48 34.49 19.42 31.10
CA PHE B 48 35.78 19.42 31.82
C PHE B 48 35.98 20.62 32.74
N ILE B 49 36.51 20.34 33.93
CA ILE B 49 36.89 21.37 34.90
C ILE B 49 38.39 21.44 34.90
N THR B 50 38.93 22.62 34.64
CA THR B 50 40.35 22.75 34.49
C THR B 50 40.99 23.47 35.69
N TYR B 51 42.21 23.05 36.04
CA TYR B 51 42.95 23.60 37.17
C TYR B 51 44.27 24.16 36.66
N TYR B 52 44.49 25.46 36.82
CA TYR B 52 45.76 26.03 36.37
C TYR B 52 46.53 26.58 37.54
N LYS B 53 47.84 26.70 37.36
CA LYS B 53 48.74 27.27 38.37
C LYS B 53 48.38 28.73 38.54
N GLU B 54 48.21 29.16 39.79
CA GLU B 54 48.07 30.61 40.07
C GLU B 54 49.40 31.34 39.89
N GLU B 55 49.36 32.62 39.54
CA GLU B 55 50.60 33.31 39.23
C GLU B 55 51.09 34.13 40.41
N GLN B 56 50.16 34.93 40.92
CA GLN B 56 50.45 35.99 41.89
C GLN B 56 49.64 35.69 43.13
N SER B 57 48.53 35.00 42.88
CA SER B 57 47.67 34.51 43.92
C SER B 57 48.49 33.44 44.64
N SER B 58 49.44 33.92 45.44
CA SER B 58 49.97 33.13 46.54
C SER B 58 48.90 33.17 47.65
N SER B 59 47.66 33.57 47.27
CA SER B 59 46.47 33.62 48.12
C SER B 59 45.63 32.33 48.07
N VAL B 60 45.21 31.91 46.87
CA VAL B 60 44.65 30.58 46.64
C VAL B 60 45.85 29.70 46.39
N GLN B 61 45.72 28.40 46.63
CA GLN B 61 46.77 27.46 46.25
C GLN B 61 46.26 26.46 45.23
N SER B 62 46.97 26.37 44.12
CA SER B 62 46.60 25.45 43.07
C SER B 62 47.79 24.57 42.66
N ILE B 63 47.70 23.92 41.51
CA ILE B 63 48.84 23.16 41.00
C ILE B 63 50.04 24.09 40.77
N THR B 64 51.24 23.54 40.91
CA THR B 64 52.46 24.35 40.91
C THR B 64 53.09 24.57 39.54
N GLY B 65 52.58 23.87 38.53
CA GLY B 65 53.10 23.96 37.16
C GLY B 65 52.11 23.42 36.15
N ASN B 66 51.95 24.14 35.04
CA ASN B 66 50.91 23.77 34.06
C ASN B 66 51.24 22.56 33.20
N GLU B 67 52.52 22.29 32.97
CA GLU B 67 52.90 21.10 32.25
C GLU B 67 53.03 19.92 33.21
N LEU B 68 52.12 18.95 33.07
CA LEU B 68 52.07 17.82 33.97
C LEU B 68 52.57 16.56 33.31
N ASN B 69 53.02 15.60 34.13
CA ASN B 69 53.35 14.27 33.64
C ASN B 69 52.34 13.22 34.01
N GLU B 70 51.87 13.21 35.24
CA GLU B 70 51.09 12.06 35.68
C GLU B 70 50.05 12.35 36.75
N VAL B 71 48.88 11.71 36.64
CA VAL B 71 47.94 11.67 37.74
C VAL B 71 47.84 10.27 38.36
N TYR B 72 47.71 10.20 39.69
CA TYR B 72 47.68 8.92 40.41
C TYR B 72 46.62 8.90 41.52
N THR B 73 45.81 7.85 41.57
CA THR B 73 44.85 7.75 42.66
C THR B 73 45.40 6.93 43.78
N ASP B 74 45.65 7.65 44.87
CA ASP B 74 46.11 7.06 46.11
C ASP B 74 45.08 6.05 46.56
N PRO B 75 45.54 4.82 46.87
CA PRO B 75 44.63 3.75 47.22
C PRO B 75 43.76 4.09 48.44
N VAL B 76 44.36 4.61 49.51
CA VAL B 76 43.62 4.80 50.76
C VAL B 76 43.05 6.20 50.97
N GLN B 77 43.87 7.23 50.76
CA GLN B 77 43.44 8.62 50.95
C GLN B 77 42.58 9.15 49.80
N PRO B 78 41.76 10.15 50.09
CA PRO B 78 40.99 10.70 49.00
C PRO B 78 41.83 11.76 48.27
N VAL B 79 42.94 11.31 47.70
CA VAL B 79 43.91 12.25 47.16
C VAL B 79 44.29 11.82 45.75
N ILE B 80 44.34 12.80 44.85
CA ILE B 80 44.95 12.65 43.52
C ILE B 80 46.33 13.24 43.62
N TRP B 81 47.35 12.39 43.48
CA TRP B 81 48.74 12.83 43.39
C TRP B 81 49.03 13.27 41.97
N ILE B 82 49.68 14.42 41.83
CA ILE B 82 49.90 15.04 40.53
C ILE B 82 51.38 15.22 40.35
N ALA B 83 51.95 14.66 39.29
CA ALA B 83 53.37 14.90 39.00
C ALA B 83 53.55 15.99 37.95
N THR B 84 53.99 17.19 38.38
CA THR B 84 54.25 18.26 37.40
C THR B 84 55.61 18.01 36.83
N GLN B 85 55.84 18.46 35.60
CA GLN B 85 57.10 18.13 34.98
C GLN B 85 58.24 19.11 35.26
N ARG B 86 57.92 20.27 35.85
CA ARG B 86 58.99 21.20 36.31
C ARG B 86 58.79 21.93 37.61
N ALA B 87 57.75 21.59 38.34
CA ALA B 87 57.45 22.34 39.54
C ALA B 87 57.22 21.45 40.76
N GLY B 88 57.37 20.13 40.62
CA GLY B 88 57.34 19.22 41.76
C GLY B 88 56.13 18.35 41.87
N LEU B 89 55.90 17.82 43.08
CA LEU B 89 54.78 16.90 43.38
C LEU B 89 53.62 17.66 43.99
N ASN B 90 52.43 17.43 43.44
CA ASN B 90 51.21 18.02 43.94
C ASN B 90 50.24 16.98 44.47
N ALA B 91 49.40 17.40 45.41
CA ALA B 91 48.41 16.48 45.97
C ALA B 91 47.09 17.18 46.20
N TYR B 92 46.09 16.67 45.48
CA TYR B 92 44.76 17.21 45.57
C TYR B 92 43.86 16.28 46.37
N ASN B 93 43.48 16.72 47.57
CA ASN B 93 42.47 16.04 48.35
C ASN B 93 41.10 16.51 47.87
N TYR B 94 40.41 15.65 47.11
CA TYR B 94 39.09 15.97 46.55
C TYR B 94 37.97 16.04 47.59
N GLU B 95 38.21 15.48 48.78
CA GLU B 95 37.31 15.65 49.94
C GLU B 95 37.40 17.06 50.52
N THR B 96 38.63 17.50 50.86
CA THR B 96 38.86 18.87 51.36
C THR B 96 38.98 19.93 50.26
N GLN B 97 38.93 19.50 49.01
CA GLN B 97 38.99 20.37 47.85
C GLN B 97 40.11 21.41 47.94
N SER B 98 41.31 20.92 48.25
CA SER B 98 42.47 21.79 48.46
C SER B 98 43.80 21.11 48.07
N PHE B 99 44.77 21.94 47.66
CA PHE B 99 46.03 21.48 47.05
C PHE B 99 47.24 21.51 48.03
N SER B 100 47.92 20.37 48.20
CA SER B 100 49.20 20.37 48.95
C SER B 100 50.44 20.24 48.06
N VAL B 101 51.58 20.73 48.57
CA VAL B 101 52.77 20.88 47.72
C VAL B 101 54.03 20.22 48.30
N TYR B 102 54.85 19.68 47.41
CA TYR B 102 56.08 18.99 47.76
C TYR B 102 57.15 19.38 46.74
N GLN B 103 57.93 20.41 47.06
CA GLN B 103 58.94 20.95 46.15
C GLN B 103 60.34 20.78 46.68
N TYR B 104 61.34 21.10 45.86
CA TYR B 104 62.76 21.13 46.24
C TYR B 104 63.07 22.15 47.34
N ASN B 105 63.92 21.77 48.29
CA ASN B 105 64.37 22.71 49.28
C ASN B 105 65.85 22.50 49.62
N PRO B 106 66.71 23.45 49.19
CA PRO B 106 68.15 23.40 49.49
C PRO B 106 68.39 23.23 50.98
N GLU B 107 67.32 23.35 51.76
CA GLU B 107 67.39 23.39 53.20
C GLU B 107 66.93 22.12 53.93
N ASP B 108 66.73 21.01 53.22
CA ASP B 108 66.28 19.79 53.91
C ASP B 108 67.33 18.75 54.38
N PRO B 109 68.08 18.11 53.46
CA PRO B 109 67.88 18.00 52.03
C PRO B 109 66.95 16.82 51.83
N GLN B 110 66.13 16.55 52.84
CA GLN B 110 65.15 15.46 52.83
C GLN B 110 63.74 15.90 52.36
N SER B 111 63.70 16.93 51.51
CA SER B 111 62.54 17.24 50.69
C SER B 111 62.88 16.73 49.29
N LEU B 112 61.97 16.88 48.35
CA LEU B 112 62.19 16.49 46.95
C LEU B 112 63.51 17.02 46.40
N ILE B 113 64.37 16.18 45.78
CA ILE B 113 65.70 16.69 45.34
C ILE B 113 65.76 17.50 44.05
N THR B 114 64.88 17.21 43.11
CA THR B 114 64.65 18.07 41.95
C THR B 114 63.16 17.97 41.67
N ASN B 115 62.50 19.08 41.39
CA ASN B 115 61.07 19.00 41.25
C ASN B 115 60.54 18.80 39.82
N ASP B 116 61.10 17.82 39.10
CA ASP B 116 60.56 17.30 37.83
C ASP B 116 60.31 15.81 37.96
N VAL B 117 59.11 15.53 38.46
CA VAL B 117 58.60 14.21 38.76
C VAL B 117 58.07 13.53 37.50
N THR B 118 58.56 12.33 37.22
CA THR B 118 58.12 11.60 36.03
C THR B 118 57.17 10.41 36.30
N HIS B 119 57.07 9.97 37.54
CA HIS B 119 56.21 8.83 37.82
C HIS B 119 55.87 8.68 39.28
N ILE B 120 54.71 8.08 39.56
CA ILE B 120 54.23 7.92 40.94
C ILE B 120 53.53 6.57 41.06
N THR B 121 53.93 5.79 42.06
CA THR B 121 53.27 4.53 42.36
C THR B 121 53.32 4.30 43.84
N SER B 122 52.23 3.74 44.38
CA SER B 122 52.12 3.42 45.80
C SER B 122 53.11 2.33 46.19
N SER B 123 53.52 2.40 47.45
CA SER B 123 54.31 1.37 48.07
C SER B 123 53.59 0.01 48.09
N VAL B 124 54.39 -1.06 48.16
CA VAL B 124 53.91 -2.44 48.38
C VAL B 124 52.74 -2.62 49.38
N GLN B 125 52.87 -2.18 50.63
CA GLN B 125 51.65 -2.06 51.46
C GLN B 125 51.12 -0.65 51.24
N ALA B 126 50.17 -0.54 50.30
CA ALA B 126 49.57 0.74 49.87
C ALA B 126 49.17 1.66 51.04
N GLY B 127 49.30 2.97 50.82
CA GLY B 127 48.97 3.98 51.84
C GLY B 127 50.05 4.28 52.85
N LYS B 128 50.99 3.34 53.04
CA LYS B 128 52.17 3.55 53.88
C LYS B 128 53.14 4.54 53.20
N GLY B 129 53.44 4.29 51.92
CA GLY B 129 54.23 5.22 51.11
C GLY B 129 53.86 5.35 49.63
N LEU B 130 54.70 6.08 48.89
CA LEU B 130 54.77 6.02 47.40
C LEU B 130 56.17 6.36 46.84
N TRP B 131 56.48 5.76 45.70
CA TRP B 131 57.73 5.99 45.00
C TRP B 131 57.53 7.07 44.00
N VAL B 132 58.50 7.97 43.91
CA VAL B 132 58.42 9.08 42.97
C VAL B 132 59.68 9.07 42.09
N CYS B 133 59.48 9.10 40.78
CA CYS B 133 60.60 9.10 39.85
C CYS B 133 60.91 10.46 39.29
N THR B 134 62.20 10.68 39.02
CA THR B 134 62.64 11.97 38.53
C THR B 134 63.52 11.86 37.30
N TYR B 135 63.54 12.94 36.52
CA TYR B 135 64.26 12.95 35.28
C TYR B 135 65.75 13.11 35.50
N TYR B 136 66.10 13.74 36.61
CA TYR B 136 67.46 14.17 36.80
C TYR B 136 68.18 13.52 37.95
N ARG B 137 67.46 13.27 39.04
CA ARG B 137 68.10 12.89 40.30
C ARG B 137 67.51 11.64 40.93
N GLY B 138 67.22 10.64 40.11
CA GLY B 138 66.91 9.29 40.59
C GLY B 138 65.52 9.11 41.17
N ILE B 139 65.41 8.27 42.20
CA ILE B 139 64.12 7.91 42.77
C ILE B 139 63.92 8.45 44.19
N GLU B 140 62.70 8.89 44.48
CA GLU B 140 62.33 9.39 45.80
C GLU B 140 61.30 8.47 46.46
N TYR B 141 61.32 8.38 47.77
CA TYR B 141 60.24 7.71 48.48
C TYR B 141 59.60 8.65 49.49
N LEU B 142 58.30 8.87 49.33
CA LEU B 142 57.56 9.67 50.30
C LEU B 142 56.91 8.78 51.37
N ASP B 143 57.42 8.86 52.59
CA ASP B 143 56.69 8.31 53.72
C ASP B 143 55.57 9.29 54.04
N ILE B 144 54.34 8.93 53.68
CA ILE B 144 53.21 9.84 53.86
C ILE B 144 52.95 10.09 55.34
N ALA B 145 53.34 9.14 56.20
CA ALA B 145 53.24 9.31 57.65
C ALA B 145 53.97 10.59 58.07
N THR B 146 55.29 10.63 57.92
CA THR B 146 56.11 11.78 58.31
C THR B 146 56.05 12.94 57.32
N GLY B 147 55.79 12.62 56.06
CA GLY B 147 55.76 13.60 54.98
C GLY B 147 57.15 13.95 54.47
N LYS B 148 58.07 13.00 54.57
CA LYS B 148 59.46 13.28 54.26
C LYS B 148 60.07 12.23 53.33
N PHE B 149 60.85 12.72 52.37
CA PHE B 149 61.37 11.91 51.27
C PHE B 149 62.68 11.18 51.59
N THR B 150 62.79 9.92 51.18
CA THR B 150 64.08 9.23 51.21
C THR B 150 64.63 9.15 49.79
N HIS B 151 65.95 9.26 49.64
CA HIS B 151 66.53 9.31 48.30
C HIS B 151 67.31 8.12 47.89
N TYR B 152 66.93 7.56 46.75
CA TYR B 152 67.72 6.54 46.09
C TYR B 152 68.24 7.14 44.78
N ASN B 153 69.50 7.58 44.80
CA ASN B 153 70.21 8.11 43.62
C ASN B 153 71.65 7.61 43.71
N LYS B 154 72.51 7.97 42.78
CA LYS B 154 73.82 7.32 42.74
C LYS B 154 74.92 7.84 43.67
N SER B 155 74.50 8.60 44.68
CA SER B 155 75.35 8.94 45.82
C SER B 155 75.02 7.99 46.95
N THR B 156 73.72 7.65 47.05
CA THR B 156 73.19 6.81 48.11
C THR B 156 73.12 5.34 47.70
N VAL B 157 73.34 5.10 46.41
CA VAL B 157 73.32 3.77 45.82
C VAL B 157 74.38 3.81 44.73
N PRO B 158 75.66 3.61 45.09
CA PRO B 158 76.71 3.73 44.08
C PRO B 158 76.58 2.72 42.93
N ALA B 159 75.90 1.59 43.18
CA ALA B 159 75.74 0.50 42.20
C ALA B 159 74.87 0.83 40.96
N LEU B 160 74.13 1.93 41.03
CA LEU B 160 73.25 2.42 39.94
C LEU B 160 74.04 3.01 38.76
N PRO B 161 73.57 2.74 37.52
CA PRO B 161 74.30 3.13 36.30
C PRO B 161 73.89 4.49 35.73
N SER B 162 72.65 4.91 36.01
CA SER B 162 72.16 6.23 35.64
C SER B 162 71.22 6.70 36.73
N GLU B 163 71.01 8.01 36.86
CA GLU B 163 69.96 8.51 37.76
C GLU B 163 68.83 9.27 37.05
N GLN B 164 68.69 9.04 35.74
CA GLN B 164 67.60 9.60 34.97
C GLN B 164 66.55 8.49 34.83
N THR B 165 65.30 8.79 35.18
CA THR B 165 64.26 7.73 35.30
C THR B 165 62.89 8.14 34.75
N TRP B 166 62.18 7.16 34.20
CA TRP B 166 60.84 7.35 33.66
C TRP B 166 59.81 6.78 34.60
N THR B 167 59.84 5.45 34.78
CA THR B 167 58.94 4.76 35.73
C THR B 167 59.77 3.94 36.69
N ALA B 168 59.06 3.34 37.64
CA ALA B 168 59.64 2.42 38.61
C ALA B 168 58.52 1.88 39.46
N THR B 169 58.61 0.58 39.76
CA THR B 169 57.60 -0.15 40.51
C THR B 169 58.24 -1.37 41.16
N GLU B 170 57.82 -1.70 42.39
CA GLU B 170 58.27 -2.94 43.05
C GLU B 170 57.57 -4.11 42.41
N ALA B 171 58.08 -4.61 41.29
CA ALA B 171 57.47 -5.78 40.63
C ALA B 171 57.77 -7.06 41.41
N GLU B 172 58.90 -7.04 42.10
CA GLU B 172 59.17 -8.06 43.07
C GLU B 172 59.00 -7.45 44.44
N ASP B 173 58.56 -8.28 45.38
CA ASP B 173 58.60 -7.90 46.77
C ASP B 173 60.05 -7.63 47.08
N GLY B 174 60.34 -6.39 47.47
CA GLY B 174 61.68 -5.99 47.92
C GLY B 174 62.64 -5.63 46.81
N LYS B 175 62.11 -5.57 45.60
CA LYS B 175 62.90 -5.22 44.45
C LYS B 175 62.19 -4.10 43.72
N LEU B 176 62.92 -3.02 43.45
CA LEU B 176 62.34 -1.91 42.72
C LEU B 176 62.84 -1.92 41.29
N TYR B 177 61.92 -2.06 40.35
CA TYR B 177 62.24 -2.05 38.93
C TYR B 177 62.24 -0.60 38.41
N ILE B 178 63.30 -0.21 37.73
CA ILE B 178 63.49 1.16 37.30
C ILE B 178 63.77 1.19 35.81
N GLY B 179 63.10 2.11 35.11
CA GLY B 179 63.33 2.32 33.69
C GLY B 179 64.06 3.63 33.50
N HIS B 180 65.24 3.56 32.87
CA HIS B 180 66.08 4.76 32.69
C HIS B 180 65.87 5.48 31.39
N VAL B 181 66.12 6.80 31.41
CA VAL B 181 66.13 7.62 30.19
C VAL B 181 67.37 7.30 29.35
N GLU B 182 67.14 6.62 28.24
CA GLU B 182 68.19 5.96 27.45
C GLU B 182 69.30 5.33 28.27
N GLY B 183 68.91 4.66 29.35
CA GLY B 183 69.87 4.03 30.25
C GLY B 183 69.58 2.56 30.48
N GLY B 184 68.42 2.09 30.00
CA GLY B 184 68.03 0.68 30.16
C GLY B 184 67.40 0.42 31.52
N LEU B 185 67.09 -0.84 31.84
CA LEU B 185 66.42 -1.11 33.12
C LEU B 185 67.35 -1.72 34.15
N SER B 186 67.09 -1.33 35.40
CA SER B 186 67.83 -1.78 36.56
C SER B 186 66.82 -2.32 37.56
N ILE B 187 67.20 -3.38 38.27
CA ILE B 187 66.39 -3.88 39.37
C ILE B 187 67.16 -3.66 40.64
N LEU B 188 66.59 -2.89 41.55
CA LEU B 188 67.26 -2.50 42.76
C LEU B 188 66.68 -3.25 43.94
N SER B 189 67.51 -4.12 44.52
CA SER B 189 67.09 -4.89 45.67
C SER B 189 67.34 -4.02 46.87
N LEU B 190 66.27 -3.76 47.61
CA LEU B 190 66.29 -2.75 48.66
C LEU B 190 67.09 -3.23 49.86
N ASN B 191 66.86 -4.48 50.26
CA ASN B 191 67.60 -5.16 51.32
C ASN B 191 69.11 -5.23 51.10
N ASP B 192 69.58 -4.73 49.96
CA ASP B 192 70.94 -4.99 49.49
C ASP B 192 71.58 -3.71 48.93
N LYS B 193 70.77 -2.96 48.17
CA LYS B 193 71.19 -1.75 47.44
C LYS B 193 72.24 -2.03 46.36
N SER B 194 72.09 -3.21 45.73
CA SER B 194 72.83 -3.60 44.53
C SER B 194 71.92 -3.48 43.30
N VAL B 195 72.52 -3.46 42.11
CA VAL B 195 71.77 -3.22 40.88
C VAL B 195 72.01 -4.35 39.89
N LYS B 196 70.94 -4.95 39.40
CA LYS B 196 71.00 -5.78 38.20
C LYS B 196 70.58 -4.89 37.05
N HIS B 197 71.45 -4.70 36.07
CA HIS B 197 71.21 -3.72 34.99
C HIS B 197 71.24 -4.39 33.63
N PHE B 198 70.33 -3.98 32.74
CA PHE B 198 70.24 -4.57 31.41
C PHE B 198 70.35 -3.53 30.30
N VAL B 199 71.20 -3.81 29.31
CA VAL B 199 71.33 -2.98 28.09
C VAL B 199 71.07 -3.84 26.83
N HIS B 200 71.80 -3.63 25.75
CA HIS B 200 71.37 -4.19 24.46
C HIS B 200 72.51 -4.54 23.53
N PRO B 209 66.39 -5.91 24.48
CA PRO B 209 65.32 -4.87 24.42
C PRO B 209 65.68 -3.66 23.49
N GLY B 210 64.94 -2.55 23.58
CA GLY B 210 65.48 -1.22 23.19
C GLY B 210 65.92 -0.49 24.47
N ASN B 211 66.78 0.53 24.40
CA ASN B 211 67.36 1.07 25.65
C ASN B 211 66.62 2.14 26.45
N ASP B 212 65.78 2.94 25.81
CA ASP B 212 65.02 3.96 26.54
C ASP B 212 63.81 3.27 27.10
N VAL B 213 63.84 2.93 28.38
CA VAL B 213 62.76 2.13 28.95
C VAL B 213 61.72 3.07 29.53
N ARG B 214 60.53 3.04 28.96
CA ARG B 214 59.53 4.06 29.25
C ARG B 214 58.46 3.62 30.24
N CYS B 215 58.20 2.32 30.29
CA CYS B 215 57.16 1.77 31.16
C CYS B 215 57.46 0.35 31.67
N ILE B 216 57.07 0.06 32.90
CA ILE B 216 57.22 -1.28 33.48
C ILE B 216 55.93 -1.75 34.15
N TYR B 217 55.36 -2.82 33.62
CA TYR B 217 53.99 -3.14 33.95
C TYR B 217 53.77 -4.63 34.33
N LYS B 218 53.28 -4.82 35.55
CA LYS B 218 52.93 -6.15 36.10
C LYS B 218 51.49 -6.56 35.81
N ASP B 219 51.37 -7.49 34.88
CA ASP B 219 50.16 -8.25 34.58
C ASP B 219 49.53 -8.87 35.84
N THR B 220 48.20 -8.88 35.93
CA THR B 220 47.51 -9.52 37.07
C THR B 220 47.78 -11.03 37.11
N ASN B 221 48.55 -11.52 36.14
CA ASN B 221 49.10 -12.86 36.21
C ASN B 221 50.54 -12.89 36.66
N GLY B 222 51.15 -11.72 36.74
CA GLY B 222 52.50 -11.58 37.25
C GLY B 222 53.52 -11.54 36.13
N ASN B 223 53.03 -11.27 34.93
CA ASN B 223 53.90 -11.12 33.79
C ASN B 223 54.48 -9.73 33.83
N ILE B 224 55.80 -9.61 33.64
CA ILE B 224 56.45 -8.29 33.65
C ILE B 224 56.64 -7.81 32.23
N TRP B 225 55.71 -6.95 31.82
CA TRP B 225 55.79 -6.30 30.53
C TRP B 225 56.65 -5.05 30.59
N ILE B 226 57.46 -4.83 29.55
CA ILE B 226 58.41 -3.70 29.50
C ILE B 226 58.24 -2.91 28.21
N GLY B 227 58.05 -1.60 28.35
CA GLY B 227 57.86 -0.71 27.22
C GLY B 227 59.07 0.16 26.99
N THR B 228 59.63 0.08 25.79
CA THR B 228 60.82 0.85 25.46
C THR B 228 60.69 1.61 24.16
N SER B 229 61.83 2.13 23.71
CA SER B 229 61.95 2.82 22.43
C SER B 229 62.00 1.88 21.24
N LYS B 230 62.35 0.61 21.45
CA LYS B 230 62.36 -0.37 20.36
C LYS B 230 61.25 -1.44 20.43
N GLY B 231 60.31 -1.25 21.33
CA GLY B 231 59.15 -2.11 21.33
C GLY B 231 58.82 -2.57 22.71
N LEU B 232 57.87 -3.51 22.81
CA LEU B 232 57.61 -4.17 24.08
C LEU B 232 58.24 -5.56 24.11
N ALA B 233 58.63 -5.95 25.32
CA ALA B 233 59.23 -7.24 25.56
C ALA B 233 58.60 -7.81 26.81
N LEU B 234 58.61 -9.14 26.91
CA LEU B 234 58.24 -9.82 28.16
C LEU B 234 59.49 -10.28 28.89
N PHE B 235 59.48 -10.10 30.21
CA PHE B 235 60.64 -10.39 31.03
C PHE B 235 60.29 -11.18 32.29
N ASN B 236 61.01 -12.27 32.56
CA ASN B 236 60.98 -12.84 33.92
C ASN B 236 62.31 -12.68 34.63
N ALA B 237 62.28 -12.35 35.92
CA ALA B 237 63.48 -12.37 36.76
C ALA B 237 63.89 -13.83 37.02
N ASN B 238 62.98 -14.73 36.63
CA ASN B 238 63.16 -16.16 36.71
C ASN B 238 64.35 -16.60 35.85
N THR B 239 64.44 -16.07 34.64
CA THR B 239 65.58 -16.37 33.76
C THR B 239 66.31 -15.13 33.28
N GLU B 240 65.81 -13.96 33.69
CA GLU B 240 66.35 -12.66 33.28
C GLU B 240 66.61 -12.54 31.79
N THR B 241 65.68 -13.10 31.02
CA THR B 241 65.62 -12.97 29.57
C THR B 241 64.46 -12.07 29.22
N PHE B 242 64.56 -11.41 28.07
CA PHE B 242 63.43 -10.73 27.43
C PHE B 242 63.05 -11.56 26.22
N THR B 243 61.90 -11.26 25.63
CA THR B 243 61.42 -11.91 24.41
C THR B 243 60.67 -10.83 23.65
N ASN B 244 60.81 -10.75 22.33
CA ASN B 244 60.32 -9.55 21.61
C ASN B 244 59.10 -9.75 20.65
N LEU B 256 55.80 -2.58 14.85
CA LEU B 256 56.16 -3.63 15.83
C LEU B 256 57.25 -3.13 16.80
N SER B 257 58.27 -2.45 16.26
CA SER B 257 59.45 -2.04 17.04
C SER B 257 59.49 -0.54 17.31
N SER B 258 58.34 0.12 17.32
CA SER B 258 58.29 1.56 17.59
C SER B 258 58.28 1.84 19.11
N TYR B 259 58.19 3.12 19.49
CA TYR B 259 58.09 3.54 20.90
C TYR B 259 56.83 2.99 21.59
N ILE B 260 56.92 2.64 22.87
CA ILE B 260 55.76 2.27 23.67
C ILE B 260 55.68 3.21 24.85
N PHE B 261 54.51 3.80 25.08
CA PHE B 261 54.37 4.78 26.16
C PHE B 261 53.71 4.20 27.40
N SER B 262 52.65 3.37 27.26
CA SER B 262 52.07 2.70 28.43
C SER B 262 51.43 1.35 28.09
N ILE B 263 51.51 0.43 29.04
CA ILE B 263 50.94 -0.90 28.86
C ILE B 263 49.93 -1.11 29.98
N LYS B 264 48.74 -1.62 29.64
CA LYS B 264 47.76 -2.10 30.62
C LYS B 264 46.97 -3.29 30.12
N GLN B 265 46.67 -4.22 31.02
CA GLN B 265 45.93 -5.41 30.63
C GLN B 265 44.48 -5.25 31.06
N LEU B 266 43.52 -5.42 30.15
CA LEU B 266 42.17 -4.97 30.50
C LEU B 266 41.22 -6.06 30.98
N LYS B 267 39.95 -5.68 31.10
CA LYS B 267 38.98 -6.61 31.64
C LYS B 267 38.74 -7.78 30.68
N ASP B 268 38.88 -7.54 29.37
CA ASP B 268 38.85 -8.65 28.39
C ASP B 268 39.97 -9.68 28.65
N ASN B 269 40.99 -9.28 29.42
CA ASN B 269 42.27 -9.99 29.47
C ASN B 269 43.10 -9.78 28.21
N LYS B 270 43.01 -8.56 27.67
CA LYS B 270 43.70 -8.17 26.48
C LYS B 270 44.72 -7.18 26.94
N LEU B 271 45.91 -7.26 26.37
CA LEU B 271 46.99 -6.29 26.62
C LEU B 271 46.86 -5.09 25.66
N TRP B 272 46.53 -3.91 26.18
CA TRP B 272 46.45 -2.69 25.33
C TRP B 272 47.68 -1.84 25.46
N ILE B 273 48.35 -1.60 24.33
CA ILE B 273 49.68 -1.00 24.39
C ILE B 273 49.70 0.31 23.65
N ALA B 274 50.07 1.39 24.33
CA ALA B 274 50.10 2.71 23.69
C ALA B 274 51.39 3.01 22.90
N THR B 275 51.32 3.06 21.58
CA THR B 275 52.53 3.29 20.77
C THR B 275 52.66 4.75 20.26
N GLU B 276 53.86 5.13 19.83
CA GLU B 276 54.10 6.50 19.33
C GLU B 276 53.65 6.72 17.87
N LEU B 277 53.74 5.69 17.04
CA LEU B 277 53.42 5.87 15.62
C LEU B 277 52.24 5.06 15.13
N ASN B 278 51.77 4.11 15.95
CA ASN B 278 50.76 3.14 15.52
C ASN B 278 49.50 3.14 16.40
N GLY B 279 49.33 4.23 17.13
CA GLY B 279 48.24 4.36 18.09
C GLY B 279 48.34 3.24 19.12
N ILE B 280 47.33 2.39 19.14
CA ILE B 280 47.22 1.34 20.14
C ILE B 280 47.43 -0.01 19.48
N ILE B 282 47.10 -4.15 20.33
CA ILE B 282 46.40 -4.99 21.26
C ILE B 282 46.91 -6.39 21.11
N LEU B 283 47.35 -6.96 22.22
CA LEU B 283 47.70 -8.36 22.25
C LEU B 283 46.59 -9.10 23.00
N ASP B 284 45.70 -9.74 22.24
CA ASP B 284 44.65 -10.56 22.82
C ASP B 284 45.32 -11.86 23.22
N LEU B 285 45.53 -12.02 24.52
CA LEU B 285 46.34 -13.10 25.05
C LEU B 285 45.72 -14.47 24.82
N GLN B 286 44.56 -14.49 24.16
CA GLN B 286 44.05 -15.71 23.55
C GLN B 286 44.57 -15.95 22.09
N GLN B 287 45.74 -15.36 21.83
CA GLN B 287 46.75 -15.82 20.87
C GLN B 287 47.65 -16.74 21.77
N ASN B 288 47.25 -17.99 22.02
CA ASN B 288 47.96 -18.86 22.97
C ASN B 288 48.60 -20.10 22.31
N PHE B 298 48.69 -10.26 16.63
CA PHE B 298 48.63 -8.83 17.00
C PHE B 298 47.47 -8.08 16.35
N GLU B 299 47.28 -6.82 16.73
CA GLU B 299 46.10 -6.06 16.31
C GLU B 299 46.21 -4.57 16.64
N PHE B 300 45.72 -3.74 15.72
CA PHE B 300 45.97 -2.29 15.77
C PHE B 300 44.71 -1.42 15.69
N ILE B 301 44.77 -0.29 16.38
CA ILE B 301 43.83 0.80 16.21
C ILE B 301 44.67 2.05 15.94
N ARG B 302 44.79 2.42 14.67
CA ARG B 302 45.64 3.52 14.20
C ARG B 302 44.86 4.82 14.09
N GLU B 303 45.54 5.86 13.63
CA GLU B 303 44.91 7.15 13.43
C GLU B 303 44.15 7.14 12.12
N GLY B 304 43.13 7.98 12.05
CA GLY B 304 42.28 8.11 10.88
C GLY B 304 41.16 9.01 11.34
N ASP B 305 40.21 9.26 10.45
CA ASP B 305 39.09 10.14 10.81
C ASP B 305 37.79 9.44 10.49
N ASN B 306 37.39 8.62 11.46
CA ASN B 306 36.11 7.94 11.47
C ASN B 306 35.76 7.49 12.88
N ASN B 307 34.59 6.89 13.03
CA ASN B 307 34.18 6.19 14.23
C ASN B 307 35.16 5.11 14.69
N TYR B 308 35.85 4.47 13.76
CA TYR B 308 36.67 3.31 14.09
C TYR B 308 38.19 3.53 14.12
N SER B 309 38.59 4.75 14.46
CA SER B 309 39.98 5.13 14.38
C SER B 309 40.33 6.16 15.45
N LEU B 310 41.60 6.20 15.83
CA LEU B 310 42.11 7.19 16.79
C LEU B 310 42.23 8.57 16.18
N SER B 311 42.17 9.60 17.02
CA SER B 311 42.29 10.97 16.53
C SER B 311 43.74 11.42 16.32
N ASN B 312 44.70 10.62 16.75
CA ASN B 312 46.12 10.90 16.55
C ASN B 312 46.92 9.59 16.60
N ALA B 313 47.91 9.44 15.72
CA ALA B 313 48.69 8.18 15.70
C ALA B 313 49.60 8.04 16.90
N SER B 314 49.64 9.08 17.75
CA SER B 314 50.44 8.99 18.96
C SER B 314 49.58 8.84 20.22
N ALA B 315 49.38 7.60 20.63
CA ALA B 315 48.71 7.31 21.91
C ALA B 315 49.67 7.38 23.06
N ARG B 316 49.22 7.99 24.14
CA ARG B 316 50.05 8.20 25.32
C ARG B 316 49.69 7.31 26.53
N TYR B 317 48.40 7.22 26.83
CA TYR B 317 47.99 6.48 27.99
C TYR B 317 46.70 5.71 27.69
N ILE B 318 46.53 4.59 28.36
CA ILE B 318 45.28 3.87 28.28
C ILE B 318 44.76 3.67 29.70
N PHE B 319 43.48 3.96 29.90
CA PHE B 319 42.84 3.76 31.18
C PHE B 319 41.45 3.13 31.10
N GLN B 320 41.13 2.22 32.01
CA GLN B 320 39.79 1.67 32.06
C GLN B 320 39.02 2.15 33.30
N ASP B 321 37.77 2.56 33.06
CA ASP B 321 36.79 3.03 34.05
C ASP B 321 36.45 2.05 35.15
N SER B 322 35.84 2.56 36.20
CA SER B 322 35.14 1.69 37.13
C SER B 322 33.93 1.06 36.43
N PHE B 323 33.72 1.45 35.17
CA PHE B 323 32.58 1.01 34.36
C PHE B 323 33.05 0.16 33.19
N ASN B 324 34.37 0.03 33.08
CA ASN B 324 35.02 -0.72 32.03
C ASN B 324 35.09 -0.02 30.69
N ASN B 325 34.87 1.28 30.69
CA ASN B 325 35.07 2.09 29.52
C ASN B 325 36.54 2.25 29.33
N ILE B 326 36.98 2.51 28.12
CA ILE B 326 38.38 2.65 27.88
C ILE B 326 38.67 4.08 27.46
N TRP B 327 39.63 4.71 28.11
CA TRP B 327 39.95 6.09 27.85
C TRP B 327 41.34 6.15 27.32
N ILE B 328 41.59 6.97 26.32
CA ILE B 328 42.91 6.97 25.69
C ILE B 328 43.49 8.38 25.62
N GLY B 329 44.73 8.56 26.01
CA GLY B 329 45.31 9.89 25.96
C GLY B 329 46.06 9.96 24.66
N THR B 330 45.85 11.03 23.91
CA THR B 330 46.49 11.19 22.63
C THR B 330 47.41 12.36 22.72
N TRP B 331 48.57 12.24 22.10
CA TRP B 331 49.50 13.36 22.06
C TRP B 331 49.11 14.33 20.98
N GLY B 332 48.10 15.15 21.25
CA GLY B 332 47.64 16.15 20.29
C GLY B 332 46.19 15.99 19.90
N GLY B 333 45.73 14.75 19.88
CA GLY B 333 44.36 14.43 19.51
C GLY B 333 43.41 14.38 20.68
N GLY B 334 43.79 14.96 21.81
CA GLY B 334 42.89 15.02 22.96
C GLY B 334 42.54 13.65 23.50
N ILE B 335 41.31 13.43 23.92
CA ILE B 335 40.93 12.14 24.49
C ILE B 335 40.06 11.35 23.54
N ASN B 336 40.48 10.13 23.26
CA ASN B 336 39.57 9.18 22.63
C ASN B 336 38.92 8.27 23.68
N PHE B 337 37.71 7.78 23.40
CA PHE B 337 36.93 7.04 24.40
C PHE B 337 36.19 5.91 23.75
N ILE B 338 36.27 4.72 24.35
CA ILE B 338 35.52 3.55 23.90
C ILE B 338 34.58 3.13 25.01
N SER B 339 33.28 3.08 24.72
CA SER B 339 32.27 2.69 25.70
C SER B 339 32.34 1.22 25.99
N ASN B 340 32.09 0.89 27.26
CA ASN B 340 32.10 -0.48 27.75
C ASN B 340 31.11 -1.42 27.05
N ALA B 341 30.03 -0.88 26.54
CA ALA B 341 29.06 -1.70 25.85
C ALA B 341 29.18 -1.51 24.34
N PRO B 342 29.02 -2.60 23.55
CA PRO B 342 29.04 -2.52 22.09
C PRO B 342 27.91 -1.67 21.56
N PRO B 343 28.05 -1.10 20.36
CA PRO B 343 26.90 -0.41 19.74
C PRO B 343 25.80 -1.42 19.39
N THR B 344 24.51 -1.07 19.49
CA THR B 344 23.48 -2.04 19.04
C THR B 344 23.17 -1.92 17.55
N PHE B 345 23.48 -0.76 16.97
CA PHE B 345 23.32 -0.53 15.55
C PHE B 345 24.67 -0.42 14.87
N HIS B 346 24.74 -0.89 13.62
CA HIS B 346 26.00 -0.99 12.91
C HIS B 346 25.86 -0.50 11.51
N THR B 347 26.96 -0.10 10.86
CA THR B 347 26.89 0.44 9.50
C THR B 347 28.08 0.11 8.61
N TRP B 348 27.80 -0.18 7.34
CA TRP B 348 28.84 -0.37 6.32
C TRP B 348 28.89 0.78 5.35
N SER B 349 30.10 1.23 4.97
CA SER B 349 30.26 2.31 3.96
C SER B 349 31.70 2.54 3.50
N GLN B 354 42.25 3.33 1.15
CA GLN B 354 40.93 3.92 1.34
C GLN B 354 39.80 2.90 1.23
N ASN B 356 38.58 -0.10 2.44
CA ASN B 356 38.44 -1.06 3.53
C ASN B 356 37.75 -2.38 3.11
N GLU B 357 38.25 -3.49 3.65
CA GLU B 357 37.60 -4.81 3.55
C GLU B 357 36.07 -4.78 3.72
N SER B 358 35.55 -3.86 4.55
CA SER B 358 34.09 -3.70 4.74
C SER B 358 33.53 -2.42 4.09
N SER B 359 34.27 -1.92 3.10
CA SER B 359 33.95 -0.68 2.40
C SER B 359 32.89 -0.87 1.31
N LEU B 360 31.96 0.08 1.26
CA LEU B 360 30.96 0.17 0.19
C LEU B 360 31.48 1.03 -0.97
N SER B 361 31.17 0.60 -2.19
CA SER B 361 31.70 1.22 -3.41
C SER B 361 31.00 2.54 -3.82
N ASN B 362 30.07 2.97 -2.98
CA ASN B 362 29.35 4.23 -3.16
C ASN B 362 28.66 4.48 -1.84
N LYS B 363 28.44 5.75 -1.49
CA LYS B 363 27.85 6.09 -0.18
C LYS B 363 26.40 5.67 0.04
N VAL B 364 25.60 5.57 -1.01
CA VAL B 364 24.17 5.28 -0.84
C VAL B 364 23.78 3.87 -1.24
N VAL B 365 23.24 3.11 -0.31
CA VAL B 365 22.70 1.80 -0.64
C VAL B 365 21.26 1.97 -1.07
N SER B 366 20.92 1.50 -2.27
CA SER B 366 19.56 1.64 -2.82
C SER B 366 18.75 0.36 -2.76
N SER B 367 19.40 -0.75 -2.38
CA SER B 367 18.75 -2.05 -2.33
C SER B 367 19.62 -3.03 -1.55
N VAL B 368 18.98 -3.94 -0.84
CA VAL B 368 19.66 -5.06 -0.19
C VAL B 368 18.86 -6.29 -0.42
N CYS B 369 19.55 -7.42 -0.40
CA CYS B 369 18.95 -8.65 -0.84
C CYS B 369 19.68 -9.87 -0.30
N ASP B 370 18.99 -10.65 0.51
CA ASP B 370 19.57 -11.85 1.11
C ASP B 370 19.31 -13.10 0.26
N ASP B 371 20.37 -13.69 -0.29
CA ASP B 371 20.26 -15.04 -0.87
C ASP B 371 20.31 -16.05 0.29
N GLY B 372 19.69 -17.21 0.12
CA GLY B 372 19.67 -18.21 1.19
C GLY B 372 20.94 -19.06 1.43
N GLN B 373 22.13 -18.53 1.14
CA GLN B 373 23.35 -19.32 1.35
C GLN B 373 24.46 -18.61 2.10
N GLY B 374 24.20 -17.38 2.55
CA GLY B 374 25.09 -16.67 3.47
C GLY B 374 25.61 -15.31 3.03
N LYS B 375 25.22 -14.86 1.85
CA LYS B 375 25.68 -13.54 1.35
C LYS B 375 24.50 -12.57 1.33
N LEU B 376 24.80 -11.30 1.08
CA LEU B 376 23.82 -10.20 1.03
C LEU B 376 24.16 -9.35 -0.17
N TRP B 377 23.23 -9.25 -1.10
CA TRP B 377 23.51 -8.53 -2.35
C TRP B 377 23.06 -7.09 -2.25
N ILE B 378 24.04 -6.20 -2.16
CA ILE B 378 23.80 -4.81 -1.84
C ILE B 378 23.95 -3.90 -3.05
N GLY B 379 22.87 -3.20 -3.39
CA GLY B 379 22.87 -2.27 -4.52
C GLY B 379 23.15 -0.86 -4.08
N THR B 380 23.86 -0.13 -4.93
CA THR B 380 24.22 1.27 -4.71
C THR B 380 23.69 2.17 -5.83
N ASP B 381 23.58 3.47 -5.56
CA ASP B 381 23.22 4.46 -6.56
C ASP B 381 24.48 5.19 -7.06
N GLY B 382 25.40 4.44 -7.67
CA GLY B 382 26.72 4.98 -8.02
C GLY B 382 27.81 3.93 -8.22
N GLY B 383 27.95 3.02 -7.26
CA GLY B 383 28.78 1.82 -7.46
C GLY B 383 27.90 0.76 -8.08
N GLY B 384 28.37 -0.48 -8.12
CA GLY B 384 27.56 -1.55 -8.71
C GLY B 384 26.67 -2.29 -7.73
N ILE B 385 26.88 -3.60 -7.65
CA ILE B 385 26.34 -4.45 -6.60
C ILE B 385 27.52 -4.85 -5.75
N ASN B 386 27.39 -4.69 -4.44
CA ASN B 386 28.40 -5.05 -3.47
C ASN B 386 27.94 -6.26 -2.70
N VAL B 387 28.53 -7.42 -2.96
CA VAL B 387 28.17 -8.62 -2.19
C VAL B 387 29.00 -8.69 -0.90
N PHE B 388 28.30 -8.85 0.21
CA PHE B 388 28.92 -9.04 1.53
C PHE B 388 28.57 -10.42 2.07
N GLU B 389 29.61 -11.17 2.43
CA GLU B 389 29.47 -12.41 3.18
C GLU B 389 30.37 -12.34 4.43
N ASN B 390 29.77 -12.53 5.61
CA ASN B 390 30.48 -12.45 6.91
C ASN B 390 31.19 -11.12 7.18
N GLY B 391 30.44 -10.03 7.09
CA GLY B 391 30.98 -8.70 7.34
C GLY B 391 32.12 -8.29 6.44
N LYS B 392 32.31 -8.99 5.33
CA LYS B 392 33.35 -8.62 4.37
C LYS B 392 32.82 -8.62 2.94
N ARG B 393 33.26 -7.62 2.17
CA ARG B 393 33.01 -7.51 0.73
C ARG B 393 33.68 -8.69 0.04
N VAL B 394 32.96 -9.28 -0.93
CA VAL B 394 33.46 -10.44 -1.69
C VAL B 394 33.24 -10.27 -3.21
N ALA B 395 32.43 -9.24 -3.58
CA ALA B 395 32.11 -8.96 -4.99
C ALA B 395 31.66 -7.50 -5.25
N ILE B 396 32.01 -6.99 -6.43
CA ILE B 396 31.40 -5.72 -6.93
C ILE B 396 31.23 -5.87 -8.42
N TYR B 397 30.18 -5.19 -8.94
CA TYR B 397 29.79 -5.34 -10.38
C TYR B 397 29.64 -4.03 -11.16
N ASN B 398 30.49 -3.87 -12.16
CA ASN B 398 30.59 -2.70 -13.04
C ASN B 398 29.24 -2.18 -13.54
N LEU B 404 26.48 -4.69 -16.77
CA LEU B 404 25.32 -4.46 -15.92
C LEU B 404 24.41 -3.32 -16.45
N LEU B 405 24.93 -2.58 -17.45
CA LEU B 405 24.35 -1.33 -18.02
C LEU B 405 24.61 -0.06 -17.19
N SER B 406 23.73 0.26 -16.25
CA SER B 406 23.97 1.39 -15.36
C SER B 406 24.09 0.96 -13.90
N ASN B 407 24.94 1.64 -13.15
CA ASN B 407 25.25 1.17 -11.82
C ASN B 407 24.55 1.96 -10.71
N SER B 408 23.23 2.11 -10.89
CA SER B 408 22.31 2.57 -9.84
C SER B 408 21.29 1.48 -9.64
N VAL B 409 21.72 0.45 -8.92
CA VAL B 409 20.86 -0.66 -8.53
C VAL B 409 19.77 -0.21 -7.54
N LEU B 410 18.54 -0.07 -8.05
CA LEU B 410 17.43 0.54 -7.32
C LEU B 410 16.50 -0.45 -6.66
N CYS B 411 16.60 -1.71 -7.05
CA CYS B 411 15.83 -2.76 -6.41
C CYS B 411 16.31 -4.16 -6.75
N SER B 412 15.91 -5.11 -5.92
CA SER B 412 16.38 -6.49 -5.98
C SER B 412 15.35 -7.41 -5.34
N LEU B 413 15.48 -8.70 -5.62
CA LEU B 413 14.51 -9.70 -5.17
C LEU B 413 15.12 -11.09 -5.26
N LYS B 414 14.90 -11.88 -4.20
CA LYS B 414 15.25 -13.29 -4.27
C LYS B 414 13.98 -14.03 -4.64
N ASP B 415 14.01 -14.73 -5.78
CA ASP B 415 12.83 -15.48 -6.18
C ASP B 415 12.75 -16.83 -5.46
N SER B 416 11.60 -17.47 -5.62
CA SER B 416 11.31 -18.77 -5.03
C SER B 416 12.33 -19.85 -5.39
N GLU B 417 13.01 -19.67 -6.52
CA GLU B 417 13.92 -20.68 -7.07
C GLU B 417 15.33 -20.64 -6.47
N GLY B 418 15.72 -19.48 -5.96
CA GLY B 418 17.06 -19.28 -5.45
C GLY B 418 17.80 -18.24 -6.25
N ASN B 419 17.17 -17.76 -7.32
CA ASN B 419 17.76 -16.73 -8.17
C ASN B 419 17.45 -15.29 -7.75
N LEU B 420 18.25 -14.37 -8.28
CA LEU B 420 18.24 -12.99 -7.80
C LEU B 420 17.94 -12.02 -8.95
N TRP B 421 17.21 -10.94 -8.62
CA TRP B 421 16.76 -9.97 -9.60
C TRP B 421 17.14 -8.54 -9.21
N PHE B 422 17.58 -7.76 -10.20
CA PHE B 422 18.12 -6.41 -9.95
C PHE B 422 17.71 -5.37 -11.01
N GLY B 423 16.85 -4.43 -10.64
CA GLY B 423 16.45 -3.32 -11.54
C GLY B 423 17.27 -2.05 -11.33
N THR B 424 17.92 -1.56 -12.41
CA THR B 424 18.70 -0.32 -12.29
C THR B 424 18.02 0.92 -12.92
N TYR B 425 18.70 2.07 -12.82
CA TYR B 425 18.30 3.32 -13.47
C TYR B 425 18.81 3.33 -14.92
N LEU B 426 17.86 3.46 -15.85
CA LEU B 426 18.10 3.35 -17.29
C LEU B 426 19.04 2.20 -17.74
N GLY B 427 18.94 1.10 -16.99
CA GLY B 427 19.32 -0.25 -17.39
C GLY B 427 18.10 -1.09 -16.98
N ASN B 428 17.84 -2.18 -17.68
CA ASN B 428 16.59 -2.88 -17.44
C ASN B 428 16.60 -3.70 -16.17
N ILE B 429 16.46 -5.00 -16.34
CA ILE B 429 16.65 -5.96 -15.27
C ILE B 429 17.98 -6.61 -15.57
N SER B 430 18.84 -6.65 -14.55
CA SER B 430 20.03 -7.47 -14.61
C SER B 430 19.71 -8.69 -13.74
N TYR B 431 19.46 -9.82 -14.43
CA TYR B 431 19.06 -11.05 -13.78
C TYR B 431 20.28 -11.93 -13.59
N TYR B 432 20.32 -12.61 -12.45
CA TYR B 432 21.45 -13.46 -12.09
C TYR B 432 21.01 -14.89 -11.70
N ASN B 433 21.47 -15.84 -12.51
CA ASN B 433 21.29 -17.27 -12.27
C ASN B 433 22.32 -17.77 -11.25
N THR B 434 21.88 -18.45 -10.20
CA THR B 434 22.81 -19.01 -9.21
C THR B 434 23.55 -20.26 -9.73
N ARG B 435 23.51 -20.44 -11.06
CA ARG B 435 24.46 -21.28 -11.83
C ARG B 435 25.73 -20.47 -12.10
N LEU B 436 26.00 -19.52 -11.20
CA LEU B 436 27.13 -18.57 -11.23
C LEU B 436 27.14 -17.50 -12.36
N LYS B 437 26.10 -17.47 -13.19
CA LYS B 437 26.06 -16.59 -14.36
C LYS B 437 24.95 -15.50 -14.34
N LYS B 438 25.21 -14.40 -15.07
CA LYS B 438 24.28 -13.26 -15.17
C LYS B 438 23.91 -12.99 -16.64
N PHE B 439 22.70 -12.48 -16.85
CA PHE B 439 22.26 -12.06 -18.21
C PHE B 439 21.01 -11.17 -18.15
N GLN B 440 20.93 -10.21 -19.07
CA GLN B 440 19.87 -9.20 -19.02
C GLN B 440 18.55 -9.65 -19.65
N ILE B 441 17.47 -9.50 -18.87
CA ILE B 441 16.13 -9.90 -19.26
C ILE B 441 15.32 -8.62 -19.56
N ILE B 442 14.87 -8.51 -20.82
CA ILE B 442 14.39 -7.24 -21.42
C ILE B 442 12.98 -6.82 -20.98
N GLU B 443 12.62 -5.56 -21.30
CA GLU B 443 11.33 -4.98 -20.87
C GLU B 443 10.38 -4.60 -21.99
N LEU B 444 10.92 -4.06 -23.08
CA LEU B 444 10.07 -3.49 -24.14
C LEU B 444 10.74 -3.66 -25.53
N GLU B 445 10.08 -3.12 -26.57
CA GLU B 445 10.60 -3.09 -27.94
C GLU B 445 12.11 -2.85 -28.00
N LYS B 446 12.76 -3.39 -29.04
CA LYS B 446 14.23 -3.33 -29.19
C LYS B 446 14.87 -2.89 -27.86
N ASN B 447 14.87 -3.82 -26.90
CA ASN B 447 15.37 -3.60 -25.52
C ASN B 447 15.44 -2.15 -24.99
N GLU B 448 14.31 -1.44 -25.05
CA GLU B 448 14.17 -0.10 -24.43
C GLU B 448 14.56 -0.13 -22.95
N LEU B 449 15.26 0.92 -22.52
CA LEU B 449 15.85 0.96 -21.17
C LEU B 449 14.96 1.76 -20.20
N LEU B 450 14.54 1.12 -19.11
CA LEU B 450 13.54 1.71 -18.23
C LEU B 450 13.93 1.63 -16.76
N ASP B 451 13.42 2.58 -16.00
CA ASP B 451 13.63 2.71 -14.56
C ASP B 451 12.83 1.67 -13.74
N VAL B 452 13.43 0.53 -13.42
CA VAL B 452 12.73 -0.44 -12.58
C VAL B 452 12.93 -0.12 -11.09
N ARG B 453 11.88 -0.28 -10.27
CA ARG B 453 12.00 0.03 -8.84
C ARG B 453 11.25 -0.88 -7.88
N VAL B 454 10.61 -1.93 -8.40
CA VAL B 454 10.00 -2.96 -7.53
C VAL B 454 9.95 -4.31 -8.21
N PHE B 455 10.12 -5.37 -7.42
CA PHE B 455 9.77 -6.70 -7.88
C PHE B 455 8.83 -7.33 -6.85
N TYR B 456 7.97 -8.21 -7.35
CA TYR B 456 7.09 -8.99 -6.49
C TYR B 456 6.70 -10.28 -7.21
N GLU B 457 7.01 -11.41 -6.61
CA GLU B 457 6.61 -12.70 -7.14
C GLU B 457 5.40 -13.24 -6.37
N ASP B 458 4.26 -13.37 -7.07
CA ASP B 458 3.01 -13.79 -6.44
C ASP B 458 2.84 -15.31 -6.35
N LYS B 459 1.82 -15.75 -5.61
CA LYS B 459 1.54 -17.19 -5.36
C LYS B 459 1.49 -18.06 -6.62
N ASN B 460 1.77 -17.47 -7.78
CA ASN B 460 1.58 -18.11 -9.07
C ASN B 460 2.77 -18.03 -10.01
N LYS B 461 3.98 -18.28 -9.51
CA LYS B 461 5.21 -18.39 -10.35
C LYS B 461 5.39 -17.26 -11.40
N LYS B 462 4.97 -16.05 -11.01
CA LYS B 462 5.02 -14.85 -11.86
C LYS B 462 5.52 -13.62 -11.09
N ILE B 463 6.29 -12.79 -11.78
CA ILE B 463 6.97 -11.63 -11.19
C ILE B 463 6.35 -10.33 -11.67
N TRP B 464 5.99 -9.48 -10.71
CA TRP B 464 5.43 -8.17 -10.99
C TRP B 464 6.49 -7.11 -10.86
N ILE B 465 6.53 -6.22 -11.87
CA ILE B 465 7.60 -5.23 -12.02
C ILE B 465 7.05 -3.80 -12.12
N GLY B 466 7.34 -3.00 -11.10
CA GLY B 466 6.98 -1.58 -11.08
C GLY B 466 8.03 -0.72 -11.78
N THR B 467 7.57 0.26 -12.55
CA THR B 467 8.45 1.07 -13.40
C THR B 467 7.99 2.52 -13.40
N HIS B 468 8.71 3.38 -14.10
CA HIS B 468 8.17 4.70 -14.38
C HIS B 468 7.20 4.62 -15.55
N ALA B 469 7.14 3.46 -16.20
CA ALA B 469 6.35 3.30 -17.43
C ALA B 469 5.14 2.39 -17.22
N GLY B 470 4.93 1.98 -15.95
CA GLY B 470 3.78 1.17 -15.54
C GLY B 470 4.10 -0.08 -14.72
N VAL B 471 3.41 -1.16 -15.03
CA VAL B 471 3.63 -2.46 -14.38
C VAL B 471 3.81 -3.53 -15.45
N PHE B 472 4.88 -4.31 -15.32
CA PHE B 472 5.16 -5.45 -16.22
C PHE B 472 4.99 -6.74 -15.45
N VAL B 473 4.54 -7.79 -16.13
CA VAL B 473 4.34 -9.07 -15.45
C VAL B 473 4.93 -10.19 -16.26
N ILE B 474 6.01 -10.77 -15.76
CA ILE B 474 6.68 -11.85 -16.47
C ILE B 474 6.46 -13.20 -15.80
N ASP B 475 6.35 -14.23 -16.61
CA ASP B 475 6.20 -15.59 -16.14
C ASP B 475 7.58 -16.02 -15.66
N LEU B 476 7.67 -16.61 -14.47
CA LEU B 476 8.98 -17.00 -13.93
C LEU B 476 9.66 -18.08 -14.80
N ALA B 477 9.26 -19.35 -14.64
CA ALA B 477 9.85 -20.44 -15.41
C ALA B 477 9.89 -20.05 -16.88
N SER B 478 11.09 -19.67 -17.31
CA SER B 478 11.38 -19.21 -18.68
C SER B 478 10.56 -17.96 -19.13
N LYS B 479 9.69 -18.11 -20.14
CA LYS B 479 9.10 -16.99 -20.94
C LYS B 479 8.86 -15.66 -20.20
N LYS B 480 9.47 -14.58 -20.71
CA LYS B 480 9.85 -13.40 -19.90
C LYS B 480 9.11 -12.01 -20.00
N VAL B 481 7.84 -11.99 -20.47
CA VAL B 481 6.92 -10.80 -20.42
C VAL B 481 5.46 -11.09 -20.83
N ILE B 482 4.55 -11.21 -19.87
CA ILE B 482 3.15 -11.58 -20.21
C ILE B 482 2.21 -10.38 -20.36
N HIS B 483 2.23 -9.51 -19.35
CA HIS B 483 1.32 -8.37 -19.26
C HIS B 483 2.05 -7.07 -19.08
N HIS B 484 1.49 -6.01 -19.67
CA HIS B 484 1.94 -4.64 -19.44
C HIS B 484 0.75 -3.81 -19.07
N TYR B 485 0.79 -3.17 -17.91
CA TYR B 485 -0.33 -2.32 -17.48
C TYR B 485 0.11 -0.86 -17.32
N ASP B 486 -0.82 0.07 -17.57
CA ASP B 486 -0.59 1.52 -17.37
C ASP B 486 -1.84 2.37 -17.57
N THR B 487 -1.65 3.69 -17.63
CA THR B 487 -2.69 4.69 -17.93
C THR B 487 -3.54 4.31 -19.14
N SER B 488 -2.97 3.51 -20.04
CA SER B 488 -3.50 3.32 -21.36
C SER B 488 -4.28 2.03 -21.59
N ASN B 489 -3.85 0.93 -21.00
CA ASN B 489 -4.45 -0.37 -21.33
C ASN B 489 -5.09 -1.09 -20.15
N SER B 490 -5.27 -0.36 -19.06
CA SER B 490 -5.66 -0.91 -17.78
C SER B 490 -6.12 0.26 -16.93
N GLN B 491 -6.51 -0.02 -15.70
CA GLN B 491 -6.94 1.04 -14.79
C GLN B 491 -5.88 1.37 -13.74
N LEU B 492 -4.60 1.17 -14.06
CA LEU B 492 -3.52 1.57 -13.17
C LEU B 492 -3.70 3.03 -12.79
N LEU B 493 -3.70 3.30 -11.48
CA LEU B 493 -3.91 4.65 -10.93
C LEU B 493 -2.87 5.67 -11.40
N GLU B 494 -1.63 5.24 -11.50
CA GLU B 494 -0.53 6.10 -11.91
C GLU B 494 0.55 5.24 -12.52
N ASN B 495 1.24 5.75 -13.53
CA ASN B 495 2.35 5.02 -14.12
C ASN B 495 3.60 4.94 -13.25
N PHE B 496 3.76 5.90 -12.33
CA PHE B 496 4.94 5.97 -11.45
C PHE B 496 4.89 4.97 -10.29
N VAL B 497 5.01 3.68 -10.62
CA VAL B 497 4.89 2.60 -9.63
C VAL B 497 6.15 2.47 -8.77
N ARG B 498 5.95 2.15 -7.49
CA ARG B 498 7.04 2.16 -6.52
C ARG B 498 6.97 1.04 -5.54
N SER B 499 5.83 0.35 -5.48
CA SER B 499 5.54 -0.50 -4.35
C SER B 499 4.40 -1.39 -4.70
N ILE B 500 4.64 -2.70 -4.74
CA ILE B 500 3.56 -3.65 -5.05
C ILE B 500 3.58 -4.83 -4.07
N ALA B 501 2.41 -5.32 -3.70
CA ALA B 501 2.32 -6.50 -2.86
C ALA B 501 0.92 -7.08 -2.86
N GLN B 502 0.79 -8.29 -2.36
CA GLN B 502 -0.46 -8.98 -2.51
C GLN B 502 -1.15 -9.04 -1.18
N ASP B 503 -2.46 -8.88 -1.29
CA ASP B 503 -3.42 -9.11 -0.25
C ASP B 503 -3.29 -10.51 0.32
N SER B 504 -3.66 -10.66 1.58
CA SER B 504 -3.87 -12.01 2.11
C SER B 504 -5.09 -12.64 1.38
N GLU B 505 -6.00 -11.81 0.88
CA GLU B 505 -7.10 -12.31 0.06
C GLU B 505 -6.72 -12.60 -1.39
N GLY B 506 -5.55 -12.10 -1.80
CA GLY B 506 -5.04 -12.36 -3.16
C GLY B 506 -5.12 -11.24 -4.17
N ARG B 507 -5.67 -10.10 -3.77
CA ARG B 507 -5.65 -8.89 -4.57
C ARG B 507 -4.22 -8.32 -4.59
N PHE B 508 -3.93 -7.45 -5.55
CA PHE B 508 -2.66 -6.74 -5.58
C PHE B 508 -2.84 -5.30 -5.09
N TRP B 509 -1.97 -4.91 -4.18
CA TRP B 509 -1.86 -3.54 -3.75
C TRP B 509 -0.69 -2.96 -4.43
N ILE B 510 -0.94 -1.94 -5.26
CA ILE B 510 0.12 -1.24 -5.97
C ILE B 510 0.25 0.14 -5.35
N GLY B 511 1.49 0.56 -5.13
CA GLY B 511 1.78 1.89 -4.59
C GLY B 511 2.42 2.79 -5.62
N THR B 512 2.13 4.08 -5.53
CA THR B 512 2.67 5.06 -6.49
C THR B 512 3.34 6.23 -5.74
N PHE B 513 4.23 6.96 -6.41
CA PHE B 513 4.76 8.23 -5.90
C PHE B 513 3.72 9.30 -6.23
N GLY B 514 3.24 10.02 -5.23
CA GLY B 514 2.28 11.09 -5.51
C GLY B 514 0.90 10.79 -6.07
N GLY B 515 0.51 9.52 -6.18
CA GLY B 515 -0.86 9.13 -6.59
C GLY B 515 -1.59 8.17 -5.65
N GLY B 516 -0.94 7.78 -4.57
CA GLY B 516 -1.55 6.93 -3.55
C GLY B 516 -1.40 5.46 -3.83
N VAL B 517 -2.21 4.64 -3.16
CA VAL B 517 -2.22 3.19 -3.33
C VAL B 517 -3.48 2.82 -4.10
N GLY B 518 -3.47 1.68 -4.78
CA GLY B 518 -4.68 1.12 -5.37
C GLY B 518 -4.76 -0.37 -5.09
N ILE B 519 -5.99 -0.86 -4.94
CA ILE B 519 -6.24 -2.29 -4.77
C ILE B 519 -6.83 -2.77 -6.09
N TYR B 520 -6.21 -3.79 -6.67
CA TYR B 520 -6.69 -4.32 -7.92
C TYR B 520 -6.93 -5.81 -7.78
N THR B 521 -7.84 -6.33 -8.61
CA THR B 521 -8.03 -7.78 -8.73
C THR B 521 -6.87 -8.32 -9.55
N PRO B 522 -6.64 -9.65 -9.53
CA PRO B 522 -5.54 -10.18 -10.34
C PRO B 522 -5.65 -9.77 -11.83
N ASP B 523 -6.89 -9.51 -12.29
CA ASP B 523 -7.19 -9.06 -13.66
C ASP B 523 -7.10 -7.53 -13.90
N GLN B 525 -8.41 -4.95 -12.29
CA GLN B 525 -9.66 -4.22 -12.16
C GLN B 525 -9.65 -3.53 -10.77
N LEU B 526 -9.68 -2.21 -10.75
CA LEU B 526 -9.54 -1.43 -9.51
C LEU B 526 -10.71 -1.62 -8.55
N VAL B 527 -10.43 -2.14 -7.36
CA VAL B 527 -11.47 -2.40 -6.32
C VAL B 527 -11.82 -1.11 -5.55
N ARG B 528 -10.84 -0.56 -4.83
CA ARG B 528 -10.91 0.80 -4.31
C ARG B 528 -9.50 1.41 -4.36
N LYS B 529 -9.40 2.74 -4.25
CA LYS B 529 -8.10 3.43 -4.25
C LYS B 529 -7.98 4.39 -3.07
N PHE B 530 -6.78 4.85 -2.80
CA PHE B 530 -6.52 5.76 -1.69
C PHE B 530 -5.62 6.96 -2.05
N ASN B 531 -6.24 8.14 -2.15
CA ASN B 531 -5.56 9.41 -2.44
C ASN B 531 -5.43 10.29 -1.22
N GLN B 532 -4.61 11.33 -1.36
CA GLN B 532 -4.59 12.46 -0.45
C GLN B 532 -5.99 13.04 -0.36
N TYR B 533 -6.66 13.31 -1.48
CA TYR B 533 -7.96 13.91 -1.31
C TYR B 533 -9.14 12.97 -1.18
N GLU B 534 -8.87 11.68 -1.29
CA GLU B 534 -9.83 10.67 -0.85
C GLU B 534 -9.78 10.55 0.68
N GLY B 535 -8.87 11.28 1.31
CA GLY B 535 -8.76 11.32 2.75
C GLY B 535 -7.55 10.60 3.32
N PHE B 536 -6.75 9.99 2.45
CA PHE B 536 -5.57 9.24 2.89
C PHE B 536 -4.44 10.17 3.33
N CYS B 537 -3.63 9.68 4.26
CA CYS B 537 -2.58 10.46 4.92
C CYS B 537 -1.53 10.99 3.94
N SER B 538 -1.08 10.13 3.04
CA SER B 538 -0.05 10.52 2.12
C SER B 538 -0.19 9.89 0.75
N ASN B 539 0.02 10.73 -0.28
CA ASN B 539 -0.02 10.29 -1.65
C ASN B 539 1.21 9.56 -2.13
N THR B 540 2.34 9.68 -1.42
CA THR B 540 3.54 8.83 -1.73
C THR B 540 3.59 7.64 -0.83
N ILE B 541 3.46 6.46 -1.44
CA ILE B 541 3.57 5.26 -0.66
C ILE B 541 4.84 4.45 -1.05
N ASN B 542 5.76 4.41 -0.08
CA ASN B 542 7.12 3.93 -0.20
C ASN B 542 7.25 2.40 -0.18
N GLN B 543 6.37 1.75 0.57
CA GLN B 543 6.40 0.29 0.68
C GLN B 543 5.10 -0.25 1.23
N ILE B 544 4.69 -1.42 0.73
CA ILE B 544 3.53 -2.14 1.23
C ILE B 544 3.98 -3.49 1.73
N TYR B 545 3.63 -3.87 2.94
CA TYR B 545 4.09 -5.14 3.49
C TYR B 545 3.00 -5.89 4.19
N ARG B 546 2.93 -7.18 3.93
CA ARG B 546 2.02 -8.04 4.70
C ARG B 546 2.84 -8.59 5.89
N SER B 547 2.32 -8.46 7.11
CA SER B 547 2.95 -9.08 8.25
C SER B 547 2.72 -10.60 8.28
N SER B 548 3.46 -11.31 9.13
CA SER B 548 3.21 -12.74 9.27
C SER B 548 1.86 -12.99 9.93
N LYS B 549 1.38 -12.00 10.69
CA LYS B 549 0.03 -12.00 11.26
C LYS B 549 -1.05 -11.82 10.17
N GLY B 550 -0.62 -11.38 8.98
CA GLY B 550 -1.50 -11.23 7.81
C GLY B 550 -1.91 -9.83 7.37
N GLN B 551 -1.66 -8.84 8.24
CA GLN B 551 -2.18 -7.50 8.01
C GLN B 551 -1.23 -6.62 7.19
N TRP B 553 0.73 -3.29 5.94
CA TRP B 553 1.35 -2.08 6.44
C TRP B 553 1.85 -1.28 5.29
N LEU B 554 1.73 0.03 5.39
CA LEU B 554 2.21 0.87 4.32
C LEU B 554 3.13 1.94 4.86
N ALA B 555 4.31 2.07 4.26
CA ALA B 555 5.20 3.18 4.55
C ALA B 555 4.83 4.41 3.70
N THR B 556 4.11 5.37 4.28
CA THR B 556 3.74 6.57 3.53
C THR B 556 4.60 7.81 3.84
N GLY B 557 4.45 8.85 3.03
CA GLY B 557 5.23 10.05 3.23
C GLY B 557 4.88 10.75 4.52
N GLU B 558 3.71 10.46 5.05
CA GLU B 558 3.31 11.05 6.32
C GLU B 558 2.34 10.15 7.07
N GLY B 559 2.84 8.96 7.38
CA GLY B 559 2.18 8.05 8.32
C GLY B 559 2.68 6.64 8.15
N LEU B 560 2.67 5.87 9.24
CA LEU B 560 2.83 4.42 9.20
C LEU B 560 1.42 3.87 9.28
N VAL B 561 0.97 3.25 8.20
CA VAL B 561 -0.43 2.85 8.06
C VAL B 561 -0.57 1.34 8.25
N CYS B 562 -1.61 0.91 8.96
CA CYS B 562 -1.89 -0.51 9.13
C CYS B 562 -3.34 -0.81 8.86
N PHE B 563 -3.61 -1.76 7.96
CA PHE B 563 -4.96 -2.27 7.69
C PHE B 563 -5.21 -3.56 8.51
N PRO B 564 -5.79 -3.44 9.73
CA PRO B 564 -5.91 -4.53 10.71
C PRO B 564 -6.83 -5.70 10.36
N SER B 565 -7.89 -5.52 9.57
CA SER B 565 -8.63 -6.72 9.14
C SER B 565 -8.97 -6.64 7.67
N ALA B 566 -8.12 -7.25 6.84
CA ALA B 566 -8.29 -7.22 5.36
C ALA B 566 -9.58 -7.98 4.95
N ARG B 567 -10.56 -7.94 5.89
CA ARG B 567 -11.98 -8.15 5.61
C ARG B 567 -12.82 -6.87 5.87
N ASN B 568 -12.16 -5.69 5.92
CA ASN B 568 -12.86 -4.41 6.13
C ASN B 568 -12.41 -3.12 5.40
N PHE B 569 -11.13 -2.97 5.06
CA PHE B 569 -10.59 -1.69 4.51
C PHE B 569 -10.49 -0.54 5.56
N ASP B 570 -10.85 -0.80 6.82
CA ASP B 570 -10.50 0.11 7.93
C ASP B 570 -8.95 0.16 8.09
N TYR B 571 -8.42 1.32 8.51
CA TYR B 571 -6.98 1.50 8.70
C TYR B 571 -6.63 2.47 9.82
N GLN B 572 -5.54 2.20 10.55
CA GLN B 572 -4.98 3.18 11.52
C GLN B 572 -3.75 3.86 10.94
N VAL B 573 -3.61 5.14 11.23
CA VAL B 573 -2.43 5.87 10.82
C VAL B 573 -1.63 6.20 12.08
N PHE B 574 -0.39 5.74 12.15
CA PHE B 574 0.54 6.17 13.18
C PHE B 574 1.39 7.36 12.71
N GLN B 575 1.45 8.38 13.54
CA GLN B 575 2.05 9.62 13.16
C GLN B 575 2.69 10.28 14.38
N ARG B 576 3.21 11.49 14.19
CA ARG B 576 3.83 12.26 15.27
C ARG B 576 3.05 12.02 16.58
N LYS B 577 1.73 12.28 16.59
CA LYS B 577 0.85 12.12 17.79
C LYS B 577 0.97 10.79 18.53
N GLU B 578 1.16 9.69 17.80
CA GLU B 578 1.26 8.38 18.42
C GLU B 578 2.69 7.94 18.69
N GLY B 579 3.57 8.93 18.90
CA GLY B 579 4.94 8.68 19.37
C GLY B 579 5.93 8.23 18.31
N LEU B 580 5.59 8.54 17.06
CA LEU B 580 6.45 8.24 15.93
C LEU B 580 7.07 9.52 15.34
N PRO B 581 8.30 9.89 15.76
CA PRO B 581 8.91 10.86 14.87
C PRO B 581 9.71 9.94 13.94
N ASN B 582 10.11 10.41 12.75
CA ASN B 582 9.34 11.38 12.03
C ASN B 582 8.31 10.56 11.21
N THR B 583 7.33 11.28 10.68
CA THR B 583 6.14 10.75 10.09
C THR B 583 6.36 10.17 8.65
N HIS B 584 7.57 10.32 8.09
CA HIS B 584 7.93 9.92 6.71
C HIS B 584 8.63 8.61 6.64
N ILE B 585 7.87 7.56 6.37
CA ILE B 585 8.35 6.21 6.56
C ILE B 585 8.95 5.67 5.27
N ARG B 586 10.08 4.99 5.40
CA ARG B 586 10.84 4.56 4.24
C ARG B 586 10.71 3.08 3.94
N ALA B 587 10.91 2.23 4.95
CA ALA B 587 10.86 0.80 4.75
C ALA B 587 10.42 0.09 6.00
N ILE B 588 9.95 -1.14 5.84
CA ILE B 588 9.36 -1.86 6.94
C ILE B 588 9.91 -3.27 6.93
N SER B 589 10.10 -3.80 8.14
CA SER B 589 10.36 -5.23 8.39
C SER B 589 9.79 -5.61 9.75
N GLU B 590 9.87 -6.90 10.07
CA GLU B 590 9.20 -7.44 11.23
C GLU B 590 10.23 -8.32 11.92
N ASP B 591 10.13 -8.45 13.25
CA ASP B 591 11.08 -9.25 14.02
C ASP B 591 10.55 -10.64 14.39
N LYS B 592 11.39 -11.40 15.13
CA LYS B 592 11.05 -12.64 15.86
C LYS B 592 9.62 -12.63 16.40
N ASN B 593 9.33 -11.63 17.21
CA ASN B 593 8.02 -11.36 17.78
C ASN B 593 7.07 -10.63 16.81
N GLY B 594 6.03 -10.00 17.33
CA GLY B 594 5.10 -9.25 16.47
C GLY B 594 5.66 -7.98 15.80
N ASN B 595 6.56 -7.30 16.52
CA ASN B 595 6.95 -5.93 16.24
C ASN B 595 7.41 -5.59 14.85
N ILE B 596 6.97 -4.43 14.38
CA ILE B 596 7.33 -4.01 13.06
C ILE B 596 8.35 -2.86 13.18
N TRP B 597 9.43 -2.92 12.42
CA TRP B 597 10.49 -1.91 12.43
C TRP B 597 10.46 -1.14 11.17
N ALA B 598 10.43 0.18 11.31
CA ALA B 598 10.46 1.08 10.16
C ALA B 598 11.66 2.02 10.16
N SER B 599 12.27 2.20 8.99
CA SER B 599 13.24 3.25 8.79
C SER B 599 12.52 4.49 8.30
N THR B 600 12.91 5.65 8.80
CA THR B 600 12.26 6.91 8.48
C THR B 600 13.27 7.85 7.85
N ASN B 601 12.96 9.15 7.82
CA ASN B 601 13.91 10.15 7.32
C ASN B 601 14.98 10.49 8.35
N THR B 602 14.71 10.15 9.62
CA THR B 602 15.63 10.55 10.68
C THR B 602 16.25 9.39 11.41
N GLY B 603 15.66 8.21 11.29
CA GLY B 603 16.20 7.08 12.02
C GLY B 603 15.40 5.81 11.87
N ILE B 604 15.30 5.06 12.96
CA ILE B 604 14.65 3.76 12.97
C ILE B 604 13.74 3.77 14.18
N SER B 605 12.50 3.36 13.98
CA SER B 605 11.56 3.20 15.08
C SER B 605 11.05 1.82 15.02
N CYS B 606 10.46 1.41 16.13
CA CYS B 606 9.88 0.09 16.27
C CYS B 606 8.51 0.20 16.94
N TYR B 607 7.50 -0.38 16.29
CA TYR B 607 6.20 -0.48 16.90
C TYR B 607 6.14 -1.77 17.72
N ILE B 608 6.07 -1.64 19.04
CA ILE B 608 5.76 -2.78 19.90
C ILE B 608 4.24 -2.97 19.89
N THR B 609 3.80 -3.98 19.16
CA THR B 609 2.38 -4.27 19.06
C THR B 609 1.88 -4.78 20.40
N SER B 610 2.80 -5.35 21.21
CA SER B 610 2.51 -5.76 22.59
C SER B 610 2.04 -4.57 23.40
N LYS B 611 2.79 -3.47 23.27
CA LYS B 611 2.69 -2.29 24.10
C LYS B 611 1.87 -1.20 23.45
N LYS B 612 1.67 -1.28 22.13
CA LYS B 612 0.87 -0.29 21.41
C LYS B 612 1.56 1.10 21.45
N CYS B 613 2.89 1.12 21.32
CA CYS B 613 3.70 2.34 21.46
C CYS B 613 5.01 2.20 20.69
N PHE B 614 5.68 3.32 20.45
CA PHE B 614 6.91 3.31 19.65
C PHE B 614 8.19 3.40 20.44
N TYR B 615 9.23 2.74 19.95
CA TYR B 615 10.59 2.91 20.45
C TYR B 615 11.31 3.55 19.29
N THR B 616 12.08 4.59 19.57
CA THR B 616 12.76 5.30 18.49
C THR B 616 14.27 5.23 18.67
N TYR B 617 15.00 5.37 17.57
CA TYR B 617 16.47 5.32 17.57
C TYR B 617 17.00 6.26 16.50
N ASP B 618 18.15 6.87 16.73
CA ASP B 618 18.56 7.97 15.88
C ASP B 618 20.06 8.00 15.90
N HIS B 619 20.69 9.09 15.44
CA HIS B 619 22.15 9.20 15.50
C HIS B 619 22.70 8.91 16.87
N SER B 620 22.08 9.44 17.92
CA SER B 620 22.37 9.08 19.30
C SER B 620 22.77 7.60 19.52
N ASN B 621 22.33 6.71 18.63
CA ASN B 621 22.43 5.24 18.79
C ASN B 621 23.35 4.55 17.80
N ASN B 622 24.18 5.35 17.15
CA ASN B 622 25.13 4.89 16.13
C ASN B 622 24.50 4.59 14.75
N ILE B 623 23.33 5.18 14.52
CA ILE B 623 22.63 5.14 13.25
C ILE B 623 23.25 6.20 12.32
N PRO B 624 23.39 5.85 11.02
CA PRO B 624 23.95 6.77 10.06
C PRO B 624 23.15 8.04 10.11
N GLN B 625 23.88 9.15 10.14
CA GLN B 625 23.30 10.47 10.35
C GLN B 625 22.64 11.05 9.07
N GLY B 626 22.26 10.18 8.12
CA GLY B 626 21.44 10.56 6.96
C GLY B 626 19.93 10.28 7.07
N SER B 627 19.26 10.26 5.90
CA SER B 627 17.88 9.76 5.82
C SER B 627 17.94 8.45 5.10
N PHE B 628 17.00 7.58 5.39
CA PHE B 628 16.99 6.27 4.75
C PHE B 628 16.38 6.31 3.36
N ILE B 629 16.73 5.31 2.58
CA ILE B 629 16.17 5.19 1.25
C ILE B 629 14.99 4.22 1.31
N SER B 630 13.99 4.52 0.48
CA SER B 630 12.67 3.95 0.66
C SER B 630 12.54 2.57 0.12
N GLY B 631 11.87 1.73 0.90
CA GLY B 631 11.65 0.35 0.53
C GLY B 631 12.92 -0.46 0.53
N CYS B 632 14.05 0.17 0.88
CA CYS B 632 15.35 -0.50 0.92
C CYS B 632 15.62 -1.24 2.24
N VAL B 633 15.12 -2.45 2.34
CA VAL B 633 15.22 -3.21 3.57
C VAL B 633 15.38 -4.69 3.23
N THR B 634 15.85 -5.47 4.20
CA THR B 634 15.99 -6.91 4.06
C THR B 634 16.25 -7.50 5.42
N LYS B 635 16.05 -8.80 5.51
CA LYS B 635 16.16 -9.46 6.77
C LYS B 635 17.13 -10.61 6.57
N ASP B 636 17.85 -10.90 7.64
CA ASP B 636 18.95 -11.84 7.67
C ASP B 636 18.36 -13.23 7.83
N HIS B 637 19.10 -14.24 7.38
CA HIS B 637 18.73 -15.63 7.68
C HIS B 637 18.77 -15.87 9.17
N ASN B 638 19.43 -14.94 9.88
CA ASN B 638 19.69 -15.03 11.32
C ASN B 638 18.87 -14.13 12.22
N GLY B 639 18.16 -13.18 11.62
CA GLY B 639 17.28 -12.30 12.38
C GLY B 639 17.53 -10.83 12.14
N LEU B 640 18.81 -10.49 11.97
CA LEU B 640 19.28 -9.12 11.72
C LEU B 640 18.53 -8.37 10.60
N ILE B 641 18.19 -7.12 10.88
CA ILE B 641 17.47 -6.31 9.90
C ILE B 641 18.45 -5.30 9.32
N TYR B 642 18.35 -5.06 8.01
CA TYR B 642 19.24 -4.14 7.33
C TYR B 642 18.45 -3.10 6.56
N PHE B 643 18.71 -1.84 6.84
CA PHE B 643 18.14 -0.75 6.09
C PHE B 643 19.26 -0.01 5.37
N GLY B 644 19.04 0.33 4.11
CA GLY B 644 19.99 1.18 3.40
C GLY B 644 19.65 2.65 3.58
N SER B 645 20.66 3.53 3.55
CA SER B 645 20.46 4.98 3.63
C SER B 645 21.44 5.73 2.75
N ILE B 646 21.33 7.05 2.76
CA ILE B 646 22.26 7.87 2.00
C ILE B 646 23.68 7.89 2.58
N ASN B 647 23.91 7.06 3.61
CA ASN B 647 25.22 6.97 4.31
C ASN B 647 25.61 5.57 4.71
N GLY B 648 25.03 4.58 4.06
CA GLY B 648 25.47 3.21 4.25
C GLY B 648 24.33 2.29 4.62
N LEU B 649 24.67 1.04 4.77
CA LEU B 649 23.72 0.02 5.13
C LEU B 649 23.78 -0.12 6.62
N CYS B 650 22.65 0.01 7.29
CA CYS B 650 22.65 -0.05 8.74
C CYS B 650 21.95 -1.32 9.26
N PHE B 651 22.48 -1.99 10.28
CA PHE B 651 21.86 -3.26 10.75
C PHE B 651 21.99 -3.59 12.25
N PHE B 652 21.17 -4.51 12.75
CA PHE B 652 20.99 -4.67 14.21
C PHE B 652 20.16 -5.93 14.59
N ASN B 653 19.70 -6.03 15.85
CA ASN B 653 19.05 -7.26 16.37
C ASN B 653 17.51 -7.34 16.83
N PRO B 654 17.23 -8.14 17.89
CA PRO B 654 16.14 -7.74 18.78
C PRO B 654 16.74 -7.05 20.02
N ASP B 655 17.31 -5.86 19.79
CA ASP B 655 17.82 -4.99 20.89
C ASP B 655 16.96 -3.70 21.13
N ILE B 656 15.66 -3.98 21.29
CA ILE B 656 14.74 -3.23 22.16
C ILE B 656 15.09 -3.55 23.60
N ALA B 657 15.74 -4.71 23.79
CA ALA B 657 16.25 -5.16 25.09
C ALA B 657 17.04 -4.05 25.74
N ILE B 658 17.27 -2.97 24.97
CA ILE B 658 17.89 -1.72 25.47
C ILE B 658 17.07 -1.07 26.61
N ASN B 659 16.05 -1.80 27.09
CA ASN B 659 15.38 -1.46 28.35
C ASN B 659 16.23 -1.88 29.53
N SER B 660 16.89 -3.03 29.37
CA SER B 660 17.84 -3.54 30.35
C SER B 660 18.98 -2.54 30.72
N PRO B 661 19.38 -1.63 29.79
CA PRO B 661 20.09 -0.50 30.29
C PRO B 661 19.49 -0.01 31.60
N GLN B 662 20.21 -0.30 32.69
CA GLN B 662 19.83 0.08 34.05
C GLN B 662 19.62 1.58 34.12
N ILE B 663 18.48 1.99 34.67
CA ILE B 663 18.21 3.42 34.88
C ILE B 663 19.28 3.95 35.83
N PRO B 664 20.16 4.83 35.33
CA PRO B 664 21.47 5.13 35.94
C PRO B 664 21.40 6.22 37.01
N PRO B 665 22.14 6.06 38.11
CA PRO B 665 22.09 7.03 39.20
C PRO B 665 22.56 8.43 38.79
N VAL B 666 21.91 9.46 39.34
CA VAL B 666 22.35 10.83 39.13
C VAL B 666 23.21 11.33 40.29
N VAL B 667 24.29 12.03 39.94
CA VAL B 667 25.18 12.64 40.92
C VAL B 667 25.09 14.15 40.74
N ILE B 668 24.86 14.86 41.84
CA ILE B 668 24.94 16.31 41.85
C ILE B 668 26.43 16.67 41.89
N THR B 669 26.89 17.45 40.92
CA THR B 669 28.33 17.57 40.73
C THR B 669 28.93 18.89 41.17
N LYS B 670 28.13 19.96 41.13
CA LYS B 670 28.55 21.28 41.62
C LYS B 670 27.37 22.09 42.20
N VAL B 671 27.67 22.90 43.21
CA VAL B 671 26.77 24.01 43.55
C VAL B 671 27.60 25.28 43.57
N ARG B 672 27.00 26.37 43.14
CA ARG B 672 27.71 27.60 42.82
C ARG B 672 26.74 28.77 42.82
N ILE B 673 27.18 29.94 43.32
CA ILE B 673 26.38 31.16 43.22
C ILE B 673 26.77 31.98 41.98
N PRO B 674 25.78 32.52 41.26
CA PRO B 674 26.08 33.27 40.05
C PRO B 674 26.69 34.63 40.38
N GLY B 675 27.81 34.98 39.76
CA GLY B 675 28.46 36.26 40.07
C GLY B 675 27.67 37.45 39.57
N ARG B 676 27.48 38.45 40.42
CA ARG B 676 26.92 39.73 39.98
C ARG B 676 27.84 40.37 38.95
N LEU B 677 27.28 40.93 37.90
CA LEU B 677 28.14 41.62 36.95
C LEU B 677 28.66 42.91 37.59
N THR B 678 28.41 43.10 38.89
CA THR B 678 29.01 44.21 39.66
C THR B 678 30.53 44.10 39.53
N SER B 679 31.00 42.86 39.37
CA SER B 679 32.27 42.55 38.70
C SER B 679 33.55 43.12 39.36
N ARG B 680 33.86 42.60 40.54
CA ARG B 680 35.14 42.90 41.21
C ARG B 680 35.87 41.61 41.56
N GLU B 681 35.49 40.52 40.89
CA GLU B 681 35.95 39.18 41.20
C GLU B 681 35.55 38.18 40.13
N LYS B 682 36.48 37.28 39.79
CA LYS B 682 36.20 36.13 38.92
C LYS B 682 35.87 34.89 39.77
N ASN B 683 35.90 33.69 39.16
CA ASN B 683 35.70 32.36 39.83
C ASN B 683 34.62 32.33 40.94
N GLU B 684 33.34 32.29 40.57
CA GLU B 684 32.29 32.63 41.56
C GLU B 684 31.96 31.55 42.59
N THR B 685 32.25 31.88 43.85
CA THR B 685 32.14 31.00 45.03
C THR B 685 31.24 29.75 44.89
N ALA B 686 31.88 28.58 45.00
CA ALA B 686 31.20 27.28 44.93
C ALA B 686 31.11 26.62 46.30
N ILE B 687 29.93 26.14 46.67
CA ILE B 687 29.69 25.63 48.01
C ILE B 687 29.86 24.11 48.04
N PRO B 688 30.49 23.53 49.08
CA PRO B 688 30.74 22.09 49.00
C PRO B 688 29.67 21.23 49.66
N ILE B 689 29.17 20.22 48.95
CA ILE B 689 28.15 19.29 49.50
C ILE B 689 28.79 18.35 50.50
N SER B 690 28.40 18.41 51.76
CA SER B 690 29.05 17.55 52.75
C SER B 690 28.23 16.34 53.22
N GLU B 691 27.09 16.57 53.86
CA GLU B 691 26.33 15.49 54.50
C GLU B 691 25.03 15.27 53.72
N GLY B 692 25.11 15.42 52.39
CA GLY B 692 23.90 15.39 51.56
C GLY B 692 23.05 16.62 51.82
N GLU B 693 23.62 17.53 52.59
CA GLU B 693 23.01 18.83 52.83
C GLU B 693 24.02 19.93 52.51
N ILE B 694 23.47 21.13 52.37
CA ILE B 694 24.22 22.33 51.99
C ILE B 694 23.66 23.52 52.76
N GLU B 695 24.54 24.36 53.30
CA GLU B 695 24.12 25.58 54.00
C GLU B 695 24.30 26.81 53.11
N LEU B 696 23.32 27.70 53.12
CA LEU B 696 23.44 28.96 52.38
C LEU B 696 22.99 30.13 53.26
N THR B 697 23.64 31.29 53.06
CA THR B 697 23.25 32.50 53.76
C THR B 697 22.29 33.32 52.90
N HIS B 698 21.61 34.26 53.55
CA HIS B 698 20.63 35.10 52.87
C HIS B 698 21.22 35.74 51.65
N GLU B 699 22.51 36.11 51.75
CA GLU B 699 23.27 36.67 50.63
C GLU B 699 23.39 35.69 49.48
N GLN B 700 23.79 34.46 49.79
CA GLN B 700 23.89 33.45 48.76
C GLN B 700 22.56 32.70 48.51
N ASN B 701 21.49 33.46 48.30
CA ASN B 701 20.18 32.85 48.01
C ASN B 701 19.87 32.58 46.53
N SER B 702 20.68 33.11 45.62
CA SER B 702 20.68 32.65 44.23
C SER B 702 21.70 31.53 44.15
N PHE B 703 21.41 30.48 43.37
CA PHE B 703 22.34 29.35 43.25
C PHE B 703 22.05 28.36 42.11
N ASN B 704 23.13 27.91 41.49
CA ASN B 704 23.03 26.91 40.42
C ASN B 704 23.56 25.51 40.77
N LEU B 705 22.65 24.54 40.72
CA LEU B 705 23.01 23.14 40.77
C LEU B 705 23.26 22.59 39.37
N THR B 706 24.38 21.89 39.20
CA THR B 706 24.59 21.03 38.03
C THR B 706 24.65 19.55 38.48
N PHE B 707 24.18 18.66 37.60
CA PHE B 707 24.11 17.23 37.87
C PHE B 707 24.53 16.47 36.60
N ASN B 708 25.11 15.29 36.79
CA ASN B 708 25.52 14.45 35.67
C ASN B 708 25.30 12.96 35.93
N VAL B 709 25.94 12.18 35.08
CA VAL B 709 25.92 10.74 35.09
C VAL B 709 27.41 10.39 34.91
N GLN B 710 27.94 9.46 35.71
CA GLN B 710 29.41 9.25 35.74
C GLN B 710 29.91 8.29 34.68
N ASP B 711 29.03 7.39 34.25
CA ASP B 711 29.31 6.57 33.10
C ASP B 711 29.09 7.47 31.91
N TYR B 712 30.14 7.68 31.13
CA TYR B 712 30.01 8.58 29.98
C TYR B 712 29.16 7.96 28.90
N SER B 713 29.20 6.64 28.77
CA SER B 713 28.39 5.96 27.78
C SER B 713 26.98 6.58 27.76
N LEU B 714 26.49 6.93 28.94
CA LEU B 714 25.09 7.35 29.07
C LEU B 714 24.83 8.85 28.92
N ALA B 715 25.85 9.67 29.14
CA ALA B 715 25.67 11.14 29.15
C ALA B 715 24.95 11.58 27.89
N ASN B 716 25.27 10.85 26.83
CA ASN B 716 24.71 10.98 25.50
C ASN B 716 23.18 10.98 25.48
N GLN B 717 22.57 10.16 26.32
CA GLN B 717 21.16 9.84 26.17
C GLN B 717 20.42 9.61 27.47
N VAL B 718 20.43 10.62 28.33
CA VAL B 718 19.78 10.62 29.64
C VAL B 718 19.03 11.93 29.75
N GLU B 719 17.76 11.88 30.12
CA GLU B 719 16.98 13.11 30.32
C GLU B 719 16.71 13.29 31.81
N TYR B 720 16.59 14.52 32.28
CA TYR B 720 16.37 14.77 33.70
C TYR B 720 15.06 15.48 34.03
N ALA B 721 14.60 15.26 35.26
CA ALA B 721 13.50 15.99 35.86
C ALA B 721 13.92 16.28 37.29
N TYR B 722 13.39 17.36 37.86
CA TYR B 722 13.74 17.78 39.22
C TYR B 722 12.50 18.26 39.97
N LEU B 724 12.23 20.85 43.61
CA LEU B 724 12.77 21.53 44.79
C LEU B 724 11.70 21.64 45.86
N LYS B 725 11.61 20.61 46.69
CA LYS B 725 10.74 20.57 47.87
C LYS B 725 10.88 21.82 48.73
N GLY B 726 9.75 22.42 49.05
CA GLY B 726 9.73 23.62 49.87
C GLY B 726 9.62 24.87 49.04
N LEU B 727 9.61 24.70 47.73
CA LEU B 727 9.38 25.81 46.81
C LEU B 727 8.19 25.51 45.93
N GLU B 728 8.35 24.49 45.11
CA GLU B 728 7.25 23.91 44.40
C GLU B 728 7.37 22.42 44.61
N ASN B 729 6.29 21.80 45.06
CA ASN B 729 6.24 20.37 45.27
C ASN B 729 5.62 19.63 44.09
N SER B 730 6.11 19.98 42.90
CA SER B 730 5.88 19.25 41.66
C SER B 730 7.16 19.25 40.79
N TRP B 731 7.24 18.26 39.90
CA TRP B 731 8.42 18.06 39.08
C TRP B 731 8.36 18.83 37.80
N TYR B 732 9.55 19.20 37.33
CA TYR B 732 9.72 19.81 36.03
C TYR B 732 10.80 19.05 35.28
N THR B 733 10.56 18.81 33.99
CA THR B 733 11.58 18.20 33.12
C THR B 733 12.56 19.27 32.75
N ILE B 734 13.81 18.88 32.56
CA ILE B 734 14.70 19.79 31.87
C ILE B 734 15.16 19.27 30.50
N ASN B 735 15.45 20.23 29.62
CA ASN B 735 15.76 19.90 28.22
C ASN B 735 17.11 20.42 27.72
N GLU B 736 17.83 19.54 27.01
CA GLU B 736 19.16 19.81 26.42
C GLU B 736 20.15 20.46 27.41
N GLN B 737 20.16 19.98 28.67
CA GLN B 737 20.83 20.69 29.76
C GLN B 737 21.00 19.86 31.03
N ASN B 738 22.13 20.09 31.74
CA ASN B 738 22.33 19.45 33.05
C ASN B 738 22.74 20.41 34.18
N SER B 739 22.02 21.52 34.27
CA SER B 739 22.09 22.47 35.38
C SER B 739 20.76 23.20 35.52
N VAL B 740 20.38 23.49 36.77
CA VAL B 740 19.18 24.24 37.09
C VAL B 740 19.52 25.41 38.04
N THR B 741 19.24 26.63 37.61
CA THR B 741 19.59 27.79 38.46
C THR B 741 18.39 28.47 39.17
N PHE B 742 18.45 28.48 40.49
CA PHE B 742 17.41 29.08 41.35
C PHE B 742 17.81 30.47 41.82
N ARG B 743 16.94 31.47 41.67
CA ARG B 743 17.35 32.84 42.05
C ARG B 743 16.47 33.53 43.07
N ASN B 744 17.11 34.00 44.15
CA ASN B 744 16.51 34.85 45.18
C ASN B 744 15.37 34.17 45.93
N ILE B 745 15.72 33.09 46.62
CA ILE B 745 14.74 32.23 47.30
C ILE B 745 14.59 32.59 48.80
N PRO B 746 13.33 32.61 49.30
CA PRO B 746 13.03 32.81 50.73
C PRO B 746 13.85 31.92 51.70
N PRO B 747 14.22 32.47 52.86
CA PRO B 747 14.97 31.67 53.84
C PRO B 747 14.16 30.46 54.29
N GLY B 748 14.80 29.33 54.48
CA GLY B 748 14.11 28.17 55.06
C GLY B 748 14.75 26.85 54.70
N LYS B 749 14.02 25.76 54.91
CA LYS B 749 14.54 24.43 54.60
C LYS B 749 13.90 23.87 53.33
N TYR B 750 14.75 23.34 52.45
CA TYR B 750 14.36 22.82 51.13
C TYR B 750 15.03 21.49 50.82
N GLU B 751 14.54 20.80 49.80
CA GLU B 751 15.19 19.58 49.32
C GLU B 751 15.15 19.55 47.78
N PHE B 752 16.33 19.46 47.17
CA PHE B 752 16.44 19.32 45.73
C PHE B 752 16.36 17.84 45.41
N LEU B 753 15.54 17.50 44.43
CA LEU B 753 15.45 16.12 43.97
C LEU B 753 15.64 16.06 42.44
N VAL B 754 16.58 15.23 42.00
CA VAL B 754 16.86 14.99 40.55
C VAL B 754 16.80 13.48 40.20
N LYS B 755 16.02 13.11 39.18
CA LYS B 755 15.97 11.71 38.71
C LYS B 755 16.32 11.71 37.22
N ALA B 756 16.83 10.58 36.72
CA ALA B 756 17.15 10.47 35.29
C ALA B 756 16.20 9.50 34.58
N ARG B 757 16.38 9.35 33.27
CA ARG B 757 15.77 8.27 32.52
C ARG B 757 16.51 8.06 31.21
N LEU B 758 16.45 6.86 30.67
CA LEU B 758 17.05 6.56 29.38
C LEU B 758 16.06 6.78 28.26
N HIS B 759 16.55 6.86 27.03
CA HIS B 759 15.73 7.28 25.91
C HIS B 759 14.40 6.61 25.75
N ASN B 760 14.32 5.29 25.93
CA ASN B 760 13.06 4.64 25.64
C ASN B 760 12.28 4.11 26.84
N GLN B 761 12.59 4.65 28.02
CA GLN B 761 11.95 4.18 29.24
C GLN B 761 11.14 5.27 29.93
N ASP B 762 10.30 4.88 30.88
CA ASP B 762 9.57 5.84 31.71
C ASP B 762 10.48 6.31 32.82
N TRP B 763 10.00 7.30 33.56
CA TRP B 763 10.77 7.87 34.66
C TRP B 763 11.05 6.90 35.75
N SER B 764 12.28 6.95 36.24
CA SER B 764 12.71 6.06 37.30
C SER B 764 12.02 6.34 38.63
N GLU B 765 11.94 5.30 39.45
CA GLU B 765 11.43 5.40 40.81
C GLU B 765 12.43 6.20 41.64
N ASP B 766 13.72 5.95 41.37
CA ASP B 766 14.81 6.44 42.19
C ASP B 766 15.03 7.91 42.02
N THR B 767 15.56 8.55 43.05
CA THR B 767 15.86 9.98 43.03
C THR B 767 17.14 10.20 43.76
N THR B 768 17.76 11.35 43.55
CA THR B 768 18.95 11.70 44.32
C THR B 768 18.72 13.14 44.84
N SER B 769 19.17 13.43 46.06
CA SER B 769 18.75 14.65 46.73
C SER B 769 19.82 15.35 47.53
N LEU B 770 19.76 16.67 47.48
CA LEU B 770 20.57 17.57 48.30
C LEU B 770 19.61 18.43 49.06
N ARG B 771 19.70 18.37 50.40
CA ARG B 771 18.90 19.24 51.25
C ARG B 771 19.54 20.62 51.36
N ILE B 772 18.73 21.68 51.28
CA ILE B 772 19.21 23.07 51.33
C ILE B 772 18.62 23.87 52.51
N HIS B 773 19.49 24.46 53.35
CA HIS B 773 19.07 25.38 54.41
C HIS B 773 19.58 26.79 54.16
N ILE B 774 18.64 27.71 54.03
CA ILE B 774 18.90 29.12 53.72
C ILE B 774 18.57 29.96 54.96
N ASN B 775 19.55 30.72 55.45
CA ASN B 775 19.41 31.50 56.69
C ASN B 775 18.71 32.86 56.53
N PRO B 776 18.48 33.56 57.66
CA PRO B 776 18.11 34.97 57.59
C PRO B 776 19.25 35.88 58.01
N PRO C 4 -28.04 1.29 -17.25
CA PRO C 4 -28.49 1.72 -18.59
C PRO C 4 -29.56 0.77 -19.15
N TYR C 5 -29.16 -0.17 -20.02
CA TYR C 5 -30.10 -1.14 -20.63
C TYR C 5 -30.08 -2.56 -20.01
N LEU C 6 -31.18 -2.94 -19.34
CA LEU C 6 -31.36 -4.32 -18.88
C LEU C 6 -31.60 -5.25 -20.08
N ILE C 7 -30.63 -6.11 -20.40
CA ILE C 7 -30.70 -6.98 -21.60
C ILE C 7 -31.06 -8.45 -21.29
N GLN C 8 -32.34 -8.77 -21.46
CA GLN C 8 -32.86 -10.11 -21.19
C GLN C 8 -32.52 -10.99 -22.36
N ARG C 9 -32.32 -12.27 -22.09
CA ARG C 9 -31.83 -13.19 -23.12
C ARG C 9 -32.78 -14.34 -23.35
N LEU C 10 -33.13 -14.57 -24.61
CA LEU C 10 -33.98 -15.68 -25.01
C LEU C 10 -33.20 -16.72 -25.80
N GLY C 11 -33.55 -18.00 -25.66
CA GLY C 11 -32.88 -19.02 -26.43
C GLY C 11 -33.40 -20.44 -26.27
N ILE C 12 -32.47 -21.35 -26.03
CA ILE C 12 -32.76 -22.78 -25.99
C ILE C 12 -33.75 -23.06 -24.87
N GLU C 13 -33.56 -22.36 -23.76
CA GLU C 13 -34.49 -22.44 -22.64
C GLU C 13 -35.96 -22.41 -23.11
N GLN C 14 -36.26 -21.58 -24.12
CA GLN C 14 -37.64 -21.34 -24.58
C GLN C 14 -38.02 -22.07 -25.87
N GLY C 15 -37.11 -22.90 -26.37
CA GLY C 15 -37.39 -23.75 -27.53
C GLY C 15 -36.93 -23.28 -28.90
N LEU C 16 -36.13 -22.21 -28.92
CA LEU C 16 -35.58 -21.61 -30.16
C LEU C 16 -34.77 -22.63 -30.90
N SER C 17 -34.93 -22.69 -32.22
CA SER C 17 -34.43 -23.81 -33.02
C SER C 17 -32.92 -23.81 -33.21
N ASN C 18 -32.34 -22.61 -33.18
CA ASN C 18 -30.94 -22.39 -33.55
C ASN C 18 -30.40 -21.14 -32.90
N ASN C 19 -29.21 -21.21 -32.31
CA ASN C 19 -28.64 -20.03 -31.66
C ASN C 19 -27.99 -19.06 -32.63
N TYR C 20 -28.20 -19.30 -33.92
CA TYR C 20 -27.70 -18.39 -34.93
C TYR C 20 -28.88 -17.67 -35.61
N VAL C 21 -29.16 -16.46 -35.13
CA VAL C 21 -30.30 -15.71 -35.62
C VAL C 21 -29.83 -14.54 -36.47
N LEU C 22 -30.39 -14.44 -37.68
CA LEU C 22 -29.96 -13.49 -38.70
C LEU C 22 -30.96 -12.41 -39.06
N SER C 23 -32.26 -12.63 -38.82
CA SER C 23 -33.28 -11.70 -39.30
C SER C 23 -34.50 -11.80 -38.43
N ILE C 24 -35.14 -10.64 -38.25
CA ILE C 24 -36.34 -10.52 -37.43
C ILE C 24 -37.37 -9.54 -38.05
N THR C 25 -38.65 -9.92 -38.00
CA THR C 25 -39.78 -8.97 -38.18
C THR C 25 -41.00 -9.40 -37.37
N GLN C 26 -42.12 -8.70 -37.58
CA GLN C 26 -43.36 -8.92 -36.85
C GLN C 26 -44.51 -9.03 -37.82
N ASP C 27 -45.33 -10.06 -37.72
CA ASP C 27 -46.47 -10.17 -38.63
C ASP C 27 -47.60 -9.16 -38.27
N LYS C 28 -48.43 -8.84 -39.24
CA LYS C 28 -49.46 -7.84 -39.05
C LYS C 28 -50.44 -8.17 -37.88
N GLN C 29 -50.27 -9.36 -37.31
CA GLN C 29 -51.12 -9.78 -36.20
C GLN C 29 -50.33 -9.96 -34.91
N GLY C 30 -49.16 -9.34 -34.86
CA GLY C 30 -48.46 -9.20 -33.60
C GLY C 30 -47.27 -10.10 -33.33
N PHE C 31 -47.29 -11.32 -33.83
CA PHE C 31 -46.25 -12.32 -33.52
C PHE C 31 -44.90 -12.07 -34.20
N LEU C 32 -43.81 -12.28 -33.45
CA LEU C 32 -42.47 -12.11 -34.03
C LEU C 32 -41.96 -13.37 -34.73
N TRP C 33 -41.15 -13.13 -35.76
CA TRP C 33 -40.61 -14.21 -36.56
C TRP C 33 -39.13 -14.10 -36.64
N PHE C 34 -38.48 -15.26 -36.51
CA PHE C 34 -37.03 -15.35 -36.41
C PHE C 34 -36.45 -16.27 -37.47
N ALA C 35 -35.51 -15.74 -38.24
CA ALA C 35 -34.89 -16.54 -39.26
C ALA C 35 -33.50 -16.97 -38.77
N THR C 36 -33.20 -18.28 -38.85
CA THR C 36 -31.95 -18.81 -38.30
C THR C 36 -31.19 -19.72 -39.23
N GLU C 37 -29.98 -20.06 -38.81
CA GLU C 37 -29.14 -20.99 -39.56
C GLU C 37 -29.68 -22.43 -39.58
N GLU C 38 -30.76 -22.70 -38.85
CA GLU C 38 -31.46 -23.99 -38.90
C GLU C 38 -32.84 -23.85 -38.31
N GLY C 39 -33.77 -23.43 -39.15
CA GLY C 39 -35.17 -23.42 -38.76
C GLY C 39 -35.84 -22.07 -38.78
N LEU C 40 -37.13 -22.10 -39.06
CA LEU C 40 -37.95 -20.90 -38.97
C LEU C 40 -38.56 -20.91 -37.59
N ASN C 41 -38.54 -19.74 -36.94
CA ASN C 41 -39.11 -19.57 -35.59
C ASN C 41 -40.20 -18.50 -35.51
N LYS C 42 -41.35 -18.90 -34.97
CA LYS C 42 -42.47 -17.99 -34.69
C LYS C 42 -42.58 -17.99 -33.17
N PHE C 43 -42.49 -16.81 -32.58
CA PHE C 43 -42.58 -16.67 -31.12
C PHE C 43 -43.96 -16.21 -30.64
N ASP C 44 -44.64 -17.14 -29.95
CA ASP C 44 -46.02 -16.95 -29.50
C ASP C 44 -46.18 -16.05 -28.27
N GLY C 45 -45.09 -15.87 -27.52
CA GLY C 45 -45.09 -15.01 -26.32
C GLY C 45 -44.32 -15.57 -25.12
N THR C 46 -44.09 -16.88 -25.14
CA THR C 46 -43.37 -17.57 -24.06
C THR C 46 -42.49 -18.67 -24.65
N ARG C 47 -42.97 -19.22 -25.75
CA ARG C 47 -42.39 -20.40 -26.35
C ARG C 47 -42.19 -20.13 -27.85
N PHE C 48 -41.16 -20.74 -28.44
CA PHE C 48 -40.96 -20.64 -29.86
C PHE C 48 -41.63 -21.83 -30.51
N ILE C 49 -42.17 -21.60 -31.72
CA ILE C 49 -42.71 -22.68 -32.56
C ILE C 49 -41.79 -22.80 -33.76
N THR C 50 -41.12 -23.96 -33.88
CA THR C 50 -40.09 -24.16 -34.90
C THR C 50 -40.70 -24.82 -36.13
N TYR C 51 -40.17 -24.48 -37.30
CA TYR C 51 -40.63 -25.04 -38.58
C TYR C 51 -39.44 -25.60 -39.30
N TYR C 52 -39.54 -26.86 -39.73
CA TYR C 52 -38.46 -27.48 -40.50
C TYR C 52 -38.94 -28.03 -41.85
N LYS C 53 -37.94 -28.30 -42.71
CA LYS C 53 -38.10 -28.90 -44.03
C LYS C 53 -38.70 -30.29 -43.90
N GLU C 54 -39.75 -30.57 -44.67
CA GLU C 54 -40.42 -31.89 -44.65
C GLU C 54 -39.64 -33.03 -45.32
N GLU C 55 -39.90 -34.25 -44.85
CA GLU C 55 -39.06 -35.44 -45.13
C GLU C 55 -39.77 -36.46 -46.04
N GLN C 56 -40.52 -37.39 -45.44
CA GLN C 56 -41.45 -38.23 -46.20
C GLN C 56 -42.87 -37.67 -46.08
N SER C 57 -42.99 -36.55 -45.38
CA SER C 57 -44.16 -35.71 -45.51
C SER C 57 -44.14 -35.06 -46.91
N SER C 58 -44.20 -35.92 -47.94
CA SER C 58 -44.27 -35.50 -49.33
C SER C 58 -45.68 -35.02 -49.66
N SER C 59 -46.55 -35.04 -48.65
CA SER C 59 -47.91 -34.53 -48.76
C SER C 59 -48.01 -33.12 -48.17
N VAL C 60 -47.52 -33.00 -46.93
CA VAL C 60 -47.49 -31.71 -46.23
C VAL C 60 -46.40 -30.80 -46.82
N GLN C 61 -46.77 -29.54 -47.05
CA GLN C 61 -45.86 -28.54 -47.61
C GLN C 61 -45.16 -27.79 -46.46
N SER C 62 -43.84 -27.62 -46.55
CA SER C 62 -43.12 -26.73 -45.60
C SER C 62 -42.03 -25.88 -46.24
N ILE C 63 -41.20 -25.22 -45.43
CA ILE C 63 -40.04 -24.50 -45.95
C ILE C 63 -39.10 -25.47 -46.64
N THR C 64 -38.36 -24.98 -47.61
CA THR C 64 -37.57 -25.83 -48.49
C THR C 64 -36.09 -25.88 -48.12
N GLY C 65 -35.70 -25.16 -47.07
CA GLY C 65 -34.34 -25.19 -46.58
C GLY C 65 -34.37 -24.93 -45.10
N ASN C 66 -33.56 -25.66 -44.34
CA ASN C 66 -33.40 -25.38 -42.91
C ASN C 66 -32.54 -24.11 -42.74
N GLU C 67 -31.61 -23.91 -43.65
CA GLU C 67 -30.69 -22.80 -43.55
C GLU C 67 -31.37 -21.57 -44.16
N LEU C 68 -31.73 -20.58 -43.34
CA LEU C 68 -32.49 -19.37 -43.79
C LEU C 68 -31.70 -18.05 -43.76
N ASN C 69 -32.11 -17.06 -44.56
CA ASN C 69 -31.32 -15.82 -44.64
C ASN C 69 -31.99 -14.55 -44.12
N GLU C 70 -33.30 -14.46 -44.32
CA GLU C 70 -34.01 -13.26 -43.95
C GLU C 70 -35.51 -13.53 -43.95
N VAL C 71 -36.18 -12.91 -42.99
CA VAL C 71 -37.64 -12.91 -42.97
C VAL C 71 -38.20 -11.49 -43.11
N TYR C 72 -39.42 -11.40 -43.64
CA TYR C 72 -39.89 -10.11 -44.11
C TYR C 72 -41.41 -10.07 -44.16
N THR C 73 -42.00 -9.07 -43.49
CA THR C 73 -43.44 -8.88 -43.51
C THR C 73 -43.84 -8.23 -44.80
N ASP C 74 -44.73 -8.90 -45.53
CA ASP C 74 -45.32 -8.26 -46.69
C ASP C 74 -46.14 -7.08 -46.18
N PRO C 75 -45.97 -5.91 -46.83
CA PRO C 75 -46.72 -4.71 -46.49
C PRO C 75 -48.22 -4.95 -46.58
N VAL C 76 -48.69 -5.50 -47.69
CA VAL C 76 -50.13 -5.61 -47.95
C VAL C 76 -50.76 -6.95 -47.56
N GLN C 77 -50.14 -8.04 -48.01
CA GLN C 77 -50.64 -9.38 -47.76
C GLN C 77 -50.32 -9.91 -46.35
N PRO C 78 -51.11 -10.92 -45.90
CA PRO C 78 -50.93 -11.58 -44.62
C PRO C 78 -49.79 -12.59 -44.68
N VAL C 79 -48.63 -12.15 -45.14
CA VAL C 79 -47.58 -13.10 -45.53
C VAL C 79 -46.23 -12.73 -44.92
N ILE C 80 -45.50 -13.75 -44.45
CA ILE C 80 -44.06 -13.66 -44.15
C ILE C 80 -43.29 -14.26 -45.31
N TRP C 81 -42.49 -13.43 -45.99
CA TRP C 81 -41.56 -13.95 -47.00
C TRP C 81 -40.30 -14.43 -46.33
N ILE C 82 -39.83 -15.59 -46.79
CA ILE C 82 -38.63 -16.24 -46.27
C ILE C 82 -37.61 -16.35 -47.39
N ALA C 83 -36.41 -15.84 -47.13
CA ALA C 83 -35.30 -15.92 -48.05
C ALA C 83 -34.36 -17.05 -47.63
N THR C 84 -34.49 -18.26 -48.20
CA THR C 84 -33.61 -19.38 -47.81
C THR C 84 -32.30 -19.26 -48.59
N GLN C 85 -31.20 -19.76 -48.04
CA GLN C 85 -29.89 -19.54 -48.69
C GLN C 85 -29.55 -20.58 -49.73
N ARG C 86 -30.30 -21.67 -49.75
CA ARG C 86 -29.99 -22.77 -50.65
C ARG C 86 -31.23 -23.36 -51.31
N ALA C 87 -32.40 -22.87 -50.94
CA ALA C 87 -33.64 -23.52 -51.36
C ALA C 87 -34.64 -22.61 -52.08
N GLY C 88 -34.28 -21.35 -52.27
CA GLY C 88 -35.15 -20.42 -52.98
C GLY C 88 -36.02 -19.59 -52.07
N LEU C 89 -37.16 -19.14 -52.61
CA LEU C 89 -38.03 -18.21 -51.90
C LEU C 89 -39.29 -18.90 -51.38
N ASN C 90 -39.57 -18.73 -50.10
CA ASN C 90 -40.76 -19.28 -49.47
C ASN C 90 -41.71 -18.17 -49.02
N ALA C 91 -43.02 -18.47 -49.07
CA ALA C 91 -44.03 -17.53 -48.60
C ALA C 91 -44.95 -18.19 -47.56
N TYR C 92 -44.96 -17.62 -46.35
CA TYR C 92 -45.89 -18.10 -45.33
C TYR C 92 -47.06 -17.15 -45.13
N ASN C 93 -48.22 -17.64 -45.55
CA ASN C 93 -49.48 -16.96 -45.35
C ASN C 93 -49.98 -17.40 -44.00
N TYR C 94 -49.74 -16.58 -42.99
CA TYR C 94 -50.05 -16.93 -41.61
C TYR C 94 -51.55 -16.98 -41.33
N GLU C 95 -52.37 -16.58 -42.30
CA GLU C 95 -53.82 -16.71 -42.20
C GLU C 95 -54.29 -18.14 -42.55
N THR C 96 -53.94 -18.59 -43.75
CA THR C 96 -54.40 -19.88 -44.30
C THR C 96 -53.46 -21.01 -43.90
N GLN C 97 -52.35 -20.60 -43.30
CA GLN C 97 -51.33 -21.52 -42.76
C GLN C 97 -50.85 -22.52 -43.80
N SER C 98 -50.41 -21.97 -44.92
CA SER C 98 -49.83 -22.77 -45.97
C SER C 98 -48.50 -22.15 -46.28
N PHE C 99 -47.60 -22.98 -46.79
CA PHE C 99 -46.32 -22.54 -47.31
C PHE C 99 -46.34 -22.63 -48.82
N SER C 100 -46.00 -21.54 -49.49
CA SER C 100 -45.84 -21.58 -50.93
C SER C 100 -44.38 -21.44 -51.30
N VAL C 101 -44.03 -21.98 -52.45
CA VAL C 101 -42.63 -22.02 -52.87
C VAL C 101 -42.42 -21.28 -54.19
N TYR C 102 -41.30 -20.57 -54.25
CA TYR C 102 -40.84 -19.88 -55.46
C TYR C 102 -39.38 -20.29 -55.77
N GLN C 103 -39.26 -21.39 -56.54
CA GLN C 103 -37.99 -22.01 -56.92
C GLN C 103 -37.62 -21.77 -58.37
N TYR C 104 -36.37 -22.12 -58.70
CA TYR C 104 -35.82 -22.05 -60.06
C TYR C 104 -36.45 -23.08 -61.00
N ASN C 105 -36.63 -22.70 -62.25
CA ASN C 105 -37.11 -23.63 -63.26
C ASN C 105 -36.31 -23.46 -64.55
N PRO C 106 -35.51 -24.50 -64.93
CA PRO C 106 -34.71 -24.42 -66.15
C PRO C 106 -35.63 -24.36 -67.35
N GLU C 107 -36.91 -24.69 -67.10
CA GLU C 107 -37.93 -24.68 -68.11
C GLU C 107 -38.51 -23.29 -68.36
N ASP C 108 -37.94 -22.26 -67.71
CA ASP C 108 -38.37 -20.87 -67.91
C ASP C 108 -37.47 -20.00 -68.85
N PRO C 109 -36.45 -19.26 -68.32
CA PRO C 109 -36.00 -18.91 -66.98
C PRO C 109 -36.58 -17.55 -66.60
N GLN C 110 -37.88 -17.39 -66.84
CA GLN C 110 -38.65 -16.29 -66.27
C GLN C 110 -39.22 -16.67 -64.88
N SER C 111 -38.71 -17.77 -64.30
CA SER C 111 -38.89 -18.09 -62.88
C SER C 111 -37.63 -17.63 -62.15
N LEU C 112 -37.64 -17.65 -60.81
CA LEU C 112 -36.47 -17.23 -60.04
C LEU C 112 -35.25 -17.96 -60.60
N ILE C 113 -34.23 -17.21 -61.06
CA ILE C 113 -33.13 -17.87 -61.80
C ILE C 113 -32.15 -18.68 -60.95
N THR C 114 -32.07 -18.37 -59.67
CA THR C 114 -31.18 -19.06 -58.75
C THR C 114 -31.80 -19.01 -57.36
N ASN C 115 -31.71 -20.11 -56.62
CA ASN C 115 -32.38 -20.19 -55.32
C ASN C 115 -31.51 -20.08 -54.06
N ASP C 116 -30.61 -19.09 -54.07
CA ASP C 116 -29.85 -18.66 -52.89
C ASP C 116 -30.14 -17.19 -52.59
N VAL C 117 -31.25 -16.97 -51.89
CA VAL C 117 -31.79 -15.65 -51.74
C VAL C 117 -31.20 -14.92 -50.55
N THR C 118 -30.58 -13.77 -50.77
CA THR C 118 -29.89 -13.07 -49.67
C THR C 118 -30.61 -11.89 -49.01
N HIS C 119 -31.63 -11.30 -49.64
CA HIS C 119 -32.28 -10.10 -49.10
C HIS C 119 -33.56 -9.76 -49.81
N ILE C 120 -34.58 -9.36 -49.05
CA ILE C 120 -35.85 -8.95 -49.65
C ILE C 120 -36.21 -7.55 -49.19
N THR C 121 -36.85 -6.76 -50.06
CA THR C 121 -37.48 -5.49 -49.69
C THR C 121 -38.73 -5.35 -50.54
N SER C 122 -39.78 -4.66 -50.06
CA SER C 122 -40.93 -4.38 -50.92
C SER C 122 -40.61 -3.31 -51.96
N SER C 123 -41.38 -3.27 -53.04
CA SER C 123 -41.23 -2.22 -54.05
C SER C 123 -41.70 -0.88 -53.48
N VAL C 124 -41.35 0.21 -54.14
CA VAL C 124 -41.72 1.55 -53.64
C VAL C 124 -43.23 1.76 -53.37
N GLN C 125 -44.09 1.38 -54.32
CA GLN C 125 -45.54 1.34 -54.03
C GLN C 125 -45.81 -0.05 -53.49
N ALA C 126 -45.99 -0.14 -52.18
CA ALA C 126 -45.93 -1.42 -51.45
C ALA C 126 -46.86 -2.53 -51.98
N GLY C 127 -46.41 -3.78 -51.82
CA GLY C 127 -47.17 -4.96 -52.25
C GLY C 127 -47.42 -5.07 -53.76
N LYS C 128 -46.91 -4.10 -54.53
CA LYS C 128 -46.91 -4.12 -55.99
C LYS C 128 -45.90 -5.17 -56.47
N GLY C 129 -44.68 -5.05 -55.98
CA GLY C 129 -43.69 -6.09 -56.14
C GLY C 129 -42.84 -6.21 -54.89
N LEU C 130 -41.76 -6.97 -55.01
CA LEU C 130 -40.63 -6.89 -54.08
C LEU C 130 -39.34 -7.28 -54.81
N TRP C 131 -38.24 -6.58 -54.47
CA TRP C 131 -36.90 -6.89 -54.98
C TRP C 131 -36.28 -8.00 -54.19
N VAL C 132 -35.80 -9.03 -54.87
CA VAL C 132 -35.09 -10.13 -54.19
C VAL C 132 -33.62 -10.19 -54.63
N CYS C 133 -32.71 -10.28 -53.66
CA CYS C 133 -31.29 -10.32 -53.98
C CYS C 133 -30.74 -11.74 -53.99
N THR C 134 -29.82 -12.01 -54.91
CA THR C 134 -29.21 -13.33 -54.91
C THR C 134 -27.69 -13.29 -54.75
N TYR C 135 -27.15 -14.36 -54.18
CA TYR C 135 -25.72 -14.50 -54.04
C TYR C 135 -25.06 -14.76 -55.40
N TYR C 136 -25.84 -15.27 -56.37
CA TYR C 136 -25.24 -15.75 -57.62
C TYR C 136 -25.70 -15.15 -58.96
N ARG C 137 -27.01 -15.10 -59.22
CA ARG C 137 -27.50 -14.52 -60.48
C ARG C 137 -28.31 -13.23 -60.30
N GLY C 138 -27.73 -12.29 -59.56
CA GLY C 138 -28.21 -10.91 -59.55
C GLY C 138 -29.45 -10.63 -58.74
N ILE C 139 -30.28 -9.71 -59.24
CA ILE C 139 -31.45 -9.28 -58.49
C ILE C 139 -32.71 -9.69 -59.24
N GLU C 140 -33.68 -10.25 -58.51
CA GLU C 140 -34.96 -10.63 -59.10
C GLU C 140 -36.04 -9.63 -58.69
N TYR C 141 -36.96 -9.31 -59.61
CA TYR C 141 -38.13 -8.49 -59.26
C TYR C 141 -39.44 -9.27 -59.37
N LEU C 142 -40.00 -9.64 -58.22
CA LEU C 142 -41.25 -10.38 -58.22
C LEU C 142 -42.49 -9.49 -58.25
N ASP C 143 -43.11 -9.40 -59.41
CA ASP C 143 -44.39 -8.72 -59.61
C ASP C 143 -45.47 -9.60 -58.98
N ILE C 144 -45.76 -9.31 -57.71
CA ILE C 144 -46.61 -10.14 -56.85
C ILE C 144 -47.97 -10.47 -57.43
N ALA C 145 -48.53 -9.53 -58.19
CA ALA C 145 -49.83 -9.70 -58.84
C ALA C 145 -49.83 -10.91 -59.78
N THR C 146 -49.15 -10.79 -60.93
CA THR C 146 -48.98 -11.88 -61.92
C THR C 146 -48.13 -13.03 -61.35
N GLY C 147 -47.34 -12.70 -60.33
CA GLY C 147 -46.52 -13.65 -59.56
C GLY C 147 -45.28 -14.10 -60.30
N LYS C 148 -44.77 -13.25 -61.17
CA LYS C 148 -43.66 -13.62 -62.06
C LYS C 148 -42.50 -12.63 -62.12
N PHE C 149 -41.30 -13.17 -62.27
CA PHE C 149 -40.05 -12.47 -61.97
C PHE C 149 -39.45 -11.74 -63.15
N THR C 150 -38.94 -10.54 -62.92
CA THR C 150 -38.04 -9.89 -63.89
C THR C 150 -36.62 -9.94 -63.35
N HIS C 151 -35.65 -10.19 -64.23
CA HIS C 151 -34.26 -10.39 -63.83
C HIS C 151 -33.35 -9.27 -64.25
N TYR C 152 -32.70 -8.65 -63.27
CA TYR C 152 -31.66 -7.67 -63.54
C TYR C 152 -30.32 -8.29 -63.08
N ASN C 153 -29.42 -8.48 -64.05
CA ASN C 153 -28.03 -8.93 -63.82
C ASN C 153 -27.22 -8.60 -65.07
N LYS C 154 -25.90 -8.82 -65.06
CA LYS C 154 -25.07 -8.42 -66.20
C LYS C 154 -25.31 -9.22 -67.50
N SER C 155 -26.40 -9.98 -67.49
CA SER C 155 -26.94 -10.61 -68.68
C SER C 155 -27.93 -9.63 -69.27
N THR C 156 -28.67 -8.96 -68.40
CA THR C 156 -29.72 -8.03 -68.80
C THR C 156 -29.34 -6.56 -68.62
N VAL C 157 -28.21 -6.30 -67.97
CA VAL C 157 -27.64 -4.96 -67.85
C VAL C 157 -26.11 -4.98 -67.95
N PRO C 158 -25.53 -4.42 -69.03
CA PRO C 158 -24.07 -4.43 -69.20
C PRO C 158 -23.31 -3.62 -68.13
N ALA C 159 -23.92 -2.53 -67.68
CA ALA C 159 -23.25 -1.53 -66.83
C ALA C 159 -23.02 -1.98 -65.38
N LEU C 160 -23.73 -3.04 -64.98
CA LEU C 160 -23.54 -3.67 -63.67
C LEU C 160 -22.17 -4.30 -63.51
N PRO C 161 -21.43 -3.92 -62.45
CA PRO C 161 -20.06 -4.39 -62.25
C PRO C 161 -19.93 -5.67 -61.40
N SER C 162 -21.06 -6.27 -61.03
CA SER C 162 -21.08 -7.52 -60.27
C SER C 162 -22.52 -8.01 -60.13
N GLU C 163 -22.72 -9.32 -60.32
CA GLU C 163 -24.05 -9.89 -60.13
C GLU C 163 -24.19 -10.71 -58.83
N GLN C 164 -23.26 -10.51 -57.91
CA GLN C 164 -23.35 -11.13 -56.61
C GLN C 164 -23.81 -10.08 -55.61
N THR C 165 -24.91 -10.33 -54.90
CA THR C 165 -25.56 -9.28 -54.10
C THR C 165 -25.93 -9.70 -52.67
N TRP C 166 -25.80 -8.77 -51.74
CA TRP C 166 -26.26 -9.00 -50.37
C TRP C 166 -27.60 -8.36 -50.14
N THR C 167 -27.65 -7.06 -50.41
CA THR C 167 -28.80 -6.25 -50.07
C THR C 167 -29.07 -5.30 -51.20
N ALA C 168 -30.27 -4.70 -51.15
CA ALA C 168 -30.72 -3.68 -52.09
C ALA C 168 -31.98 -2.96 -51.62
N THR C 169 -31.96 -1.64 -51.70
CA THR C 169 -33.16 -0.81 -51.54
C THR C 169 -33.18 0.34 -52.54
N GLU C 170 -34.39 0.82 -52.81
CA GLU C 170 -34.64 1.97 -53.67
C GLU C 170 -34.64 3.24 -52.83
N ALA C 171 -33.46 3.66 -52.38
CA ALA C 171 -33.31 4.86 -51.54
C ALA C 171 -33.67 6.15 -52.29
N GLU C 172 -33.49 6.11 -53.62
CA GLU C 172 -33.97 7.14 -54.55
C GLU C 172 -35.04 6.55 -55.46
N ASP C 173 -36.02 7.38 -55.83
CA ASP C 173 -37.08 6.95 -56.73
C ASP C 173 -36.47 6.54 -58.04
N GLY C 174 -36.71 5.29 -58.42
CA GLY C 174 -36.23 4.74 -59.67
C GLY C 174 -34.76 4.33 -59.62
N LYS C 175 -34.12 4.55 -58.48
CA LYS C 175 -32.69 4.28 -58.32
C LYS C 175 -32.52 3.14 -57.33
N LEU C 176 -31.86 2.06 -57.75
CA LEU C 176 -31.65 0.91 -56.86
C LEU C 176 -30.23 0.85 -56.33
N TYR C 177 -30.11 0.97 -55.01
CA TYR C 177 -28.83 0.84 -54.32
C TYR C 177 -28.50 -0.64 -54.01
N ILE C 178 -27.49 -1.17 -54.68
CA ILE C 178 -27.07 -2.56 -54.56
C ILE C 178 -25.83 -2.63 -53.69
N GLY C 179 -25.81 -3.61 -52.78
CA GLY C 179 -24.61 -3.91 -52.01
C GLY C 179 -24.00 -5.23 -52.46
N HIS C 180 -22.75 -5.20 -52.89
CA HIS C 180 -22.12 -6.38 -53.47
C HIS C 180 -21.34 -7.26 -52.52
N VAL C 181 -21.29 -8.54 -52.87
CA VAL C 181 -20.45 -9.53 -52.20
C VAL C 181 -19.00 -9.16 -52.50
N GLU C 182 -18.39 -8.44 -51.55
CA GLU C 182 -17.07 -7.80 -51.70
C GLU C 182 -16.83 -7.12 -53.05
N GLY C 183 -17.78 -6.29 -53.47
CA GLY C 183 -17.70 -5.56 -54.73
C GLY C 183 -18.02 -4.08 -54.63
N GLY C 184 -18.39 -3.63 -53.43
CA GLY C 184 -18.76 -2.23 -53.23
C GLY C 184 -20.21 -1.95 -53.61
N LEU C 185 -20.62 -0.71 -53.49
CA LEU C 185 -22.01 -0.39 -53.79
C LEU C 185 -22.19 0.19 -55.18
N SER C 186 -23.26 -0.25 -55.81
CA SER C 186 -23.64 0.25 -57.12
C SER C 186 -24.97 0.97 -57.00
N ILE C 187 -25.23 1.87 -57.95
CA ILE C 187 -26.55 2.48 -58.13
C ILE C 187 -26.98 2.42 -59.61
N LEU C 188 -27.98 1.58 -59.87
CA LEU C 188 -28.64 1.46 -61.16
C LEU C 188 -29.83 2.39 -61.17
N SER C 189 -30.06 3.08 -62.29
CA SER C 189 -31.28 3.85 -62.51
C SER C 189 -32.24 3.06 -63.39
N LEU C 190 -33.44 2.78 -62.89
CA LEU C 190 -34.44 1.95 -63.61
C LEU C 190 -34.79 2.49 -64.99
N ASN C 191 -34.91 3.82 -65.10
CA ASN C 191 -35.31 4.49 -66.34
C ASN C 191 -34.22 4.52 -67.39
N ASP C 192 -33.00 4.22 -66.99
CA ASP C 192 -31.83 4.52 -67.80
C ASP C 192 -30.92 3.29 -68.04
N LYS C 193 -31.06 2.26 -67.17
CA LYS C 193 -30.23 1.06 -67.13
C LYS C 193 -28.69 1.26 -67.23
N SER C 194 -28.28 2.44 -66.58
CA SER C 194 -26.86 2.74 -66.30
C SER C 194 -26.56 2.53 -64.80
N VAL C 195 -25.27 2.53 -64.49
CA VAL C 195 -24.80 2.29 -63.13
C VAL C 195 -23.83 3.38 -62.71
N LYS C 196 -23.79 3.62 -61.40
CA LYS C 196 -22.75 4.42 -60.79
C LYS C 196 -22.11 3.51 -59.74
N HIS C 197 -20.78 3.30 -59.86
CA HIS C 197 -20.08 2.32 -59.02
C HIS C 197 -19.10 2.96 -58.04
N PHE C 198 -18.88 2.29 -56.92
CA PHE C 198 -18.04 2.83 -55.84
C PHE C 198 -17.19 1.75 -55.16
N VAL C 199 -15.87 1.93 -55.21
CA VAL C 199 -14.89 1.02 -54.58
C VAL C 199 -13.99 1.86 -53.66
N HIS C 200 -12.77 1.39 -53.36
CA HIS C 200 -11.86 2.01 -52.37
C HIS C 200 -10.41 2.01 -52.79
N PRO C 209 -15.31 4.11 -48.39
CA PRO C 209 -16.01 2.96 -47.80
C PRO C 209 -15.10 1.74 -47.61
N GLY C 210 -15.66 0.66 -47.04
CA GLY C 210 -15.08 -0.69 -47.15
C GLY C 210 -15.83 -1.46 -48.21
N ASN C 211 -15.26 -2.55 -48.73
CA ASN C 211 -15.82 -3.16 -49.96
C ASN C 211 -16.95 -4.20 -49.86
N ASP C 212 -17.01 -4.95 -48.77
CA ASP C 212 -18.16 -5.83 -48.54
C ASP C 212 -19.32 -5.03 -47.95
N VAL C 213 -20.25 -4.65 -48.84
CA VAL C 213 -21.45 -3.90 -48.47
C VAL C 213 -22.54 -4.88 -48.08
N ARG C 214 -22.84 -4.85 -46.79
CA ARG C 214 -23.70 -5.81 -46.15
C ARG C 214 -25.05 -5.21 -45.77
N CYS C 215 -25.14 -3.87 -45.77
CA CYS C 215 -26.37 -3.21 -45.40
C CYS C 215 -26.53 -1.76 -45.92
N ILE C 216 -27.68 -1.48 -46.51
CA ILE C 216 -28.01 -0.14 -47.00
C ILE C 216 -29.28 0.36 -46.32
N TYR C 217 -29.23 1.52 -45.67
CA TYR C 217 -30.38 2.00 -44.88
C TYR C 217 -30.76 3.47 -45.04
N LYS C 218 -31.99 3.70 -45.49
CA LYS C 218 -32.62 5.03 -45.55
C LYS C 218 -33.16 5.46 -44.16
N ASP C 219 -32.54 6.52 -43.66
CA ASP C 219 -32.96 7.24 -42.46
C ASP C 219 -34.34 7.85 -42.68
N THR C 220 -35.07 8.11 -41.60
CA THR C 220 -36.33 8.88 -41.72
C THR C 220 -36.03 10.34 -42.13
N ASN C 221 -34.74 10.69 -42.16
CA ASN C 221 -34.28 12.05 -42.49
C ASN C 221 -33.56 12.20 -43.82
N GLY C 222 -33.60 11.13 -44.61
CA GLY C 222 -33.10 11.16 -45.98
C GLY C 222 -31.67 10.67 -46.06
N ASN C 223 -31.07 10.48 -44.89
CA ASN C 223 -29.69 10.02 -44.76
C ASN C 223 -29.54 8.57 -45.14
N ILE C 224 -28.64 8.34 -46.07
CA ILE C 224 -28.41 7.00 -46.51
C ILE C 224 -27.18 6.50 -45.77
N TRP C 225 -27.39 5.62 -44.80
CA TRP C 225 -26.30 4.98 -44.09
C TRP C 225 -25.93 3.68 -44.79
N ILE C 226 -24.63 3.36 -44.83
CA ILE C 226 -24.14 2.16 -45.50
C ILE C 226 -23.21 1.35 -44.63
N GLY C 227 -23.52 0.06 -44.51
CA GLY C 227 -22.81 -0.82 -43.59
C GLY C 227 -21.99 -1.86 -44.32
N THR C 228 -20.67 -1.76 -44.15
CA THR C 228 -19.70 -2.55 -44.90
C THR C 228 -18.75 -3.28 -43.95
N SER C 229 -17.74 -3.93 -44.52
CA SER C 229 -16.70 -4.59 -43.73
C SER C 229 -15.70 -3.63 -43.09
N LYS C 230 -15.67 -2.37 -43.54
CA LYS C 230 -14.73 -1.37 -43.02
C LYS C 230 -15.33 -0.36 -42.03
N GLY C 231 -16.60 -0.57 -41.70
CA GLY C 231 -17.33 0.27 -40.73
C GLY C 231 -18.61 0.85 -41.32
N LEU C 232 -19.26 1.76 -40.60
CA LEU C 232 -20.37 2.49 -41.20
C LEU C 232 -19.92 3.77 -41.90
N ALA C 233 -20.71 4.22 -42.86
CA ALA C 233 -20.42 5.47 -43.54
C ALA C 233 -21.67 6.11 -44.11
N LEU C 234 -21.68 7.45 -44.08
CA LEU C 234 -22.83 8.21 -44.55
C LEU C 234 -22.61 8.77 -45.95
N PHE C 235 -23.30 8.18 -46.91
CA PHE C 235 -23.23 8.59 -48.29
C PHE C 235 -24.21 9.74 -48.53
N ASN C 236 -23.84 10.68 -49.39
CA ASN C 236 -24.86 11.56 -49.97
C ASN C 236 -24.75 11.67 -51.48
N ALA C 237 -25.89 11.59 -52.15
CA ALA C 237 -25.98 11.68 -53.60
C ALA C 237 -25.70 13.12 -54.04
N ASN C 238 -25.68 14.02 -53.06
CA ASN C 238 -25.47 15.46 -53.25
C ASN C 238 -24.05 15.82 -53.71
N THR C 239 -23.05 15.32 -52.98
CA THR C 239 -21.63 15.46 -53.35
C THR C 239 -21.02 14.11 -53.70
N GLU C 240 -21.84 13.07 -53.63
CA GLU C 240 -21.43 11.68 -53.93
C GLU C 240 -20.13 11.27 -53.20
N THR C 241 -20.03 11.67 -51.93
CA THR C 241 -18.89 11.35 -51.05
C THR C 241 -19.36 10.50 -49.87
N PHE C 242 -18.41 9.85 -49.20
CA PHE C 242 -18.67 9.11 -47.96
C PHE C 242 -18.03 9.79 -46.75
N THR C 243 -18.58 9.57 -45.56
CA THR C 243 -17.99 10.09 -44.32
C THR C 243 -17.91 9.00 -43.26
N ASN C 244 -16.66 8.63 -42.91
CA ASN C 244 -16.33 7.46 -42.09
C ASN C 244 -16.72 7.60 -40.63
N LEU C 256 -15.64 0.41 -34.26
CA LEU C 256 -15.53 1.63 -35.07
C LEU C 256 -15.06 1.36 -36.51
N SER C 257 -14.14 0.40 -36.68
CA SER C 257 -13.59 0.06 -38.01
C SER C 257 -13.95 -1.38 -38.45
N SER C 258 -14.71 -2.06 -37.59
CA SER C 258 -15.17 -3.45 -37.75
C SER C 258 -16.32 -3.68 -38.77
N TYR C 259 -16.69 -4.95 -38.96
CA TYR C 259 -17.82 -5.35 -39.81
C TYR C 259 -19.09 -4.79 -39.20
N ILE C 260 -19.99 -4.33 -40.07
CA ILE C 260 -21.32 -3.81 -39.70
C ILE C 260 -22.37 -4.71 -40.36
N PHE C 261 -23.33 -5.23 -39.58
CA PHE C 261 -24.36 -6.12 -40.16
C PHE C 261 -25.71 -5.49 -40.53
N SER C 262 -26.25 -4.60 -39.71
CA SER C 262 -27.48 -3.91 -40.10
C SER C 262 -27.73 -2.61 -39.32
N ILE C 263 -28.35 -1.64 -39.99
CA ILE C 263 -28.50 -0.32 -39.41
C ILE C 263 -29.97 -0.03 -39.37
N LYS C 264 -30.41 0.39 -38.18
CA LYS C 264 -31.79 0.83 -37.93
C LYS C 264 -31.81 2.10 -37.08
N GLN C 265 -32.85 2.91 -37.29
CA GLN C 265 -33.08 4.02 -36.39
C GLN C 265 -34.39 3.80 -35.65
N LEU C 266 -34.32 3.91 -34.34
CA LEU C 266 -35.44 3.53 -33.49
C LEU C 266 -36.27 4.73 -33.09
N LYS C 267 -37.21 4.52 -32.16
CA LYS C 267 -38.12 5.58 -31.71
C LYS C 267 -37.38 6.65 -30.92
N ASP C 268 -36.44 6.20 -30.08
CA ASP C 268 -35.40 7.02 -29.42
C ASP C 268 -34.84 8.12 -30.32
N ASN C 269 -35.01 7.93 -31.63
CA ASN C 269 -34.32 8.68 -32.69
C ASN C 269 -32.81 8.48 -32.67
N LYS C 270 -32.41 7.29 -32.22
CA LYS C 270 -31.03 6.90 -32.11
C LYS C 270 -30.71 5.86 -33.20
N LEU C 271 -29.46 5.84 -33.66
CA LEU C 271 -29.09 4.96 -34.76
C LEU C 271 -28.32 3.76 -34.23
N TRP C 272 -29.02 2.63 -34.11
CA TRP C 272 -28.51 1.38 -33.50
C TRP C 272 -27.85 0.49 -34.52
N ILE C 273 -26.64 0.03 -34.24
CA ILE C 273 -25.88 -0.66 -35.29
C ILE C 273 -25.31 -1.98 -34.82
N ALA C 274 -25.61 -3.04 -35.58
CA ALA C 274 -25.15 -4.40 -35.31
C ALA C 274 -23.73 -4.60 -35.80
N THR C 275 -22.81 -4.73 -34.86
CA THR C 275 -21.41 -4.92 -35.19
C THR C 275 -21.06 -6.40 -35.09
N GLU C 276 -19.98 -6.80 -35.75
CA GLU C 276 -19.51 -8.18 -35.64
C GLU C 276 -18.71 -8.37 -34.37
N LEU C 277 -18.05 -7.30 -33.93
CA LEU C 277 -17.04 -7.40 -32.88
C LEU C 277 -17.40 -6.73 -31.55
N ASN C 278 -18.19 -5.66 -31.60
CA ASN C 278 -18.47 -4.87 -30.41
C ASN C 278 -19.94 -4.87 -30.05
N GLY C 279 -20.64 -5.97 -30.39
CA GLY C 279 -22.09 -6.07 -30.15
C GLY C 279 -22.85 -5.00 -30.90
N ILE C 280 -23.57 -4.15 -30.16
CA ILE C 280 -24.33 -2.99 -30.72
C ILE C 280 -23.60 -1.64 -30.54
N ILE C 282 -24.53 2.54 -30.86
CA ILE C 282 -25.66 3.46 -30.86
C ILE C 282 -25.15 4.87 -31.12
N LEU C 283 -25.53 5.41 -32.27
CA LEU C 283 -25.27 6.81 -32.61
C LEU C 283 -26.51 7.63 -32.27
N ASP C 284 -26.40 8.37 -31.17
CA ASP C 284 -27.45 9.28 -30.72
C ASP C 284 -27.26 10.58 -31.45
N LEU C 285 -28.12 10.81 -32.44
CA LEU C 285 -27.96 11.88 -33.42
C LEU C 285 -27.85 13.29 -32.83
N GLN C 286 -27.96 13.41 -31.51
CA GLN C 286 -27.73 14.70 -30.85
C GLN C 286 -26.36 14.77 -30.16
N GLN C 287 -25.38 14.15 -30.84
CA GLN C 287 -23.97 14.54 -30.83
C GLN C 287 -23.94 15.44 -32.08
N ASN C 288 -24.03 16.76 -31.87
CA ASN C 288 -24.32 17.70 -32.97
C ASN C 288 -23.32 18.87 -33.15
N PHE C 298 -20.18 8.50 -29.77
CA PHE C 298 -20.54 7.09 -29.98
C PHE C 298 -20.72 6.35 -28.67
N GLU C 299 -21.47 5.25 -28.69
CA GLU C 299 -21.67 4.39 -27.50
C GLU C 299 -22.06 2.93 -27.78
N PHE C 300 -21.57 2.03 -26.92
CA PHE C 300 -21.71 0.59 -27.15
C PHE C 300 -22.57 -0.16 -26.11
N ILE C 301 -23.09 -1.30 -26.54
CA ILE C 301 -23.63 -2.30 -25.65
C ILE C 301 -22.82 -3.52 -25.99
N ARG C 302 -21.88 -3.87 -25.10
CA ARG C 302 -20.85 -4.86 -25.41
C ARG C 302 -21.23 -6.28 -24.97
N GLU C 303 -20.39 -7.23 -25.39
CA GLU C 303 -20.59 -8.61 -25.03
C GLU C 303 -20.11 -8.83 -23.61
N GLY C 304 -20.75 -9.78 -22.93
CA GLY C 304 -20.35 -10.23 -21.60
C GLY C 304 -21.41 -11.14 -21.03
N ASP C 305 -21.41 -11.33 -19.72
CA ASP C 305 -22.48 -12.07 -19.06
C ASP C 305 -22.96 -11.42 -17.77
N ASN C 306 -23.98 -10.58 -17.94
CA ASN C 306 -24.61 -9.81 -16.87
C ASN C 306 -25.84 -9.13 -17.46
N ASN C 307 -26.67 -8.59 -16.58
CA ASN C 307 -27.96 -8.05 -16.97
C ASN C 307 -27.90 -6.96 -18.02
N TYR C 308 -26.78 -6.25 -18.09
CA TYR C 308 -26.64 -5.15 -19.07
C TYR C 308 -25.57 -5.38 -20.13
N SER C 309 -25.43 -6.62 -20.55
CA SER C 309 -24.44 -7.00 -21.55
C SER C 309 -25.10 -7.91 -22.60
N LEU C 310 -24.58 -7.95 -23.82
CA LEU C 310 -25.12 -8.89 -24.81
C LEU C 310 -24.55 -10.30 -24.58
N SER C 311 -25.29 -11.32 -25.05
CA SER C 311 -24.95 -12.74 -24.92
C SER C 311 -23.92 -13.29 -25.93
N ASN C 312 -23.61 -12.49 -26.94
CA ASN C 312 -22.50 -12.78 -27.88
C ASN C 312 -22.03 -11.48 -28.55
N ALA C 313 -20.76 -11.42 -28.93
CA ALA C 313 -20.18 -10.18 -29.43
C ALA C 313 -20.60 -9.84 -30.84
N SER C 314 -21.24 -10.78 -31.53
CA SER C 314 -21.68 -10.56 -32.90
C SER C 314 -23.18 -10.37 -33.04
N ALA C 315 -23.61 -9.12 -33.17
CA ALA C 315 -25.01 -8.86 -33.45
C ALA C 315 -25.25 -8.87 -34.96
N ARG C 316 -26.34 -9.50 -35.39
CA ARG C 316 -26.66 -9.56 -36.84
C ARG C 316 -27.77 -8.63 -37.27
N TYR C 317 -28.82 -8.55 -36.46
CA TYR C 317 -29.99 -7.78 -36.84
C TYR C 317 -30.58 -7.13 -35.60
N ILE C 318 -31.12 -5.92 -35.77
CA ILE C 318 -31.75 -5.15 -34.70
C ILE C 318 -33.15 -4.78 -35.18
N PHE C 319 -34.16 -5.05 -34.36
CA PHE C 319 -35.55 -4.82 -34.78
C PHE C 319 -36.46 -4.43 -33.63
N GLN C 320 -37.29 -3.41 -33.86
CA GLN C 320 -38.15 -2.89 -32.81
C GLN C 320 -39.55 -3.53 -32.85
N ASP C 321 -40.16 -3.75 -31.68
CA ASP C 321 -41.55 -4.24 -31.53
C ASP C 321 -42.50 -3.17 -32.02
N SER C 322 -43.75 -3.57 -32.23
CA SER C 322 -44.84 -2.64 -32.40
C SER C 322 -45.04 -2.02 -31.04
N PHE C 323 -44.36 -2.60 -30.05
CA PHE C 323 -44.41 -2.17 -28.67
C PHE C 323 -43.18 -1.39 -28.32
N ASN C 324 -42.28 -1.25 -29.29
CA ASN C 324 -41.03 -0.55 -29.10
C ASN C 324 -39.93 -1.32 -28.35
N ASN C 325 -40.22 -2.56 -27.99
CA ASN C 325 -39.19 -3.43 -27.47
C ASN C 325 -38.15 -3.64 -28.55
N ILE C 326 -36.88 -3.58 -28.18
CA ILE C 326 -35.80 -3.80 -29.12
C ILE C 326 -35.35 -5.25 -29.05
N TRP C 327 -35.35 -5.92 -30.21
CA TRP C 327 -34.90 -7.34 -30.36
C TRP C 327 -33.61 -7.47 -31.10
N ILE C 328 -32.71 -8.32 -30.60
CA ILE C 328 -31.37 -8.47 -31.18
C ILE C 328 -31.04 -9.92 -31.59
N GLY C 329 -30.75 -10.14 -32.87
CA GLY C 329 -30.30 -11.44 -33.31
C GLY C 329 -28.79 -11.56 -33.12
N THR C 330 -28.33 -12.65 -32.49
CA THR C 330 -26.89 -12.87 -32.35
C THR C 330 -26.44 -14.09 -33.10
N TRP C 331 -25.37 -13.91 -33.86
CA TRP C 331 -24.76 -14.99 -34.58
C TRP C 331 -23.91 -15.76 -33.60
N GLY C 332 -24.56 -16.48 -32.69
CA GLY C 332 -23.87 -17.15 -31.59
C GLY C 332 -24.69 -17.48 -30.35
N GLY C 333 -25.24 -16.46 -29.71
CA GLY C 333 -25.92 -16.69 -28.44
C GLY C 333 -27.38 -16.32 -28.52
N GLY C 334 -28.10 -16.88 -29.48
CA GLY C 334 -29.57 -16.69 -29.54
C GLY C 334 -30.08 -15.25 -29.61
N ILE C 335 -31.15 -14.95 -28.84
CA ILE C 335 -31.87 -13.68 -28.95
C ILE C 335 -31.78 -12.78 -27.72
N ASN C 336 -31.24 -11.59 -27.89
CA ASN C 336 -31.24 -10.60 -26.82
C ASN C 336 -32.34 -9.58 -26.96
N PHE C 337 -32.93 -9.21 -25.83
CA PHE C 337 -34.18 -8.45 -25.84
C PHE C 337 -34.16 -7.27 -24.88
N ILE C 338 -34.52 -6.08 -25.38
CA ILE C 338 -34.65 -4.91 -24.51
C ILE C 338 -36.11 -4.46 -24.40
N SER C 339 -36.67 -4.50 -23.19
CA SER C 339 -38.01 -3.98 -22.96
C SER C 339 -38.12 -2.47 -23.21
N ASN C 340 -39.17 -2.05 -23.91
CA ASN C 340 -39.48 -0.63 -24.15
C ASN C 340 -39.59 0.21 -22.88
N ALA C 341 -39.89 -0.45 -21.75
CA ALA C 341 -40.08 0.25 -20.49
C ALA C 341 -38.85 0.08 -19.61
N PRO C 342 -38.40 1.16 -18.95
CA PRO C 342 -37.30 1.02 -18.01
C PRO C 342 -37.71 0.14 -16.82
N PRO C 343 -36.76 -0.45 -16.07
CA PRO C 343 -37.19 -1.08 -14.82
C PRO C 343 -37.72 0.02 -13.90
N THR C 344 -38.76 -0.29 -13.13
CA THR C 344 -39.38 0.67 -12.21
C THR C 344 -38.60 0.83 -10.91
N PHE C 345 -37.86 -0.22 -10.54
CA PHE C 345 -37.11 -0.26 -9.31
C PHE C 345 -35.64 -0.30 -9.61
N HIS C 346 -34.86 0.59 -8.99
CA HIS C 346 -33.39 0.55 -9.13
C HIS C 346 -32.69 0.31 -7.82
N THR C 347 -31.40 -0.02 -7.88
CA THR C 347 -30.60 -0.30 -6.69
C THR C 347 -29.16 0.22 -6.86
N TRP C 348 -28.52 0.56 -5.75
CA TRP C 348 -27.11 0.90 -5.75
C TRP C 348 -26.32 -0.04 -4.90
N SER C 349 -25.14 -0.48 -5.37
CA SER C 349 -24.15 -1.20 -4.53
C SER C 349 -22.75 -1.30 -5.07
N GLN C 354 -13.90 -2.43 -10.56
CA GLN C 354 -14.98 -2.83 -9.68
C GLN C 354 -15.73 -1.62 -9.16
N ASN C 356 -17.42 1.17 -9.44
CA ASN C 356 -18.28 1.96 -10.32
C ASN C 356 -18.52 3.44 -9.91
N GLU C 357 -18.91 4.30 -10.87
CA GLU C 357 -19.39 5.68 -10.59
C GLU C 357 -20.51 5.75 -9.54
N SER C 358 -21.42 4.77 -9.57
CA SER C 358 -22.61 4.74 -8.70
C SER C 358 -22.57 3.57 -7.72
N SER C 359 -21.34 3.20 -7.37
CA SER C 359 -21.06 2.04 -6.54
C SER C 359 -21.09 2.46 -5.10
N LEU C 360 -21.63 1.60 -4.24
CA LEU C 360 -21.52 1.76 -2.79
C LEU C 360 -20.17 1.28 -2.21
N SER C 361 -19.79 1.77 -1.04
CA SER C 361 -18.52 1.34 -0.44
C SER C 361 -18.67 0.15 0.53
N ASN C 362 -19.92 -0.30 0.69
CA ASN C 362 -20.27 -1.46 1.51
C ASN C 362 -21.57 -2.01 0.99
N LYS C 363 -21.80 -3.29 1.17
CA LYS C 363 -23.00 -3.86 0.63
C LYS C 363 -24.28 -3.56 1.39
N VAL C 364 -24.20 -3.22 2.68
CA VAL C 364 -25.45 -3.04 3.45
C VAL C 364 -25.73 -1.59 3.87
N VAL C 365 -26.88 -1.08 3.41
CA VAL C 365 -27.23 0.29 3.66
C VAL C 365 -27.98 0.28 4.96
N SER C 366 -27.39 0.91 5.96
CA SER C 366 -27.94 1.00 7.28
C SER C 366 -28.81 2.21 7.49
N SER C 367 -28.68 3.22 6.64
CA SER C 367 -29.47 4.45 6.79
C SER C 367 -29.40 5.30 5.54
N VAL C 368 -30.42 6.11 5.32
CA VAL C 368 -30.44 7.04 4.21
C VAL C 368 -31.07 8.33 4.63
N CYS C 369 -30.74 9.40 3.93
CA CYS C 369 -31.05 10.71 4.38
C CYS C 369 -30.88 11.69 3.24
N ASP C 370 -31.93 12.44 2.89
CA ASP C 370 -31.86 13.45 1.84
C ASP C 370 -31.68 14.83 2.48
N ASP C 371 -30.59 15.55 2.19
CA ASP C 371 -30.60 16.99 2.49
C ASP C 371 -31.48 17.69 1.45
N GLY C 372 -32.31 18.64 1.89
CA GLY C 372 -33.12 19.39 0.92
C GLY C 372 -32.26 20.30 0.05
N GLN C 373 -31.06 19.84 -0.26
CA GLN C 373 -30.20 20.54 -1.23
C GLN C 373 -29.72 19.60 -2.35
N GLY C 374 -30.23 18.37 -2.32
CA GLY C 374 -30.23 17.56 -3.51
C GLY C 374 -29.31 16.37 -3.49
N LYS C 375 -28.59 16.21 -2.39
CA LYS C 375 -27.76 15.03 -2.22
C LYS C 375 -28.48 14.00 -1.36
N LEU C 376 -28.01 12.77 -1.48
CA LEU C 376 -28.47 11.69 -0.63
C LEU C 376 -27.29 11.20 0.19
N TRP C 377 -27.49 11.07 1.51
CA TRP C 377 -26.43 10.65 2.42
C TRP C 377 -26.65 9.23 2.84
N ILE C 378 -25.97 8.31 2.17
CA ILE C 378 -26.16 6.88 2.42
C ILE C 378 -25.19 6.39 3.49
N GLY C 379 -25.70 5.78 4.55
CA GLY C 379 -24.87 5.28 5.61
C GLY C 379 -24.76 3.82 5.38
N THR C 380 -23.59 3.24 5.65
CA THR C 380 -23.36 1.82 5.41
C THR C 380 -22.85 1.14 6.67
N ASP C 381 -22.90 -0.18 6.69
CA ASP C 381 -22.57 -0.93 7.89
C ASP C 381 -21.17 -1.49 7.77
N GLY C 382 -20.21 -0.63 7.44
CA GLY C 382 -18.83 -1.07 7.23
C GLY C 382 -17.93 -0.14 6.42
N GLY C 383 -18.48 0.42 5.33
CA GLY C 383 -17.88 1.56 4.61
C GLY C 383 -18.37 2.76 5.38
N GLY C 384 -18.15 3.97 4.92
CA GLY C 384 -18.58 5.13 5.75
C GLY C 384 -19.96 5.65 5.43
N ILE C 385 -20.02 6.93 5.11
CA ILE C 385 -21.21 7.51 4.50
C ILE C 385 -20.88 7.78 3.04
N ASN C 386 -21.72 7.30 2.13
CA ASN C 386 -21.59 7.59 0.73
C ASN C 386 -22.55 8.69 0.32
N VAL C 387 -22.05 9.83 -0.13
CA VAL C 387 -22.94 10.88 -0.63
C VAL C 387 -23.19 10.77 -2.14
N PHE C 388 -24.45 10.74 -2.55
CA PHE C 388 -24.80 10.59 -3.97
C PHE C 388 -25.50 11.81 -4.47
N GLU C 389 -25.12 12.27 -5.66
CA GLU C 389 -25.88 13.32 -6.30
C GLU C 389 -26.08 13.02 -7.77
N ASN C 390 -27.30 13.29 -8.23
CA ASN C 390 -27.73 12.89 -9.55
C ASN C 390 -27.38 11.44 -9.86
N GLY C 391 -27.50 10.58 -8.87
CA GLY C 391 -27.27 9.15 -9.05
C GLY C 391 -25.81 8.79 -9.24
N LYS C 392 -24.90 9.64 -8.80
CA LYS C 392 -23.47 9.36 -8.84
C LYS C 392 -22.84 9.63 -7.46
N ARG C 393 -21.89 8.79 -7.04
CA ARG C 393 -21.21 8.96 -5.73
C ARG C 393 -20.36 10.21 -5.84
N VAL C 394 -20.40 11.06 -4.83
CA VAL C 394 -19.63 12.29 -4.87
C VAL C 394 -18.76 12.46 -3.61
N ALA C 395 -18.84 11.51 -2.69
CA ALA C 395 -18.12 11.60 -1.41
C ALA C 395 -18.28 10.35 -0.55
N ILE C 396 -17.18 9.86 0.00
CA ILE C 396 -17.21 8.83 1.05
C ILE C 396 -16.64 9.46 2.31
N TYR C 397 -17.33 9.26 3.43
CA TYR C 397 -16.86 9.82 4.71
C TYR C 397 -16.58 8.72 5.70
N ASN C 398 -15.34 8.74 6.22
CA ASN C 398 -14.72 7.55 6.66
C ASN C 398 -14.82 7.38 8.15
N LEU C 404 -15.49 11.19 12.73
CA LEU C 404 -16.66 10.32 12.65
C LEU C 404 -16.72 9.11 13.60
N LEU C 405 -15.58 8.61 14.08
CA LEU C 405 -15.59 7.56 15.13
C LEU C 405 -15.83 6.08 14.73
N SER C 406 -17.04 5.71 14.28
CA SER C 406 -17.24 4.37 13.69
C SER C 406 -17.90 4.37 12.35
N ASN C 407 -17.42 3.54 11.43
CA ASN C 407 -17.94 3.60 10.06
C ASN C 407 -19.09 2.60 9.82
N SER C 408 -19.91 2.44 10.84
CA SER C 408 -21.15 1.72 10.75
C SER C 408 -22.23 2.75 11.04
N VAL C 409 -22.56 3.55 10.05
CA VAL C 409 -23.62 4.56 10.17
C VAL C 409 -24.99 3.90 10.23
N LEU C 410 -25.59 3.88 11.43
CA LEU C 410 -26.85 3.16 11.67
C LEU C 410 -28.15 3.97 11.65
N CYS C 411 -28.07 5.30 11.68
CA CYS C 411 -29.26 6.17 11.56
C CYS C 411 -28.88 7.61 11.22
N SER C 412 -29.84 8.33 10.68
CA SER C 412 -29.62 9.71 10.32
C SER C 412 -30.90 10.46 10.30
N LEU C 413 -30.80 11.78 10.50
CA LEU C 413 -31.93 12.69 10.39
C LEU C 413 -31.53 14.05 9.80
N LYS C 414 -32.40 14.61 8.98
CA LYS C 414 -32.26 16.02 8.59
C LYS C 414 -33.08 16.85 9.55
N ASP C 415 -32.44 17.75 10.29
CA ASP C 415 -33.18 18.59 11.25
C ASP C 415 -33.84 19.79 10.55
N SER C 416 -34.69 20.52 11.26
CA SER C 416 -35.52 21.55 10.63
C SER C 416 -34.75 22.72 10.01
N GLU C 417 -33.52 22.92 10.46
CA GLU C 417 -32.68 24.03 9.99
C GLU C 417 -31.90 23.66 8.73
N GLY C 418 -31.71 22.35 8.53
CA GLY C 418 -31.10 21.81 7.32
C GLY C 418 -29.82 20.98 7.50
N ASN C 419 -29.44 20.76 8.76
CA ASN C 419 -28.24 19.98 9.11
C ASN C 419 -28.54 18.51 9.34
N LEU C 420 -27.48 17.70 9.43
CA LEU C 420 -27.62 16.25 9.45
C LEU C 420 -27.07 15.61 10.71
N TRP C 421 -27.80 14.59 11.17
CA TRP C 421 -27.53 13.94 12.42
C TRP C 421 -27.23 12.51 12.14
N PHE C 422 -26.00 12.06 12.40
CA PHE C 422 -25.66 10.67 12.14
C PHE C 422 -25.36 9.87 13.39
N GLY C 423 -25.95 8.70 13.47
CA GLY C 423 -25.64 7.85 14.59
C GLY C 423 -24.78 6.72 14.15
N THR C 424 -23.57 6.60 14.70
CA THR C 424 -22.77 5.42 14.44
C THR C 424 -22.80 4.43 15.60
N TYR C 425 -22.06 3.33 15.41
CA TYR C 425 -22.04 2.22 16.35
C TYR C 425 -20.98 2.51 17.38
N LEU C 426 -21.37 2.59 18.65
CA LEU C 426 -20.40 2.78 19.74
C LEU C 426 -19.47 3.98 19.49
N GLY C 427 -19.94 4.87 18.64
CA GLY C 427 -19.41 6.23 18.52
C GLY C 427 -20.65 7.07 18.62
N ASN C 428 -20.57 8.25 19.19
CA ASN C 428 -21.79 8.95 19.63
C ASN C 428 -22.66 9.52 18.50
N ILE C 429 -22.82 10.85 18.46
CA ILE C 429 -23.40 11.51 17.27
C ILE C 429 -22.29 12.22 16.55
N SER C 430 -22.20 11.98 15.26
CA SER C 430 -21.44 12.82 14.37
C SER C 430 -22.48 13.69 13.64
N TYR C 431 -22.49 14.97 13.97
CA TYR C 431 -23.47 15.91 13.50
C TYR C 431 -22.82 16.70 12.41
N TYR C 432 -23.52 16.82 11.29
CA TYR C 432 -23.00 17.52 10.11
C TYR C 432 -23.71 18.83 9.91
N ASN C 433 -22.95 19.89 10.10
CA ASN C 433 -23.37 21.23 9.80
C ASN C 433 -23.12 21.47 8.32
N THR C 434 -24.09 22.00 7.62
CA THR C 434 -23.88 22.38 6.22
C THR C 434 -23.22 23.79 6.11
N ARG C 435 -22.25 24.05 6.99
CA ARG C 435 -21.14 25.03 6.82
C ARG C 435 -19.94 24.22 6.31
N LEU C 436 -20.31 23.11 5.66
CA LEU C 436 -19.44 22.04 5.17
C LEU C 436 -18.59 21.31 6.23
N LYS C 437 -18.98 21.40 7.51
CA LYS C 437 -18.24 20.74 8.60
C LYS C 437 -19.07 19.86 9.54
N LYS C 438 -18.44 18.78 10.00
CA LYS C 438 -19.08 17.71 10.72
C LYS C 438 -18.34 17.48 12.01
N PHE C 439 -19.03 17.55 13.12
CA PHE C 439 -18.36 17.38 14.42
C PHE C 439 -19.12 16.42 15.35
N GLN C 440 -18.48 16.01 16.45
CA GLN C 440 -19.08 15.08 17.41
C GLN C 440 -19.85 15.79 18.50
N ILE C 441 -20.76 15.03 19.08
CA ILE C 441 -21.70 15.58 20.01
C ILE C 441 -21.99 14.47 21.01
N ILE C 442 -21.52 14.66 22.25
CA ILE C 442 -21.47 13.59 23.24
C ILE C 442 -22.85 13.37 23.82
N GLU C 443 -23.09 12.18 24.35
CA GLU C 443 -24.38 11.84 24.95
C GLU C 443 -24.30 11.71 26.45
N LEU C 444 -23.29 10.99 26.93
CA LEU C 444 -23.08 10.73 28.36
C LEU C 444 -21.66 11.09 28.69
N GLU C 445 -21.29 10.81 29.94
CA GLU C 445 -20.01 11.20 30.59
C GLU C 445 -18.72 10.99 29.78
N LYS C 446 -17.62 11.53 30.29
CA LYS C 446 -16.25 11.33 29.74
C LYS C 446 -16.40 10.62 28.41
N ASN C 447 -16.83 11.41 27.44
CA ASN C 447 -17.20 10.95 26.09
C ASN C 447 -17.56 9.46 25.97
N GLU C 448 -18.36 8.93 26.91
CA GLU C 448 -18.79 7.53 26.83
C GLU C 448 -19.57 7.23 25.56
N LEU C 449 -19.40 6.00 25.09
CA LEU C 449 -19.72 5.68 23.72
C LEU C 449 -21.04 4.94 23.57
N LEU C 450 -21.92 5.50 22.76
CA LEU C 450 -23.29 5.03 22.71
C LEU C 450 -23.77 4.60 21.34
N ASP C 451 -24.41 3.42 21.32
CA ASP C 451 -25.09 2.96 20.15
C ASP C 451 -26.40 3.73 20.09
N VAL C 452 -26.38 4.78 19.28
CA VAL C 452 -27.55 5.55 18.92
C VAL C 452 -28.24 4.81 17.79
N ARG C 453 -29.57 4.92 17.74
CA ARG C 453 -30.35 4.28 16.68
C ARG C 453 -31.68 4.88 16.26
N VAL C 454 -32.10 5.99 16.85
CA VAL C 454 -33.20 6.77 16.26
C VAL C 454 -33.03 8.23 16.54
N PHE C 455 -33.40 9.06 15.58
CA PHE C 455 -33.48 10.49 15.83
C PHE C 455 -34.91 10.95 15.61
N TYR C 456 -35.40 11.92 16.35
CA TYR C 456 -36.71 12.47 16.07
C TYR C 456 -36.76 13.92 16.52
N GLU C 457 -36.97 14.83 15.60
CA GLU C 457 -37.13 16.21 15.95
C GLU C 457 -38.62 16.48 16.13
N ASP C 458 -38.99 17.05 17.27
CA ASP C 458 -40.40 17.35 17.57
C ASP C 458 -40.75 18.78 17.15
N LYS C 459 -41.99 19.21 17.40
CA LYS C 459 -42.43 20.53 16.98
C LYS C 459 -41.76 21.64 17.80
N ASN C 460 -40.98 21.25 18.79
CA ASN C 460 -40.36 22.22 19.68
C ASN C 460 -38.85 22.33 19.60
N LYS C 461 -38.26 22.11 18.42
CA LYS C 461 -36.81 22.32 18.24
C LYS C 461 -35.98 21.53 19.24
N LYS C 462 -36.58 20.45 19.74
CA LYS C 462 -35.89 19.45 20.56
C LYS C 462 -35.62 18.18 19.72
N ILE C 463 -34.41 17.64 19.82
CA ILE C 463 -34.12 16.38 19.17
C ILE C 463 -34.06 15.20 20.14
N TRP C 464 -34.88 14.21 19.82
CA TRP C 464 -35.08 13.03 20.62
C TRP C 464 -34.21 11.92 20.12
N ILE C 465 -33.42 11.31 21.00
CA ILE C 465 -32.42 10.32 20.58
C ILE C 465 -32.60 8.95 21.26
N GLY C 466 -32.83 7.92 20.44
CA GLY C 466 -33.04 6.56 20.93
C GLY C 466 -31.72 5.86 21.10
N THR C 467 -31.52 5.22 22.24
CA THR C 467 -30.25 4.66 22.62
C THR C 467 -30.50 3.24 23.04
N HIS C 468 -29.41 2.56 23.36
CA HIS C 468 -29.43 1.23 23.93
C HIS C 468 -29.43 1.38 25.43
N ALA C 469 -29.43 2.64 25.87
CA ALA C 469 -29.36 3.01 27.28
C ALA C 469 -30.47 3.97 27.67
N GLY C 470 -31.46 4.11 26.79
CA GLY C 470 -32.66 4.92 27.03
C GLY C 470 -32.87 6.01 25.99
N VAL C 471 -33.56 7.07 26.39
CA VAL C 471 -33.78 8.23 25.53
C VAL C 471 -32.94 9.43 25.99
N PHE C 472 -32.42 10.21 25.05
CA PHE C 472 -31.79 11.49 25.39
C PHE C 472 -32.53 12.58 24.63
N VAL C 473 -32.71 13.74 25.25
CA VAL C 473 -33.34 14.82 24.53
C VAL C 473 -32.37 15.96 24.51
N ILE C 474 -31.96 16.38 23.31
CA ILE C 474 -30.98 17.46 23.22
C ILE C 474 -31.54 18.68 22.52
N ASP C 475 -31.18 19.84 23.06
CA ASP C 475 -31.66 21.08 22.52
C ASP C 475 -30.93 21.28 21.22
N LEU C 476 -31.70 21.45 20.15
CA LEU C 476 -31.13 21.63 18.82
C LEU C 476 -30.27 22.88 18.79
N ALA C 477 -30.94 24.01 18.65
CA ALA C 477 -30.29 25.31 18.68
C ALA C 477 -29.29 25.28 19.81
N SER C 478 -28.04 24.99 19.47
CA SER C 478 -26.95 25.19 20.41
C SER C 478 -26.85 24.05 21.42
N LYS C 479 -26.69 24.47 22.68
CA LYS C 479 -26.43 23.61 23.86
C LYS C 479 -27.35 22.43 23.83
N LYS C 480 -26.75 21.28 24.10
CA LYS C 480 -27.29 20.04 23.60
C LYS C 480 -27.29 18.98 24.75
N VAL C 481 -28.48 18.83 25.38
CA VAL C 481 -28.85 17.74 26.32
C VAL C 481 -29.62 18.32 27.47
N ILE C 482 -30.91 18.00 27.47
CA ILE C 482 -31.83 18.47 28.47
C ILE C 482 -32.00 17.32 29.46
N HIS C 483 -32.53 16.19 28.96
CA HIS C 483 -32.92 15.07 29.80
C HIS C 483 -32.19 13.82 29.44
N HIS C 484 -32.29 12.81 30.30
CA HIS C 484 -31.89 11.44 29.99
C HIS C 484 -32.79 10.44 30.68
N TYR C 485 -33.81 9.93 29.99
CA TYR C 485 -34.76 9.00 30.60
C TYR C 485 -34.37 7.50 30.43
N ASP C 486 -34.70 6.66 31.42
CA ASP C 486 -34.49 5.20 31.34
C ASP C 486 -35.29 4.39 32.39
N THR C 487 -35.04 3.08 32.49
CA THR C 487 -35.69 2.18 33.47
C THR C 487 -35.53 2.71 34.89
N SER C 488 -34.44 3.44 35.10
CA SER C 488 -34.06 3.83 36.42
C SER C 488 -34.56 5.21 36.84
N ASN C 489 -34.96 6.07 35.90
CA ASN C 489 -35.37 7.44 36.27
C ASN C 489 -36.65 7.95 35.60
N SER C 490 -37.47 7.04 35.12
CA SER C 490 -38.52 7.38 34.19
C SER C 490 -39.46 6.21 34.04
N GLN C 491 -40.68 6.47 33.58
CA GLN C 491 -41.61 5.40 33.24
C GLN C 491 -41.27 4.69 31.95
N LEU C 492 -40.07 4.91 31.41
CA LEU C 492 -39.70 4.32 30.13
C LEU C 492 -39.82 2.81 30.21
N LEU C 493 -40.51 2.24 29.23
CA LEU C 493 -40.81 0.82 29.18
C LEU C 493 -39.55 -0.05 29.07
N GLU C 494 -38.58 0.37 28.25
CA GLU C 494 -37.31 -0.36 28.06
C GLU C 494 -36.17 0.53 27.54
N ASN C 495 -34.96 0.30 28.07
CA ASN C 495 -33.78 1.03 27.62
C ASN C 495 -33.39 0.94 26.14
N PHE C 496 -33.77 -0.16 25.47
CA PHE C 496 -33.40 -0.38 24.06
C PHE C 496 -34.48 0.28 23.22
N VAL C 497 -34.44 1.60 23.11
CA VAL C 497 -35.37 2.34 22.27
C VAL C 497 -35.10 1.94 20.85
N ARG C 498 -36.08 1.34 20.18
CA ARG C 498 -35.93 1.02 18.75
C ARG C 498 -36.43 2.16 17.85
N SER C 499 -37.57 2.73 18.23
CA SER C 499 -38.28 3.65 17.39
C SER C 499 -39.07 4.72 18.13
N ILE C 500 -39.04 5.97 17.68
CA ILE C 500 -39.85 7.03 18.29
C ILE C 500 -40.43 8.06 17.32
N ALA C 501 -41.60 8.62 17.64
CA ALA C 501 -42.34 9.53 16.76
C ALA C 501 -43.47 10.17 17.55
N GLN C 502 -44.06 11.24 17.00
CA GLN C 502 -45.01 12.05 17.77
C GLN C 502 -46.42 11.95 17.24
N ASP C 503 -47.32 11.92 18.19
CA ASP C 503 -48.76 11.90 18.06
C ASP C 503 -49.27 13.09 17.28
N SER C 504 -50.41 12.94 16.61
CA SER C 504 -51.19 14.11 16.15
C SER C 504 -51.52 15.01 17.33
N GLU C 505 -51.57 14.44 18.54
CA GLU C 505 -51.87 15.19 19.78
C GLU C 505 -50.62 15.58 20.57
N GLY C 506 -49.44 15.21 20.07
CA GLY C 506 -48.19 15.66 20.68
C GLY C 506 -47.54 14.68 21.66
N ARG C 507 -48.17 13.53 21.88
CA ARG C 507 -47.61 12.58 22.82
C ARG C 507 -46.48 11.82 22.15
N PHE C 508 -45.57 11.24 22.91
CA PHE C 508 -44.44 10.56 22.27
C PHE C 508 -44.64 9.08 22.33
N TRP C 509 -44.73 8.49 21.16
CA TRP C 509 -44.78 7.05 20.98
C TRP C 509 -43.39 6.55 20.85
N ILE C 510 -42.94 5.79 21.84
CA ILE C 510 -41.62 5.22 21.81
C ILE C 510 -41.76 3.71 21.68
N GLY C 511 -41.00 3.12 20.78
CA GLY C 511 -41.02 1.68 20.61
C GLY C 511 -39.80 1.10 21.25
N THR C 512 -39.95 -0.09 21.78
CA THR C 512 -38.80 -0.84 22.20
C THR C 512 -38.56 -1.97 21.23
N PHE C 513 -37.42 -2.58 21.41
CA PHE C 513 -37.13 -3.78 20.69
C PHE C 513 -37.23 -4.77 21.83
N GLY C 514 -38.04 -5.81 21.61
CA GLY C 514 -38.36 -6.83 22.61
C GLY C 514 -39.62 -6.66 23.45
N GLY C 515 -40.20 -5.47 23.43
CA GLY C 515 -41.26 -5.16 24.39
C GLY C 515 -42.48 -4.33 24.01
N GLY C 516 -42.66 -4.07 22.72
CA GLY C 516 -43.84 -3.34 22.26
C GLY C 516 -43.62 -1.85 22.24
N VAL C 517 -44.70 -1.09 22.07
CA VAL C 517 -44.61 0.36 22.03
C VAL C 517 -45.24 0.94 23.29
N GLY C 518 -44.89 2.17 23.65
CA GLY C 518 -45.54 2.88 24.76
C GLY C 518 -45.87 4.32 24.42
N ILE C 519 -47.04 4.80 24.85
CA ILE C 519 -47.41 6.20 24.62
C ILE C 519 -47.10 7.00 25.86
N TYR C 520 -46.47 8.14 25.67
CA TYR C 520 -45.98 8.96 26.76
C TYR C 520 -46.38 10.39 26.51
N THR C 521 -46.64 11.15 27.58
CA THR C 521 -46.85 12.60 27.44
C THR C 521 -45.48 13.21 27.31
N PRO C 522 -45.39 14.48 26.87
CA PRO C 522 -44.05 15.00 26.68
C PRO C 522 -43.22 14.94 27.98
N ASP C 523 -43.89 14.73 29.11
CA ASP C 523 -43.24 14.65 30.41
C ASP C 523 -42.73 13.26 30.76
N GLN C 525 -44.44 10.68 31.08
CA GLN C 525 -45.51 10.07 31.88
C GLN C 525 -46.26 9.09 30.94
N LEU C 526 -46.33 7.82 31.34
CA LEU C 526 -46.88 6.75 30.47
C LEU C 526 -48.39 6.84 30.31
N VAL C 527 -48.88 6.82 29.08
CA VAL C 527 -50.30 6.81 28.87
C VAL C 527 -50.79 5.39 28.58
N ARG C 528 -50.58 4.87 27.37
CA ARG C 528 -50.77 3.44 27.12
C ARG C 528 -49.52 2.67 26.62
N LYS C 529 -49.49 1.35 26.85
CA LYS C 529 -48.49 0.44 26.29
C LYS C 529 -49.15 -0.71 25.50
N PHE C 530 -48.51 -1.18 24.43
CA PHE C 530 -49.01 -2.30 23.64
C PHE C 530 -48.00 -3.44 23.55
N ASN C 531 -48.41 -4.59 24.07
CA ASN C 531 -47.62 -5.80 24.23
C ASN C 531 -48.14 -6.84 23.29
N GLN C 532 -47.26 -7.78 22.93
CA GLN C 532 -47.67 -9.08 22.42
C GLN C 532 -48.64 -9.71 23.42
N TYR C 533 -48.27 -9.76 24.70
CA TYR C 533 -49.17 -10.39 25.63
C TYR C 533 -50.30 -9.50 26.17
N GLU C 534 -50.34 -8.25 25.72
CA GLU C 534 -51.53 -7.45 25.96
C GLU C 534 -52.54 -7.71 24.84
N GLY C 535 -52.09 -8.38 23.78
CA GLY C 535 -52.97 -8.74 22.68
C GLY C 535 -52.71 -8.02 21.37
N PHE C 536 -51.58 -7.29 21.30
CA PHE C 536 -51.07 -6.60 20.09
C PHE C 536 -50.38 -7.65 19.27
N CYS C 537 -50.05 -7.34 18.03
CA CYS C 537 -49.49 -8.35 17.13
C CYS C 537 -48.03 -8.67 17.43
N SER C 538 -47.21 -7.65 17.61
CA SER C 538 -45.80 -7.87 17.81
C SER C 538 -45.15 -6.96 18.83
N ASN C 539 -44.14 -7.49 19.48
CA ASN C 539 -43.36 -6.73 20.44
C ASN C 539 -42.24 -5.99 19.78
N THR C 540 -41.81 -6.45 18.62
CA THR C 540 -40.72 -5.75 17.99
C THR C 540 -41.25 -4.71 17.00
N ILE C 541 -41.27 -3.44 17.42
CA ILE C 541 -41.77 -2.38 16.55
C ILE C 541 -40.66 -1.46 15.95
N ASN C 542 -40.60 -1.49 14.62
CA ASN C 542 -39.44 -1.09 13.84
C ASN C 542 -39.41 0.36 13.45
N GLN C 543 -40.59 0.95 13.33
CA GLN C 543 -40.71 2.33 12.96
C GLN C 543 -42.13 2.81 13.19
N ILE C 544 -42.27 4.03 13.71
CA ILE C 544 -43.57 4.60 13.97
C ILE C 544 -43.62 5.82 13.09
N TYR C 545 -44.76 6.09 12.49
CA TYR C 545 -44.85 7.08 11.46
C TYR C 545 -46.17 7.77 11.56
N ARG C 546 -46.17 9.11 11.59
CA ARG C 546 -47.43 9.88 11.43
C ARG C 546 -47.62 10.22 9.95
N SER C 547 -48.75 9.81 9.36
CA SER C 547 -49.06 10.17 7.99
C SER C 547 -49.39 11.66 7.93
N SER C 548 -49.19 12.28 6.77
CA SER C 548 -49.64 13.67 6.60
C SER C 548 -51.15 13.85 6.86
N LYS C 549 -51.91 12.77 6.72
CA LYS C 549 -53.34 12.78 7.06
C LYS C 549 -53.55 12.74 8.58
N GLY C 550 -52.47 12.51 9.33
CA GLY C 550 -52.49 12.68 10.77
C GLY C 550 -52.42 11.42 11.61
N GLN C 551 -52.64 10.27 11.00
CA GLN C 551 -52.68 8.99 11.71
C GLN C 551 -51.32 8.26 11.89
N TRP C 553 -48.80 5.02 11.84
CA TRP C 553 -48.52 3.70 11.25
C TRP C 553 -47.37 3.05 11.96
N LEU C 554 -47.51 1.76 12.24
CA LEU C 554 -46.46 1.04 12.92
C LEU C 554 -45.95 -0.14 12.08
N ALA C 555 -44.62 -0.20 11.94
CA ALA C 555 -43.94 -1.31 11.28
C ALA C 555 -43.54 -2.37 12.32
N THR C 556 -44.30 -3.44 12.45
CA THR C 556 -44.01 -4.45 13.45
C THR C 556 -43.44 -5.73 12.84
N GLY C 557 -42.94 -6.60 13.70
CA GLY C 557 -42.43 -7.92 13.34
C GLY C 557 -43.47 -8.77 12.67
N GLU C 558 -44.74 -8.55 12.98
CA GLU C 558 -45.81 -9.23 12.26
C GLU C 558 -47.06 -8.48 11.89
N GLY C 559 -46.91 -7.49 11.03
CA GLY C 559 -48.03 -6.78 10.52
C GLY C 559 -47.75 -5.30 10.44
N LEU C 560 -48.50 -4.64 9.59
CA LEU C 560 -48.52 -3.20 9.54
C LEU C 560 -49.66 -2.78 10.46
N VAL C 561 -49.43 -1.85 11.37
CA VAL C 561 -50.51 -1.40 12.24
C VAL C 561 -50.88 0.05 11.95
N CYS C 562 -52.17 0.33 11.97
CA CYS C 562 -52.62 1.69 11.80
C CYS C 562 -53.62 2.08 12.86
N PHE C 563 -53.38 3.24 13.46
CA PHE C 563 -54.29 3.83 14.41
C PHE C 563 -55.10 4.95 13.77
N PRO C 564 -56.26 4.62 13.19
CA PRO C 564 -57.05 5.51 12.36
C PRO C 564 -57.48 6.83 12.99
N SER C 565 -57.42 6.95 14.31
CA SER C 565 -57.84 8.18 14.97
C SER C 565 -57.36 8.28 16.42
N ALA C 566 -56.33 9.10 16.62
CA ALA C 566 -55.74 9.30 17.96
C ALA C 566 -56.69 9.99 19.00
N ARG C 567 -58.01 9.99 18.76
CA ARG C 567 -58.93 10.24 19.89
C ARG C 567 -59.69 8.95 20.26
N ASN C 568 -58.93 7.87 20.40
CA ASN C 568 -59.54 6.54 20.38
C ASN C 568 -58.71 5.32 20.81
N PHE C 569 -57.48 5.19 20.25
CA PHE C 569 -56.60 4.00 20.38
C PHE C 569 -57.09 2.71 19.74
N ASP C 570 -58.03 2.81 18.81
CA ASP C 570 -58.40 1.64 18.01
C ASP C 570 -57.32 1.42 17.01
N TYR C 571 -57.21 0.20 16.49
CA TYR C 571 -56.28 -0.08 15.42
C TYR C 571 -56.63 -1.25 14.52
N GLN C 572 -56.18 -1.17 13.26
CA GLN C 572 -56.19 -2.30 12.34
C GLN C 572 -54.79 -2.91 12.25
N VAL C 573 -54.73 -4.24 12.21
CA VAL C 573 -53.51 -4.96 11.92
C VAL C 573 -53.67 -5.46 10.50
N PHE C 574 -52.61 -5.29 9.71
CA PHE C 574 -52.56 -5.76 8.34
C PHE C 574 -51.52 -6.86 8.24
N GLN C 575 -51.93 -8.00 7.68
CA GLN C 575 -51.16 -9.24 7.76
C GLN C 575 -51.39 -10.13 6.54
N ARG C 576 -50.67 -11.27 6.43
CA ARG C 576 -50.92 -12.29 5.37
C ARG C 576 -52.39 -12.19 4.87
N LYS C 577 -53.34 -12.42 5.77
CA LYS C 577 -54.77 -12.52 5.41
C LYS C 577 -55.34 -11.36 4.60
N GLU C 578 -54.85 -10.15 4.85
CA GLU C 578 -55.37 -8.96 4.15
C GLU C 578 -54.40 -8.45 3.08
N GLY C 579 -53.84 -9.38 2.32
CA GLY C 579 -53.09 -8.98 1.14
C GLY C 579 -51.64 -8.61 1.32
N LEU C 580 -51.04 -8.97 2.46
CA LEU C 580 -49.66 -8.60 2.75
C LEU C 580 -48.71 -9.81 3.02
N PRO C 581 -47.89 -10.22 2.02
CA PRO C 581 -46.80 -11.07 2.45
C PRO C 581 -45.53 -10.25 2.20
N ASN C 582 -44.42 -10.49 2.90
CA ASN C 582 -44.45 -11.16 4.16
C ASN C 582 -44.85 -10.09 5.19
N THR C 583 -44.91 -10.52 6.44
CA THR C 583 -45.63 -9.89 7.49
C THR C 583 -44.74 -8.98 8.32
N HIS C 584 -43.44 -9.07 8.09
CA HIS C 584 -42.45 -8.40 8.94
C HIS C 584 -42.05 -7.10 8.35
N ILE C 585 -42.57 -6.02 8.92
CA ILE C 585 -42.49 -4.72 8.25
C ILE C 585 -41.25 -3.96 8.70
N ARG C 586 -40.47 -3.41 7.75
CA ARG C 586 -39.19 -2.77 8.10
C ARG C 586 -39.17 -1.26 8.10
N ALA C 587 -39.64 -0.62 7.06
CA ALA C 587 -39.58 0.82 7.05
C ALA C 587 -40.80 1.33 6.37
N ILE C 588 -41.15 2.58 6.66
CA ILE C 588 -42.35 3.15 6.07
C ILE C 588 -42.12 4.54 5.50
N SER C 589 -42.72 4.79 4.35
CA SER C 589 -42.81 6.14 3.84
C SER C 589 -44.17 6.34 3.22
N GLU C 590 -44.46 7.58 2.85
CA GLU C 590 -45.75 7.84 2.29
C GLU C 590 -45.50 8.57 0.97
N ASP C 591 -46.40 8.44 -0.01
CA ASP C 591 -46.18 9.02 -1.33
C ASP C 591 -47.00 10.29 -1.58
N LYS C 592 -46.99 10.76 -2.84
CA LYS C 592 -47.72 11.97 -3.25
C LYS C 592 -49.19 11.96 -2.83
N ASN C 593 -49.90 10.87 -3.13
CA ASN C 593 -51.24 10.56 -2.61
C ASN C 593 -51.22 10.10 -1.18
N GLY C 594 -52.33 9.54 -0.73
CA GLY C 594 -52.39 8.98 0.61
C GLY C 594 -51.43 7.82 0.89
N ASN C 595 -51.13 7.02 -0.13
CA ASN C 595 -50.63 5.63 -0.03
C ASN C 595 -49.41 5.44 0.83
N ILE C 596 -49.37 4.35 1.57
CA ILE C 596 -48.21 4.19 2.43
C ILE C 596 -47.38 2.96 2.04
N TRP C 597 -46.11 3.23 1.78
CA TRP C 597 -45.18 2.26 1.30
C TRP C 597 -44.38 1.63 2.40
N ALA C 598 -44.13 0.33 2.31
CA ALA C 598 -43.39 -0.34 3.34
C ALA C 598 -42.42 -1.30 2.73
N SER C 599 -41.16 -1.28 3.20
CA SER C 599 -40.19 -2.34 2.91
C SER C 599 -40.31 -3.43 3.94
N THR C 600 -40.16 -4.66 3.48
CA THR C 600 -40.42 -5.83 4.28
C THR C 600 -39.24 -6.76 4.21
N ASN C 601 -39.42 -8.02 4.57
CA ASN C 601 -38.31 -8.99 4.57
C ASN C 601 -38.02 -9.57 3.19
N THR C 602 -38.98 -9.40 2.28
CA THR C 602 -38.94 -10.05 0.99
C THR C 602 -39.06 -9.05 -0.15
N GLY C 603 -39.71 -7.93 0.11
CA GLY C 603 -39.81 -6.91 -0.91
C GLY C 603 -40.41 -5.59 -0.44
N ILE C 604 -41.15 -4.98 -1.35
CA ILE C 604 -41.79 -3.73 -1.09
C ILE C 604 -43.29 -3.95 -1.33
N SER C 605 -44.09 -3.44 -0.41
CA SER C 605 -45.52 -3.50 -0.52
C SER C 605 -46.05 -2.09 -0.37
N CYS C 606 -47.25 -1.86 -0.87
CA CYS C 606 -47.84 -0.57 -0.75
C CYS C 606 -49.29 -0.72 -0.41
N TYR C 607 -49.69 -0.08 0.69
CA TYR C 607 -51.10 0.04 1.04
C TYR C 607 -51.74 1.19 0.28
N ILE C 608 -52.67 0.84 -0.61
CA ILE C 608 -53.37 1.82 -1.41
C ILE C 608 -54.63 2.24 -0.66
N THR C 609 -54.54 3.34 0.06
CA THR C 609 -55.63 3.80 0.93
C THR C 609 -56.95 4.06 0.18
N SER C 610 -56.83 4.44 -1.09
CA SER C 610 -57.97 4.73 -1.98
C SER C 610 -58.74 3.45 -2.32
N LYS C 611 -58.05 2.48 -2.94
CA LYS C 611 -58.58 1.13 -3.22
C LYS C 611 -58.76 0.25 -1.97
N LYS C 612 -58.10 0.63 -0.87
CA LYS C 612 -58.12 -0.11 0.40
C LYS C 612 -57.57 -1.53 0.30
N CYS C 613 -56.39 -1.70 -0.29
CA CYS C 613 -55.76 -3.03 -0.48
C CYS C 613 -54.26 -2.88 -0.74
N PHE C 614 -53.57 -4.02 -0.86
CA PHE C 614 -52.12 -4.00 -1.07
C PHE C 614 -51.66 -4.30 -2.50
N TYR C 615 -50.61 -3.59 -2.94
CA TYR C 615 -49.88 -3.84 -4.18
C TYR C 615 -48.54 -4.39 -3.73
N THR C 616 -48.06 -5.47 -4.35
CA THR C 616 -46.82 -6.08 -3.90
C THR C 616 -45.75 -6.11 -4.99
N TYR C 617 -44.49 -6.09 -4.57
CA TYR C 617 -43.33 -6.13 -5.46
C TYR C 617 -42.20 -6.98 -4.83
N ASP C 618 -41.43 -7.69 -5.64
CA ASP C 618 -40.38 -8.59 -5.11
C ASP C 618 -39.26 -8.80 -6.13
N HIS C 619 -38.29 -9.68 -5.87
CA HIS C 619 -37.17 -9.89 -6.82
C HIS C 619 -37.70 -9.98 -8.20
N SER C 620 -38.91 -10.50 -8.33
CA SER C 620 -39.64 -10.47 -9.60
C SER C 620 -39.55 -9.11 -10.31
N ASN C 621 -39.24 -8.05 -9.58
CA ASN C 621 -39.31 -6.70 -10.10
C ASN C 621 -38.03 -5.91 -10.16
N ASN C 622 -36.88 -6.56 -10.01
CA ASN C 622 -35.58 -5.86 -10.07
C ASN C 622 -35.16 -5.39 -8.68
N ILE C 623 -35.91 -5.82 -7.67
CA ILE C 623 -35.67 -5.57 -6.25
C ILE C 623 -34.58 -6.49 -5.72
N PRO C 624 -33.60 -5.97 -4.93
CA PRO C 624 -32.57 -6.81 -4.28
C PRO C 624 -33.23 -7.96 -3.52
N GLN C 625 -32.63 -9.14 -3.63
CA GLN C 625 -33.29 -10.34 -3.08
C GLN C 625 -32.68 -10.65 -1.70
N GLY C 626 -32.41 -9.60 -0.94
CA GLY C 626 -32.09 -9.75 0.47
C GLY C 626 -33.32 -9.33 1.26
N SER C 627 -33.12 -9.03 2.53
CA SER C 627 -34.19 -8.36 3.28
C SER C 627 -33.82 -6.93 3.57
N PHE C 628 -34.84 -6.11 3.81
CA PHE C 628 -34.65 -4.71 4.05
C PHE C 628 -34.22 -4.44 5.46
N ILE C 629 -33.51 -3.34 5.66
CA ILE C 629 -33.02 -3.02 7.00
C ILE C 629 -34.01 -2.01 7.62
N SER C 630 -34.29 -2.21 8.91
CA SER C 630 -35.49 -1.59 9.48
C SER C 630 -35.34 -0.13 9.85
N GLY C 631 -36.35 0.64 9.48
CA GLY C 631 -36.37 2.06 9.77
C GLY C 631 -35.66 2.81 8.68
N CYS C 632 -34.90 2.10 7.86
CA CYS C 632 -34.02 2.70 6.89
C CYS C 632 -34.76 3.21 5.69
N VAL C 633 -35.32 4.42 5.76
CA VAL C 633 -36.00 5.00 4.57
C VAL C 633 -35.84 6.52 4.40
N THR C 634 -35.91 6.99 3.16
CA THR C 634 -35.87 8.42 2.91
C THR C 634 -36.62 8.72 1.63
N LYS C 635 -37.23 9.88 1.56
CA LYS C 635 -37.93 10.27 0.34
C LYS C 635 -37.13 11.39 -0.31
N ASP C 636 -37.35 11.53 -1.61
CA ASP C 636 -36.62 12.42 -2.45
C ASP C 636 -37.34 13.77 -2.47
N HIS C 637 -36.68 14.81 -2.96
CA HIS C 637 -37.40 16.06 -3.15
C HIS C 637 -38.26 15.91 -4.36
N ASN C 638 -37.98 14.86 -5.13
CA ASN C 638 -38.81 14.51 -6.26
C ASN C 638 -39.80 13.41 -5.90
N GLY C 639 -39.77 13.02 -4.64
CA GLY C 639 -40.78 12.12 -4.12
C GLY C 639 -40.46 10.68 -4.40
N LEU C 640 -39.31 10.43 -5.00
CA LEU C 640 -38.84 9.06 -5.16
C LEU C 640 -38.61 8.47 -3.79
N ILE C 641 -38.87 7.18 -3.61
CA ILE C 641 -38.66 6.61 -2.29
C ILE C 641 -37.38 5.75 -2.28
N TYR C 642 -36.67 5.71 -1.14
CA TYR C 642 -35.45 4.89 -1.01
C TYR C 642 -35.48 4.02 0.25
N PHE C 643 -35.36 2.71 0.04
CA PHE C 643 -35.23 1.75 1.14
C PHE C 643 -33.87 1.06 1.05
N GLY C 644 -33.11 1.04 2.15
CA GLY C 644 -31.82 0.38 2.24
C GLY C 644 -31.96 -1.07 2.65
N SER C 645 -31.12 -1.94 2.13
CA SER C 645 -31.21 -3.37 2.45
C SER C 645 -29.82 -3.95 2.62
N ILE C 646 -29.79 -5.22 3.03
CA ILE C 646 -28.54 -5.94 3.23
C ILE C 646 -27.85 -6.13 1.88
N ASN C 647 -28.42 -5.48 0.86
CA ASN C 647 -28.03 -5.61 -0.55
C ASN C 647 -27.95 -4.31 -1.37
N GLY C 648 -28.15 -3.19 -0.72
CA GLY C 648 -27.99 -1.95 -1.40
C GLY C 648 -29.20 -1.08 -1.21
N LEU C 649 -29.15 0.09 -1.81
CA LEU C 649 -30.20 1.05 -1.73
C LEU C 649 -31.09 0.95 -2.95
N CYS C 650 -32.38 0.75 -2.72
CA CYS C 650 -33.32 0.54 -3.78
C CYS C 650 -34.37 1.67 -3.81
N PHE C 651 -34.80 2.09 -4.99
CA PHE C 651 -35.64 3.30 -5.09
C PHE C 651 -36.54 3.33 -6.30
N PHE C 652 -37.64 4.09 -6.25
CA PHE C 652 -38.70 4.01 -7.27
C PHE C 652 -39.62 5.25 -7.30
N ASN C 653 -40.82 5.16 -7.93
CA ASN C 653 -41.76 6.30 -8.12
C ASN C 653 -43.32 6.31 -7.70
N PRO C 654 -44.23 6.88 -8.57
CA PRO C 654 -45.62 6.46 -8.49
C PRO C 654 -45.83 5.60 -9.72
N ASP C 655 -45.08 4.49 -9.78
CA ASP C 655 -45.34 3.48 -10.80
C ASP C 655 -46.05 2.26 -10.15
N ILE C 656 -46.95 2.66 -9.24
CA ILE C 656 -48.31 2.11 -9.06
C ILE C 656 -49.20 2.49 -10.26
N ALA C 657 -48.79 3.51 -11.01
CA ALA C 657 -49.46 3.94 -12.25
C ALA C 657 -49.18 2.91 -13.32
N ILE C 658 -48.72 1.74 -12.86
CA ILE C 658 -48.51 0.53 -13.67
C ILE C 658 -49.90 -0.05 -14.06
N ASN C 659 -50.96 0.68 -13.69
CA ASN C 659 -52.37 0.46 -14.14
C ASN C 659 -52.51 0.79 -15.61
N SER C 660 -51.80 1.85 -16.00
CA SER C 660 -51.74 2.42 -17.35
C SER C 660 -51.12 1.45 -18.37
N PRO C 661 -50.02 0.73 -18.01
CA PRO C 661 -49.78 -0.43 -18.84
C PRO C 661 -51.11 -1.17 -19.01
N GLN C 662 -51.60 -1.13 -20.25
CA GLN C 662 -52.96 -1.53 -20.53
C GLN C 662 -53.10 -3.00 -20.32
N ILE C 663 -54.23 -3.35 -19.71
CA ILE C 663 -54.82 -4.69 -19.81
C ILE C 663 -54.71 -5.12 -21.29
N PRO C 664 -53.66 -5.91 -21.61
CA PRO C 664 -53.30 -6.16 -23.02
C PRO C 664 -54.02 -7.41 -23.56
N PRO C 665 -54.37 -7.42 -24.86
CA PRO C 665 -55.33 -8.44 -25.34
C PRO C 665 -54.72 -9.87 -25.34
N VAL C 666 -55.50 -10.88 -24.95
CA VAL C 666 -55.02 -12.28 -24.88
C VAL C 666 -55.25 -12.94 -26.22
N VAL C 667 -54.30 -13.75 -26.69
CA VAL C 667 -54.42 -14.46 -27.97
C VAL C 667 -54.38 -15.98 -27.73
N ILE C 668 -55.23 -16.73 -28.41
CA ILE C 668 -55.22 -18.18 -28.25
C ILE C 668 -54.32 -18.78 -29.36
N THR C 669 -53.07 -19.03 -29.05
CA THR C 669 -52.08 -19.32 -30.11
C THR C 669 -51.94 -20.76 -30.59
N LYS C 670 -52.54 -21.71 -29.90
CA LYS C 670 -52.35 -23.13 -30.24
C LYS C 670 -53.43 -23.97 -29.59
N VAL C 671 -54.00 -24.90 -30.36
CA VAL C 671 -54.83 -25.95 -29.74
C VAL C 671 -54.34 -27.28 -30.28
N ARG C 672 -53.93 -28.16 -29.36
CA ARG C 672 -53.52 -29.52 -29.72
C ARG C 672 -54.33 -30.57 -28.94
N ILE C 673 -54.65 -31.69 -29.59
CA ILE C 673 -55.22 -32.86 -28.86
C ILE C 673 -54.09 -33.70 -28.24
N PRO C 674 -54.19 -34.02 -26.95
CA PRO C 674 -53.10 -34.83 -26.41
C PRO C 674 -53.19 -36.26 -26.93
N GLY C 675 -52.11 -36.76 -27.52
CA GLY C 675 -52.10 -38.12 -28.11
C GLY C 675 -51.97 -39.25 -27.10
N ARG C 676 -52.50 -40.42 -27.42
CA ARG C 676 -52.48 -41.55 -26.50
C ARG C 676 -51.10 -42.20 -26.45
N LEU C 677 -50.83 -42.94 -25.37
CA LEU C 677 -49.48 -43.43 -25.08
C LEU C 677 -49.00 -44.51 -26.01
N THR C 678 -49.90 -45.06 -26.83
CA THR C 678 -49.51 -46.06 -27.83
C THR C 678 -48.33 -45.56 -28.67
N SER C 679 -48.20 -44.23 -28.73
CA SER C 679 -47.04 -43.50 -29.29
C SER C 679 -46.27 -44.22 -30.41
N ARG C 680 -47.01 -44.51 -31.49
CA ARG C 680 -46.47 -44.88 -32.80
C ARG C 680 -46.76 -43.69 -33.74
N GLU C 681 -47.12 -42.55 -33.16
CA GLU C 681 -47.59 -41.37 -33.90
C GLU C 681 -47.09 -40.03 -33.34
N LYS C 682 -46.19 -39.41 -34.11
CA LYS C 682 -45.47 -38.19 -33.73
C LYS C 682 -46.31 -36.98 -34.13
N ASN C 683 -45.93 -35.80 -33.62
CA ASN C 683 -46.62 -34.51 -33.88
C ASN C 683 -48.12 -34.55 -33.54
N GLU C 684 -48.44 -34.44 -32.26
CA GLU C 684 -49.81 -34.69 -31.77
C GLU C 684 -50.76 -33.59 -32.24
N THR C 685 -51.53 -33.92 -33.28
CA THR C 685 -52.28 -33.00 -34.16
C THR C 685 -52.82 -31.67 -33.62
N ALA C 686 -52.58 -30.58 -34.36
CA ALA C 686 -53.02 -29.26 -33.93
C ALA C 686 -54.20 -28.73 -34.78
N ILE C 687 -55.30 -28.38 -34.12
CA ILE C 687 -56.53 -27.91 -34.80
C ILE C 687 -56.47 -26.40 -35.09
N PRO C 688 -56.84 -25.99 -36.32
CA PRO C 688 -56.69 -24.59 -36.67
C PRO C 688 -57.95 -23.76 -36.33
N ILE C 689 -57.74 -22.65 -35.62
CA ILE C 689 -58.82 -21.69 -35.31
C ILE C 689 -59.19 -20.93 -36.57
N SER C 690 -60.41 -21.09 -37.07
CA SER C 690 -60.74 -20.37 -38.30
C SER C 690 -61.72 -19.19 -38.15
N GLU C 691 -62.96 -19.47 -37.76
CA GLU C 691 -63.95 -18.42 -37.74
C GLU C 691 -64.11 -17.94 -36.31
N GLY C 692 -63.00 -17.95 -35.57
CA GLY C 692 -63.03 -17.73 -34.13
C GLY C 692 -63.73 -18.88 -33.42
N GLU C 693 -63.93 -19.96 -34.16
CA GLU C 693 -64.51 -21.19 -33.62
C GLU C 693 -63.86 -22.46 -34.21
N ILE C 694 -64.06 -23.57 -33.49
CA ILE C 694 -63.30 -24.81 -33.64
C ILE C 694 -64.24 -26.03 -33.68
N GLU C 695 -63.90 -27.03 -34.49
CA GLU C 695 -64.74 -28.22 -34.62
C GLU C 695 -64.04 -29.48 -34.12
N LEU C 696 -64.63 -30.13 -33.12
CA LEU C 696 -64.11 -31.40 -32.59
C LEU C 696 -65.09 -32.56 -32.79
N THR C 697 -64.56 -33.73 -33.12
CA THR C 697 -65.41 -34.93 -33.15
C THR C 697 -65.26 -35.66 -31.83
N HIS C 698 -66.17 -36.60 -31.59
CA HIS C 698 -66.25 -37.33 -30.31
C HIS C 698 -64.91 -37.81 -29.80
N GLU C 699 -64.10 -38.32 -30.74
CA GLU C 699 -62.85 -38.99 -30.42
C GLU C 699 -61.83 -38.04 -29.81
N GLN C 700 -61.70 -36.87 -30.40
CA GLN C 700 -60.80 -35.88 -29.88
C GLN C 700 -61.53 -34.99 -28.87
N ASN C 701 -61.91 -35.56 -27.73
CA ASN C 701 -62.65 -34.77 -26.73
C ASN C 701 -61.82 -34.30 -25.54
N SER C 702 -60.52 -34.57 -25.60
CA SER C 702 -59.55 -33.90 -24.74
C SER C 702 -58.95 -32.79 -25.61
N PHE C 703 -58.37 -31.76 -25.00
CA PHE C 703 -57.76 -30.68 -25.77
C PHE C 703 -57.05 -29.63 -24.93
N ASN C 704 -55.86 -29.23 -25.40
CA ASN C 704 -55.04 -28.24 -24.73
C ASN C 704 -54.91 -26.94 -25.51
N LEU C 705 -55.45 -25.86 -24.96
CA LEU C 705 -55.32 -24.53 -25.55
C LEU C 705 -54.21 -23.75 -24.85
N THR C 706 -53.29 -23.19 -25.62
CA THR C 706 -52.33 -22.28 -25.03
C THR C 706 -52.67 -20.87 -25.49
N PHE C 707 -52.35 -19.89 -24.65
CA PHE C 707 -52.73 -18.49 -24.88
C PHE C 707 -51.63 -17.62 -24.33
N ASN C 708 -51.45 -16.45 -24.93
CA ASN C 708 -50.33 -15.58 -24.59
C ASN C 708 -50.71 -14.15 -24.78
N VAL C 709 -49.94 -13.28 -24.17
CA VAL C 709 -49.97 -11.87 -24.53
C VAL C 709 -48.73 -11.60 -25.38
N GLN C 710 -48.91 -10.78 -26.42
CA GLN C 710 -47.88 -10.58 -27.46
C GLN C 710 -46.74 -9.62 -27.09
N ASP C 711 -46.97 -8.73 -26.12
CA ASP C 711 -45.89 -7.89 -25.58
C ASP C 711 -45.03 -8.72 -24.64
N TYR C 712 -43.74 -8.81 -24.94
CA TYR C 712 -42.87 -9.65 -24.13
C TYR C 712 -42.54 -9.01 -22.78
N SER C 713 -42.43 -7.69 -22.72
CA SER C 713 -42.19 -7.00 -21.44
C SER C 713 -43.07 -7.62 -20.36
N LEU C 714 -44.34 -7.83 -20.68
CA LEU C 714 -45.39 -8.21 -19.73
C LEU C 714 -45.48 -9.69 -19.40
N ALA C 715 -45.09 -10.55 -20.35
CA ALA C 715 -45.21 -12.00 -20.17
C ALA C 715 -44.67 -12.45 -18.82
N ASN C 716 -43.61 -11.77 -18.33
CA ASN C 716 -43.08 -11.96 -16.99
C ASN C 716 -44.12 -11.79 -15.85
N GLN C 717 -45.00 -10.80 -16.00
CA GLN C 717 -45.89 -10.41 -14.90
C GLN C 717 -47.39 -10.36 -15.25
N VAL C 718 -47.89 -11.46 -15.80
CA VAL C 718 -49.26 -11.57 -16.26
C VAL C 718 -49.92 -12.82 -15.67
N GLU C 719 -51.13 -12.66 -15.16
CA GLU C 719 -51.93 -13.76 -14.61
C GLU C 719 -53.12 -13.97 -15.53
N TYR C 720 -53.55 -15.22 -15.68
CA TYR C 720 -54.67 -15.56 -16.56
C TYR C 720 -55.87 -16.16 -15.83
N ALA C 721 -57.08 -15.92 -16.34
CA ALA C 721 -58.21 -16.74 -15.96
C ALA C 721 -59.09 -17.15 -17.15
N TYR C 722 -59.72 -18.31 -17.01
CA TYR C 722 -60.59 -18.87 -18.04
C TYR C 722 -61.98 -19.22 -17.49
N LEU C 724 -65.05 -21.98 -19.22
CA LEU C 724 -65.56 -22.75 -20.36
C LEU C 724 -67.10 -22.88 -20.29
N LYS C 725 -67.78 -21.91 -20.88
CA LYS C 725 -69.24 -21.91 -20.93
C LYS C 725 -69.69 -23.21 -21.59
N GLY C 726 -70.58 -23.94 -20.91
CA GLY C 726 -71.05 -25.22 -21.41
C GLY C 726 -70.62 -26.39 -20.55
N LEU C 727 -69.43 -26.27 -19.95
CA LEU C 727 -68.97 -27.23 -18.98
C LEU C 727 -69.26 -26.69 -17.59
N GLU C 728 -68.93 -25.42 -17.37
CA GLU C 728 -69.08 -24.75 -16.08
C GLU C 728 -69.03 -23.25 -16.29
N ASN C 729 -70.06 -22.56 -15.80
CA ASN C 729 -70.22 -21.12 -16.03
C ASN C 729 -69.67 -20.23 -14.92
N SER C 730 -68.42 -20.47 -14.57
CA SER C 730 -67.68 -19.65 -13.63
C SER C 730 -66.21 -19.61 -14.01
N TRP C 731 -65.49 -18.58 -13.56
CA TRP C 731 -64.09 -18.41 -13.92
C TRP C 731 -63.19 -19.05 -12.95
N TYR C 732 -62.06 -19.55 -13.45
CA TYR C 732 -61.01 -20.08 -12.59
C TYR C 732 -59.68 -19.43 -12.93
N THR C 733 -58.85 -19.29 -11.89
CA THR C 733 -57.51 -18.73 -11.98
C THR C 733 -56.58 -19.79 -12.52
N ILE C 734 -55.53 -19.34 -13.21
CA ILE C 734 -54.38 -20.19 -13.51
C ILE C 734 -53.03 -19.53 -13.19
N ASN C 735 -52.22 -20.24 -12.44
CA ASN C 735 -50.96 -19.67 -12.00
C ASN C 735 -49.72 -20.35 -12.59
N GLU C 736 -48.58 -19.64 -12.56
CA GLU C 736 -47.35 -20.02 -13.28
C GLU C 736 -47.60 -20.76 -14.65
N GLN C 737 -48.64 -20.35 -15.39
CA GLN C 737 -49.07 -21.11 -16.58
C GLN C 737 -49.93 -20.39 -17.64
N ASN C 738 -49.60 -20.66 -18.92
CA ASN C 738 -50.40 -20.21 -20.08
C ASN C 738 -50.94 -21.28 -21.02
N SER C 739 -51.36 -22.40 -20.45
CA SER C 739 -52.11 -23.40 -21.17
C SER C 739 -53.10 -24.13 -20.25
N VAL C 740 -54.25 -24.46 -20.81
CA VAL C 740 -55.28 -25.18 -20.09
C VAL C 740 -55.52 -26.47 -20.85
N THR C 741 -55.77 -27.55 -20.13
CA THR C 741 -56.13 -28.82 -20.76
C THR C 741 -57.38 -29.45 -20.12
N PHE C 742 -58.46 -29.43 -20.91
CA PHE C 742 -59.70 -30.10 -20.55
C PHE C 742 -59.58 -31.50 -21.11
N ARG C 743 -60.05 -32.50 -20.37
CA ARG C 743 -60.05 -33.89 -20.88
C ARG C 743 -61.42 -34.56 -20.91
N ASN C 744 -61.70 -35.23 -22.02
CA ASN C 744 -62.84 -36.14 -22.12
C ASN C 744 -64.19 -35.47 -21.94
N ILE C 745 -64.41 -34.45 -22.78
CA ILE C 745 -65.57 -33.58 -22.72
C ILE C 745 -66.72 -34.06 -23.64
N PRO C 746 -67.92 -34.25 -23.07
CA PRO C 746 -69.06 -34.83 -23.81
C PRO C 746 -69.61 -33.88 -24.89
N PRO C 747 -70.40 -34.42 -25.85
CA PRO C 747 -70.86 -33.70 -27.05
C PRO C 747 -71.66 -32.44 -26.75
N GLY C 748 -71.48 -31.40 -27.58
CA GLY C 748 -72.21 -30.14 -27.44
C GLY C 748 -71.46 -28.89 -27.89
N LYS C 749 -72.07 -27.72 -27.65
CA LYS C 749 -71.44 -26.43 -27.98
C LYS C 749 -70.91 -25.71 -26.74
N TYR C 750 -69.59 -25.57 -26.70
CA TYR C 750 -68.91 -24.91 -25.61
C TYR C 750 -68.36 -23.58 -26.10
N GLU C 751 -67.98 -22.71 -25.14
CA GLU C 751 -67.27 -21.47 -25.43
C GLU C 751 -66.20 -21.19 -24.38
N PHE C 752 -64.96 -21.29 -24.82
CA PHE C 752 -63.84 -20.99 -23.95
C PHE C 752 -63.62 -19.48 -23.91
N LEU C 753 -63.71 -18.89 -22.73
CA LEU C 753 -63.34 -17.50 -22.57
C LEU C 753 -62.07 -17.37 -21.72
N VAL C 754 -61.18 -16.44 -22.10
CA VAL C 754 -59.96 -16.18 -21.32
C VAL C 754 -59.64 -14.67 -21.17
N LYS C 755 -59.26 -14.26 -19.95
CA LYS C 755 -58.81 -12.89 -19.67
C LYS C 755 -57.43 -12.81 -18.96
N ALA C 756 -56.83 -11.62 -19.00
CA ALA C 756 -55.54 -11.34 -18.36
C ALA C 756 -55.55 -10.12 -17.43
N ARG C 757 -54.40 -9.82 -16.81
CA ARG C 757 -54.25 -8.69 -15.90
C ARG C 757 -52.84 -8.60 -15.34
N LEU C 758 -52.38 -7.41 -14.96
CA LEU C 758 -51.00 -7.31 -14.46
C LEU C 758 -50.95 -7.46 -12.94
N HIS C 759 -49.78 -7.86 -12.40
CA HIS C 759 -49.65 -8.23 -10.99
C HIS C 759 -50.48 -7.37 -10.09
N ASN C 760 -50.57 -6.08 -10.39
CA ASN C 760 -51.29 -5.14 -9.48
C ASN C 760 -52.54 -4.48 -10.09
N GLN C 761 -53.39 -5.27 -10.71
CA GLN C 761 -54.50 -4.72 -11.47
C GLN C 761 -55.70 -5.59 -11.28
N ASP C 762 -56.88 -4.97 -11.27
CA ASP C 762 -58.11 -5.73 -11.16
C ASP C 762 -58.46 -6.38 -12.52
N TRP C 763 -59.28 -7.42 -12.47
CA TRP C 763 -59.61 -8.18 -13.67
C TRP C 763 -60.35 -7.29 -14.61
N SER C 764 -59.87 -7.29 -15.85
CA SER C 764 -60.51 -6.55 -16.92
C SER C 764 -61.93 -7.04 -17.26
N GLU C 765 -62.72 -6.14 -17.84
CA GLU C 765 -64.01 -6.47 -18.45
C GLU C 765 -63.90 -7.40 -19.66
N ASP C 766 -62.93 -7.11 -20.53
CA ASP C 766 -62.70 -7.79 -21.81
C ASP C 766 -62.39 -9.24 -21.66
N THR C 767 -62.87 -10.04 -22.62
CA THR C 767 -62.39 -11.43 -22.81
C THR C 767 -61.96 -11.72 -24.25
N THR C 768 -61.22 -12.81 -24.45
CA THR C 768 -61.11 -13.38 -25.79
C THR C 768 -61.63 -14.83 -25.79
N SER C 769 -62.27 -15.20 -26.89
CA SER C 769 -63.07 -16.42 -26.86
C SER C 769 -62.87 -17.34 -28.03
N LEU C 770 -63.19 -18.60 -27.80
CA LEU C 770 -63.20 -19.60 -28.84
C LEU C 770 -64.48 -20.41 -28.68
N ARG C 771 -65.23 -20.60 -29.77
CA ARG C 771 -66.35 -21.52 -29.67
C ARG C 771 -65.86 -22.92 -29.95
N ILE C 772 -66.32 -23.88 -29.17
CA ILE C 772 -65.87 -25.26 -29.30
C ILE C 772 -67.05 -26.22 -29.42
N HIS C 773 -67.27 -26.75 -30.63
CA HIS C 773 -68.28 -27.80 -30.84
C HIS C 773 -67.68 -29.16 -30.85
N ILE C 774 -68.37 -30.08 -30.18
CA ILE C 774 -68.01 -31.49 -30.13
C ILE C 774 -69.18 -32.38 -30.61
N ASN C 775 -68.91 -33.22 -31.62
CA ASN C 775 -69.89 -34.16 -32.16
C ASN C 775 -69.93 -35.43 -31.30
N PRO C 776 -70.88 -36.34 -31.57
CA PRO C 776 -70.82 -37.66 -30.95
C PRO C 776 -70.52 -38.77 -31.95
N PRO D 4 40.56 31.62 0.31
CA PRO D 4 39.61 31.95 -0.76
C PRO D 4 38.28 32.41 -0.18
N TYR D 5 37.35 31.49 0.12
CA TYR D 5 36.10 31.80 0.85
C TYR D 5 35.95 30.82 1.98
N LEU D 6 35.53 31.28 3.16
CA LEU D 6 35.39 30.40 4.35
C LEU D 6 33.94 29.99 4.63
N ILE D 7 33.62 28.73 4.38
CA ILE D 7 32.25 28.27 4.24
C ILE D 7 31.76 27.45 5.44
N GLN D 8 30.98 28.08 6.31
CA GLN D 8 30.43 27.42 7.49
C GLN D 8 29.23 26.57 7.14
N ARG D 9 28.99 25.53 7.91
CA ARG D 9 27.86 24.63 7.67
C ARG D 9 26.82 24.62 8.78
N LEU D 10 25.54 24.68 8.38
CA LEU D 10 24.42 24.49 9.30
C LEU D 10 23.51 23.33 8.87
N GLY D 11 22.94 22.63 9.83
CA GLY D 11 22.06 21.53 9.53
C GLY D 11 21.45 20.90 10.76
N ILE D 12 21.76 19.62 10.91
CA ILE D 12 21.19 18.77 11.96
C ILE D 12 21.57 19.27 13.35
N GLU D 13 22.86 19.57 13.56
CA GLU D 13 23.29 20.11 14.87
C GLU D 13 22.40 21.28 15.30
N GLN D 14 21.98 22.07 14.32
CA GLN D 14 21.37 23.35 14.59
C GLN D 14 19.84 23.27 14.59
N GLY D 15 19.29 22.10 14.23
CA GLY D 15 17.83 21.85 14.28
C GLY D 15 17.04 21.75 12.97
N LEU D 16 17.73 21.86 11.83
CA LEU D 16 17.13 21.88 10.49
C LEU D 16 16.35 20.61 10.18
N SER D 17 15.21 20.74 9.52
CA SER D 17 14.28 19.62 9.38
C SER D 17 14.71 18.60 8.34
N ASN D 18 15.55 19.01 7.40
CA ASN D 18 15.78 18.29 6.14
C ASN D 18 17.05 18.82 5.51
N ASN D 19 17.92 17.96 4.99
CA ASN D 19 19.14 18.48 4.34
C ASN D 19 19.01 18.69 2.82
N TYR D 20 17.78 18.75 2.35
CA TYR D 20 17.49 19.05 0.96
C TYR D 20 16.83 20.42 0.87
N VAL D 21 17.68 21.46 0.85
CA VAL D 21 17.16 22.81 0.92
C VAL D 21 17.00 23.48 -0.45
N LEU D 22 15.76 23.83 -0.81
CA LEU D 22 15.41 24.36 -2.14
C LEU D 22 15.28 25.90 -2.26
N SER D 23 14.75 26.53 -1.22
CA SER D 23 14.47 27.94 -1.29
C SER D 23 14.79 28.64 0.01
N ILE D 24 15.28 29.88 -0.10
CA ILE D 24 15.59 30.74 1.07
C ILE D 24 15.22 32.23 0.86
N THR D 25 14.66 32.89 1.89
CA THR D 25 14.60 34.36 1.94
C THR D 25 14.66 34.85 3.38
N GLN D 26 14.15 36.06 3.59
CA GLN D 26 14.26 36.77 4.87
C GLN D 26 13.03 37.64 5.02
N ASP D 27 12.41 37.59 6.18
CA ASP D 27 11.18 38.35 6.37
C ASP D 27 11.48 39.79 6.72
N LYS D 28 10.44 40.62 6.80
CA LYS D 28 10.59 42.05 7.07
C LYS D 28 11.13 42.32 8.48
N GLN D 29 11.13 41.31 9.34
CA GLN D 29 11.80 41.48 10.62
C GLN D 29 13.17 40.78 10.75
N GLY D 30 13.75 40.31 9.65
CA GLY D 30 15.14 39.91 9.67
C GLY D 30 15.49 38.43 9.76
N PHE D 31 14.55 37.61 10.20
CA PHE D 31 14.77 36.14 10.33
C PHE D 31 14.80 35.40 9.00
N LEU D 32 15.69 34.43 8.88
CA LEU D 32 15.79 33.71 7.62
C LEU D 32 14.82 32.54 7.53
N TRP D 33 14.33 32.28 6.31
CA TRP D 33 13.33 31.22 6.05
C TRP D 33 13.77 30.26 4.97
N PHE D 34 13.58 28.97 5.21
CA PHE D 34 14.15 27.94 4.35
C PHE D 34 13.12 26.90 3.99
N ALA D 35 13.06 26.54 2.71
CA ALA D 35 12.11 25.54 2.21
C ALA D 35 12.80 24.25 1.79
N THR D 36 12.34 23.15 2.37
CA THR D 36 12.98 21.87 2.16
C THR D 36 11.99 20.81 1.68
N GLU D 37 12.51 19.65 1.32
CA GLU D 37 11.72 18.48 0.96
C GLU D 37 10.88 17.93 2.12
N GLU D 38 11.15 18.41 3.34
CA GLU D 38 10.33 18.08 4.52
C GLU D 38 10.43 19.13 5.61
N GLY D 39 9.60 20.16 5.55
CA GLY D 39 9.52 21.13 6.63
C GLY D 39 9.76 22.55 6.18
N LEU D 40 9.03 23.48 6.78
CA LEU D 40 9.30 24.89 6.65
C LEU D 40 10.20 25.26 7.81
N ASN D 41 11.32 25.91 7.55
CA ASN D 41 12.22 26.26 8.66
C ASN D 41 12.40 27.77 8.84
N LYS D 42 12.29 28.24 10.09
CA LYS D 42 12.71 29.60 10.46
C LYS D 42 13.96 29.50 11.32
N PHE D 43 15.00 30.23 10.94
CA PHE D 43 16.23 30.23 11.73
C PHE D 43 16.24 31.43 12.65
N ASP D 44 16.10 31.20 13.95
CA ASP D 44 16.03 32.31 14.94
C ASP D 44 17.32 33.08 15.20
N GLY D 45 18.47 32.51 14.82
CA GLY D 45 19.75 33.17 15.01
C GLY D 45 20.81 32.21 15.53
N THR D 46 20.35 31.08 16.06
CA THR D 46 21.26 30.04 16.50
C THR D 46 20.73 28.69 16.12
N ARG D 47 19.42 28.55 16.22
CA ARG D 47 18.80 27.25 16.11
C ARG D 47 17.51 27.35 15.26
N PHE D 48 17.15 26.29 14.53
CA PHE D 48 15.96 26.30 13.64
C PHE D 48 14.62 25.93 14.32
N ILE D 49 13.54 26.55 13.82
CA ILE D 49 12.18 26.24 14.22
C ILE D 49 11.53 25.65 13.02
N THR D 50 11.03 24.42 13.16
CA THR D 50 10.38 23.73 12.05
C THR D 50 8.88 23.93 12.16
N TYR D 51 8.21 23.93 11.01
CA TYR D 51 6.76 23.86 10.95
C TYR D 51 6.41 22.68 10.08
N TYR D 52 5.45 21.87 10.51
CA TYR D 52 5.01 20.75 9.72
C TYR D 52 3.50 20.76 9.48
N LYS D 53 3.03 19.82 8.67
CA LYS D 53 1.61 19.70 8.39
C LYS D 53 0.96 19.17 9.64
N GLU D 54 -0.13 19.81 10.07
CA GLU D 54 -0.93 19.30 11.18
C GLU D 54 -1.71 18.03 10.81
N GLU D 55 -1.96 17.19 11.81
CA GLU D 55 -2.39 15.83 11.58
C GLU D 55 -3.87 15.66 11.90
N GLN D 56 -4.18 15.80 13.19
CA GLN D 56 -5.55 15.74 13.72
C GLN D 56 -5.91 17.11 14.30
N SER D 57 -4.90 18.00 14.34
CA SER D 57 -5.10 19.38 14.73
C SER D 57 -5.75 20.16 13.58
N SER D 58 -7.03 19.87 13.38
CA SER D 58 -7.93 20.72 12.61
C SER D 58 -8.37 21.85 13.55
N SER D 59 -7.59 22.07 14.60
CA SER D 59 -7.89 23.05 15.62
C SER D 59 -7.06 24.33 15.44
N VAL D 60 -5.74 24.18 15.26
CA VAL D 60 -4.85 25.26 14.79
C VAL D 60 -4.64 25.00 13.29
N GLN D 61 -4.37 26.05 12.51
CA GLN D 61 -4.05 25.90 11.09
C GLN D 61 -2.55 25.86 10.90
N SER D 62 -2.06 24.90 10.11
CA SER D 62 -0.67 24.92 9.64
C SER D 62 -0.48 24.69 8.13
N ILE D 63 0.78 24.58 7.71
CA ILE D 63 1.14 24.23 6.33
C ILE D 63 0.53 22.91 5.87
N THR D 64 0.34 22.78 4.56
CA THR D 64 -0.59 21.80 4.01
C THR D 64 0.11 20.62 3.38
N GLY D 65 1.43 20.74 3.23
CA GLY D 65 2.28 19.64 2.85
C GLY D 65 3.64 19.81 3.50
N ASN D 66 4.37 18.70 3.67
CA ASN D 66 5.74 18.80 4.18
C ASN D 66 6.72 19.15 3.08
N GLU D 67 6.45 18.60 1.89
CA GLU D 67 7.29 18.80 0.69
C GLU D 67 7.03 20.17 0.07
N LEU D 68 7.99 21.06 0.15
CA LEU D 68 7.85 22.41 -0.38
C LEU D 68 8.78 22.64 -1.57
N ASN D 69 8.47 23.68 -2.36
CA ASN D 69 9.31 24.14 -3.46
C ASN D 69 9.93 25.51 -3.25
N GLU D 70 9.22 26.43 -2.61
CA GLU D 70 9.71 27.81 -2.56
C GLU D 70 9.17 28.60 -1.37
N VAL D 71 10.00 29.49 -0.83
CA VAL D 71 9.59 30.49 0.17
C VAL D 71 9.84 31.88 -0.38
N TYR D 72 8.94 32.81 -0.09
CA TYR D 72 8.92 34.11 -0.76
C TYR D 72 8.32 35.22 0.12
N THR D 73 9.01 36.36 0.19
CA THR D 73 8.62 37.50 1.01
C THR D 73 7.85 38.53 0.26
N ASP D 74 6.62 38.74 0.68
CA ASP D 74 5.78 39.77 0.07
C ASP D 74 6.43 41.16 0.24
N PRO D 75 6.63 41.87 -0.89
CA PRO D 75 7.28 43.17 -0.80
C PRO D 75 6.53 44.12 0.12
N VAL D 76 5.20 44.03 0.18
CA VAL D 76 4.40 44.93 1.03
C VAL D 76 3.95 44.30 2.39
N GLN D 77 3.18 43.23 2.33
CA GLN D 77 2.61 42.55 3.51
C GLN D 77 3.61 41.76 4.37
N PRO D 78 3.35 41.64 5.69
CA PRO D 78 4.12 40.76 6.59
C PRO D 78 3.78 39.26 6.41
N VAL D 79 4.22 38.70 5.30
CA VAL D 79 3.80 37.38 4.88
C VAL D 79 4.97 36.67 4.26
N ILE D 80 5.17 35.40 4.62
CA ILE D 80 6.05 34.51 3.87
C ILE D 80 5.16 33.60 3.02
N TRP D 81 5.39 33.63 1.71
CA TRP D 81 4.60 32.81 0.77
C TRP D 81 5.26 31.48 0.67
N ILE D 82 4.49 30.39 0.73
CA ILE D 82 5.06 29.06 0.69
C ILE D 82 4.48 28.30 -0.48
N ALA D 83 5.36 27.69 -1.27
CA ALA D 83 4.92 26.87 -2.38
C ALA D 83 5.09 25.40 -2.01
N THR D 84 4.01 24.75 -1.61
CA THR D 84 4.10 23.32 -1.36
C THR D 84 4.02 22.65 -2.73
N GLN D 85 4.62 21.48 -2.86
CA GLN D 85 4.61 20.85 -4.15
C GLN D 85 3.43 19.93 -4.36
N ARG D 86 2.68 19.66 -3.30
CA ARG D 86 1.51 18.78 -3.46
C ARG D 86 0.26 19.21 -2.72
N ALA D 87 0.31 20.38 -2.11
CA ALA D 87 -0.76 20.81 -1.24
C ALA D 87 -1.22 22.23 -1.54
N GLY D 88 -0.60 22.85 -2.54
CA GLY D 88 -1.02 24.15 -3.02
C GLY D 88 -0.30 25.31 -2.39
N LEU D 89 -0.99 26.44 -2.27
CA LEU D 89 -0.36 27.68 -1.81
C LEU D 89 -0.58 27.99 -0.33
N ASN D 90 0.51 28.17 0.41
CA ASN D 90 0.41 28.60 1.80
C ASN D 90 0.88 30.03 2.02
N ALA D 91 0.28 30.70 2.99
CA ALA D 91 0.63 32.06 3.34
C ALA D 91 0.71 32.20 4.84
N TYR D 92 1.93 32.51 5.32
CA TYR D 92 2.19 32.74 6.72
C TYR D 92 2.36 34.23 7.01
N ASN D 93 1.52 34.70 7.92
CA ASN D 93 1.59 36.06 8.40
C ASN D 93 2.38 36.06 9.71
N TYR D 94 3.68 36.37 9.61
CA TYR D 94 4.58 36.34 10.78
C TYR D 94 4.30 37.45 11.80
N GLU D 95 3.43 38.38 11.41
CA GLU D 95 2.91 39.39 12.32
C GLU D 95 1.92 38.83 13.36
N THR D 96 0.95 38.04 12.89
CA THR D 96 -0.06 37.46 13.78
C THR D 96 0.26 36.01 14.13
N GLN D 97 1.32 35.47 13.52
CA GLN D 97 1.66 34.05 13.62
C GLN D 97 0.49 33.16 13.19
N SER D 98 0.00 33.37 11.97
CA SER D 98 -1.10 32.56 11.43
C SER D 98 -0.93 32.17 9.95
N PHE D 99 -1.42 30.98 9.61
CA PHE D 99 -1.32 30.50 8.24
C PHE D 99 -2.67 30.69 7.51
N SER D 100 -2.60 30.90 6.20
CA SER D 100 -3.77 30.75 5.35
C SER D 100 -3.50 29.73 4.24
N VAL D 101 -4.54 29.35 3.52
CA VAL D 101 -4.50 28.23 2.60
C VAL D 101 -5.13 28.64 1.26
N TYR D 102 -4.45 28.32 0.17
CA TYR D 102 -4.99 28.56 -1.17
C TYR D 102 -4.90 27.27 -1.98
N GLN D 103 -6.01 26.54 -2.06
CA GLN D 103 -6.07 25.23 -2.72
C GLN D 103 -7.10 25.18 -3.80
N TYR D 104 -7.01 24.17 -4.67
CA TYR D 104 -7.98 23.97 -5.75
C TYR D 104 -9.34 23.72 -5.18
N ASN D 105 -10.31 24.46 -5.72
CA ASN D 105 -11.72 24.24 -5.45
C ASN D 105 -12.46 23.75 -6.70
N PRO D 106 -13.01 22.52 -6.63
CA PRO D 106 -13.83 21.95 -7.69
C PRO D 106 -15.03 22.85 -7.98
N GLU D 107 -15.36 23.69 -7.02
CA GLU D 107 -16.55 24.51 -7.10
C GLU D 107 -16.27 25.92 -7.61
N ASP D 108 -15.06 26.17 -8.13
CA ASP D 108 -14.78 27.47 -8.75
C ASP D 108 -14.84 27.47 -10.29
N PRO D 109 -13.77 27.03 -10.98
CA PRO D 109 -12.45 26.80 -10.48
C PRO D 109 -11.62 28.03 -10.82
N GLN D 110 -12.08 29.20 -10.35
CA GLN D 110 -11.25 30.41 -10.31
C GLN D 110 -10.49 30.52 -8.95
N SER D 111 -10.31 29.36 -8.33
CA SER D 111 -9.36 29.14 -7.25
C SER D 111 -8.13 28.57 -7.92
N LEU D 112 -7.03 28.45 -7.17
CA LEU D 112 -5.82 27.79 -7.65
C LEU D 112 -6.21 26.49 -8.39
N ILE D 113 -5.91 26.37 -9.70
CA ILE D 113 -6.49 25.27 -10.52
C ILE D 113 -5.88 23.89 -10.28
N THR D 114 -4.63 23.89 -9.86
CA THR D 114 -3.94 22.66 -9.48
C THR D 114 -3.08 22.99 -8.29
N ASN D 115 -2.99 22.07 -7.34
CA ASN D 115 -2.23 22.39 -6.14
C ASN D 115 -0.80 21.80 -6.02
N ASP D 116 -0.01 22.02 -7.07
CA ASP D 116 1.45 21.75 -7.12
C ASP D 116 2.11 22.97 -7.70
N VAL D 117 2.41 23.91 -6.82
CA VAL D 117 3.03 25.17 -7.16
C VAL D 117 4.56 25.05 -7.25
N THR D 118 5.14 25.54 -8.34
CA THR D 118 6.58 25.45 -8.56
C THR D 118 7.36 26.79 -8.42
N HIS D 119 6.66 27.93 -8.45
CA HIS D 119 7.33 29.25 -8.30
C HIS D 119 6.39 30.39 -7.90
N ILE D 120 6.99 31.45 -7.34
CA ILE D 120 6.26 32.65 -6.88
C ILE D 120 7.03 33.96 -7.16
N THR D 121 6.38 34.95 -7.77
CA THR D 121 6.96 36.31 -7.84
C THR D 121 5.87 37.35 -7.75
N SER D 122 6.23 38.53 -7.25
CA SER D 122 5.26 39.62 -7.24
C SER D 122 5.07 40.19 -8.66
N SER D 123 3.96 40.90 -8.86
CA SER D 123 3.73 41.62 -10.11
C SER D 123 4.70 42.79 -10.23
N VAL D 124 4.80 43.34 -11.44
CA VAL D 124 5.70 44.47 -11.72
C VAL D 124 5.53 45.66 -10.75
N GLN D 125 4.30 46.16 -10.54
CA GLN D 125 4.07 47.04 -9.39
C GLN D 125 3.82 46.15 -8.16
N ALA D 126 4.90 45.84 -7.43
CA ALA D 126 4.81 44.91 -6.31
C ALA D 126 3.63 45.22 -5.38
N GLY D 127 2.95 44.18 -4.93
CA GLY D 127 1.86 44.35 -3.97
C GLY D 127 0.48 44.35 -4.58
N LYS D 128 0.41 44.57 -5.89
CA LYS D 128 -0.89 44.49 -6.59
C LYS D 128 -1.36 43.03 -6.71
N GLY D 129 -0.43 42.14 -7.03
CA GLY D 129 -0.70 40.71 -7.16
C GLY D 129 0.59 39.93 -7.26
N LEU D 130 0.48 38.61 -7.43
CA LEU D 130 1.67 37.78 -7.61
C LEU D 130 1.49 36.60 -8.56
N TRP D 131 2.59 36.23 -9.23
CA TRP D 131 2.64 35.14 -10.21
C TRP D 131 2.97 33.81 -9.56
N VAL D 132 2.28 32.75 -9.97
CA VAL D 132 2.34 31.44 -9.33
C VAL D 132 2.45 30.38 -10.41
N CYS D 133 3.57 29.65 -10.46
CA CYS D 133 3.76 28.63 -11.53
C CYS D 133 3.31 27.22 -11.13
N THR D 134 2.88 26.42 -12.10
CA THR D 134 2.52 25.02 -11.80
C THR D 134 3.22 24.01 -12.70
N TYR D 135 3.47 22.82 -12.16
CA TYR D 135 4.06 21.73 -12.90
C TYR D 135 3.11 21.18 -13.98
N TYR D 136 1.80 21.35 -13.75
CA TYR D 136 0.81 20.63 -14.52
C TYR D 136 -0.21 21.46 -15.30
N ARG D 137 -0.53 22.66 -14.81
CA ARG D 137 -1.57 23.47 -15.47
C ARG D 137 -1.29 24.98 -15.65
N GLY D 138 -0.07 25.32 -16.07
CA GLY D 138 0.26 26.71 -16.42
C GLY D 138 0.57 27.62 -15.25
N ILE D 139 0.35 28.92 -15.46
CA ILE D 139 0.69 29.96 -14.47
C ILE D 139 -0.57 30.71 -14.00
N GLU D 140 -0.69 30.86 -12.68
CA GLU D 140 -1.80 31.60 -12.11
C GLU D 140 -1.36 32.98 -11.72
N TYR D 141 -2.29 33.93 -11.76
CA TYR D 141 -2.09 35.28 -11.23
C TYR D 141 -3.05 35.54 -10.07
N LEU D 142 -2.50 35.83 -8.90
CA LEU D 142 -3.34 36.19 -7.77
C LEU D 142 -3.45 37.70 -7.62
N ASP D 143 -4.69 38.19 -7.71
CA ASP D 143 -5.02 39.55 -7.35
C ASP D 143 -5.25 39.63 -5.83
N ILE D 144 -4.28 40.15 -5.09
CA ILE D 144 -4.39 40.21 -3.62
C ILE D 144 -5.58 41.08 -3.17
N ALA D 145 -5.97 42.02 -4.01
CA ALA D 145 -7.22 42.77 -3.85
C ALA D 145 -8.45 41.87 -3.63
N THR D 146 -8.95 41.23 -4.71
CA THR D 146 -10.05 40.27 -4.63
C THR D 146 -9.69 38.94 -3.90
N GLY D 147 -8.42 38.59 -3.90
CA GLY D 147 -7.99 37.28 -3.39
C GLY D 147 -8.29 36.19 -4.40
N LYS D 148 -8.40 36.57 -5.67
CA LYS D 148 -8.82 35.64 -6.74
C LYS D 148 -7.84 35.49 -7.92
N PHE D 149 -7.68 34.25 -8.36
CA PHE D 149 -6.68 33.85 -9.38
C PHE D 149 -7.18 33.98 -10.82
N THR D 150 -6.32 34.47 -11.71
CA THR D 150 -6.57 34.40 -13.14
C THR D 150 -5.71 33.28 -13.74
N HIS D 151 -6.29 32.43 -14.59
CA HIS D 151 -5.54 31.32 -15.23
C HIS D 151 -5.05 31.63 -16.61
N TYR D 152 -3.73 31.51 -16.79
CA TYR D 152 -3.14 31.45 -18.12
C TYR D 152 -2.57 30.05 -18.28
N ASN D 153 -3.26 29.25 -19.10
CA ASN D 153 -2.83 27.94 -19.55
C ASN D 153 -3.30 27.82 -20.99
N LYS D 154 -3.06 26.68 -21.64
CA LYS D 154 -3.44 26.56 -23.04
C LYS D 154 -4.91 26.16 -23.26
N SER D 155 -5.75 26.54 -22.30
CA SER D 155 -7.21 26.50 -22.45
C SER D 155 -7.76 27.93 -22.44
N THR D 156 -6.91 28.88 -22.05
CA THR D 156 -7.21 30.32 -22.07
C THR D 156 -6.23 31.12 -22.93
N VAL D 157 -5.10 30.51 -23.27
CA VAL D 157 -4.14 31.10 -24.20
C VAL D 157 -3.79 30.06 -25.26
N PRO D 158 -4.50 30.07 -26.41
CA PRO D 158 -4.26 29.11 -27.51
C PRO D 158 -2.81 29.16 -28.01
N ALA D 159 -2.21 30.34 -27.90
CA ALA D 159 -0.82 30.55 -28.31
C ALA D 159 0.22 29.85 -27.40
N LEU D 160 -0.17 29.32 -26.25
CA LEU D 160 0.78 28.58 -25.38
C LEU D 160 1.11 27.17 -25.90
N PRO D 161 2.40 26.75 -25.78
CA PRO D 161 2.89 25.48 -26.33
C PRO D 161 2.89 24.31 -25.33
N SER D 162 3.16 24.62 -24.07
CA SER D 162 3.17 23.64 -23.00
C SER D 162 2.63 24.39 -21.79
N GLU D 163 2.01 23.66 -20.87
CA GLU D 163 1.57 24.28 -19.62
C GLU D 163 2.19 23.57 -18.40
N GLN D 164 3.43 23.13 -18.58
CA GLN D 164 4.25 22.65 -17.50
C GLN D 164 5.30 23.72 -17.31
N THR D 165 5.49 24.15 -16.06
CA THR D 165 6.34 25.32 -15.78
C THR D 165 7.13 25.21 -14.49
N TRP D 166 8.36 25.71 -14.54
CA TRP D 166 9.29 25.82 -13.41
C TRP D 166 9.25 27.21 -12.81
N THR D 167 9.69 28.21 -13.56
CA THR D 167 9.59 29.61 -13.10
C THR D 167 8.94 30.51 -14.13
N ALA D 168 8.72 31.75 -13.70
CA ALA D 168 8.30 32.83 -14.55
C ALA D 168 8.68 34.17 -13.92
N THR D 169 8.89 35.17 -14.77
CA THR D 169 9.05 36.55 -14.32
C THR D 169 8.75 37.57 -15.43
N GLU D 170 8.25 38.73 -15.02
CA GLU D 170 8.06 39.83 -15.95
C GLU D 170 9.39 40.52 -16.18
N ALA D 171 10.27 39.87 -16.95
CA ALA D 171 11.59 40.40 -17.25
C ALA D 171 11.52 41.63 -18.16
N GLU D 172 10.46 41.75 -18.94
CA GLU D 172 10.12 43.06 -19.55
C GLU D 172 8.72 43.48 -19.09
N ASP D 173 8.47 44.78 -19.11
CA ASP D 173 7.11 45.29 -18.85
C ASP D 173 6.15 44.71 -19.89
N GLY D 174 5.08 44.08 -19.44
CA GLY D 174 4.07 43.54 -20.34
C GLY D 174 4.42 42.22 -21.02
N LYS D 175 5.63 41.71 -20.78
CA LYS D 175 6.05 40.42 -21.29
C LYS D 175 6.31 39.50 -20.09
N LEU D 176 5.67 38.33 -20.08
CA LEU D 176 5.92 37.35 -19.03
C LEU D 176 6.81 36.26 -19.58
N TYR D 177 8.03 36.17 -19.07
CA TYR D 177 8.99 35.14 -19.45
C TYR D 177 8.67 33.86 -18.69
N ILE D 178 8.38 32.78 -19.43
CA ILE D 178 8.06 31.47 -18.82
C ILE D 178 9.23 30.48 -18.98
N GLY D 179 9.35 29.51 -18.07
CA GLY D 179 10.30 28.42 -18.23
C GLY D 179 9.60 27.08 -18.07
N HIS D 180 9.61 26.24 -19.10
CA HIS D 180 8.88 24.97 -19.07
C HIS D 180 9.72 23.81 -18.66
N VAL D 181 9.08 22.77 -18.11
CA VAL D 181 9.70 21.47 -17.86
C VAL D 181 9.89 20.72 -19.20
N GLU D 182 11.15 20.42 -19.56
CA GLU D 182 11.52 20.02 -20.96
C GLU D 182 10.64 20.61 -22.05
N GLY D 183 10.37 21.91 -21.93
CA GLY D 183 9.52 22.63 -22.85
C GLY D 183 10.19 23.86 -23.41
N GLY D 184 11.36 24.20 -22.87
CA GLY D 184 12.08 25.41 -23.32
C GLY D 184 11.48 26.67 -22.70
N LEU D 185 11.90 27.85 -23.18
CA LEU D 185 11.27 29.07 -22.66
C LEU D 185 10.27 29.72 -23.60
N SER D 186 9.28 30.37 -23.00
CA SER D 186 8.24 31.09 -23.70
C SER D 186 8.17 32.53 -23.20
N ILE D 187 7.89 33.44 -24.12
CA ILE D 187 7.59 34.84 -23.78
C ILE D 187 6.16 35.17 -24.20
N LEU D 188 5.32 35.46 -23.21
CA LEU D 188 3.90 35.75 -23.46
C LEU D 188 3.60 37.23 -23.20
N SER D 189 3.12 37.96 -24.22
CA SER D 189 2.86 39.41 -24.04
C SER D 189 1.41 39.68 -23.67
N LEU D 190 1.22 40.31 -22.50
CA LEU D 190 -0.07 40.35 -21.80
C LEU D 190 -1.15 41.07 -22.57
N ASN D 191 -0.79 42.25 -23.07
CA ASN D 191 -1.66 43.10 -23.88
C ASN D 191 -2.18 42.43 -25.16
N ASP D 192 -1.83 41.16 -25.37
CA ASP D 192 -1.83 40.57 -26.71
C ASP D 192 -2.21 39.07 -26.72
N LYS D 193 -1.81 38.37 -25.65
CA LYS D 193 -1.95 36.90 -25.51
C LYS D 193 -1.28 36.08 -26.63
N SER D 194 -0.16 36.65 -27.16
CA SER D 194 0.69 35.96 -28.14
C SER D 194 1.98 35.48 -27.48
N VAL D 195 2.63 34.51 -28.13
CA VAL D 195 3.81 33.82 -27.56
C VAL D 195 5.01 33.78 -28.54
N LYS D 196 6.22 33.79 -27.97
CA LYS D 196 7.45 33.48 -28.69
C LYS D 196 8.07 32.29 -27.97
N HIS D 197 8.47 31.25 -28.69
CA HIS D 197 8.87 29.97 -28.08
C HIS D 197 10.22 29.54 -28.55
N PHE D 198 11.12 29.20 -27.62
CA PHE D 198 12.50 28.84 -27.97
C PHE D 198 12.85 27.42 -27.57
N VAL D 199 13.47 26.68 -28.51
CA VAL D 199 13.86 25.28 -28.30
C VAL D 199 15.35 25.07 -28.63
N HIS D 200 15.70 24.07 -29.46
CA HIS D 200 17.09 23.66 -29.60
C HIS D 200 17.40 22.94 -30.90
N PRO D 209 20.05 26.87 -26.31
CA PRO D 209 20.08 26.60 -24.86
C PRO D 209 20.10 25.09 -24.49
N GLY D 210 19.66 24.76 -23.27
CA GLY D 210 19.21 23.42 -22.92
C GLY D 210 17.71 23.45 -22.71
N ASN D 211 17.02 22.34 -22.98
CA ASN D 211 15.53 22.34 -23.03
C ASN D 211 14.72 22.38 -21.71
N ASP D 212 15.27 21.87 -20.64
CA ASP D 212 14.61 22.03 -19.35
C ASP D 212 15.04 23.37 -18.74
N VAL D 213 14.18 24.39 -18.90
CA VAL D 213 14.41 25.76 -18.38
C VAL D 213 13.99 25.96 -16.92
N ARG D 214 15.03 26.07 -16.10
CA ARG D 214 14.89 25.92 -14.67
C ARG D 214 14.80 27.28 -13.96
N CYS D 215 15.28 28.32 -14.62
CA CYS D 215 15.39 29.64 -14.00
C CYS D 215 15.54 30.76 -15.03
N ILE D 216 14.98 31.92 -14.70
CA ILE D 216 15.13 33.11 -15.52
C ILE D 216 15.34 34.30 -14.61
N TYR D 217 16.55 34.87 -14.67
CA TYR D 217 16.92 35.98 -13.80
C TYR D 217 17.34 37.25 -14.57
N LYS D 218 16.64 38.36 -14.32
CA LYS D 218 17.04 39.66 -14.88
C LYS D 218 18.06 40.38 -13.98
N ASP D 219 19.21 40.68 -14.56
CA ASP D 219 20.29 41.45 -13.92
C ASP D 219 19.87 42.86 -13.56
N THR D 220 20.53 43.47 -12.60
CA THR D 220 20.25 44.89 -12.38
C THR D 220 20.83 45.72 -13.53
N ASN D 221 21.43 45.05 -14.51
CA ASN D 221 21.86 45.73 -15.74
C ASN D 221 20.96 45.39 -16.89
N GLY D 222 19.90 44.64 -16.59
CA GLY D 222 18.89 44.29 -17.58
C GLY D 222 19.28 43.06 -18.37
N ASN D 223 20.34 42.39 -17.95
CA ASN D 223 20.79 41.15 -18.58
C ASN D 223 19.84 40.01 -18.27
N ILE D 224 19.36 39.32 -19.29
CA ILE D 224 18.48 38.21 -18.96
C ILE D 224 19.21 36.88 -18.94
N TRP D 225 19.50 36.41 -17.73
CA TRP D 225 20.26 35.18 -17.51
C TRP D 225 19.37 33.99 -17.40
N ILE D 226 19.80 32.87 -18.00
CA ILE D 226 18.92 31.71 -18.19
C ILE D 226 19.61 30.41 -17.77
N GLY D 227 19.05 29.75 -16.78
CA GLY D 227 19.63 28.52 -16.27
C GLY D 227 18.83 27.35 -16.77
N THR D 228 19.47 26.49 -17.55
CA THR D 228 18.82 25.34 -18.13
C THR D 228 19.45 24.03 -17.67
N SER D 229 19.02 22.93 -18.27
CA SER D 229 19.62 21.61 -18.05
C SER D 229 21.00 21.45 -18.68
N LYS D 230 21.38 22.36 -19.57
CA LYS D 230 22.64 22.28 -20.30
C LYS D 230 23.59 23.47 -20.05
N GLY D 231 23.45 24.13 -18.90
CA GLY D 231 24.32 25.24 -18.54
C GLY D 231 23.53 26.54 -18.56
N LEU D 232 24.23 27.66 -18.34
CA LEU D 232 23.57 28.97 -18.45
C LEU D 232 23.81 29.61 -19.80
N ALA D 233 22.99 30.63 -20.07
CA ALA D 233 23.01 31.30 -21.36
C ALA D 233 22.45 32.69 -21.14
N LEU D 234 23.18 33.70 -21.63
CA LEU D 234 22.68 35.07 -21.68
C LEU D 234 21.83 35.21 -22.94
N PHE D 235 20.56 35.55 -22.75
CA PHE D 235 19.62 35.78 -23.85
C PHE D 235 19.35 37.28 -24.00
N ASN D 236 19.12 37.78 -25.21
CA ASN D 236 18.56 39.12 -25.25
C ASN D 236 17.37 39.25 -26.16
N ALA D 237 16.36 39.96 -25.66
CA ALA D 237 15.08 40.12 -26.34
C ALA D 237 15.23 40.98 -27.59
N ASN D 238 16.43 41.54 -27.71
CA ASN D 238 16.79 42.45 -28.78
C ASN D 238 17.01 41.68 -30.08
N THR D 239 17.89 40.68 -30.02
CA THR D 239 18.24 39.90 -31.21
C THR D 239 17.72 38.48 -31.11
N GLU D 240 17.08 38.15 -29.99
CA GLU D 240 16.59 36.80 -29.71
C GLU D 240 17.63 35.70 -29.93
N THR D 241 18.85 35.96 -29.44
CA THR D 241 19.94 34.99 -29.49
C THR D 241 20.37 34.61 -28.08
N PHE D 242 20.80 33.35 -27.92
CA PHE D 242 21.38 32.83 -26.67
C PHE D 242 22.88 32.61 -26.86
N THR D 243 23.69 32.90 -25.84
CA THR D 243 25.16 32.69 -25.91
C THR D 243 25.61 31.83 -24.74
N ASN D 244 26.71 31.06 -24.89
CA ASN D 244 27.12 29.95 -23.95
C ASN D 244 28.56 30.00 -23.44
N LEU D 256 30.50 23.07 -16.71
CA LEU D 256 30.25 24.19 -17.66
C LEU D 256 28.89 24.10 -18.36
N SER D 257 28.40 22.86 -18.54
CA SER D 257 27.20 22.56 -19.35
C SER D 257 26.20 21.64 -18.61
N SER D 258 26.37 21.52 -17.29
CA SER D 258 25.47 20.68 -16.51
C SER D 258 24.25 21.50 -16.05
N TYR D 259 23.49 20.93 -15.12
CA TYR D 259 22.27 21.53 -14.64
C TYR D 259 22.52 22.78 -13.80
N ILE D 260 21.62 23.75 -13.94
CA ILE D 260 21.74 25.07 -13.30
C ILE D 260 20.42 25.39 -12.59
N PHE D 261 20.47 25.60 -11.27
CA PHE D 261 19.22 25.73 -10.51
C PHE D 261 18.81 27.14 -10.16
N SER D 262 19.79 28.00 -9.85
CA SER D 262 19.49 29.41 -9.61
C SER D 262 20.70 30.33 -9.80
N ILE D 263 20.39 31.46 -10.43
CA ILE D 263 21.32 32.52 -10.77
C ILE D 263 20.98 33.73 -9.91
N LYS D 264 21.96 34.26 -9.17
CA LYS D 264 21.79 35.58 -8.53
C LYS D 264 23.00 36.48 -8.69
N GLN D 265 22.76 37.78 -8.68
CA GLN D 265 23.86 38.73 -8.80
C GLN D 265 24.01 39.49 -7.50
N LEU D 266 25.08 39.23 -6.77
CA LEU D 266 25.22 39.72 -5.41
C LEU D 266 25.93 41.07 -5.34
N LYS D 267 26.04 41.60 -4.13
CA LYS D 267 26.74 42.86 -3.81
C LYS D 267 28.09 43.06 -4.53
N ASP D 268 28.89 42.01 -4.70
CA ASP D 268 30.13 42.17 -5.47
C ASP D 268 29.87 42.57 -6.94
N ASN D 269 28.61 42.49 -7.36
CA ASN D 269 28.20 42.63 -8.76
C ASN D 269 28.68 41.41 -9.52
N LYS D 270 28.87 40.33 -8.77
CA LYS D 270 29.37 39.08 -9.28
C LYS D 270 28.20 38.15 -9.49
N LEU D 271 28.32 37.21 -10.40
CA LEU D 271 27.22 36.32 -10.64
C LEU D 271 27.52 35.00 -9.99
N TRP D 272 26.69 34.61 -9.01
CA TRP D 272 26.78 33.34 -8.28
C TRP D 272 25.71 32.40 -8.76
N ILE D 273 26.10 31.24 -9.28
CA ILE D 273 25.14 30.38 -9.93
C ILE D 273 25.16 29.00 -9.29
N ALA D 274 23.98 28.50 -8.92
CA ALA D 274 23.89 27.17 -8.31
C ALA D 274 23.87 26.07 -9.37
N THR D 275 24.93 25.28 -9.43
CA THR D 275 25.04 24.18 -10.39
C THR D 275 24.66 22.90 -9.68
N GLU D 276 24.21 21.89 -10.43
CA GLU D 276 23.92 20.55 -9.89
C GLU D 276 25.19 19.77 -9.60
N LEU D 277 26.25 20.03 -10.37
CA LEU D 277 27.45 19.16 -10.38
C LEU D 277 28.73 19.75 -9.81
N ASN D 278 28.94 21.04 -9.98
CA ASN D 278 30.19 21.68 -9.54
C ASN D 278 29.96 22.76 -8.48
N GLY D 279 28.96 22.57 -7.64
CA GLY D 279 28.72 23.52 -6.56
C GLY D 279 28.25 24.85 -7.09
N ILE D 280 28.89 25.91 -6.61
CA ILE D 280 28.57 27.27 -7.06
C ILE D 280 29.58 27.68 -8.11
N ILE D 282 30.91 31.18 -10.26
CA ILE D 282 30.90 32.61 -10.07
C ILE D 282 31.51 33.28 -11.26
N LEU D 283 30.69 34.01 -12.01
CA LEU D 283 31.18 34.82 -13.14
C LEU D 283 31.37 36.25 -12.65
N ASP D 284 32.61 36.67 -12.49
CA ASP D 284 32.89 38.04 -12.11
C ASP D 284 32.86 38.93 -13.36
N LEU D 285 31.98 39.92 -13.32
CA LEU D 285 31.73 40.82 -14.45
C LEU D 285 32.91 41.68 -14.89
N GLN D 286 34.01 41.65 -14.15
CA GLN D 286 35.28 42.18 -14.68
C GLN D 286 36.21 41.05 -15.21
N GLN D 287 35.59 40.28 -16.10
CA GLN D 287 36.20 39.40 -17.09
C GLN D 287 35.53 39.91 -18.38
N ASN D 288 35.82 41.15 -18.76
CA ASN D 288 35.21 41.82 -19.95
C ASN D 288 36.07 41.77 -21.24
N PHE D 298 35.68 32.18 -15.36
CA PHE D 298 34.76 31.37 -14.52
C PHE D 298 35.41 30.76 -13.27
N GLU D 299 34.71 30.79 -12.15
CA GLU D 299 35.31 30.32 -10.91
C GLU D 299 34.34 29.57 -10.01
N PHE D 300 34.81 28.47 -9.43
CA PHE D 300 33.93 27.56 -8.72
C PHE D 300 34.17 27.46 -7.20
N ILE D 301 33.11 27.11 -6.48
CA ILE D 301 33.22 26.61 -5.12
C ILE D 301 32.63 25.23 -5.13
N ARG D 302 33.48 24.22 -5.06
CA ARG D 302 33.00 22.87 -5.19
C ARG D 302 32.75 22.19 -3.84
N GLU D 303 32.29 20.96 -3.96
CA GLU D 303 32.07 20.10 -2.82
C GLU D 303 33.42 19.54 -2.35
N GLY D 304 33.51 19.28 -1.05
CA GLY D 304 34.65 18.67 -0.38
C GLY D 304 34.35 18.74 1.09
N ASP D 305 35.32 18.46 1.94
CA ASP D 305 35.13 18.64 3.40
C ASP D 305 36.25 19.42 4.07
N ASN D 306 36.03 20.74 4.09
CA ASN D 306 36.88 21.72 4.74
C ASN D 306 36.17 23.06 4.79
N ASN D 307 36.89 24.07 5.24
CA ASN D 307 36.40 25.43 5.33
C ASN D 307 36.07 26.07 4.00
N TYR D 308 36.88 25.81 2.98
CA TYR D 308 36.73 26.50 1.71
C TYR D 308 35.98 25.67 0.65
N SER D 309 34.97 24.92 1.10
CA SER D 309 34.27 23.92 0.25
C SER D 309 32.81 23.72 0.66
N LEU D 310 31.94 23.37 -0.29
CA LEU D 310 30.53 23.10 0.01
C LEU D 310 30.36 21.72 0.61
N SER D 311 29.25 21.52 1.30
CA SER D 311 28.98 20.23 1.90
C SER D 311 28.26 19.20 0.98
N ASN D 312 27.97 19.58 -0.27
CA ASN D 312 27.45 18.67 -1.30
C ASN D 312 27.58 19.32 -2.64
N ALA D 313 27.79 18.54 -3.69
CA ALA D 313 28.08 19.09 -5.01
C ALA D 313 26.88 19.73 -5.72
N SER D 314 25.68 19.45 -5.24
CA SER D 314 24.46 20.00 -5.83
C SER D 314 23.96 21.21 -5.08
N ALA D 315 24.29 22.37 -5.61
CA ALA D 315 23.77 23.57 -5.02
C ALA D 315 22.39 23.91 -5.61
N ARG D 316 21.44 24.29 -4.76
CA ARG D 316 20.09 24.56 -5.24
C ARG D 316 19.71 26.02 -5.30
N TYR D 317 20.15 26.82 -4.34
CA TYR D 317 19.69 28.19 -4.25
C TYR D 317 20.73 29.04 -3.56
N ILE D 318 20.72 30.34 -3.84
CA ILE D 318 21.74 31.23 -3.31
C ILE D 318 21.05 32.50 -2.85
N PHE D 319 21.27 32.87 -1.60
CA PHE D 319 20.55 33.98 -1.04
C PHE D 319 21.38 34.86 -0.11
N GLN D 320 21.30 36.18 -0.36
CA GLN D 320 22.04 37.18 0.40
C GLN D 320 21.16 37.90 1.47
N ASP D 321 21.72 37.99 2.68
CA ASP D 321 21.14 38.66 3.83
C ASP D 321 20.96 40.14 3.63
N SER D 322 20.18 40.72 4.52
CA SER D 322 20.17 42.17 4.68
C SER D 322 21.49 42.53 5.32
N PHE D 323 22.23 41.53 5.76
CA PHE D 323 23.54 41.78 6.32
C PHE D 323 24.65 41.52 5.31
N ASN D 324 24.27 41.03 4.14
CA ASN D 324 25.21 40.64 3.05
C ASN D 324 25.87 39.26 3.19
N ASN D 325 25.53 38.53 4.24
CA ASN D 325 25.92 37.15 4.35
C ASN D 325 25.31 36.34 3.24
N ILE D 326 26.07 35.42 2.67
CA ILE D 326 25.55 34.56 1.61
C ILE D 326 25.09 33.20 2.14
N TRP D 327 23.86 32.79 1.79
CA TRP D 327 23.27 31.51 2.25
C TRP D 327 23.02 30.56 1.10
N ILE D 328 23.47 29.31 1.23
CA ILE D 328 23.34 28.34 0.14
C ILE D 328 22.58 27.07 0.54
N GLY D 329 21.50 26.81 -0.19
CA GLY D 329 20.74 25.57 -0.14
C GLY D 329 21.44 24.46 -0.93
N THR D 330 21.54 23.31 -0.31
CA THR D 330 22.22 22.20 -0.93
C THR D 330 21.21 21.14 -1.07
N TRP D 331 21.17 20.49 -2.23
CA TRP D 331 20.30 19.35 -2.35
C TRP D 331 20.94 18.12 -1.76
N GLY D 332 21.18 18.15 -0.45
CA GLY D 332 21.63 16.95 0.27
C GLY D 332 22.48 17.21 1.50
N GLY D 333 23.20 18.35 1.50
CA GLY D 333 24.14 18.67 2.58
C GLY D 333 23.72 19.89 3.39
N GLY D 334 22.42 20.05 3.60
CA GLY D 334 21.90 21.13 4.41
C GLY D 334 22.28 22.48 3.84
N ILE D 335 22.64 23.39 4.73
CA ILE D 335 22.85 24.81 4.44
C ILE D 335 24.32 25.18 4.58
N ASN D 336 24.90 25.78 3.55
CA ASN D 336 26.22 26.42 3.68
C ASN D 336 26.07 27.94 3.82
N PHE D 337 27.05 28.56 4.46
CA PHE D 337 26.96 29.96 4.81
C PHE D 337 28.33 30.62 4.80
N ILE D 338 28.41 31.76 4.11
CA ILE D 338 29.61 32.61 4.08
C ILE D 338 29.30 33.99 4.65
N SER D 339 30.13 34.40 5.61
CA SER D 339 29.93 35.64 6.32
C SER D 339 30.29 36.79 5.42
N ASN D 340 29.59 37.90 5.62
CA ASN D 340 29.69 39.08 4.78
C ASN D 340 31.07 39.70 4.79
N ALA D 341 31.79 39.48 5.88
CA ALA D 341 33.16 39.95 5.98
C ALA D 341 34.18 38.81 5.90
N PRO D 342 35.33 39.06 5.24
CA PRO D 342 36.33 38.00 5.09
C PRO D 342 37.02 37.72 6.41
N PRO D 343 37.67 36.55 6.54
CA PRO D 343 38.33 36.26 7.80
C PRO D 343 39.52 37.21 8.00
N THR D 344 39.79 37.58 9.24
CA THR D 344 40.89 38.50 9.44
C THR D 344 42.18 37.74 9.69
N PHE D 345 42.07 36.45 9.96
CA PHE D 345 43.23 35.61 10.24
C PHE D 345 43.27 34.47 9.27
N HIS D 346 44.46 34.09 8.84
CA HIS D 346 44.62 33.01 7.86
C HIS D 346 45.60 32.00 8.32
N THR D 347 45.56 30.82 7.69
CA THR D 347 46.44 29.73 8.07
C THR D 347 46.82 28.92 6.85
N TRP D 348 48.11 28.60 6.74
CA TRP D 348 48.56 27.57 5.80
C TRP D 348 48.82 26.30 6.56
N SER D 349 48.60 25.14 5.92
CA SER D 349 48.86 23.80 6.53
C SER D 349 48.59 22.63 5.57
N GLN D 354 46.30 15.17 -1.58
CA GLN D 354 46.51 16.03 -0.42
C GLN D 354 47.35 17.27 -0.73
N ASN D 356 48.23 20.27 -1.77
CA ASN D 356 47.59 21.47 -2.28
C ASN D 356 48.64 22.49 -2.71
N GLU D 357 48.21 23.49 -3.47
CA GLU D 357 49.02 24.64 -3.88
C GLU D 357 49.66 25.34 -2.69
N SER D 358 48.89 25.43 -1.61
CA SER D 358 49.22 26.22 -0.44
C SER D 358 49.40 25.35 0.81
N SER D 359 49.69 24.08 0.56
CA SER D 359 49.85 23.09 1.59
C SER D 359 51.25 23.11 2.18
N LEU D 360 51.33 22.85 3.49
CA LEU D 360 52.59 22.65 4.17
C LEU D 360 53.01 21.19 4.27
N SER D 361 54.30 20.94 4.06
CA SER D 361 54.89 19.60 4.11
C SER D 361 54.97 18.96 5.52
N ASN D 362 54.45 19.66 6.53
CA ASN D 362 54.40 19.18 7.90
C ASN D 362 53.46 20.11 8.66
N LYS D 363 52.73 19.59 9.66
CA LYS D 363 51.78 20.49 10.36
C LYS D 363 52.38 21.51 11.35
N VAL D 364 53.52 21.23 11.98
CA VAL D 364 54.04 22.15 13.00
C VAL D 364 55.12 23.11 12.50
N VAL D 365 54.75 24.39 12.32
CA VAL D 365 55.66 25.42 11.76
C VAL D 365 56.64 25.95 12.80
N SER D 366 57.93 25.63 12.64
CA SER D 366 58.89 25.86 13.71
C SER D 366 59.59 27.22 13.65
N SER D 367 59.63 27.82 12.47
CA SER D 367 60.26 29.12 12.31
C SER D 367 59.78 29.73 11.00
N VAL D 368 59.85 31.05 10.88
CA VAL D 368 59.57 31.70 9.61
C VAL D 368 60.49 32.87 9.44
N CYS D 369 60.93 33.08 8.20
CA CYS D 369 61.72 34.23 7.91
C CYS D 369 61.39 34.82 6.55
N ASP D 370 61.25 36.14 6.50
CA ASP D 370 61.00 36.85 5.26
C ASP D 370 62.33 37.42 4.74
N ASP D 371 62.77 36.98 3.56
CA ASP D 371 63.91 37.64 2.91
C ASP D 371 63.36 38.91 2.31
N GLY D 372 64.18 39.96 2.33
CA GLY D 372 63.74 41.28 1.90
C GLY D 372 63.51 41.34 0.41
N GLN D 373 63.12 40.23 -0.21
CA GLN D 373 62.97 40.13 -1.67
C GLN D 373 61.72 39.37 -2.15
N GLY D 374 60.71 39.23 -1.28
CA GLY D 374 59.41 38.69 -1.69
C GLY D 374 59.00 37.33 -1.15
N LYS D 375 59.99 36.49 -0.85
CA LYS D 375 59.74 35.11 -0.43
C LYS D 375 59.72 34.94 1.11
N LEU D 376 58.92 33.95 1.55
CA LEU D 376 58.83 33.55 2.95
C LEU D 376 59.42 32.17 3.15
N TRP D 377 60.22 32.07 4.20
CA TRP D 377 61.03 30.89 4.49
C TRP D 377 60.59 30.21 5.76
N ILE D 378 59.61 29.32 5.58
CA ILE D 378 58.92 28.63 6.66
C ILE D 378 59.69 27.39 7.06
N GLY D 379 60.16 27.37 8.31
CA GLY D 379 60.75 26.16 8.89
C GLY D 379 59.72 25.26 9.53
N THR D 380 59.85 23.95 9.36
CA THR D 380 58.91 23.05 10.01
C THR D 380 59.64 22.02 10.88
N ASP D 381 58.86 21.30 11.66
CA ASP D 381 59.37 20.32 12.59
C ASP D 381 58.84 18.95 12.18
N GLY D 382 59.28 18.50 11.01
CA GLY D 382 58.83 17.25 10.40
C GLY D 382 59.23 17.19 8.94
N GLY D 383 58.74 18.15 8.16
CA GLY D 383 59.22 18.34 6.80
C GLY D 383 60.44 19.25 6.85
N GLY D 384 60.86 19.74 5.70
CA GLY D 384 62.01 20.65 5.65
C GLY D 384 61.62 22.11 5.75
N ILE D 385 62.19 22.91 4.86
CA ILE D 385 61.86 24.32 4.74
C ILE D 385 60.87 24.48 3.58
N ASN D 386 59.74 25.11 3.87
CA ASN D 386 58.74 25.38 2.83
C ASN D 386 58.82 26.84 2.36
N VAL D 387 59.12 27.03 1.08
CA VAL D 387 59.18 28.38 0.53
C VAL D 387 57.84 28.76 -0.10
N PHE D 388 57.36 29.94 0.26
CA PHE D 388 56.05 30.45 -0.16
C PHE D 388 56.21 31.83 -0.78
N GLU D 389 55.68 32.00 -1.99
CA GLU D 389 55.57 33.32 -2.62
C GLU D 389 54.18 33.49 -3.22
N ASN D 390 53.57 34.65 -3.01
CA ASN D 390 52.17 34.91 -3.35
C ASN D 390 51.23 33.84 -2.81
N GLY D 391 51.47 33.42 -1.56
CA GLY D 391 50.68 32.39 -0.92
C GLY D 391 50.68 31.03 -1.62
N LYS D 392 51.66 30.83 -2.50
CA LYS D 392 51.83 29.55 -3.22
C LYS D 392 53.17 28.90 -2.87
N ARG D 393 53.11 27.62 -2.49
CA ARG D 393 54.31 26.85 -2.18
C ARG D 393 55.14 26.76 -3.44
N VAL D 394 56.41 27.13 -3.34
CA VAL D 394 57.28 27.23 -4.50
C VAL D 394 58.62 26.48 -4.38
N ALA D 395 59.01 26.09 -3.16
CA ALA D 395 60.21 25.25 -2.93
C ALA D 395 60.15 24.40 -1.64
N ILE D 396 60.70 23.18 -1.75
CA ILE D 396 60.79 22.24 -0.63
C ILE D 396 62.21 21.68 -0.52
N TYR D 397 62.80 21.73 0.69
CA TYR D 397 64.18 21.27 0.91
C TYR D 397 64.35 20.27 2.07
N ASN D 398 64.63 19.01 1.74
CA ASN D 398 64.84 17.92 2.70
C ASN D 398 66.01 18.16 3.66
N LEU D 404 70.95 19.39 3.59
CA LEU D 404 70.34 20.15 4.67
C LEU D 404 70.51 19.52 6.06
N LEU D 405 70.75 18.20 6.10
CA LEU D 405 70.94 17.39 7.34
C LEU D 405 69.67 17.01 8.12
N SER D 406 69.13 17.96 8.89
CA SER D 406 67.93 17.69 9.68
C SER D 406 66.77 18.58 9.31
N ASN D 407 65.59 17.99 9.22
CA ASN D 407 64.41 18.75 8.82
C ASN D 407 63.47 19.06 10.00
N SER D 408 64.10 19.45 11.11
CA SER D 408 63.42 20.11 12.23
C SER D 408 63.99 21.53 12.36
N VAL D 409 63.56 22.42 11.47
CA VAL D 409 64.07 23.79 11.39
C VAL D 409 63.53 24.63 12.55
N LEU D 410 64.40 24.99 13.48
CA LEU D 410 63.96 25.62 14.72
C LEU D 410 64.06 27.14 14.81
N CYS D 411 64.93 27.75 13.99
CA CYS D 411 65.07 29.22 13.94
C CYS D 411 65.66 29.69 12.61
N SER D 412 65.41 30.96 12.28
CA SER D 412 65.87 31.54 11.02
C SER D 412 66.18 33.04 11.12
N LEU D 413 67.08 33.51 10.27
CA LEU D 413 67.40 34.94 10.20
C LEU D 413 67.86 35.45 8.84
N LYS D 414 67.42 36.66 8.51
CA LYS D 414 67.89 37.39 7.32
C LYS D 414 68.88 38.48 7.78
N ASP D 415 70.13 38.38 7.32
CA ASP D 415 71.17 39.27 7.84
C ASP D 415 71.28 40.63 7.12
N SER D 416 72.18 41.48 7.61
CA SER D 416 72.44 42.80 7.01
C SER D 416 72.82 42.75 5.52
N GLU D 417 73.30 41.60 5.05
CA GLU D 417 73.78 41.49 3.67
C GLU D 417 72.75 40.92 2.66
N GLY D 418 71.64 40.35 3.15
CA GLY D 418 70.62 39.75 2.27
C GLY D 418 70.59 38.23 2.32
N ASN D 419 71.52 37.65 3.08
CA ASN D 419 71.63 36.20 3.23
C ASN D 419 70.84 35.65 4.43
N LEU D 420 70.63 34.33 4.42
CA LEU D 420 69.68 33.66 5.31
C LEU D 420 70.33 32.58 6.19
N TRP D 421 69.80 32.42 7.41
CA TRP D 421 70.40 31.60 8.47
C TRP D 421 69.40 30.72 9.15
N PHE D 422 69.57 29.41 9.00
CA PHE D 422 68.67 28.43 9.62
C PHE D 422 69.44 27.46 10.53
N GLY D 423 68.91 27.24 11.73
CA GLY D 423 69.45 26.23 12.64
C GLY D 423 68.43 25.14 12.83
N THR D 424 68.85 23.88 12.71
CA THR D 424 67.90 22.79 12.95
C THR D 424 68.22 22.06 14.24
N TYR D 425 67.49 20.99 14.52
CA TYR D 425 67.65 20.18 15.73
C TYR D 425 68.63 19.06 15.44
N LEU D 426 69.65 18.91 16.26
CA LEU D 426 70.63 17.83 16.04
C LEU D 426 71.32 17.85 14.65
N GLY D 427 71.35 19.03 14.03
CA GLY D 427 72.10 19.31 12.80
C GLY D 427 72.42 20.79 12.90
N ASN D 428 73.56 21.22 12.36
CA ASN D 428 74.08 22.56 12.68
C ASN D 428 73.32 23.74 12.06
N ILE D 429 74.05 24.77 11.67
CA ILE D 429 73.45 25.86 10.88
C ILE D 429 73.43 25.45 9.40
N SER D 430 72.30 25.66 8.73
CA SER D 430 72.26 25.50 7.28
C SER D 430 72.18 26.89 6.67
N TYR D 431 73.29 27.33 6.09
CA TYR D 431 73.41 28.70 5.58
C TYR D 431 72.92 28.79 4.15
N TYR D 432 71.97 29.68 3.91
CA TYR D 432 71.50 29.86 2.53
C TYR D 432 71.95 31.17 1.89
N ASN D 433 72.73 31.03 0.83
CA ASN D 433 73.26 32.13 0.06
C ASN D 433 72.21 32.51 -0.98
N THR D 434 71.80 33.78 -1.01
CA THR D 434 70.81 34.24 -2.00
C THR D 434 71.41 34.33 -3.39
N ARG D 435 72.70 33.99 -3.49
CA ARG D 435 73.37 33.68 -4.76
C ARG D 435 73.18 32.19 -5.06
N LEU D 436 71.92 31.75 -4.96
CA LEU D 436 71.47 30.39 -5.27
C LEU D 436 71.84 29.29 -4.25
N LYS D 437 73.13 29.24 -3.90
CA LYS D 437 73.68 28.10 -3.15
C LYS D 437 73.24 28.01 -1.68
N LYS D 438 73.17 26.78 -1.18
CA LYS D 438 72.85 26.47 0.20
C LYS D 438 73.96 25.61 0.80
N PHE D 439 74.58 26.06 1.89
CA PHE D 439 75.65 25.27 2.52
C PHE D 439 75.68 25.21 4.05
N GLN D 440 76.18 24.10 4.58
CA GLN D 440 76.24 23.86 6.02
C GLN D 440 77.42 24.56 6.68
N ILE D 441 77.15 25.22 7.81
CA ILE D 441 78.18 25.92 8.57
C ILE D 441 78.44 25.26 9.93
N ILE D 442 79.64 24.71 10.06
CA ILE D 442 80.06 23.85 11.18
C ILE D 442 80.12 24.60 12.53
N GLU D 443 79.85 23.90 13.64
CA GLU D 443 79.79 24.60 14.92
C GLU D 443 80.75 24.15 16.03
N LEU D 444 81.26 22.92 15.95
CA LEU D 444 82.04 22.35 17.06
C LEU D 444 82.96 21.21 16.61
N GLU D 445 84.09 21.05 17.32
CA GLU D 445 85.05 19.94 17.13
C GLU D 445 84.38 18.69 16.55
N LYS D 446 85.02 18.08 15.54
CA LYS D 446 84.38 17.05 14.71
C LYS D 446 82.96 17.53 14.45
N ASN D 447 82.84 18.59 13.63
CA ASN D 447 81.60 19.40 13.45
C ASN D 447 80.28 18.85 14.04
N GLU D 448 80.18 18.92 15.37
CA GLU D 448 79.13 18.25 16.14
C GLU D 448 77.70 18.66 15.88
N LEU D 449 76.80 17.73 16.13
CA LEU D 449 75.36 17.93 15.96
C LEU D 449 74.78 18.75 17.12
N LEU D 450 74.67 20.06 16.89
CA LEU D 450 74.18 20.99 17.88
C LEU D 450 72.74 21.37 17.65
N ASP D 451 72.07 21.78 18.74
CA ASP D 451 70.71 22.22 18.72
C ASP D 451 70.69 23.75 18.73
N VAL D 452 70.51 24.33 17.55
CA VAL D 452 70.45 25.78 17.40
C VAL D 452 69.03 26.33 17.61
N ARG D 453 68.91 27.53 18.19
CA ARG D 453 67.58 28.14 18.39
C ARG D 453 67.44 29.67 18.44
N VAL D 454 68.53 30.41 18.34
CA VAL D 454 68.37 31.86 18.13
C VAL D 454 69.46 32.38 17.22
N PHE D 455 69.16 33.48 16.54
CA PHE D 455 70.18 34.24 15.79
C PHE D 455 70.00 35.73 16.02
N TYR D 456 71.06 36.35 16.49
CA TYR D 456 71.05 37.79 16.59
C TYR D 456 72.22 38.38 15.83
N GLU D 457 71.98 39.52 15.17
CA GLU D 457 73.03 40.30 14.54
C GLU D 457 73.10 41.63 15.28
N ASP D 458 74.29 41.91 15.82
CA ASP D 458 74.55 43.18 16.48
C ASP D 458 74.90 44.24 15.45
N LYS D 459 74.95 45.50 15.89
CA LYS D 459 75.32 46.62 15.00
C LYS D 459 76.78 46.61 14.52
N ASN D 460 77.54 45.59 14.93
CA ASN D 460 78.92 45.43 14.49
C ASN D 460 79.18 44.24 13.56
N LYS D 461 78.17 43.82 12.80
CA LYS D 461 78.36 42.80 11.77
C LYS D 461 78.78 41.43 12.30
N LYS D 462 78.33 41.10 13.52
CA LYS D 462 78.61 39.77 14.09
C LYS D 462 77.29 39.06 14.37
N ILE D 463 77.27 37.75 14.13
CA ILE D 463 76.08 36.91 14.39
C ILE D 463 76.21 36.10 15.69
N TRP D 464 75.20 36.24 16.56
CA TRP D 464 75.15 35.52 17.83
C TRP D 464 74.23 34.33 17.76
N ILE D 465 74.70 33.19 18.27
CA ILE D 465 73.95 31.95 18.13
C ILE D 465 73.62 31.31 19.49
N GLY D 466 72.31 31.17 19.75
CA GLY D 466 71.80 30.42 20.90
C GLY D 466 71.76 28.94 20.62
N THR D 467 72.23 28.15 21.58
CA THR D 467 72.46 26.71 21.42
C THR D 467 72.00 25.98 22.68
N HIS D 468 71.91 24.65 22.60
CA HIS D 468 71.76 23.83 23.81
C HIS D 468 73.08 23.73 24.56
N ALA D 469 74.13 24.30 23.97
CA ALA D 469 75.46 24.20 24.51
C ALA D 469 76.09 25.57 24.82
N GLY D 470 75.26 26.61 24.92
CA GLY D 470 75.76 27.94 25.27
C GLY D 470 75.61 28.92 24.13
N VAL D 471 76.48 29.93 24.09
CA VAL D 471 76.42 30.98 23.06
C VAL D 471 77.65 30.93 22.15
N PHE D 472 77.43 31.11 20.85
CA PHE D 472 78.51 31.22 19.85
C PHE D 472 78.37 32.55 19.11
N VAL D 473 79.49 33.22 18.89
CA VAL D 473 79.48 34.53 18.23
C VAL D 473 80.35 34.45 17.00
N ILE D 474 79.80 34.73 15.82
CA ILE D 474 80.58 34.58 14.59
C ILE D 474 80.59 35.80 13.66
N ASP D 475 81.80 36.14 13.19
CA ASP D 475 81.98 37.18 12.18
C ASP D 475 81.34 36.72 10.88
N LEU D 476 80.37 37.53 10.42
CA LEU D 476 79.54 37.26 9.25
C LEU D 476 80.36 37.05 7.97
N ALA D 477 80.62 38.15 7.25
CA ALA D 477 81.45 38.10 6.04
C ALA D 477 82.77 37.47 6.42
N SER D 478 83.00 36.30 5.81
CA SER D 478 84.22 35.50 5.93
C SER D 478 84.34 34.76 7.27
N LYS D 479 85.60 34.65 7.75
CA LYS D 479 86.02 33.88 8.94
C LYS D 479 84.94 33.85 9.99
N LYS D 480 84.47 32.64 10.32
CA LYS D 480 83.21 32.54 11.05
C LYS D 480 83.18 31.59 12.27
N VAL D 481 83.94 31.94 13.32
CA VAL D 481 83.83 31.30 14.66
C VAL D 481 84.67 32.08 15.66
N ILE D 482 84.10 33.13 16.24
CA ILE D 482 84.90 34.04 17.09
C ILE D 482 84.92 33.64 18.58
N HIS D 483 83.74 33.32 19.12
CA HIS D 483 83.56 33.17 20.57
C HIS D 483 82.65 32.04 20.95
N HIS D 484 82.90 31.48 22.13
CA HIS D 484 82.01 30.47 22.74
C HIS D 484 81.87 30.64 24.24
N TYR D 485 80.68 31.06 24.67
CA TYR D 485 80.39 31.29 26.08
C TYR D 485 79.44 30.25 26.69
N ASP D 486 79.73 29.83 27.91
CA ASP D 486 78.85 28.94 28.71
C ASP D 486 79.19 28.99 30.21
N THR D 487 78.74 27.98 30.96
CA THR D 487 78.99 27.92 32.40
C THR D 487 80.45 27.57 32.66
N SER D 488 81.03 26.77 31.77
CA SER D 488 82.40 26.30 31.93
C SER D 488 83.47 27.33 31.53
N ASN D 489 83.06 28.44 30.92
CA ASN D 489 84.01 29.51 30.53
C ASN D 489 83.47 30.95 30.44
N SER D 490 82.37 31.24 31.12
CA SER D 490 81.79 32.58 31.06
C SER D 490 80.85 32.88 32.23
N GLN D 491 80.44 34.13 32.35
CA GLN D 491 79.47 34.49 33.37
C GLN D 491 78.06 34.13 32.94
N LEU D 492 77.94 33.46 31.78
CA LEU D 492 76.66 33.12 31.17
C LEU D 492 75.76 32.39 32.16
N LEU D 493 74.54 32.91 32.27
CA LEU D 493 73.54 32.43 33.21
C LEU D 493 73.13 30.96 33.03
N GLU D 494 72.90 30.53 31.78
CA GLU D 494 72.55 29.13 31.51
C GLU D 494 72.91 28.64 30.11
N ASN D 495 73.22 27.35 29.98
CA ASN D 495 73.54 26.78 28.65
C ASN D 495 72.37 26.61 27.69
N PHE D 496 71.18 26.35 28.22
CA PHE D 496 70.01 26.13 27.39
C PHE D 496 69.43 27.47 26.93
N VAL D 497 70.25 28.21 26.18
CA VAL D 497 69.90 29.55 25.66
C VAL D 497 68.79 29.49 24.59
N ARG D 498 67.82 30.40 24.69
CA ARG D 498 66.63 30.34 23.86
C ARG D 498 66.29 31.69 23.27
N SER D 499 66.79 32.76 23.89
CA SER D 499 66.41 34.08 23.47
C SER D 499 67.50 35.14 23.62
N ILE D 500 67.95 35.74 22.51
CA ILE D 500 68.96 36.82 22.62
C ILE D 500 68.65 38.06 21.78
N ALA D 501 68.95 39.24 22.32
CA ALA D 501 68.57 40.52 21.68
C ALA D 501 69.31 41.68 22.34
N GLN D 502 69.00 42.91 21.95
CA GLN D 502 69.81 44.06 22.37
C GLN D 502 69.08 45.28 22.87
N ASP D 503 69.57 45.76 24.00
CA ASP D 503 69.15 46.98 24.66
C ASP D 503 69.30 48.18 23.74
N SER D 504 68.38 49.14 23.87
CA SER D 504 68.47 50.45 23.17
C SER D 504 69.82 51.16 23.43
N GLU D 505 70.39 50.90 24.60
CA GLU D 505 71.72 51.40 24.95
C GLU D 505 72.84 50.50 24.38
N GLY D 506 72.52 49.24 24.09
CA GLY D 506 73.48 48.35 23.41
C GLY D 506 73.87 47.06 24.12
N ARG D 507 73.46 46.92 25.38
CA ARG D 507 73.78 45.72 26.18
C ARG D 507 73.06 44.47 25.63
N PHE D 508 73.69 43.30 25.77
CA PHE D 508 73.10 42.06 25.25
C PHE D 508 72.22 41.36 26.29
N TRP D 509 70.92 41.26 25.99
CA TRP D 509 69.99 40.51 26.83
C TRP D 509 69.92 39.10 26.32
N ILE D 510 70.28 38.14 27.17
CA ILE D 510 70.28 36.72 26.78
C ILE D 510 69.28 36.00 27.68
N GLY D 511 68.41 35.19 27.07
CA GLY D 511 67.42 34.39 27.80
C GLY D 511 67.57 32.89 27.69
N THR D 512 67.35 32.18 28.80
CA THR D 512 67.47 30.74 28.81
C THR D 512 66.13 30.08 29.05
N PHE D 513 66.03 28.79 28.76
CA PHE D 513 64.88 28.00 29.13
C PHE D 513 65.14 27.58 30.56
N GLY D 514 64.32 27.99 31.51
CA GLY D 514 64.52 27.54 32.89
C GLY D 514 65.70 28.11 33.67
N GLY D 515 66.32 29.16 33.16
CA GLY D 515 67.30 29.93 33.91
C GLY D 515 67.05 31.44 33.96
N GLY D 516 66.08 31.92 33.21
CA GLY D 516 65.82 33.35 33.23
C GLY D 516 66.64 34.11 32.20
N VAL D 517 66.71 35.42 32.37
CA VAL D 517 67.41 36.31 31.44
C VAL D 517 68.55 37.03 32.15
N GLY D 518 69.66 37.19 31.44
CA GLY D 518 70.74 38.01 31.93
C GLY D 518 70.99 39.20 31.02
N ILE D 519 71.16 40.38 31.61
CA ILE D 519 71.60 41.56 30.88
C ILE D 519 73.12 41.59 30.93
N TYR D 520 73.76 41.54 29.76
CA TYR D 520 75.23 41.46 29.67
C TYR D 520 75.81 42.68 28.98
N THR D 521 76.97 43.16 29.45
CA THR D 521 77.72 44.12 28.64
C THR D 521 78.28 43.30 27.46
N PRO D 522 78.46 43.95 26.24
CA PRO D 522 78.94 43.15 25.11
C PRO D 522 80.19 42.28 25.46
N ASP D 523 80.96 42.68 26.49
CA ASP D 523 82.12 41.91 27.00
C ASP D 523 81.78 40.78 28.00
N GLN D 525 80.06 40.72 30.75
CA GLN D 525 80.05 41.13 32.16
C GLN D 525 78.60 41.26 32.63
N LEU D 526 78.19 40.45 33.61
CA LEU D 526 76.78 40.44 34.03
C LEU D 526 76.41 41.74 34.74
N VAL D 527 75.48 42.48 34.12
CA VAL D 527 74.93 43.72 34.66
C VAL D 527 73.85 43.43 35.70
N ARG D 528 72.74 42.85 35.27
CA ARG D 528 71.75 42.28 36.18
C ARG D 528 71.11 41.03 35.60
N LYS D 529 70.62 40.17 36.49
CA LYS D 529 69.92 38.94 36.12
C LYS D 529 68.52 38.95 36.68
N PHE D 530 67.62 38.25 35.97
CA PHE D 530 66.24 38.02 36.40
C PHE D 530 65.85 36.52 36.51
N ASN D 531 65.56 36.09 37.74
CA ASN D 531 65.25 34.69 38.10
C ASN D 531 63.87 34.63 38.69
N GLN D 532 63.33 33.42 38.69
CA GLN D 532 62.16 33.03 39.49
C GLN D 532 62.34 33.41 40.97
N TYR D 533 63.39 32.88 41.61
CA TYR D 533 63.56 33.14 43.04
C TYR D 533 64.21 34.49 43.28
N GLU D 534 64.59 35.16 42.20
CA GLU D 534 64.97 36.55 42.32
C GLU D 534 63.68 37.39 42.33
N GLY D 535 62.55 36.75 42.07
CA GLY D 535 61.26 37.43 42.12
C GLY D 535 60.69 37.80 40.76
N PHE D 536 61.35 37.34 39.71
CA PHE D 536 60.83 37.51 38.34
C PHE D 536 59.71 36.51 38.10
N CYS D 537 58.85 36.79 37.12
CA CYS D 537 57.62 36.00 36.90
C CYS D 537 57.83 34.55 36.44
N SER D 538 58.65 34.35 35.43
CA SER D 538 58.87 33.01 34.95
C SER D 538 60.31 32.84 34.64
N ASN D 539 60.79 31.61 34.67
CA ASN D 539 62.18 31.32 34.36
C ASN D 539 62.48 31.04 32.89
N THR D 540 61.55 30.42 32.18
CA THR D 540 61.72 30.23 30.75
C THR D 540 61.35 31.51 30.00
N ILE D 541 62.35 32.10 29.38
CA ILE D 541 62.09 33.29 28.63
C ILE D 541 62.23 33.01 27.09
N ASN D 542 61.11 33.15 26.37
CA ASN D 542 60.90 32.69 24.98
C ASN D 542 61.39 33.59 23.88
N GLN D 543 61.39 34.89 24.11
CA GLN D 543 61.83 35.81 23.08
C GLN D 543 61.93 37.20 23.66
N ILE D 544 62.96 37.92 23.22
CA ILE D 544 63.19 39.27 23.67
C ILE D 544 63.03 40.21 22.47
N TYR D 545 62.42 41.36 22.68
CA TYR D 545 62.14 42.25 21.57
C TYR D 545 62.27 43.70 21.99
N ARG D 546 63.00 44.48 21.20
CA ARG D 546 63.01 45.92 21.37
C ARG D 546 61.93 46.46 20.45
N SER D 547 60.99 47.22 20.98
CA SER D 547 60.03 47.92 20.12
C SER D 547 60.73 49.06 19.42
N SER D 548 60.19 49.48 18.29
CA SER D 548 60.79 50.58 17.52
C SER D 548 60.81 51.85 18.36
N LYS D 549 59.96 51.84 19.38
CA LYS D 549 59.85 52.95 20.33
C LYS D 549 60.97 52.92 21.38
N GLY D 550 61.58 51.76 21.59
CA GLY D 550 62.80 51.68 22.41
C GLY D 550 62.69 50.87 23.68
N GLN D 551 61.49 50.35 23.95
CA GLN D 551 61.29 49.49 25.10
C GLN D 551 61.56 47.99 24.83
N TRP D 553 60.70 44.03 25.42
CA TRP D 553 59.54 43.18 25.59
C TRP D 553 59.95 41.74 25.68
N LEU D 554 59.40 41.04 26.66
CA LEU D 554 59.81 39.67 26.90
C LEU D 554 58.66 38.69 26.90
N ALA D 555 58.76 37.64 26.08
CA ALA D 555 57.84 36.50 26.16
C ALA D 555 58.25 35.44 27.19
N THR D 556 57.64 35.44 28.38
CA THR D 556 57.96 34.44 29.38
C THR D 556 56.90 33.33 29.49
N GLY D 557 57.26 32.22 30.13
CA GLY D 557 56.32 31.14 30.43
C GLY D 557 55.11 31.58 31.24
N GLU D 558 55.25 32.63 32.06
CA GLU D 558 54.04 33.21 32.62
C GLU D 558 53.94 34.70 32.66
N GLY D 559 53.84 35.33 31.52
CA GLY D 559 53.54 36.74 31.54
C GLY D 559 54.19 37.43 30.40
N LEU D 560 53.63 38.57 30.00
CA LEU D 560 54.23 39.43 29.01
C LEU D 560 54.91 40.47 29.86
N VAL D 561 56.24 40.56 29.76
CA VAL D 561 57.03 41.50 30.56
C VAL D 561 57.54 42.66 29.72
N CYS D 562 57.43 43.86 30.27
CA CYS D 562 57.95 45.06 29.61
C CYS D 562 58.79 45.96 30.51
N PHE D 563 59.95 46.36 29.99
CA PHE D 563 60.84 47.30 30.67
C PHE D 563 60.68 48.69 30.05
N PRO D 564 59.80 49.51 30.61
CA PRO D 564 59.29 50.67 29.89
C PRO D 564 60.34 51.77 29.65
N SER D 565 61.47 51.70 30.36
CA SER D 565 62.66 52.42 29.93
C SER D 565 63.92 51.68 30.36
N ALA D 566 64.60 51.11 29.36
CA ALA D 566 66.00 50.73 29.50
C ALA D 566 66.89 51.99 29.75
N ARG D 567 66.46 52.80 30.72
CA ARG D 567 67.35 53.68 31.50
C ARG D 567 67.12 53.40 32.99
N ASN D 568 66.44 52.28 33.28
CA ASN D 568 65.82 52.06 34.59
C ASN D 568 65.82 50.66 35.17
N PHE D 569 65.53 49.63 34.37
CA PHE D 569 65.39 48.23 34.88
C PHE D 569 64.11 47.87 35.67
N ASP D 570 63.15 48.78 35.80
CA ASP D 570 61.82 48.43 36.31
C ASP D 570 61.11 47.64 35.24
N TYR D 571 60.08 46.89 35.61
CA TYR D 571 59.30 46.21 34.58
C TYR D 571 57.82 45.99 34.95
N GLN D 572 56.93 45.98 33.95
CA GLN D 572 55.55 45.52 34.14
C GLN D 572 55.39 44.05 33.72
N VAL D 573 54.52 43.33 34.40
CA VAL D 573 54.23 41.96 34.08
C VAL D 573 52.76 41.92 33.77
N PHE D 574 52.44 41.56 32.54
CA PHE D 574 51.06 41.43 32.16
C PHE D 574 50.65 39.96 32.26
N GLN D 575 49.52 39.71 32.96
CA GLN D 575 49.06 38.36 33.25
C GLN D 575 47.57 38.24 33.30
N ARG D 576 47.10 36.99 33.52
CA ARG D 576 45.66 36.65 33.67
C ARG D 576 44.92 37.91 34.17
N LYS D 577 45.32 38.43 35.36
CA LYS D 577 44.77 39.67 36.02
C LYS D 577 44.54 40.86 35.11
N GLU D 578 45.58 41.23 34.35
CA GLU D 578 45.56 42.42 33.51
C GLU D 578 45.04 42.14 32.10
N GLY D 579 44.19 41.12 32.00
CA GLY D 579 43.38 40.90 30.80
C GLY D 579 44.04 40.07 29.72
N LEU D 580 44.98 39.24 30.13
CA LEU D 580 45.73 38.45 29.18
C LEU D 580 45.58 37.00 29.58
N PRO D 581 44.56 36.28 29.06
CA PRO D 581 44.75 34.84 29.19
C PRO D 581 45.34 34.52 27.84
N ASN D 582 45.91 33.34 27.69
CA ASN D 582 46.51 32.63 28.77
C ASN D 582 47.95 33.18 28.84
N THR D 583 48.72 32.69 29.78
CA THR D 583 49.80 33.47 30.28
C THR D 583 51.18 33.13 29.68
N HIS D 584 51.22 32.05 28.90
CA HIS D 584 52.45 31.58 28.22
C HIS D 584 52.64 32.30 26.93
N ILE D 585 53.42 33.36 26.96
CA ILE D 585 53.66 34.15 25.77
C ILE D 585 54.74 33.48 24.93
N ARG D 586 54.41 33.19 23.68
CA ARG D 586 55.30 32.45 22.79
C ARG D 586 56.17 33.30 21.87
N ALA D 587 55.60 34.34 21.27
CA ALA D 587 56.42 35.19 20.41
C ALA D 587 55.80 36.58 20.16
N ILE D 588 56.63 37.55 19.75
CA ILE D 588 56.22 38.94 19.80
C ILE D 588 56.58 39.71 18.53
N SER D 589 55.64 40.52 18.08
CA SER D 589 55.93 41.49 17.02
C SER D 589 55.18 42.78 17.31
N GLU D 590 55.35 43.78 16.45
CA GLU D 590 54.75 45.11 16.61
C GLU D 590 54.13 45.54 15.28
N ASP D 591 53.05 46.33 15.33
CA ASP D 591 52.32 46.78 14.12
C ASP D 591 52.66 48.23 13.69
N LYS D 592 51.91 48.77 12.74
CA LYS D 592 52.10 50.14 12.24
C LYS D 592 52.15 51.16 13.37
N ASN D 593 51.23 51.07 14.31
CA ASN D 593 51.28 51.92 15.49
C ASN D 593 52.10 51.28 16.60
N GLY D 594 51.88 51.68 17.85
CA GLY D 594 52.71 51.21 18.96
C GLY D 594 52.51 49.75 19.31
N ASN D 595 51.26 49.29 19.12
CA ASN D 595 50.76 47.97 19.55
C ASN D 595 51.69 46.79 19.37
N ILE D 596 51.82 46.03 20.46
CA ILE D 596 52.67 44.85 20.42
C ILE D 596 51.78 43.59 20.49
N TRP D 597 52.02 42.66 19.57
CA TRP D 597 51.19 41.51 19.37
C TRP D 597 51.95 40.31 19.86
N ALA D 598 51.22 39.42 20.52
CA ALA D 598 51.83 38.29 21.16
C ALA D 598 51.12 36.99 20.86
N SER D 599 51.89 35.97 20.47
CA SER D 599 51.35 34.64 20.33
C SER D 599 51.54 33.87 21.62
N THR D 600 50.52 33.08 21.97
CA THR D 600 50.46 32.34 23.25
C THR D 600 50.11 30.89 23.01
N ASN D 601 49.70 30.22 24.09
CA ASN D 601 49.27 28.82 24.02
C ASN D 601 47.86 28.60 23.45
N THR D 602 47.04 29.64 23.40
CA THR D 602 45.60 29.45 23.17
C THR D 602 45.15 30.33 22.02
N GLY D 603 45.90 31.40 21.77
CA GLY D 603 45.49 32.37 20.76
C GLY D 603 46.53 33.43 20.50
N ILE D 604 46.11 34.51 19.86
CA ILE D 604 46.97 35.66 19.62
C ILE D 604 46.37 36.80 20.43
N SER D 605 47.21 37.57 21.11
CA SER D 605 46.75 38.71 21.88
C SER D 605 47.52 39.96 21.48
N CYS D 606 46.98 41.12 21.82
CA CYS D 606 47.56 42.37 21.40
C CYS D 606 47.39 43.38 22.50
N TYR D 607 48.47 44.03 22.87
CA TYR D 607 48.44 45.10 23.84
C TYR D 607 48.33 46.40 23.07
N ILE D 608 47.16 47.04 23.12
CA ILE D 608 46.99 48.35 22.49
C ILE D 608 47.54 49.41 23.42
N THR D 609 48.77 49.83 23.17
CA THR D 609 49.50 50.72 24.10
C THR D 609 48.76 52.04 24.35
N SER D 610 47.93 52.42 23.38
CA SER D 610 47.15 53.66 23.41
C SER D 610 46.04 53.60 24.47
N LYS D 611 45.15 52.63 24.31
CA LYS D 611 44.02 52.36 25.23
C LYS D 611 44.42 51.58 26.51
N LYS D 612 45.69 51.19 26.60
CA LYS D 612 46.28 50.49 27.76
C LYS D 612 45.55 49.21 28.15
N CYS D 613 45.35 48.34 27.18
CA CYS D 613 44.63 47.09 27.41
C CYS D 613 44.93 46.07 26.32
N PHE D 614 44.37 44.88 26.48
CA PHE D 614 44.61 43.74 25.60
C PHE D 614 43.39 43.30 24.79
N TYR D 615 43.62 43.00 23.52
CA TYR D 615 42.60 42.38 22.70
C TYR D 615 43.07 40.95 22.48
N THR D 616 42.19 39.97 22.63
CA THR D 616 42.60 38.60 22.35
C THR D 616 41.73 38.03 21.28
N TYR D 617 42.32 37.11 20.53
CA TYR D 617 41.69 36.42 19.42
C TYR D 617 42.01 34.94 19.59
N ASP D 618 41.17 34.06 19.07
CA ASP D 618 41.25 32.62 19.35
C ASP D 618 40.58 31.82 18.22
N HIS D 619 40.49 30.49 18.36
CA HIS D 619 39.84 29.69 17.32
C HIS D 619 38.51 30.29 16.90
N SER D 620 37.80 30.93 17.83
CA SER D 620 36.64 31.76 17.49
C SER D 620 36.82 32.64 16.23
N ASN D 621 38.07 33.03 15.95
CA ASN D 621 38.38 33.99 14.89
C ASN D 621 39.17 33.44 13.71
N ASN D 622 39.12 32.12 13.55
CA ASN D 622 39.78 31.39 12.47
C ASN D 622 41.28 31.15 12.70
N ILE D 623 41.67 31.16 13.98
CA ILE D 623 43.05 30.90 14.43
C ILE D 623 43.28 29.38 14.55
N PRO D 624 44.52 28.89 14.27
CA PRO D 624 44.84 27.47 14.42
C PRO D 624 44.48 26.94 15.80
N GLN D 625 43.91 25.75 15.86
CA GLN D 625 43.35 25.26 17.14
C GLN D 625 44.37 24.67 18.14
N GLY D 626 45.65 24.97 17.97
CA GLY D 626 46.67 24.44 18.87
C GLY D 626 47.32 25.54 19.69
N SER D 627 48.57 25.32 20.09
CA SER D 627 49.40 26.42 20.65
C SER D 627 50.41 26.97 19.64
N PHE D 628 50.80 28.21 19.85
CA PHE D 628 51.79 28.81 18.97
C PHE D 628 53.17 28.39 19.41
N ILE D 629 54.10 28.32 18.46
CA ILE D 629 55.45 27.88 18.77
C ILE D 629 56.38 29.06 19.11
N SER D 630 57.31 28.83 20.05
CA SER D 630 57.90 29.96 20.73
C SER D 630 59.05 30.58 19.99
N GLY D 631 59.06 31.91 19.97
CA GLY D 631 59.99 32.67 19.16
C GLY D 631 59.58 32.79 17.70
N CYS D 632 58.75 31.87 17.24
CA CYS D 632 58.40 31.76 15.83
C CYS D 632 57.46 32.87 15.31
N VAL D 633 58.08 33.94 14.81
CA VAL D 633 57.38 35.12 14.29
C VAL D 633 58.15 35.77 13.15
N THR D 634 57.41 36.23 12.15
CA THR D 634 57.99 37.14 11.20
C THR D 634 56.98 38.16 10.70
N LYS D 635 57.48 39.21 10.06
CA LYS D 635 56.65 40.32 9.66
C LYS D 635 56.91 40.63 8.20
N ASP D 636 55.85 41.06 7.53
CA ASP D 636 55.83 41.27 6.07
C ASP D 636 56.43 42.60 5.72
N HIS D 637 57.00 42.70 4.52
CA HIS D 637 57.33 44.05 4.02
C HIS D 637 56.07 44.88 3.84
N ASN D 638 54.90 44.26 4.00
CA ASN D 638 53.62 44.99 4.04
C ASN D 638 53.15 45.22 5.46
N GLY D 639 53.73 44.46 6.40
CA GLY D 639 53.34 44.56 7.79
C GLY D 639 52.44 43.44 8.27
N LEU D 640 52.07 42.54 7.35
CA LEU D 640 51.35 41.35 7.75
C LEU D 640 52.13 40.58 8.81
N ILE D 641 51.49 40.12 9.87
CA ILE D 641 52.24 39.40 10.92
C ILE D 641 52.06 37.89 10.85
N TYR D 642 53.15 37.16 11.07
CA TYR D 642 53.21 35.70 10.90
C TYR D 642 53.53 35.00 12.19
N PHE D 643 52.69 34.04 12.56
CA PHE D 643 52.92 33.28 13.77
C PHE D 643 52.87 31.80 13.44
N GLY D 644 53.93 31.09 13.80
CA GLY D 644 53.99 29.65 13.60
C GLY D 644 53.35 28.98 14.78
N SER D 645 52.60 27.91 14.49
CA SER D 645 51.96 27.13 15.53
C SER D 645 52.05 25.62 15.25
N ILE D 646 51.58 24.82 16.20
CA ILE D 646 51.53 23.38 16.01
C ILE D 646 50.45 23.00 15.00
N ASN D 647 49.79 24.00 14.40
CA ASN D 647 48.76 23.71 13.43
C ASN D 647 48.85 24.40 12.08
N GLY D 648 49.88 25.23 11.90
CA GLY D 648 50.18 25.83 10.62
C GLY D 648 50.74 27.22 10.83
N LEU D 649 50.97 27.96 9.77
CA LEU D 649 51.42 29.33 9.92
C LEU D 649 50.23 30.28 9.80
N CYS D 650 49.89 30.98 10.88
CA CYS D 650 48.79 31.93 10.89
C CYS D 650 49.26 33.37 10.67
N PHE D 651 48.45 34.16 9.97
CA PHE D 651 48.85 35.54 9.65
C PHE D 651 47.68 36.48 9.44
N PHE D 652 47.94 37.78 9.63
CA PHE D 652 46.89 38.80 9.74
C PHE D 652 47.39 40.25 9.52
N ASN D 653 46.54 41.26 9.82
CA ASN D 653 46.90 42.68 9.59
C ASN D 653 47.10 43.73 10.78
N PRO D 654 46.50 44.92 10.66
CA PRO D 654 46.13 45.57 11.91
C PRO D 654 44.59 45.51 11.92
N ASP D 655 44.04 44.32 12.18
CA ASP D 655 42.58 44.15 12.29
C ASP D 655 42.02 43.93 13.73
N ILE D 656 42.56 44.79 14.61
CA ILE D 656 41.85 45.39 15.73
C ILE D 656 40.65 46.18 15.14
N ALA D 657 40.63 46.33 13.81
CA ALA D 657 39.58 47.06 13.08
C ALA D 657 38.20 46.52 13.41
N ILE D 658 38.20 45.33 14.00
CA ILE D 658 36.99 44.64 14.47
C ILE D 658 36.31 45.39 15.64
N ASN D 659 36.74 46.64 15.88
CA ASN D 659 36.07 47.55 16.83
C ASN D 659 34.80 48.12 16.23
N SER D 660 34.96 48.49 14.97
CA SER D 660 33.89 48.98 14.11
C SER D 660 32.69 48.03 14.03
N PRO D 661 32.92 46.69 14.18
CA PRO D 661 31.80 45.84 14.51
C PRO D 661 30.86 46.50 15.50
N GLN D 662 29.72 46.87 14.96
CA GLN D 662 28.70 47.53 15.71
C GLN D 662 28.23 46.63 16.81
N ILE D 663 28.07 47.21 17.99
CA ILE D 663 27.30 46.56 19.07
C ILE D 663 25.90 46.25 18.53
N PRO D 664 25.57 44.96 18.43
CA PRO D 664 24.40 44.52 17.68
C PRO D 664 23.16 44.46 18.58
N PRO D 665 21.97 44.77 18.04
CA PRO D 665 20.79 44.63 18.89
C PRO D 665 20.51 43.16 19.26
N VAL D 666 20.00 42.94 20.47
CA VAL D 666 19.51 41.64 20.91
C VAL D 666 18.03 41.53 20.62
N VAL D 667 17.62 40.35 20.19
CA VAL D 667 16.21 40.04 19.93
C VAL D 667 15.75 38.95 20.91
N ILE D 668 14.61 39.14 21.57
CA ILE D 668 14.07 38.08 22.42
C ILE D 668 13.11 37.23 21.59
N THR D 669 13.59 36.11 21.07
CA THR D 669 12.85 35.39 20.04
C THR D 669 11.82 34.36 20.51
N LYS D 670 11.90 33.91 21.76
CA LYS D 670 10.86 33.02 22.34
C LYS D 670 10.70 33.12 23.84
N VAL D 671 9.45 33.05 24.29
CA VAL D 671 9.19 32.64 25.68
C VAL D 671 8.43 31.33 25.73
N ARG D 672 8.79 30.46 26.67
CA ARG D 672 8.10 29.17 26.85
C ARG D 672 8.12 28.75 28.34
N ILE D 673 6.99 28.27 28.86
CA ILE D 673 6.95 27.76 30.24
C ILE D 673 7.36 26.28 30.30
N PRO D 674 8.23 25.91 31.27
CA PRO D 674 8.58 24.49 31.39
C PRO D 674 7.41 23.64 31.85
N GLY D 675 7.15 22.58 31.11
CA GLY D 675 6.09 21.66 31.44
C GLY D 675 6.31 20.94 32.75
N ARG D 676 5.29 20.96 33.58
CA ARG D 676 5.26 20.17 34.78
C ARG D 676 5.25 18.72 34.39
N LEU D 677 5.92 17.88 35.17
CA LEU D 677 6.23 16.55 34.72
C LEU D 677 5.03 15.63 34.51
N THR D 678 3.80 16.14 34.59
CA THR D 678 2.59 15.29 34.39
C THR D 678 2.67 14.36 33.15
N SER D 679 3.46 14.79 32.14
CA SER D 679 3.92 14.00 30.96
C SER D 679 2.90 13.04 30.29
N ARG D 680 1.92 13.68 29.66
CA ARG D 680 0.95 13.06 28.76
C ARG D 680 0.65 14.20 27.78
N GLU D 681 1.65 15.09 27.63
CA GLU D 681 1.50 16.32 26.84
C GLU D 681 2.82 16.88 26.28
N LYS D 682 2.93 16.77 24.95
CA LYS D 682 4.00 17.42 24.16
C LYS D 682 3.76 18.95 24.00
N ASN D 683 4.81 19.66 23.58
CA ASN D 683 4.77 21.10 23.26
C ASN D 683 4.33 21.96 24.45
N GLU D 684 5.27 22.15 25.39
CA GLU D 684 5.03 22.95 26.60
C GLU D 684 4.90 24.44 26.25
N THR D 685 3.71 24.95 26.52
CA THR D 685 3.09 26.11 25.87
C THR D 685 3.95 27.38 25.75
N ALA D 686 3.77 28.09 24.63
CA ALA D 686 4.54 29.31 24.32
C ALA D 686 3.66 30.56 24.25
N ILE D 687 3.98 31.53 25.10
CA ILE D 687 3.28 32.81 25.17
C ILE D 687 3.93 33.76 24.17
N PRO D 688 3.11 34.48 23.39
CA PRO D 688 3.71 35.38 22.41
C PRO D 688 3.78 36.81 22.92
N ILE D 689 4.88 37.49 22.58
CA ILE D 689 5.18 38.83 23.10
C ILE D 689 4.38 39.82 22.30
N SER D 690 3.56 40.63 22.98
CA SER D 690 2.76 41.65 22.31
C SER D 690 3.29 43.09 22.50
N GLU D 691 2.94 43.77 23.56
CA GLU D 691 3.26 45.19 23.57
C GLU D 691 4.66 45.48 24.14
N GLY D 692 5.63 44.65 23.77
CA GLY D 692 6.94 44.65 24.43
C GLY D 692 6.80 44.10 25.84
N GLU D 693 5.67 43.40 26.05
CA GLU D 693 5.20 42.99 27.36
C GLU D 693 4.43 41.67 27.32
N ILE D 694 4.51 40.94 28.43
CA ILE D 694 3.99 39.59 28.56
C ILE D 694 3.05 39.47 29.79
N GLU D 695 1.97 38.70 29.67
CA GLU D 695 1.04 38.54 30.79
C GLU D 695 0.93 37.08 31.26
N LEU D 696 1.70 36.73 32.29
CA LEU D 696 1.64 35.39 32.87
C LEU D 696 0.62 35.32 33.99
N THR D 697 0.05 34.14 34.22
CA THR D 697 -0.78 33.89 35.42
C THR D 697 0.05 33.09 36.41
N HIS D 698 -0.53 32.73 37.55
CA HIS D 698 0.24 32.11 38.63
C HIS D 698 0.84 30.80 38.27
N GLU D 699 0.03 29.92 37.69
CA GLU D 699 0.45 28.54 37.39
C GLU D 699 1.74 28.50 36.58
N GLN D 700 1.85 29.47 35.67
CA GLN D 700 2.98 29.59 34.78
C GLN D 700 4.00 30.58 35.35
N ASN D 701 4.51 30.29 36.55
CA ASN D 701 5.49 31.20 37.17
C ASN D 701 6.96 30.79 36.99
N SER D 702 7.16 29.73 36.21
CA SER D 702 8.45 29.38 35.64
C SER D 702 8.35 29.83 34.18
N PHE D 703 9.44 30.35 33.62
CA PHE D 703 9.45 30.87 32.23
C PHE D 703 10.88 30.98 31.67
N ASN D 704 11.07 30.44 30.47
CA ASN D 704 12.37 30.40 29.82
C ASN D 704 12.42 31.29 28.61
N LEU D 705 13.20 32.36 28.70
CA LEU D 705 13.34 33.25 27.57
C LEU D 705 14.58 32.91 26.76
N THR D 706 14.43 32.94 25.44
CA THR D 706 15.58 32.80 24.55
C THR D 706 15.77 34.09 23.73
N PHE D 707 17.03 34.40 23.45
CA PHE D 707 17.40 35.63 22.77
C PHE D 707 18.55 35.38 21.82
N ASN D 708 18.63 36.21 20.77
CA ASN D 708 19.57 36.04 19.67
C ASN D 708 20.01 37.35 19.06
N VAL D 709 20.96 37.24 18.13
CA VAL D 709 21.43 38.32 17.32
C VAL D 709 21.18 37.85 15.88
N GLN D 710 20.57 38.68 15.04
CA GLN D 710 20.16 38.21 13.70
C GLN D 710 21.24 38.18 12.62
N ASP D 711 22.31 38.93 12.79
CA ASP D 711 23.45 38.75 11.91
C ASP D 711 24.11 37.43 12.37
N TYR D 712 24.00 36.38 11.56
CA TYR D 712 24.56 35.10 11.99
C TYR D 712 26.08 35.16 12.08
N SER D 713 26.70 36.12 11.40
CA SER D 713 28.14 36.31 11.55
C SER D 713 28.52 36.34 13.02
N LEU D 714 27.74 37.14 13.75
CA LEU D 714 28.02 37.50 15.13
C LEU D 714 27.67 36.43 16.17
N ALA D 715 26.75 35.54 15.81
CA ALA D 715 26.28 34.46 16.68
C ALA D 715 27.44 33.73 17.35
N ASN D 716 28.46 33.49 16.54
CA ASN D 716 29.72 32.91 16.96
C ASN D 716 30.38 33.66 18.11
N GLN D 717 30.31 35.00 18.13
CA GLN D 717 31.12 35.72 19.12
C GLN D 717 30.48 36.90 19.83
N VAL D 718 29.38 36.60 20.50
CA VAL D 718 28.57 37.56 21.24
C VAL D 718 28.48 37.03 22.68
N GLU D 719 28.47 37.93 23.65
CA GLU D 719 28.24 37.58 25.03
C GLU D 719 26.93 38.28 25.46
N TYR D 720 26.05 37.60 26.19
CA TYR D 720 24.82 38.21 26.69
C TYR D 720 24.84 38.44 28.18
N ALA D 721 24.17 39.51 28.61
CA ALA D 721 23.96 39.80 30.02
C ALA D 721 22.51 40.20 30.24
N TYR D 722 21.96 39.82 31.39
CA TYR D 722 20.55 40.04 31.65
C TYR D 722 20.33 40.57 33.05
N LEU D 724 16.69 41.04 35.56
CA LEU D 724 15.24 41.05 35.74
C LEU D 724 14.85 42.07 36.81
N LYS D 725 14.47 43.27 36.38
CA LYS D 725 14.10 44.35 37.29
C LYS D 725 12.92 43.92 38.14
N GLY D 726 13.01 44.17 39.44
CA GLY D 726 11.94 43.85 40.37
C GLY D 726 12.03 42.47 41.00
N LEU D 727 13.02 41.68 40.59
CA LEU D 727 13.42 40.50 41.36
C LEU D 727 14.81 40.72 41.92
N GLU D 728 15.70 41.26 41.10
CA GLU D 728 17.08 41.50 41.47
C GLU D 728 17.58 42.55 40.52
N ASN D 729 17.95 43.69 41.09
CA ASN D 729 18.36 44.84 40.30
C ASN D 729 19.88 44.88 40.11
N SER D 730 20.44 43.76 39.64
CA SER D 730 21.84 43.71 39.16
C SER D 730 21.98 42.81 37.93
N TRP D 731 23.08 42.97 37.21
CA TRP D 731 23.30 42.29 35.94
C TRP D 731 24.00 40.99 36.13
N TYR D 732 23.66 40.02 35.28
CA TYR D 732 24.35 38.74 35.28
C TYR D 732 24.75 38.34 33.87
N THR D 733 26.00 37.88 33.73
CA THR D 733 26.50 37.28 32.48
C THR D 733 25.96 35.88 32.36
N ILE D 734 25.73 35.44 31.14
CA ILE D 734 25.52 34.02 30.88
C ILE D 734 26.45 33.53 29.74
N ASN D 735 26.92 32.29 29.85
CA ASN D 735 28.01 31.83 28.96
C ASN D 735 27.78 30.57 28.10
N GLU D 736 27.99 30.75 26.78
CA GLU D 736 27.83 29.68 25.76
C GLU D 736 26.38 29.20 25.76
N GLN D 737 25.44 30.17 25.84
CA GLN D 737 24.01 29.86 25.96
C GLN D 737 23.15 31.08 25.70
N ASN D 738 22.11 30.94 24.88
CA ASN D 738 21.21 32.09 24.62
C ASN D 738 19.77 31.93 25.12
N SER D 739 19.65 31.41 26.34
CA SER D 739 18.37 31.17 26.99
C SER D 739 18.60 31.29 28.49
N VAL D 740 17.59 31.74 29.20
CA VAL D 740 17.67 31.84 30.63
C VAL D 740 16.34 31.38 31.16
N THR D 741 16.34 30.48 32.12
CA THR D 741 15.07 30.03 32.61
C THR D 741 14.89 30.34 34.09
N PHE D 742 13.99 31.29 34.36
CA PHE D 742 13.58 31.62 35.73
C PHE D 742 12.50 30.66 36.22
N ARG D 743 12.56 30.20 37.46
CA ARG D 743 11.55 29.26 37.96
C ARG D 743 10.91 29.53 39.31
N ASN D 744 9.57 29.49 39.33
CA ASN D 744 8.76 29.65 40.54
C ASN D 744 8.92 31.02 41.18
N ILE D 745 8.51 32.06 40.47
CA ILE D 745 8.77 33.44 40.86
C ILE D 745 7.52 34.08 41.46
N PRO D 746 7.68 34.83 42.60
CA PRO D 746 6.55 35.48 43.26
C PRO D 746 5.82 36.45 42.31
N PRO D 747 4.48 36.52 42.40
CA PRO D 747 3.71 37.41 41.53
C PRO D 747 4.13 38.86 41.65
N GLY D 748 4.11 39.58 40.54
CA GLY D 748 4.50 40.99 40.51
C GLY D 748 4.79 41.49 39.13
N LYS D 749 5.14 42.76 39.03
CA LYS D 749 5.55 43.34 37.75
C LYS D 749 7.05 43.38 37.63
N TYR D 750 7.56 42.86 36.52
CA TYR D 750 9.00 42.80 36.26
C TYR D 750 9.36 43.31 34.88
N GLU D 751 10.63 43.68 34.74
CA GLU D 751 11.19 43.98 33.45
C GLU D 751 12.51 43.25 33.26
N PHE D 752 12.52 42.41 32.23
CA PHE D 752 13.68 41.63 31.84
C PHE D 752 14.41 42.41 30.75
N LEU D 753 15.61 42.84 31.08
CA LEU D 753 16.51 43.51 30.16
C LEU D 753 17.63 42.59 29.71
N VAL D 754 18.06 42.75 28.47
CA VAL D 754 19.19 41.99 27.96
C VAL D 754 19.97 42.84 26.98
N LYS D 755 21.29 42.88 27.19
CA LYS D 755 22.22 43.63 26.34
C LYS D 755 23.28 42.68 25.82
N ALA D 756 23.93 43.04 24.70
CA ALA D 756 25.03 42.22 24.15
C ALA D 756 26.34 42.98 24.02
N ARG D 757 27.38 42.23 23.68
CA ARG D 757 28.71 42.78 23.39
C ARG D 757 29.57 41.82 22.60
N LEU D 758 30.58 42.36 21.93
CA LEU D 758 31.45 41.51 21.17
C LEU D 758 32.74 41.26 21.94
N HIS D 759 33.62 40.48 21.33
CA HIS D 759 34.73 39.89 22.04
C HIS D 759 35.65 40.86 22.71
N ASN D 760 36.06 41.91 22.00
CA ASN D 760 37.01 42.85 22.60
C ASN D 760 36.42 44.24 22.75
N GLN D 761 35.20 44.30 23.27
CA GLN D 761 34.44 45.54 23.47
C GLN D 761 33.75 45.61 24.81
N ASP D 762 33.38 46.82 25.23
CA ASP D 762 32.70 47.00 26.50
C ASP D 762 31.21 46.78 26.30
N TRP D 763 30.49 46.64 27.40
CA TRP D 763 29.07 46.39 27.35
C TRP D 763 28.42 47.58 26.80
N SER D 764 27.49 47.36 25.88
CA SER D 764 26.71 48.44 25.32
C SER D 764 25.79 49.03 26.39
N GLU D 765 25.46 50.30 26.22
CA GLU D 765 24.43 50.92 27.05
C GLU D 765 23.04 50.42 26.71
N ASP D 766 22.77 50.23 25.41
CA ASP D 766 21.47 49.79 24.89
C ASP D 766 21.09 48.44 25.44
N THR D 767 19.79 48.30 25.70
CA THR D 767 19.19 47.03 26.12
C THR D 767 17.88 46.80 25.39
N THR D 768 17.48 45.55 25.24
CA THR D 768 16.11 45.27 24.79
C THR D 768 15.34 44.66 25.95
N SER D 769 14.08 45.07 26.09
CA SER D 769 13.37 44.80 27.31
C SER D 769 12.10 44.01 27.09
N LEU D 770 11.62 43.43 28.16
CA LEU D 770 10.36 42.71 28.17
C LEU D 770 9.75 42.87 29.55
N ARG D 771 8.60 43.52 29.59
CA ARG D 771 7.87 43.60 30.84
C ARG D 771 7.08 42.29 31.03
N ILE D 772 7.21 41.71 32.22
CA ILE D 772 6.60 40.45 32.59
C ILE D 772 5.80 40.68 33.87
N HIS D 773 4.47 40.65 33.75
CA HIS D 773 3.58 40.70 34.90
C HIS D 773 3.19 39.29 35.24
N ILE D 774 3.34 38.91 36.51
CA ILE D 774 2.87 37.61 37.02
C ILE D 774 1.76 37.80 38.05
N ASN D 775 0.61 37.18 37.79
CA ASN D 775 -0.63 37.40 38.55
C ASN D 775 -0.75 36.63 39.89
N PRO D 776 -1.80 36.95 40.70
CA PRO D 776 -2.19 36.29 41.96
C PRO D 776 -2.79 34.86 41.85
#